data_8YRO
#
_entry.id   8YRO
#
_cell.length_a   1.00
_cell.length_b   1.00
_cell.length_c   1.00
_cell.angle_alpha   90.00
_cell.angle_beta   90.00
_cell.angle_gamma   90.00
#
_symmetry.space_group_name_H-M   'P 1'
#
loop_
_entity.id
_entity.type
_entity.pdbx_description
1 polymer 'Spike glycoprotein'
2 polymer 'JL-8C Heavy Chain'
3 polymer 'JL-8C Light Chain'
#
loop_
_entity_poly.entity_id
_entity_poly.type
_entity_poly.pdbx_seq_one_letter_code
_entity_poly.pdbx_strand_id
1 'polypeptide(L)'
;MKVKLLVLLCTFTATYAGTQCVNLRTRTQLPPAYTNSFTRGVYYPDKVFRSSVLHSTQDLFLPFFSNVTWFHAIHVSGTN
GTKRFDNPVLPFNDGVYFASTEKSNIIRGWIFGTTLDSKTQSLLIVNNATNVVIKVCEFQFCNDPFLDVYYHKNNKSWME
SGVYSSANNCTFEYVSQPFLMDLEGKQGNFKNLREFVFKNIDGYFKIYSKHTPINLVRDLPQGFSALEPLVDLPIGINIT
RFQTLLALHRSYLTPGDSSSGWTAGAAAYYVGYLQPRTFLLKYNENGTITDAVDCALDPLSETKCTLKSFTVEKGIYQTS
NFRVQPTESIVRFPNITNLCPFGEVFNATRFASVYAWNRKRISNCVADYSVLYNSASFSTFKCYGVSPTKLNDLCFTNVY
ADSFVIRGDEVRQIAPGQTGKIADYNYKLPDDFTGCVIAWNSNNLDSKVGGNYNYRYRLFRKSNLKPFERDISTEIYQAG
SKPCNGVEGFNCYFPLQSYGFQPTNGVGYQPYRVVVLSFELLHAPATVCGPKKSTNLVKNKCVNFNFNGLTGTGVLTESN
KKFLPFQQFGRDIADTTDAVRDPQTLEILDITPCSFGGVSVITPGTNTSNQVAVLYQGVNCTEVPVAIHADQLTPTWRVY
STGSNVFQTRAGCLIGAEHVNNSYECDIPIGAGICASYQTQTNSRGSAGSVASQSIIAYTMSLGAENSVAYSNNSIAIPT
NFTISVTTEILPVSMTKTSVDCTMYICGDSTECSNLLLQYGSFCTQLNRALTGIAVEQDKNTQEVFAQVKQIYKTPPIKD
FGGFNFSQILPDPSKPSKRSFIEDLLFNKVTLADAGFIKQYGDCLGDIAARDLICAQKFNGLTVLPPLLTDEMIAQYTSA
LLAGTITSGWTFGAGAALQIPFAMQMAYRFNGIGVTQNVLYENQKLIANQFNSAIGKIQDSLSSTASALGKLQNVVNQNA
QALNTLVKQLSSNFGAISSVLNDILSRLDPPEAEVQIDRLITGRLQSLQTYVTQQLIRAAEIRASANLAATKMSECVLGQ
SKRVDFCGKGYHLMSFPQSAPHGVVFLHVTYVPAQEKNFTTAPAICHDGKAHFPREGVFVSNGTHWFVTQRNFYEPQIIT
TDNTFVSGNCDVVIGIVNNTVYDPLQPELDSFKEELDKYFKNHTSPDVDLGDISGINASVVNIQKEIDRLNEVAKNLNES
LIDLQELGKYEQDIRSLVPRGSPGSGYIPEAPRDGQAYVRKDGEWVLLSTFLGHHHHHH
;
A,D,P
2 'polypeptide(L)'
;QVQLVQSGAEVKKPGESLKISCKGSGYSFTSHWIGWVRQKPGKGLEWVGIIHPYDSDTRYSPSFQGLVTFSADKSSSTAY
LQWSSLQASDTAIYYCARRTDQYGSHGMDVWGQGTTVTVSS
;
H,B,E
3 'polypeptide(L)'
;QSVLTQPPSASGTPGQRVTISCSGGSSNIGGNPVNWYQQLPATAPKLLIYNNNQRPSGVSDRFSGSKSGTSASLAISGLQ
SVDEADYFCAAWDDSLNGVLFGGGTKLTVL
;
L,C,F
#
# COMPACT_ATOMS: atom_id res chain seq x y z
N ALA A 33 -12.86 48.87 -29.27
CA ALA A 33 -11.44 49.07 -29.02
C ALA A 33 -10.92 48.02 -28.05
N TYR A 34 -9.72 47.51 -28.30
CA TYR A 34 -9.06 46.58 -27.40
C TYR A 34 -7.81 47.25 -26.85
N THR A 35 -7.45 46.91 -25.60
CA THR A 35 -6.30 47.52 -24.95
C THR A 35 -5.60 46.50 -24.08
N ASN A 36 -4.53 46.93 -23.41
CA ASN A 36 -3.61 46.05 -22.70
C ASN A 36 -3.75 46.28 -21.19
N SER A 37 -4.24 45.26 -20.49
CA SER A 37 -4.31 45.26 -19.03
C SER A 37 -3.00 44.70 -18.51
N PHE A 38 -2.10 45.59 -18.10
CA PHE A 38 -0.71 45.25 -17.79
C PHE A 38 -0.56 44.29 -16.62
N THR A 39 -0.89 44.76 -15.42
CA THR A 39 -0.88 43.94 -14.20
C THR A 39 -2.16 44.29 -13.47
N ARG A 40 -3.26 43.64 -13.86
CA ARG A 40 -4.57 43.92 -13.29
C ARG A 40 -5.31 42.61 -13.12
N GLY A 41 -6.28 42.60 -12.21
CA GLY A 41 -7.03 41.40 -11.93
C GLY A 41 -6.39 40.45 -10.96
N VAL A 42 -5.51 40.94 -10.08
CA VAL A 42 -4.84 40.12 -9.08
C VAL A 42 -5.51 40.39 -7.74
N TYR A 43 -6.27 39.43 -7.25
CA TYR A 43 -7.01 39.59 -6.01
C TYR A 43 -6.46 38.63 -4.95
N TYR A 44 -7.06 38.67 -3.76
CA TYR A 44 -6.66 37.77 -2.69
C TYR A 44 -7.37 36.45 -2.87
N PRO A 45 -6.65 35.34 -3.08
CA PRO A 45 -7.33 34.06 -3.31
C PRO A 45 -8.02 33.48 -2.09
N ASP A 46 -7.66 33.91 -0.88
CA ASP A 46 -8.27 33.37 0.33
C ASP A 46 -8.23 34.42 1.43
N LYS A 47 -9.02 34.17 2.47
CA LYS A 47 -9.07 35.04 3.64
C LYS A 47 -7.98 34.73 4.66
N VAL A 48 -7.06 33.83 4.34
CA VAL A 48 -5.88 33.60 5.15
C VAL A 48 -4.99 34.83 5.15
N PHE A 49 -4.53 35.23 6.34
CA PHE A 49 -3.54 36.29 6.49
C PHE A 49 -2.15 35.69 6.35
N ARG A 50 -1.30 36.36 5.57
CA ARG A 50 0.09 35.98 5.41
C ARG A 50 0.91 37.25 5.33
N SER A 51 2.13 37.21 5.87
CA SER A 51 2.98 38.39 5.96
C SER A 51 4.34 38.09 5.38
N SER A 52 4.72 38.86 4.35
CA SER A 52 6.05 38.83 3.70
C SER A 52 6.43 37.43 3.23
N VAL A 53 5.50 36.77 2.56
CA VAL A 53 5.75 35.45 2.00
C VAL A 53 5.55 35.52 0.49
N LEU A 54 6.26 34.62 -0.21
CA LEU A 54 6.10 34.46 -1.65
C LEU A 54 5.24 33.22 -1.85
N HIS A 55 3.93 33.41 -1.88
CA HIS A 55 2.98 32.30 -1.94
C HIS A 55 2.55 32.07 -3.38
N SER A 56 2.63 30.81 -3.83
CA SER A 56 2.24 30.42 -5.18
C SER A 56 0.93 29.66 -5.13
N THR A 57 -0.12 30.24 -5.71
CA THR A 57 -1.43 29.60 -5.75
C THR A 57 -1.87 29.38 -7.19
N GLN A 58 -2.61 28.30 -7.42
CA GLN A 58 -3.13 27.98 -8.74
C GLN A 58 -4.62 28.30 -8.75
N ASP A 59 -4.94 29.58 -8.87
CA ASP A 59 -6.31 30.07 -8.88
C ASP A 59 -6.52 30.86 -10.16
N LEU A 60 -7.77 30.94 -10.60
CA LEU A 60 -8.07 31.65 -11.85
C LEU A 60 -8.02 33.16 -11.60
N PHE A 61 -6.97 33.79 -12.12
CA PHE A 61 -6.78 35.23 -12.10
C PHE A 61 -6.69 35.68 -13.55
N LEU A 62 -7.01 36.95 -13.81
CA LEU A 62 -6.82 37.57 -15.11
C LEU A 62 -5.35 37.56 -15.50
N PRO A 63 -4.99 36.94 -16.64
CA PRO A 63 -3.58 36.90 -17.05
C PRO A 63 -3.01 38.28 -17.36
N PHE A 64 -1.69 38.40 -17.20
CA PHE A 64 -1.02 39.67 -17.44
C PHE A 64 -0.97 39.95 -18.94
N PHE A 65 -1.06 41.23 -19.28
CA PHE A 65 -0.96 41.74 -20.66
C PHE A 65 -2.00 41.11 -21.59
N SER A 66 -3.17 40.79 -21.04
CA SER A 66 -4.20 40.09 -21.78
C SER A 66 -4.98 41.05 -22.66
N ASN A 67 -5.99 40.53 -23.35
CA ASN A 67 -6.80 41.29 -24.28
C ASN A 67 -8.12 41.63 -23.61
N VAL A 68 -8.28 42.90 -23.23
CA VAL A 68 -9.49 43.39 -22.57
C VAL A 68 -10.20 44.36 -23.50
N THR A 69 -11.53 44.28 -23.52
CA THR A 69 -12.35 44.90 -24.56
C THR A 69 -12.93 46.22 -24.06
N TRP A 70 -12.31 47.32 -24.48
CA TRP A 70 -12.82 48.66 -24.17
C TRP A 70 -14.12 48.91 -24.92
N PHE A 71 -15.14 49.36 -24.20
CA PHE A 71 -16.41 49.77 -24.80
C PHE A 71 -16.67 51.24 -24.56
N HIS A 72 -17.49 51.83 -25.44
CA HIS A 72 -17.96 53.19 -25.30
C HIS A 72 -19.48 53.20 -25.38
N ALA A 73 -20.13 53.91 -24.47
CA ALA A 73 -21.58 54.05 -24.49
C ALA A 73 -21.96 55.36 -25.17
N ILE A 74 -21.69 55.42 -26.47
CA ILE A 74 -21.99 56.59 -27.28
C ILE A 74 -22.18 56.19 -28.74
N ASP A 86 -23.57 52.06 -26.96
CA ASP A 86 -24.44 51.49 -25.93
C ASP A 86 -23.77 50.35 -25.18
N ASN A 87 -24.56 49.49 -24.53
CA ASN A 87 -24.06 48.45 -23.63
C ASN A 87 -24.59 47.09 -24.07
N PRO A 88 -23.94 46.45 -25.07
CA PRO A 88 -24.40 45.17 -25.63
C PRO A 88 -24.15 43.95 -24.74
N VAL A 89 -24.46 42.76 -25.26
CA VAL A 89 -24.27 41.47 -24.54
C VAL A 89 -22.77 41.21 -24.38
N LEU A 90 -22.38 40.53 -23.29
CA LEU A 90 -20.99 40.24 -23.02
C LEU A 90 -20.80 38.74 -22.80
N PRO A 91 -19.60 38.21 -23.06
CA PRO A 91 -19.32 36.79 -22.75
C PRO A 91 -18.89 36.60 -21.31
N PHE A 92 -19.54 35.66 -20.62
CA PHE A 92 -19.20 35.25 -19.26
C PHE A 92 -18.75 33.79 -19.32
N ASN A 93 -17.49 33.53 -18.98
CA ASN A 93 -16.99 32.16 -19.02
C ASN A 93 -16.62 31.65 -17.64
N ASP A 94 -15.65 32.27 -16.96
CA ASP A 94 -15.19 31.91 -15.62
C ASP A 94 -15.12 33.14 -14.74
N GLY A 95 -16.09 34.04 -14.87
CA GLY A 95 -16.01 35.35 -14.27
C GLY A 95 -15.32 36.35 -15.18
N VAL A 96 -15.54 37.63 -14.86
CA VAL A 96 -15.05 38.73 -15.69
C VAL A 96 -14.36 39.76 -14.80
N TYR A 97 -13.36 40.43 -15.35
CA TYR A 97 -12.77 41.61 -14.75
C TYR A 97 -13.46 42.84 -15.33
N PHE A 98 -14.34 43.46 -14.55
CA PHE A 98 -14.93 44.73 -14.91
C PHE A 98 -13.99 45.87 -14.53
N ALA A 99 -14.18 47.03 -15.17
CA ALA A 99 -13.49 48.26 -14.81
C ALA A 99 -14.29 49.44 -15.34
N SER A 100 -13.89 50.64 -14.93
CA SER A 100 -14.49 51.88 -15.39
C SER A 100 -13.60 53.05 -15.01
N THR A 101 -13.79 54.17 -15.71
CA THR A 101 -13.04 55.42 -15.48
C THR A 101 -14.01 56.57 -15.62
N GLU A 102 -14.59 57.00 -14.49
CA GLU A 102 -15.60 58.05 -14.46
C GLU A 102 -15.31 59.07 -13.38
N LYS A 103 -15.68 60.31 -13.64
CA LYS A 103 -15.68 61.38 -12.66
C LYS A 103 -17.08 61.73 -12.18
N SER A 104 -18.08 60.93 -12.55
CA SER A 104 -19.47 61.23 -12.24
C SER A 104 -20.26 60.07 -11.65
N ASN A 105 -19.64 58.88 -11.48
CA ASN A 105 -20.24 57.69 -10.86
C ASN A 105 -21.48 57.20 -11.59
N ILE A 106 -21.46 57.24 -12.93
CA ILE A 106 -22.70 57.13 -13.69
C ILE A 106 -23.21 55.69 -13.84
N ILE A 107 -22.36 54.67 -13.68
CA ILE A 107 -22.82 53.28 -13.81
C ILE A 107 -23.44 52.85 -12.49
N ARG A 108 -24.68 52.38 -12.54
CA ARG A 108 -25.43 51.98 -11.35
C ARG A 108 -26.25 50.73 -11.62
N GLY A 109 -25.66 49.73 -12.28
CA GLY A 109 -26.40 48.51 -12.53
C GLY A 109 -25.65 47.36 -13.16
N TRP A 110 -25.85 46.15 -12.63
CA TRP A 110 -25.39 44.91 -13.24
C TRP A 110 -26.60 43.99 -13.38
N ILE A 111 -26.71 43.27 -14.49
CA ILE A 111 -27.82 42.32 -14.71
C ILE A 111 -27.28 40.98 -15.21
N PHE A 112 -27.12 40.01 -14.30
CA PHE A 112 -26.48 38.73 -14.62
C PHE A 112 -27.52 37.64 -14.87
N GLY A 113 -27.73 37.28 -16.13
CA GLY A 113 -28.72 36.25 -16.41
C GLY A 113 -28.52 35.58 -17.74
N THR A 114 -28.96 34.33 -17.81
CA THR A 114 -28.97 33.59 -19.07
C THR A 114 -30.17 33.96 -19.93
N THR A 115 -31.37 33.91 -19.36
CA THR A 115 -32.61 34.22 -20.07
C THR A 115 -33.12 35.63 -19.79
N LEU A 116 -32.87 36.16 -18.59
CA LEU A 116 -33.16 37.53 -18.16
C LEU A 116 -34.64 37.89 -18.21
N ASP A 117 -35.52 36.89 -18.19
CA ASP A 117 -36.97 37.09 -18.18
C ASP A 117 -37.60 36.56 -16.90
N SER A 118 -36.96 36.83 -15.77
CA SER A 118 -37.37 36.41 -14.42
C SER A 118 -37.45 34.88 -14.29
N LYS A 119 -36.60 34.18 -15.03
CA LYS A 119 -36.49 32.72 -14.95
C LYS A 119 -35.18 32.28 -14.29
N THR A 120 -34.05 32.77 -14.79
CA THR A 120 -32.78 32.60 -14.10
C THR A 120 -32.64 33.71 -13.07
N GLN A 121 -31.93 33.41 -11.98
CA GLN A 121 -31.74 34.40 -10.93
C GLN A 121 -30.78 35.48 -11.42
N SER A 122 -31.33 36.66 -11.69
CA SER A 122 -30.56 37.83 -12.06
C SER A 122 -30.24 38.65 -10.81
N LEU A 123 -29.40 39.66 -10.99
CA LEU A 123 -28.98 40.51 -9.91
C LEU A 123 -29.19 41.96 -10.34
N LEU A 124 -29.19 42.86 -9.35
CA LEU A 124 -29.42 44.28 -9.56
C LEU A 124 -28.49 45.13 -8.69
N ILE A 125 -27.18 44.87 -8.77
CA ILE A 125 -26.21 45.56 -7.92
C ILE A 125 -26.17 47.04 -8.26
N VAL A 126 -26.30 47.89 -7.24
CA VAL A 126 -26.37 49.33 -7.40
C VAL A 126 -25.32 49.97 -6.49
N ASN A 127 -24.62 50.99 -7.01
CA ASN A 127 -23.64 51.75 -6.24
C ASN A 127 -24.11 53.20 -6.14
N ASN A 128 -24.61 53.58 -4.97
CA ASN A 128 -25.06 54.94 -4.72
C ASN A 128 -23.94 55.82 -4.18
N ASN A 131 -23.08 53.11 -0.71
CA ASN A 131 -23.18 51.71 -0.33
C ASN A 131 -23.46 50.84 -1.55
N VAL A 132 -22.91 49.63 -1.53
CA VAL A 132 -23.13 48.66 -2.60
C VAL A 132 -24.39 47.89 -2.19
N VAL A 133 -25.55 48.46 -2.51
CA VAL A 133 -26.81 47.78 -2.23
C VAL A 133 -27.06 46.75 -3.31
N ILE A 134 -27.33 45.52 -2.89
CA ILE A 134 -27.26 44.34 -3.77
C ILE A 134 -28.63 43.68 -3.79
N LYS A 135 -29.36 43.86 -4.88
CA LYS A 135 -30.66 43.23 -5.04
C LYS A 135 -30.47 42.01 -5.92
N VAL A 136 -30.54 40.83 -5.32
CA VAL A 136 -30.39 39.56 -6.01
C VAL A 136 -31.74 39.03 -6.47
N CYS A 137 -32.79 39.81 -6.30
CA CYS A 137 -34.11 39.33 -6.69
C CYS A 137 -34.44 39.82 -8.11
N GLU A 138 -35.52 39.27 -8.67
CA GLU A 138 -35.89 39.39 -10.07
C GLU A 138 -36.87 40.54 -10.26
N PHE A 139 -36.59 41.40 -11.22
CA PHE A 139 -37.52 42.43 -11.67
C PHE A 139 -37.84 42.19 -13.14
N GLN A 140 -39.08 42.49 -13.53
CA GLN A 140 -39.53 42.23 -14.90
C GLN A 140 -38.90 43.26 -15.84
N PHE A 141 -37.87 42.84 -16.56
CA PHE A 141 -37.16 43.73 -17.47
C PHE A 141 -37.77 43.72 -18.86
N CYS A 142 -37.71 44.88 -19.52
CA CYS A 142 -38.04 44.99 -20.94
C CYS A 142 -36.77 44.75 -21.75
N ASN A 143 -36.78 45.16 -23.02
CA ASN A 143 -35.60 45.05 -23.88
C ASN A 143 -34.43 45.87 -23.36
N ASP A 144 -34.69 47.10 -22.93
CA ASP A 144 -33.70 47.92 -22.24
C ASP A 144 -34.36 48.38 -20.94
N PRO A 145 -33.84 47.95 -19.77
CA PRO A 145 -34.48 48.30 -18.50
C PRO A 145 -34.45 49.79 -18.20
N PHE A 146 -35.48 50.25 -17.49
CA PHE A 146 -35.74 51.67 -17.30
C PHE A 146 -34.68 52.30 -16.40
N LEU A 147 -34.00 53.32 -16.92
CA LEU A 147 -32.99 54.06 -16.19
C LEU A 147 -33.62 55.32 -15.58
N ASP A 148 -32.78 56.19 -15.02
CA ASP A 148 -33.15 57.42 -14.31
C ASP A 148 -34.18 57.19 -13.19
N ASN A 169 -42.68 38.78 -7.79
CA ASN A 169 -42.16 37.71 -6.96
C ASN A 169 -40.65 37.66 -7.11
N CYS A 170 -39.92 38.18 -6.11
CA CYS A 170 -38.47 38.09 -6.15
C CYS A 170 -37.92 37.49 -4.86
N THR A 171 -36.73 36.87 -4.96
CA THR A 171 -36.21 35.97 -3.93
C THR A 171 -35.42 36.70 -2.83
N PHE A 172 -34.27 37.27 -3.17
CA PHE A 172 -33.29 37.68 -2.16
C PHE A 172 -32.92 39.14 -2.34
N GLU A 173 -32.94 39.90 -1.24
CA GLU A 173 -32.51 41.28 -1.19
C GLU A 173 -31.45 41.43 -0.11
N TYR A 174 -30.49 42.32 -0.35
CA TYR A 174 -29.31 42.41 0.50
C TYR A 174 -28.80 43.85 0.48
N VAL A 175 -28.26 44.29 1.62
CA VAL A 175 -27.63 45.61 1.72
C VAL A 175 -26.28 45.40 2.41
N SER A 176 -25.24 46.04 1.87
CA SER A 176 -23.92 45.97 2.50
C SER A 176 -23.72 47.15 3.44
N PHE A 190 -12.55 60.46 -14.25
CA PHE A 190 -11.21 61.03 -14.36
C PHE A 190 -10.31 60.54 -13.22
N LYS A 191 -10.88 60.39 -12.04
CA LYS A 191 -10.11 60.11 -10.83
C LYS A 191 -10.63 58.89 -10.07
N ASN A 192 -11.13 57.88 -10.78
CA ASN A 192 -11.60 56.69 -10.09
C ASN A 192 -11.59 55.48 -11.03
N LEU A 193 -11.15 54.34 -10.49
CA LEU A 193 -11.24 53.04 -11.14
C LEU A 193 -12.14 52.15 -10.29
N ARG A 194 -13.08 51.45 -10.93
CA ARG A 194 -14.02 50.57 -10.22
C ARG A 194 -13.88 49.16 -10.77
N GLU A 195 -12.91 48.40 -10.24
CA GLU A 195 -12.64 47.06 -10.71
C GLU A 195 -13.45 46.05 -9.91
N PHE A 196 -14.07 45.11 -10.61
CA PHE A 196 -15.13 44.27 -10.06
C PHE A 196 -15.01 42.80 -10.50
N VAL A 197 -13.88 42.17 -10.20
CA VAL A 197 -13.69 40.74 -10.48
C VAL A 197 -14.81 39.90 -9.88
N PHE A 198 -15.42 39.06 -10.73
CA PHE A 198 -16.50 38.17 -10.34
C PHE A 198 -16.01 36.74 -10.46
N LYS A 199 -16.75 35.82 -9.85
CA LYS A 199 -16.41 34.40 -9.84
C LYS A 199 -17.67 33.60 -9.58
N ASN A 200 -17.65 32.34 -10.01
CA ASN A 200 -18.74 31.42 -9.68
C ASN A 200 -18.13 30.02 -9.59
N ILE A 201 -17.75 29.64 -8.36
CA ILE A 201 -17.16 28.34 -8.09
C ILE A 201 -17.81 27.80 -6.81
N ASP A 202 -18.31 26.56 -6.88
CA ASP A 202 -19.01 25.86 -5.79
C ASP A 202 -20.26 26.60 -5.33
N GLY A 203 -20.92 27.30 -6.25
CA GLY A 203 -22.12 28.06 -5.92
C GLY A 203 -21.88 29.20 -4.97
N TYR A 204 -20.73 29.86 -5.08
CA TYR A 204 -20.33 30.92 -4.17
C TYR A 204 -19.97 32.12 -5.06
N PHE A 205 -20.96 32.98 -5.31
CA PHE A 205 -20.83 34.10 -6.23
C PHE A 205 -19.97 35.21 -5.62
N LYS A 206 -18.67 35.17 -5.87
CA LYS A 206 -17.77 36.14 -5.25
C LYS A 206 -17.75 37.45 -6.01
N ILE A 207 -17.69 38.54 -5.25
CA ILE A 207 -17.59 39.89 -5.78
C ILE A 207 -16.39 40.54 -5.12
N TYR A 208 -15.36 40.83 -5.90
CA TYR A 208 -14.21 41.55 -5.38
C TYR A 208 -14.31 43.00 -5.81
N SER A 209 -13.45 43.85 -5.27
CA SER A 209 -13.51 45.27 -5.60
C SER A 209 -12.21 45.96 -5.25
N LYS A 210 -12.00 47.12 -5.87
CA LYS A 210 -10.91 48.03 -5.57
C LYS A 210 -11.24 49.38 -6.18
N HIS A 211 -11.17 50.43 -5.38
CA HIS A 211 -11.45 51.79 -5.83
C HIS A 211 -10.16 52.58 -5.69
N THR A 212 -9.45 52.75 -6.81
CA THR A 212 -8.12 53.38 -6.81
C THR A 212 -8.11 54.64 -7.66
N PRO A 213 -8.10 55.84 -7.05
CA PRO A 213 -7.96 57.10 -7.78
C PRO A 213 -6.58 57.25 -8.44
N LEU A 220 -6.33 52.19 -17.72
CA LEU A 220 -5.52 51.27 -16.93
C LEU A 220 -4.12 51.84 -16.75
N PRO A 221 -3.79 52.25 -15.53
CA PRO A 221 -2.50 52.89 -15.29
C PRO A 221 -1.36 51.88 -15.17
N GLN A 222 -0.15 52.43 -15.07
CA GLN A 222 1.07 51.64 -14.81
C GLN A 222 1.24 51.50 -13.31
N GLY A 223 0.65 50.47 -12.73
CA GLY A 223 0.80 50.23 -11.32
C GLY A 223 0.37 48.84 -10.91
N PHE A 224 0.09 48.64 -9.62
CA PHE A 224 -0.39 47.35 -9.16
C PHE A 224 -1.20 47.56 -7.90
N SER A 225 -2.42 47.03 -7.88
CA SER A 225 -3.30 47.14 -6.72
C SER A 225 -4.10 45.86 -6.59
N ALA A 226 -4.02 45.23 -5.42
CA ALA A 226 -4.77 44.02 -5.16
C ALA A 226 -6.25 44.35 -4.93
N LEU A 227 -7.11 43.37 -5.18
CA LEU A 227 -8.55 43.53 -5.06
C LEU A 227 -9.05 42.74 -3.86
N GLU A 228 -9.69 43.41 -2.96
CA GLU A 228 -10.20 42.80 -1.74
C GLU A 228 -11.59 42.23 -1.98
N PRO A 229 -11.94 41.13 -1.30
CA PRO A 229 -13.30 40.60 -1.41
C PRO A 229 -14.29 41.54 -0.74
N LEU A 230 -15.16 42.13 -1.55
CA LEU A 230 -16.12 43.09 -1.05
C LEU A 230 -17.35 42.39 -0.47
N VAL A 231 -17.93 41.46 -1.21
CA VAL A 231 -19.03 40.66 -0.71
C VAL A 231 -18.94 39.29 -1.37
N ASP A 232 -19.60 38.32 -0.76
CA ASP A 232 -19.76 36.99 -1.33
C ASP A 232 -21.21 36.58 -1.15
N LEU A 233 -21.74 35.87 -2.14
CA LEU A 233 -23.14 35.46 -2.14
C LEU A 233 -23.21 33.96 -2.45
N PRO A 234 -23.72 33.14 -1.54
CA PRO A 234 -23.89 31.70 -1.80
C PRO A 234 -25.20 31.38 -2.52
N ILE A 235 -25.33 31.87 -3.75
CA ILE A 235 -26.57 31.72 -4.50
C ILE A 235 -26.73 30.28 -4.99
N GLY A 236 -25.67 29.70 -5.56
CA GLY A 236 -25.77 28.38 -6.13
C GLY A 236 -26.50 28.30 -7.46
N ILE A 237 -26.26 29.27 -8.35
CA ILE A 237 -26.92 29.33 -9.64
C ILE A 237 -25.88 29.26 -10.74
N ASN A 238 -26.36 29.07 -11.97
CA ASN A 238 -25.53 29.15 -13.16
C ASN A 238 -25.84 30.44 -13.91
N ILE A 239 -24.81 31.23 -14.19
CA ILE A 239 -24.92 32.44 -14.99
C ILE A 239 -23.91 32.37 -16.13
N THR A 240 -24.29 32.88 -17.29
CA THR A 240 -23.40 32.82 -18.44
C THR A 240 -23.46 34.07 -19.31
N ARG A 241 -24.17 35.11 -18.90
CA ARG A 241 -24.35 36.29 -19.73
C ARG A 241 -24.74 37.46 -18.83
N PHE A 242 -24.26 38.67 -19.15
CA PHE A 242 -24.63 39.84 -18.37
C PHE A 242 -24.53 41.11 -19.20
N GLN A 243 -24.96 42.22 -18.58
CA GLN A 243 -25.02 43.52 -19.25
C GLN A 243 -25.02 44.63 -18.21
N THR A 244 -23.95 45.42 -18.18
CA THR A 244 -23.90 46.58 -17.29
C THR A 244 -24.78 47.70 -17.82
N LEU A 245 -25.53 48.35 -16.92
CA LEU A 245 -26.47 49.39 -17.28
C LEU A 245 -26.22 50.64 -16.44
N LEU A 246 -26.53 51.81 -17.01
CA LEU A 246 -26.34 53.10 -16.35
C LEU A 246 -27.59 53.94 -16.57
N ALA A 247 -27.58 55.16 -16.02
CA ALA A 247 -28.66 56.11 -16.23
C ALA A 247 -28.47 56.90 -17.52
N ALA A 267 -19.61 55.38 -18.91
CA ALA A 267 -19.82 55.17 -20.34
C ALA A 267 -18.62 54.44 -20.97
N ALA A 268 -17.71 53.97 -20.13
CA ALA A 268 -16.49 53.28 -20.57
C ALA A 268 -16.26 52.11 -19.62
N TYR A 269 -16.74 50.92 -20.02
CA TYR A 269 -16.66 49.75 -19.17
C TYR A 269 -15.87 48.67 -19.89
N TYR A 270 -14.94 48.02 -19.17
CA TYR A 270 -14.08 46.98 -19.77
C TYR A 270 -14.43 45.59 -19.24
N VAL A 271 -14.21 44.57 -20.07
CA VAL A 271 -14.47 43.14 -19.69
C VAL A 271 -13.13 42.40 -19.76
N GLY A 272 -13.00 41.32 -18.99
CA GLY A 272 -11.76 40.56 -18.97
C GLY A 272 -12.02 39.11 -19.34
N TYR A 273 -10.97 38.31 -19.22
CA TYR A 273 -11.01 36.88 -19.54
C TYR A 273 -10.27 36.14 -18.44
N LEU A 274 -10.98 35.43 -17.59
CA LEU A 274 -10.37 34.71 -16.48
C LEU A 274 -10.12 33.27 -16.90
N GLN A 275 -8.87 32.83 -16.74
CA GLN A 275 -8.44 31.48 -17.09
C GLN A 275 -7.71 30.86 -15.91
N PRO A 276 -7.75 29.53 -15.77
CA PRO A 276 -6.96 28.87 -14.73
C PRO A 276 -5.47 28.96 -15.04
N ARG A 277 -4.73 29.63 -14.16
CA ARG A 277 -3.32 29.92 -14.39
C ARG A 277 -2.59 29.97 -13.04
N THR A 278 -1.40 29.38 -12.98
CA THR A 278 -0.55 29.50 -11.82
C THR A 278 -0.08 30.95 -11.66
N PHE A 279 0.06 31.40 -10.41
CA PHE A 279 0.40 32.78 -10.08
C PHE A 279 1.21 32.78 -8.79
N LEU A 280 2.30 33.52 -8.76
CA LEU A 280 3.08 33.69 -7.54
C LEU A 280 2.80 35.07 -6.97
N LEU A 281 2.44 35.12 -5.69
CA LEU A 281 2.08 36.36 -5.03
C LEU A 281 3.24 36.84 -4.15
N LYS A 282 3.14 38.09 -3.73
CA LYS A 282 4.17 38.70 -2.88
C LYS A 282 3.45 39.54 -1.83
N TYR A 283 3.36 39.01 -0.62
CA TYR A 283 2.76 39.72 0.50
C TYR A 283 3.84 40.57 1.15
N ASN A 284 3.41 41.60 1.87
CA ASN A 284 4.36 42.49 2.53
C ASN A 284 4.31 42.31 4.05
N GLU A 285 4.93 43.26 4.74
CA GLU A 285 4.82 43.34 6.20
C GLU A 285 3.38 43.58 6.62
N ASN A 286 2.65 44.40 5.86
CA ASN A 286 1.28 44.77 6.22
C ASN A 286 0.27 43.66 5.99
N GLY A 287 0.65 42.58 5.31
CA GLY A 287 -0.27 41.52 4.98
C GLY A 287 -1.04 41.72 3.70
N THR A 288 -0.67 42.70 2.88
CA THR A 288 -1.32 42.96 1.60
C THR A 288 -0.37 42.63 0.46
N ILE A 289 -0.92 42.61 -0.75
CA ILE A 289 -0.17 42.17 -1.93
C ILE A 289 0.50 43.39 -2.55
N THR A 290 1.83 43.38 -2.64
CA THR A 290 2.58 44.49 -3.21
C THR A 290 3.12 44.21 -4.60
N ASP A 291 3.18 42.96 -5.03
CA ASP A 291 3.69 42.58 -6.36
C ASP A 291 3.14 41.21 -6.71
N ALA A 292 3.19 40.87 -8.00
CA ALA A 292 2.75 39.56 -8.45
C ALA A 292 3.41 39.21 -9.78
N VAL A 293 3.53 37.91 -10.05
CA VAL A 293 4.23 37.35 -11.21
C VAL A 293 3.43 36.16 -11.72
N ASP A 294 3.30 36.05 -13.06
CA ASP A 294 2.42 35.03 -13.62
C ASP A 294 3.07 33.68 -13.84
N CYS A 295 4.38 33.62 -13.99
CA CYS A 295 5.17 32.39 -14.09
C CYS A 295 4.78 31.52 -15.28
N ALA A 296 4.17 32.11 -16.32
CA ALA A 296 3.76 31.34 -17.51
C ALA A 296 3.77 32.21 -18.76
N LEU A 297 3.88 33.54 -18.56
CA LEU A 297 3.87 34.53 -19.67
C LEU A 297 5.17 34.46 -20.48
N ASP A 298 6.32 34.64 -19.82
CA ASP A 298 7.58 34.64 -20.55
C ASP A 298 8.57 33.78 -19.76
N PRO A 299 9.61 33.24 -20.44
CA PRO A 299 10.57 32.34 -19.78
C PRO A 299 11.24 32.84 -18.50
N LEU A 300 11.43 34.15 -18.33
CA LEU A 300 11.97 34.65 -17.07
C LEU A 300 10.97 34.52 -15.94
N SER A 301 9.67 34.54 -16.24
CA SER A 301 8.66 34.46 -15.19
C SER A 301 8.58 33.07 -14.59
N GLU A 302 8.58 32.01 -15.42
CA GLU A 302 8.52 30.67 -14.83
C GLU A 302 9.82 30.28 -14.15
N THR A 303 10.92 30.96 -14.43
CA THR A 303 12.11 30.85 -13.60
C THR A 303 11.81 31.31 -12.18
N LYS A 304 11.00 32.37 -12.05
CA LYS A 304 10.73 32.95 -10.74
C LYS A 304 9.88 32.04 -9.85
N CYS A 305 9.02 31.21 -10.44
CA CYS A 305 8.27 30.26 -9.63
C CYS A 305 9.13 29.08 -9.18
N THR A 306 10.03 28.61 -10.05
CA THR A 306 10.88 27.48 -9.68
C THR A 306 11.84 27.86 -8.56
N LEU A 307 12.31 29.10 -8.57
CA LEU A 307 13.09 29.60 -7.44
C LEU A 307 12.22 30.07 -6.28
N LYS A 308 10.92 30.32 -6.53
CA LYS A 308 9.98 30.93 -5.58
C LYS A 308 10.51 32.27 -5.05
N SER A 309 11.12 33.05 -5.94
CA SER A 309 11.71 34.34 -5.60
C SER A 309 11.48 35.32 -6.73
N PHE A 310 11.92 36.56 -6.52
CA PHE A 310 11.78 37.64 -7.50
C PHE A 310 13.11 38.09 -8.09
N THR A 311 14.18 38.08 -7.30
CA THR A 311 15.49 38.51 -7.78
C THR A 311 16.29 37.28 -8.18
N VAL A 312 16.12 36.89 -9.44
CA VAL A 312 16.86 35.76 -9.99
C VAL A 312 18.31 36.16 -10.23
N GLU A 313 19.23 35.30 -9.81
CA GLU A 313 20.66 35.52 -9.96
C GLU A 313 21.12 34.94 -11.30
N LYS A 314 22.25 35.44 -11.80
CA LYS A 314 22.79 35.04 -13.09
C LYS A 314 23.15 33.56 -13.10
N GLY A 315 22.52 32.82 -14.02
CA GLY A 315 22.78 31.39 -14.10
C GLY A 315 21.84 30.75 -15.09
N ILE A 316 21.79 29.42 -15.05
CA ILE A 316 20.94 28.62 -15.91
C ILE A 316 20.06 27.74 -15.03
N TYR A 317 18.75 27.75 -15.30
CA TYR A 317 17.77 27.12 -14.42
C TYR A 317 16.85 26.20 -15.20
N GLN A 318 16.71 24.96 -14.74
CA GLN A 318 15.83 23.97 -15.36
C GLN A 318 14.39 24.24 -14.93
N THR A 319 13.70 25.05 -15.72
CA THR A 319 12.38 25.53 -15.32
C THR A 319 11.28 24.50 -15.51
N SER A 320 11.25 23.80 -16.63
CA SER A 320 10.15 22.89 -16.92
C SER A 320 10.65 21.83 -17.90
N ASN A 321 9.72 21.10 -18.50
CA ASN A 321 10.06 20.03 -19.43
C ASN A 321 9.38 20.24 -20.77
N PHE A 322 10.12 19.94 -21.83
CA PHE A 322 9.66 20.07 -23.19
C PHE A 322 9.13 18.74 -23.68
N ARG A 323 8.01 18.78 -24.39
CA ARG A 323 7.36 17.58 -24.89
C ARG A 323 6.66 17.91 -26.20
N VAL A 324 6.78 17.03 -27.18
CA VAL A 324 6.09 17.18 -28.45
C VAL A 324 4.86 16.27 -28.41
N GLN A 325 3.70 16.88 -28.46
CA GLN A 325 2.43 16.18 -28.40
C GLN A 325 2.15 15.45 -29.71
N PRO A 326 1.39 14.36 -29.68
CA PRO A 326 1.03 13.68 -30.93
C PRO A 326 0.09 14.51 -31.78
N THR A 327 0.23 14.38 -33.10
CA THR A 327 -0.53 15.18 -34.05
C THR A 327 -1.79 14.47 -34.52
N GLU A 328 -1.66 13.26 -35.06
CA GLU A 328 -2.82 12.51 -35.57
C GLU A 328 -2.68 11.05 -35.17
N SER A 329 -3.55 10.21 -35.72
CA SER A 329 -3.58 8.78 -35.42
C SER A 329 -3.46 7.98 -36.71
N ILE A 330 -2.72 6.88 -36.64
CA ILE A 330 -2.49 6.00 -37.79
C ILE A 330 -2.90 4.60 -37.35
N VAL A 331 -4.05 4.14 -37.82
CA VAL A 331 -4.52 2.79 -37.52
C VAL A 331 -4.61 2.03 -38.83
N ARG A 332 -3.91 0.91 -38.93
CA ARG A 332 -3.89 0.14 -40.17
C ARG A 332 -4.24 -1.32 -39.90
N PHE A 333 -4.99 -1.90 -40.83
CA PHE A 333 -5.50 -3.26 -40.82
C PHE A 333 -5.35 -3.80 -42.23
N PRO A 334 -5.21 -5.13 -42.41
CA PRO A 334 -4.76 -5.67 -43.71
C PRO A 334 -5.74 -5.45 -44.86
N ASN A 335 -5.26 -5.80 -46.06
CA ASN A 335 -5.95 -5.55 -47.32
C ASN A 335 -7.35 -6.16 -47.37
N ILE A 336 -8.23 -5.55 -48.17
CA ILE A 336 -9.61 -6.07 -48.31
C ILE A 336 -9.52 -7.58 -48.54
N THR A 337 -9.19 -8.33 -47.47
CA THR A 337 -9.16 -9.83 -47.52
C THR A 337 -10.60 -10.35 -47.41
N ASN A 338 -10.96 -10.90 -46.25
CA ASN A 338 -12.32 -11.38 -46.10
C ASN A 338 -13.30 -10.45 -46.83
N LEU A 339 -14.47 -10.97 -47.13
CA LEU A 339 -15.46 -10.28 -47.94
C LEU A 339 -16.81 -10.96 -47.78
N CYS A 340 -17.90 -10.21 -48.08
CA CYS A 340 -19.27 -10.69 -48.04
C CYS A 340 -19.75 -11.14 -49.42
N PRO A 341 -20.64 -12.13 -49.45
CA PRO A 341 -21.41 -12.42 -50.67
C PRO A 341 -22.67 -11.56 -50.77
N PHE A 342 -22.48 -10.23 -50.74
CA PHE A 342 -23.63 -9.33 -50.75
C PHE A 342 -24.24 -9.20 -52.14
N GLY A 343 -23.51 -8.58 -53.06
CA GLY A 343 -24.06 -8.21 -54.34
C GLY A 343 -24.13 -9.38 -55.30
N GLU A 344 -23.41 -10.46 -54.96
CA GLU A 344 -23.57 -11.72 -55.65
C GLU A 344 -24.99 -12.24 -55.52
N VAL A 345 -25.57 -12.08 -54.33
CA VAL A 345 -27.00 -12.31 -54.17
C VAL A 345 -27.80 -11.20 -54.85
N PHE A 346 -27.36 -9.95 -54.68
CA PHE A 346 -28.17 -8.81 -55.11
C PHE A 346 -28.01 -8.52 -56.60
N ASN A 347 -27.13 -9.24 -57.30
CA ASN A 347 -27.10 -9.20 -58.76
C ASN A 347 -27.16 -10.59 -59.35
N ALA A 348 -27.62 -11.57 -58.58
CA ALA A 348 -28.13 -12.81 -59.16
C ALA A 348 -29.33 -12.46 -60.03
N THR A 349 -29.35 -13.01 -61.26
CA THR A 349 -30.20 -12.49 -62.32
C THR A 349 -31.69 -12.71 -62.02
N ARG A 350 -32.04 -13.84 -61.43
CA ARG A 350 -33.40 -14.06 -60.96
C ARG A 350 -33.43 -14.00 -59.43
N PHE A 351 -34.52 -13.43 -58.90
CA PHE A 351 -34.78 -13.40 -57.47
C PHE A 351 -35.90 -14.36 -57.13
N ALA A 352 -36.25 -14.38 -55.85
CA ALA A 352 -37.44 -15.06 -55.37
C ALA A 352 -38.54 -14.02 -55.13
N SER A 353 -39.72 -14.53 -54.83
CA SER A 353 -40.92 -13.70 -54.72
C SER A 353 -41.00 -13.01 -53.37
N VAL A 354 -42.05 -12.21 -53.18
CA VAL A 354 -42.26 -11.54 -51.90
C VAL A 354 -42.74 -12.53 -50.83
N TYR A 355 -43.46 -13.58 -51.20
CA TYR A 355 -43.87 -14.57 -50.22
C TYR A 355 -42.77 -15.57 -49.90
N ALA A 356 -41.77 -15.69 -50.78
CA ALA A 356 -40.56 -16.45 -50.49
C ALA A 356 -39.45 -15.42 -50.37
N TRP A 357 -39.44 -14.72 -49.24
CA TRP A 357 -38.50 -13.64 -49.01
C TRP A 357 -37.21 -14.27 -48.49
N ASN A 358 -36.22 -14.40 -49.36
CA ASN A 358 -35.07 -15.23 -49.07
C ASN A 358 -34.07 -14.46 -48.21
N ARG A 359 -34.07 -14.75 -46.91
CA ARG A 359 -33.00 -14.29 -46.05
C ARG A 359 -31.73 -15.11 -46.31
N LYS A 360 -30.62 -14.63 -45.78
CA LYS A 360 -29.36 -15.34 -45.92
C LYS A 360 -28.46 -14.97 -44.75
N ARG A 361 -27.79 -15.96 -44.19
CA ARG A 361 -26.84 -15.72 -43.12
C ARG A 361 -25.57 -15.07 -43.68
N ILE A 362 -25.17 -13.96 -43.06
CA ILE A 362 -23.90 -13.31 -43.36
C ILE A 362 -23.09 -13.25 -42.08
N SER A 363 -21.87 -13.78 -42.13
CA SER A 363 -21.03 -13.89 -40.94
C SER A 363 -19.60 -13.46 -41.26
N ASN A 364 -19.10 -12.49 -40.49
CA ASN A 364 -17.66 -12.24 -40.28
C ASN A 364 -16.97 -11.68 -41.53
N CYS A 365 -17.51 -10.60 -42.10
CA CYS A 365 -16.86 -9.94 -43.23
C CYS A 365 -16.19 -8.65 -42.80
N VAL A 366 -15.60 -7.98 -43.80
CA VAL A 366 -15.31 -6.55 -43.74
C VAL A 366 -16.61 -5.76 -43.97
N ALA A 367 -16.80 -4.70 -43.18
CA ALA A 367 -18.01 -3.87 -43.26
C ALA A 367 -17.78 -2.76 -44.28
N ASP A 368 -18.20 -3.00 -45.52
CA ASP A 368 -18.08 -2.04 -46.60
C ASP A 368 -19.45 -1.83 -47.24
N TYR A 369 -20.22 -0.90 -46.68
CA TYR A 369 -21.52 -0.54 -47.24
C TYR A 369 -21.52 0.80 -47.95
N SER A 370 -20.52 1.65 -47.68
CA SER A 370 -20.53 3.02 -48.20
C SER A 370 -20.38 3.05 -49.71
N VAL A 371 -19.56 2.14 -50.26
CA VAL A 371 -19.45 2.02 -51.72
C VAL A 371 -20.75 1.50 -52.32
N LEU A 372 -21.54 0.75 -51.54
CA LEU A 372 -22.82 0.28 -52.03
C LEU A 372 -23.84 1.41 -52.09
N TYR A 373 -23.93 2.25 -51.05
CA TYR A 373 -24.82 3.39 -51.13
C TYR A 373 -24.14 4.63 -51.71
N ASN A 374 -22.95 4.49 -52.27
CA ASN A 374 -22.46 5.46 -53.25
C ASN A 374 -22.69 4.99 -54.68
N SER A 375 -22.92 3.71 -54.90
CA SER A 375 -23.62 3.27 -56.11
C SER A 375 -25.06 3.75 -55.99
N ALA A 376 -25.43 4.72 -56.83
CA ALA A 376 -26.60 5.55 -56.55
C ALA A 376 -27.83 5.11 -57.32
N SER A 377 -27.91 3.84 -57.72
CA SER A 377 -29.10 3.35 -58.39
C SER A 377 -30.27 3.10 -57.44
N PHE A 378 -30.03 3.10 -56.13
CA PHE A 378 -31.03 2.66 -55.16
C PHE A 378 -32.07 3.74 -54.93
N SER A 379 -33.34 3.40 -55.13
CA SER A 379 -34.41 4.37 -55.01
C SER A 379 -34.86 4.59 -53.58
N THR A 380 -34.92 3.53 -52.77
CA THR A 380 -35.27 3.64 -51.36
C THR A 380 -34.02 3.37 -50.53
N PHE A 381 -33.76 4.24 -49.56
CA PHE A 381 -32.64 4.05 -48.63
C PHE A 381 -33.14 4.45 -47.25
N LYS A 382 -33.73 3.49 -46.53
CA LYS A 382 -34.40 3.75 -45.26
C LYS A 382 -33.83 2.80 -44.22
N CYS A 383 -32.99 3.31 -43.33
CA CYS A 383 -32.41 2.52 -42.26
C CYS A 383 -33.13 2.81 -40.94
N TYR A 384 -33.16 1.84 -40.05
CA TYR A 384 -33.91 1.93 -38.80
C TYR A 384 -33.09 1.35 -37.67
N GLY A 385 -32.92 2.12 -36.59
CA GLY A 385 -32.17 1.68 -35.43
C GLY A 385 -30.74 2.16 -35.46
N VAL A 386 -30.12 2.09 -36.65
CA VAL A 386 -28.76 2.54 -36.88
C VAL A 386 -28.80 3.46 -38.09
N SER A 387 -28.11 4.60 -38.00
CA SER A 387 -28.04 5.56 -39.09
C SER A 387 -27.38 4.95 -40.32
N PRO A 388 -27.77 5.37 -41.54
CA PRO A 388 -27.18 4.81 -42.76
C PRO A 388 -25.67 4.98 -42.89
N THR A 389 -25.13 6.10 -42.45
CA THR A 389 -23.68 6.25 -42.43
C THR A 389 -23.06 5.50 -41.25
N LYS A 390 -23.83 5.30 -40.19
CA LYS A 390 -23.36 4.61 -38.99
C LYS A 390 -23.40 3.09 -39.12
N LEU A 391 -23.91 2.57 -40.23
CA LEU A 391 -23.92 1.11 -40.44
C LEU A 391 -22.51 0.59 -40.73
N ASN A 392 -21.67 1.42 -41.35
CA ASN A 392 -20.31 0.99 -41.69
C ASN A 392 -19.41 0.93 -40.47
N ASP A 393 -19.43 1.99 -39.65
CA ASP A 393 -18.41 2.14 -38.61
C ASP A 393 -18.63 1.20 -37.43
N LEU A 394 -19.86 0.74 -37.22
CA LEU A 394 -20.15 -0.17 -36.12
C LEU A 394 -20.67 -1.49 -36.68
N CYS A 395 -20.28 -2.59 -36.04
CA CYS A 395 -20.59 -3.94 -36.51
C CYS A 395 -21.58 -4.64 -35.59
N PHE A 396 -22.32 -5.59 -36.16
CA PHE A 396 -23.48 -6.19 -35.53
C PHE A 396 -23.44 -7.70 -35.71
N THR A 397 -24.45 -8.36 -35.15
CA THR A 397 -24.63 -9.80 -35.25
C THR A 397 -25.92 -10.11 -36.00
N ASN A 398 -26.07 -11.39 -36.35
CA ASN A 398 -27.33 -11.98 -36.83
C ASN A 398 -27.81 -11.35 -38.14
N VAL A 399 -26.94 -11.34 -39.14
CA VAL A 399 -27.20 -10.66 -40.40
C VAL A 399 -28.08 -11.53 -41.29
N TYR A 400 -29.25 -11.03 -41.64
CA TYR A 400 -30.14 -11.69 -42.59
C TYR A 400 -30.59 -10.67 -43.63
N ALA A 401 -30.14 -10.85 -44.87
CA ALA A 401 -30.43 -9.94 -45.97
C ALA A 401 -31.59 -10.51 -46.78
N ASP A 402 -32.66 -9.73 -46.90
CA ASP A 402 -33.93 -10.20 -47.44
C ASP A 402 -34.14 -9.66 -48.84
N SER A 403 -33.65 -10.39 -49.84
CA SER A 403 -33.63 -9.93 -51.22
C SER A 403 -34.74 -10.61 -52.02
N PHE A 404 -35.61 -9.81 -52.63
CA PHE A 404 -36.77 -10.29 -53.37
C PHE A 404 -37.35 -9.12 -54.15
N VAL A 405 -38.50 -9.36 -54.79
CA VAL A 405 -39.14 -8.38 -55.67
C VAL A 405 -40.47 -7.90 -55.08
N ILE A 406 -40.76 -6.61 -55.25
CA ILE A 406 -42.06 -6.01 -54.92
C ILE A 406 -42.39 -5.06 -56.08
N ARG A 407 -43.66 -4.62 -56.16
CA ARG A 407 -44.10 -3.58 -57.06
C ARG A 407 -43.48 -2.24 -56.68
N GLY A 408 -43.46 -1.32 -57.66
CA GLY A 408 -42.80 -0.03 -57.46
C GLY A 408 -43.56 0.95 -56.59
N ASP A 409 -44.88 0.84 -56.50
CA ASP A 409 -45.63 1.70 -55.60
C ASP A 409 -45.70 1.16 -54.19
N GLU A 410 -45.53 -0.15 -54.03
CA GLU A 410 -45.68 -0.81 -52.74
C GLU A 410 -44.43 -0.72 -51.87
N VAL A 411 -43.37 -0.07 -52.35
CA VAL A 411 -42.27 0.26 -51.45
C VAL A 411 -42.65 1.42 -50.53
N ARG A 412 -43.68 2.19 -50.91
CA ARG A 412 -44.27 3.15 -50.00
C ARG A 412 -44.94 2.45 -48.82
N GLN A 413 -45.38 1.21 -49.01
CA GLN A 413 -45.99 0.42 -47.93
C GLN A 413 -44.96 -0.16 -46.98
N ILE A 414 -43.66 -0.05 -47.28
CA ILE A 414 -42.62 -0.74 -46.54
C ILE A 414 -42.07 0.19 -45.47
N ALA A 415 -42.44 -0.06 -44.22
CA ALA A 415 -41.82 0.52 -43.03
C ALA A 415 -42.16 -0.36 -41.85
N PRO A 416 -41.28 -0.42 -40.84
CA PRO A 416 -41.63 -1.10 -39.58
C PRO A 416 -42.81 -0.43 -38.90
N GLY A 417 -43.92 -1.16 -38.81
CA GLY A 417 -45.16 -0.63 -38.30
C GLY A 417 -46.17 -0.26 -39.36
N GLN A 418 -45.74 -0.09 -40.61
CA GLN A 418 -46.65 0.27 -41.67
C GLN A 418 -47.48 -0.94 -42.09
N THR A 419 -48.77 -0.71 -42.31
CA THR A 419 -49.70 -1.75 -42.72
C THR A 419 -50.08 -1.56 -44.19
N GLY A 420 -50.37 -2.67 -44.85
CA GLY A 420 -50.70 -2.65 -46.25
C GLY A 420 -50.94 -4.05 -46.76
N LYS A 421 -51.17 -4.16 -48.07
CA LYS A 421 -51.42 -5.46 -48.70
C LYS A 421 -50.21 -6.38 -48.58
N ILE A 422 -49.00 -5.81 -48.64
CA ILE A 422 -47.79 -6.60 -48.41
C ILE A 422 -47.65 -6.94 -46.93
N ALA A 423 -48.20 -6.11 -46.04
CA ALA A 423 -48.02 -6.33 -44.62
C ALA A 423 -48.96 -7.39 -44.07
N ASP A 424 -50.26 -7.30 -44.39
CA ASP A 424 -51.22 -8.23 -43.80
C ASP A 424 -51.13 -9.62 -44.42
N TYR A 425 -50.76 -9.72 -45.70
CA TYR A 425 -50.85 -10.98 -46.43
C TYR A 425 -49.50 -11.50 -46.92
N ASN A 426 -48.60 -10.62 -47.36
CA ASN A 426 -47.32 -11.09 -47.91
C ASN A 426 -46.25 -11.20 -46.84
N TYR A 427 -45.94 -10.10 -46.16
CA TYR A 427 -44.96 -10.13 -45.07
C TYR A 427 -45.20 -8.99 -44.11
N LYS A 428 -45.51 -9.30 -42.85
CA LYS A 428 -45.61 -8.30 -41.81
C LYS A 428 -44.21 -7.88 -41.38
N LEU A 429 -43.91 -6.59 -41.51
CA LEU A 429 -42.59 -6.09 -41.14
C LEU A 429 -42.49 -5.98 -39.61
N PRO A 430 -41.34 -6.34 -39.03
CA PRO A 430 -41.22 -6.33 -37.57
C PRO A 430 -41.06 -4.94 -36.99
N ASP A 431 -41.63 -4.73 -35.81
CA ASP A 431 -41.48 -3.46 -35.10
C ASP A 431 -40.14 -3.37 -34.38
N ASP A 432 -39.53 -4.49 -34.02
CA ASP A 432 -38.20 -4.53 -33.43
C ASP A 432 -37.10 -4.60 -34.48
N PHE A 433 -37.39 -4.21 -35.72
CA PHE A 433 -36.44 -4.30 -36.83
C PHE A 433 -35.27 -3.36 -36.63
N THR A 434 -34.06 -3.93 -36.59
CA THR A 434 -32.82 -3.17 -36.61
C THR A 434 -32.12 -3.45 -37.92
N GLY A 435 -31.87 -2.41 -38.71
CA GLY A 435 -31.25 -2.58 -40.01
C GLY A 435 -31.84 -1.60 -41.01
N CYS A 436 -31.80 -2.00 -42.28
CA CYS A 436 -32.09 -1.08 -43.36
C CYS A 436 -32.89 -1.79 -44.45
N VAL A 437 -33.61 -1.00 -45.25
CA VAL A 437 -34.33 -1.48 -46.43
C VAL A 437 -33.88 -0.66 -47.63
N ILE A 438 -33.59 -1.34 -48.74
CA ILE A 438 -33.01 -0.72 -49.93
C ILE A 438 -33.69 -1.32 -51.15
N ALA A 439 -34.24 -0.46 -52.02
CA ALA A 439 -34.89 -0.91 -53.25
C ALA A 439 -34.43 -0.09 -54.44
N TRP A 440 -34.60 -0.67 -55.63
CA TRP A 440 -34.32 0.01 -56.89
C TRP A 440 -35.05 -0.72 -58.00
N ASN A 441 -35.27 -0.01 -59.10
CA ASN A 441 -35.94 -0.59 -60.26
C ASN A 441 -34.94 -1.28 -61.18
N SER A 442 -35.31 -2.46 -61.66
CA SER A 442 -34.56 -3.17 -62.69
C SER A 442 -35.53 -3.79 -63.69
N ASN A 443 -36.59 -3.05 -64.03
CA ASN A 443 -37.68 -3.61 -64.83
C ASN A 443 -37.26 -3.87 -66.28
N ASN A 444 -36.29 -3.10 -66.79
CA ASN A 444 -35.93 -3.14 -68.21
C ASN A 444 -35.35 -4.49 -68.64
N LEU A 445 -34.88 -5.30 -67.70
CA LEU A 445 -34.62 -6.71 -67.95
C LEU A 445 -35.72 -7.61 -67.40
N ASP A 446 -36.43 -7.17 -66.36
CA ASP A 446 -37.55 -7.94 -65.84
C ASP A 446 -38.72 -7.96 -66.82
N SER A 447 -38.94 -6.86 -67.52
CA SER A 447 -40.07 -6.76 -68.44
C SER A 447 -39.77 -7.49 -69.75
N LYS A 448 -40.80 -8.10 -70.32
CA LYS A 448 -40.73 -8.71 -71.64
C LYS A 448 -41.92 -8.25 -72.46
N VAL A 449 -41.97 -8.71 -73.71
CA VAL A 449 -42.93 -8.19 -74.68
C VAL A 449 -44.35 -8.59 -74.31
N GLY A 450 -44.57 -9.87 -74.01
CA GLY A 450 -45.92 -10.37 -73.87
C GLY A 450 -46.48 -10.42 -72.47
N GLY A 451 -45.65 -10.17 -71.46
CA GLY A 451 -46.18 -10.24 -70.10
C GLY A 451 -45.35 -11.19 -69.25
N ASN A 452 -44.91 -10.69 -68.09
CA ASN A 452 -44.04 -11.42 -67.19
C ASN A 452 -44.92 -12.09 -66.14
N TYR A 453 -45.18 -13.38 -66.31
CA TYR A 453 -46.16 -14.10 -65.49
C TYR A 453 -45.55 -15.22 -64.67
N ASN A 454 -44.23 -15.20 -64.42
CA ASN A 454 -43.58 -16.27 -63.70
C ASN A 454 -43.43 -16.01 -62.20
N TYR A 455 -43.79 -14.83 -61.71
CA TYR A 455 -43.68 -14.48 -60.31
C TYR A 455 -45.08 -14.14 -59.78
N ARG A 456 -45.32 -14.40 -58.50
CA ARG A 456 -46.65 -14.30 -57.92
C ARG A 456 -46.65 -13.38 -56.70
N TYR A 457 -47.84 -13.15 -56.14
CA TYR A 457 -48.01 -12.34 -54.94
C TYR A 457 -49.18 -12.87 -54.13
N ARG A 458 -49.03 -12.79 -52.81
CA ARG A 458 -50.06 -13.27 -51.88
C ARG A 458 -51.16 -12.21 -51.75
N LEU A 459 -52.21 -12.37 -52.55
CA LEU A 459 -53.40 -11.55 -52.43
C LEU A 459 -54.46 -12.18 -51.54
N PHE A 460 -54.27 -13.45 -51.14
CA PHE A 460 -55.21 -14.17 -50.29
C PHE A 460 -54.43 -14.97 -49.26
N ARG A 461 -54.19 -14.38 -48.09
CA ARG A 461 -53.70 -15.12 -46.94
C ARG A 461 -54.80 -15.20 -45.90
N LYS A 462 -54.88 -16.32 -45.19
CA LYS A 462 -55.99 -16.58 -44.29
C LYS A 462 -55.91 -15.79 -42.98
N SER A 463 -54.78 -15.14 -42.69
CA SER A 463 -54.65 -14.38 -41.45
C SER A 463 -53.53 -13.37 -41.62
N ASN A 464 -53.39 -12.50 -40.62
CA ASN A 464 -52.26 -11.58 -40.57
C ASN A 464 -51.01 -12.32 -40.13
N LEU A 465 -49.85 -11.79 -40.54
CA LEU A 465 -48.58 -12.41 -40.20
C LEU A 465 -48.02 -11.78 -38.93
N LYS A 466 -47.16 -12.53 -38.26
CA LYS A 466 -46.27 -12.01 -37.23
C LYS A 466 -45.03 -11.46 -37.89
N PRO A 467 -44.19 -10.73 -37.15
CA PRO A 467 -42.80 -10.53 -37.56
C PRO A 467 -42.09 -11.83 -37.94
N PHE A 468 -41.39 -11.79 -39.08
CA PHE A 468 -40.52 -12.83 -39.62
C PHE A 468 -41.27 -14.09 -40.05
N GLU A 469 -42.59 -14.01 -40.24
CA GLU A 469 -43.36 -15.18 -40.68
C GLU A 469 -43.22 -15.38 -42.18
N ARG A 470 -42.96 -16.62 -42.59
CA ARG A 470 -42.93 -16.98 -44.00
C ARG A 470 -43.85 -18.19 -44.16
N ASP A 471 -45.14 -17.92 -44.33
CA ASP A 471 -46.11 -18.98 -44.60
C ASP A 471 -46.16 -19.16 -46.10
N ILE A 472 -45.38 -20.10 -46.61
CA ILE A 472 -45.37 -20.41 -48.03
C ILE A 472 -46.38 -21.51 -48.37
N SER A 473 -47.31 -21.79 -47.45
CA SER A 473 -48.41 -22.71 -47.74
C SER A 473 -49.31 -22.11 -48.80
N THR A 474 -49.74 -22.96 -49.75
CA THR A 474 -50.61 -22.54 -50.84
C THR A 474 -51.89 -23.35 -50.75
N GLU A 475 -52.93 -22.76 -50.18
CA GLU A 475 -54.20 -23.45 -50.01
C GLU A 475 -55.32 -22.61 -50.59
N ILE A 476 -56.41 -23.30 -50.97
CA ILE A 476 -57.55 -22.63 -51.58
C ILE A 476 -58.24 -21.75 -50.54
N TYR A 477 -58.59 -20.53 -50.94
CA TYR A 477 -58.95 -19.48 -50.00
C TYR A 477 -60.46 -19.53 -49.75
N GLN A 478 -60.85 -19.98 -48.57
CA GLN A 478 -62.26 -19.98 -48.16
C GLN A 478 -62.63 -18.57 -47.73
N ALA A 479 -63.30 -17.83 -48.61
CA ALA A 479 -63.69 -16.46 -48.35
C ALA A 479 -65.21 -16.32 -48.26
N GLY A 480 -65.88 -17.37 -47.82
CA GLY A 480 -67.32 -17.36 -47.69
C GLY A 480 -67.83 -18.42 -46.72
N CYS A 484 -64.66 -24.78 -49.94
CA CYS A 484 -64.31 -24.67 -51.34
C CYS A 484 -64.23 -26.05 -51.99
N ASN A 485 -64.04 -27.06 -51.14
CA ASN A 485 -63.79 -28.46 -51.53
C ASN A 485 -62.58 -28.53 -52.46
N GLY A 486 -61.54 -27.79 -52.10
CA GLY A 486 -60.25 -27.88 -52.76
C GLY A 486 -60.11 -27.24 -54.13
N VAL A 487 -61.21 -26.99 -54.82
CA VAL A 487 -61.16 -26.53 -56.21
C VAL A 487 -61.12 -25.01 -56.26
N GLU A 488 -60.54 -24.48 -57.33
CA GLU A 488 -60.54 -23.06 -57.61
C GLU A 488 -61.78 -22.73 -58.45
N GLY A 489 -62.61 -21.82 -57.95
CA GLY A 489 -63.89 -21.55 -58.56
C GLY A 489 -64.59 -20.32 -58.00
N PHE A 490 -65.89 -20.46 -57.72
CA PHE A 490 -66.66 -19.33 -57.18
C PHE A 490 -66.23 -19.04 -55.75
N ASN A 491 -65.83 -17.79 -55.49
CA ASN A 491 -65.45 -17.25 -54.19
C ASN A 491 -64.25 -18.00 -53.58
N CYS A 492 -63.47 -18.68 -54.42
CA CYS A 492 -62.33 -19.50 -53.96
C CYS A 492 -61.27 -19.42 -55.05
N TYR A 493 -60.31 -18.52 -54.87
CA TYR A 493 -59.24 -18.33 -55.83
C TYR A 493 -57.93 -18.86 -55.27
N PHE A 494 -56.91 -18.86 -56.12
CA PHE A 494 -55.58 -19.25 -55.69
C PHE A 494 -55.04 -18.20 -54.71
N PRO A 495 -54.29 -18.61 -53.67
CA PRO A 495 -53.74 -17.64 -52.74
C PRO A 495 -52.68 -16.75 -53.36
N LEU A 496 -52.09 -17.16 -54.48
CA LEU A 496 -51.17 -16.33 -55.24
C LEU A 496 -51.76 -16.03 -56.61
N GLN A 497 -51.63 -14.78 -57.04
CA GLN A 497 -52.01 -14.37 -58.39
C GLN A 497 -50.77 -13.89 -59.12
N SER A 498 -50.85 -13.86 -60.44
CA SER A 498 -49.68 -13.53 -61.25
C SER A 498 -49.43 -12.03 -61.28
N TYR A 499 -48.15 -11.65 -61.26
CA TYR A 499 -47.75 -10.27 -61.51
C TYR A 499 -48.17 -9.84 -62.90
N GLY A 500 -48.96 -8.77 -62.99
CA GLY A 500 -49.14 -8.13 -64.27
C GLY A 500 -48.14 -7.00 -64.39
N PHE A 501 -46.99 -7.30 -65.02
CA PHE A 501 -45.87 -6.36 -65.10
C PHE A 501 -45.48 -6.22 -66.56
N GLN A 502 -45.48 -5.00 -67.05
CA GLN A 502 -45.27 -4.68 -68.45
C GLN A 502 -44.29 -3.53 -68.57
N PRO A 503 -43.63 -3.37 -69.72
CA PRO A 503 -42.93 -2.11 -69.99
C PRO A 503 -43.88 -0.94 -70.16
N THR A 504 -45.12 -1.19 -70.60
CA THR A 504 -46.13 -0.15 -70.66
C THR A 504 -46.64 0.25 -69.28
N ASN A 505 -46.44 -0.60 -68.27
CA ASN A 505 -46.79 -0.25 -66.90
C ASN A 505 -45.88 0.86 -66.39
N GLY A 506 -46.44 1.74 -65.56
CA GLY A 506 -45.68 2.82 -64.98
C GLY A 506 -44.67 2.32 -63.94
N VAL A 507 -43.83 3.24 -63.49
CA VAL A 507 -42.74 2.90 -62.58
C VAL A 507 -43.29 2.48 -61.21
N GLY A 508 -44.42 3.06 -60.80
CA GLY A 508 -45.10 2.57 -59.60
C GLY A 508 -45.69 1.19 -59.77
N TYR A 509 -46.08 0.83 -60.99
CA TYR A 509 -46.59 -0.50 -61.29
C TYR A 509 -45.50 -1.40 -61.90
N GLN A 510 -44.25 -1.06 -61.69
CA GLN A 510 -43.11 -1.81 -62.18
C GLN A 510 -42.47 -2.61 -61.04
N PRO A 511 -41.79 -3.72 -61.33
CA PRO A 511 -41.11 -4.46 -60.26
C PRO A 511 -39.88 -3.72 -59.77
N TYR A 512 -39.71 -3.72 -58.45
CA TYR A 512 -38.50 -3.23 -57.81
C TYR A 512 -37.77 -4.38 -57.17
N ARG A 513 -36.44 -4.37 -57.27
CA ARG A 513 -35.61 -5.30 -56.55
C ARG A 513 -35.28 -4.68 -55.19
N VAL A 514 -35.60 -5.42 -54.11
CA VAL A 514 -35.53 -4.87 -52.77
C VAL A 514 -34.63 -5.77 -51.93
N VAL A 515 -33.98 -5.17 -50.94
CA VAL A 515 -33.23 -5.92 -49.94
C VAL A 515 -33.50 -5.31 -48.56
N VAL A 516 -33.76 -6.17 -47.58
CA VAL A 516 -33.98 -5.77 -46.20
C VAL A 516 -32.85 -6.39 -45.39
N LEU A 517 -31.85 -5.58 -45.03
CA LEU A 517 -30.80 -6.02 -44.14
C LEU A 517 -31.32 -6.00 -42.71
N SER A 518 -31.35 -7.16 -42.05
CA SER A 518 -31.87 -7.27 -40.71
C SER A 518 -30.77 -7.71 -39.76
N PHE A 519 -30.61 -6.96 -38.67
CA PHE A 519 -29.64 -7.27 -37.63
C PHE A 519 -30.35 -7.46 -36.30
N GLU A 520 -29.76 -8.31 -35.46
CA GLU A 520 -30.26 -8.51 -34.09
C GLU A 520 -29.08 -8.48 -33.14
N LEU A 521 -29.24 -7.76 -32.04
CA LEU A 521 -28.16 -7.55 -31.08
C LEU A 521 -28.32 -8.55 -29.94
N LEU A 522 -27.72 -9.72 -30.10
CA LEU A 522 -27.56 -10.71 -29.04
C LEU A 522 -26.08 -10.84 -28.74
N HIS A 523 -25.75 -11.51 -27.64
CA HIS A 523 -24.35 -11.66 -27.26
C HIS A 523 -23.71 -12.71 -28.17
N ALA A 524 -22.79 -12.24 -29.02
CA ALA A 524 -22.18 -12.97 -30.11
C ALA A 524 -21.03 -12.12 -30.64
N PRO A 525 -20.09 -12.68 -31.42
CA PRO A 525 -19.13 -11.81 -32.12
C PRO A 525 -19.84 -10.91 -33.13
N ALA A 526 -19.53 -9.61 -33.05
CA ALA A 526 -20.03 -8.65 -34.01
C ALA A 526 -19.41 -8.95 -35.37
N THR A 527 -20.23 -9.45 -36.29
CA THR A 527 -19.70 -10.25 -37.39
C THR A 527 -19.02 -9.40 -38.45
N VAL A 528 -19.75 -8.55 -39.15
CA VAL A 528 -19.27 -7.91 -40.37
C VAL A 528 -18.75 -6.52 -40.00
N CYS A 529 -17.42 -6.41 -39.94
CA CYS A 529 -16.75 -5.32 -39.26
C CYS A 529 -15.44 -5.02 -39.99
N GLY A 530 -15.23 -3.76 -40.35
CA GLY A 530 -14.00 -3.36 -41.07
C GLY A 530 -13.93 -1.86 -41.32
N PRO A 531 -14.97 -1.24 -41.92
CA PRO A 531 -14.95 0.21 -42.19
C PRO A 531 -14.97 1.02 -40.89
N LYS A 532 -13.79 1.34 -40.36
CA LYS A 532 -13.67 2.13 -39.10
C LYS A 532 -12.25 2.67 -38.96
N LYS A 533 -11.28 2.03 -39.64
CA LYS A 533 -9.86 2.46 -39.55
C LYS A 533 -9.28 2.59 -40.97
N SER A 534 -8.25 1.81 -41.28
CA SER A 534 -7.57 1.82 -42.61
C SER A 534 -7.14 3.25 -42.98
N THR A 535 -6.15 3.78 -42.26
CA THR A 535 -5.65 5.12 -42.52
C THR A 535 -4.38 5.00 -43.36
N ASN A 536 -4.10 6.03 -44.16
CA ASN A 536 -2.87 6.07 -44.93
C ASN A 536 -1.67 6.23 -43.99
N LEU A 537 -0.48 6.06 -44.55
CA LEU A 537 0.75 6.08 -43.76
C LEU A 537 1.41 7.45 -43.90
N VAL A 538 1.68 8.09 -42.76
CA VAL A 538 2.42 9.35 -42.72
C VAL A 538 3.66 9.14 -41.87
N LYS A 539 4.77 9.71 -42.31
CA LYS A 539 6.08 9.50 -41.70
C LYS A 539 6.70 10.84 -41.35
N ASN A 540 7.78 10.77 -40.56
CA ASN A 540 8.58 11.92 -40.12
C ASN A 540 7.74 12.94 -39.36
N LYS A 541 6.81 12.43 -38.53
CA LYS A 541 5.90 13.26 -37.76
C LYS A 541 5.36 12.44 -36.61
N CYS A 542 5.36 13.02 -35.41
CA CYS A 542 4.81 12.36 -34.23
C CYS A 542 3.32 12.10 -34.39
N VAL A 543 2.95 10.81 -34.40
CA VAL A 543 1.57 10.39 -34.52
C VAL A 543 1.25 9.47 -33.36
N ASN A 544 -0.01 9.04 -33.29
CA ASN A 544 -0.46 8.09 -32.28
C ASN A 544 -0.89 6.84 -33.05
N PHE A 545 0.08 5.98 -33.34
CA PHE A 545 -0.18 4.83 -34.18
C PHE A 545 -0.91 3.73 -33.41
N ASN A 546 -1.61 2.87 -34.16
CA ASN A 546 -2.16 1.62 -33.62
C ASN A 546 -2.07 0.58 -34.74
N PHE A 547 -0.98 -0.19 -34.74
CA PHE A 547 -0.72 -1.21 -35.75
C PHE A 547 -1.13 -2.58 -35.20
N ASN A 548 -2.20 -3.15 -35.77
CA ASN A 548 -2.73 -4.48 -35.48
C ASN A 548 -2.93 -4.70 -33.97
N GLY A 549 -3.57 -3.73 -33.34
CA GLY A 549 -3.92 -3.85 -31.95
C GLY A 549 -2.81 -3.61 -30.95
N LEU A 550 -1.80 -2.81 -31.28
CA LEU A 550 -0.80 -2.39 -30.29
C LEU A 550 -0.81 -0.88 -30.17
N THR A 551 -0.78 -0.39 -28.93
CA THR A 551 -0.80 1.04 -28.68
C THR A 551 0.62 1.60 -28.74
N GLY A 552 0.74 2.92 -28.58
CA GLY A 552 2.04 3.54 -28.63
C GLY A 552 2.08 4.80 -29.48
N THR A 553 2.84 5.79 -29.06
CA THR A 553 3.04 7.01 -29.82
C THR A 553 4.50 7.12 -30.22
N GLY A 554 4.75 7.82 -31.32
CA GLY A 554 6.10 8.00 -31.81
C GLY A 554 6.06 8.44 -33.26
N VAL A 555 7.26 8.61 -33.82
CA VAL A 555 7.44 9.01 -35.20
C VAL A 555 7.98 7.84 -36.00
N LEU A 556 7.33 7.53 -37.11
CA LEU A 556 7.63 6.36 -37.91
C LEU A 556 8.65 6.73 -38.99
N THR A 557 9.71 5.92 -39.09
CA THR A 557 10.78 6.14 -40.05
C THR A 557 10.95 4.89 -40.90
N GLU A 558 11.28 5.10 -42.18
CA GLU A 558 11.63 3.98 -43.05
C GLU A 558 12.94 3.36 -42.58
N SER A 559 12.99 2.03 -42.61
CA SER A 559 14.14 1.28 -42.14
C SER A 559 14.70 0.40 -43.24
N ASN A 560 15.81 -0.26 -42.91
CA ASN A 560 16.47 -1.20 -43.82
C ASN A 560 16.68 -2.58 -43.23
N LYS A 561 16.52 -2.75 -41.92
CA LYS A 561 16.76 -4.05 -41.29
C LYS A 561 15.68 -5.04 -41.69
N LYS A 562 16.07 -6.31 -41.77
CA LYS A 562 15.23 -7.36 -42.34
C LYS A 562 14.57 -8.17 -41.24
N PHE A 563 13.32 -8.52 -41.46
CA PHE A 563 12.57 -9.36 -40.54
C PHE A 563 12.63 -10.81 -41.00
N LEU A 564 12.01 -11.68 -40.23
CA LEU A 564 11.64 -13.03 -40.62
C LEU A 564 10.15 -13.03 -40.97
N PRO A 565 9.69 -13.93 -41.85
CA PRO A 565 8.29 -13.85 -42.32
C PRO A 565 7.24 -13.99 -41.25
N PHE A 566 7.54 -14.67 -40.14
CA PHE A 566 6.56 -14.81 -39.08
C PHE A 566 6.64 -13.69 -38.04
N GLN A 567 7.66 -12.85 -38.06
CA GLN A 567 7.88 -11.86 -37.01
C GLN A 567 7.18 -10.55 -37.36
N GLN A 568 6.49 -9.97 -36.37
CA GLN A 568 5.74 -8.73 -36.52
C GLN A 568 6.26 -7.58 -35.67
N PHE A 569 6.61 -7.84 -34.42
CA PHE A 569 7.02 -6.79 -33.50
C PHE A 569 8.50 -6.50 -33.71
N GLY A 570 9.02 -5.54 -32.95
CA GLY A 570 10.44 -5.32 -32.94
C GLY A 570 10.90 -4.72 -31.62
N ARG A 571 11.87 -5.34 -30.97
CA ARG A 571 12.31 -4.89 -29.66
C ARG A 571 13.81 -4.83 -29.56
N ASP A 572 14.29 -4.03 -28.61
CA ASP A 572 15.69 -3.89 -28.24
C ASP A 572 15.90 -4.40 -26.83
N ILE A 573 17.14 -4.23 -26.36
CA ILE A 573 17.63 -4.61 -25.02
C ILE A 573 16.75 -4.06 -23.90
N ALA A 574 16.20 -2.86 -24.09
CA ALA A 574 15.36 -2.21 -23.09
C ALA A 574 13.93 -2.72 -23.07
N ASP A 575 13.59 -3.71 -23.91
CA ASP A 575 12.29 -4.38 -23.96
C ASP A 575 11.16 -3.39 -24.30
N THR A 576 11.43 -2.54 -25.27
CA THR A 576 10.45 -1.58 -25.77
C THR A 576 10.26 -1.81 -27.26
N THR A 577 9.08 -1.47 -27.77
CA THR A 577 8.79 -1.61 -29.19
C THR A 577 9.64 -0.64 -30.00
N ASP A 578 10.34 -1.18 -31.00
CA ASP A 578 11.25 -0.39 -31.82
C ASP A 578 10.94 -0.49 -33.31
N ALA A 579 10.10 -1.43 -33.72
CA ALA A 579 9.81 -1.66 -35.14
C ALA A 579 8.54 -2.49 -35.23
N VAL A 580 7.78 -2.23 -36.28
CA VAL A 580 6.62 -3.03 -36.64
C VAL A 580 6.35 -2.76 -38.12
N ARG A 581 6.02 -3.81 -38.86
CA ARG A 581 5.59 -3.61 -40.23
C ARG A 581 4.08 -3.43 -40.24
N ASP A 582 3.60 -2.53 -41.09
CA ASP A 582 2.17 -2.33 -41.25
C ASP A 582 1.53 -3.58 -41.85
N PRO A 583 0.29 -3.89 -41.49
CA PRO A 583 -0.33 -5.13 -42.00
C PRO A 583 -0.69 -5.12 -43.49
N GLN A 584 -0.63 -3.98 -44.19
CA GLN A 584 -1.09 -3.94 -45.58
C GLN A 584 0.01 -4.20 -46.60
N THR A 585 1.15 -3.53 -46.51
CA THR A 585 2.31 -3.87 -47.31
C THR A 585 3.36 -4.45 -46.38
N LEU A 586 4.51 -4.81 -46.91
CA LEU A 586 5.48 -5.53 -46.10
C LEU A 586 6.78 -4.73 -45.94
N GLU A 587 6.69 -3.41 -45.86
CA GLU A 587 7.84 -2.59 -45.54
C GLU A 587 7.95 -2.45 -44.03
N ILE A 588 9.17 -2.51 -43.52
CA ILE A 588 9.43 -2.54 -42.09
C ILE A 588 9.85 -1.15 -41.66
N LEU A 589 9.08 -0.55 -40.75
CA LEU A 589 9.26 0.83 -40.37
C LEU A 589 9.46 0.93 -38.86
N ASP A 590 10.46 1.73 -38.47
CA ASP A 590 10.86 1.81 -37.08
C ASP A 590 9.86 2.63 -36.25
N ILE A 591 10.14 2.68 -34.96
CA ILE A 591 9.40 3.50 -34.00
C ILE A 591 10.47 4.13 -33.12
N THR A 592 10.63 5.44 -33.25
CA THR A 592 11.52 6.17 -32.37
C THR A 592 10.69 7.20 -31.60
N PRO A 593 10.97 7.41 -30.31
CA PRO A 593 10.06 8.21 -29.49
C PRO A 593 10.07 9.68 -29.87
N CYS A 594 9.01 10.37 -29.44
CA CYS A 594 8.84 11.77 -29.77
C CYS A 594 9.90 12.62 -29.08
N SER A 595 10.22 13.75 -29.70
CA SER A 595 11.27 14.63 -29.22
C SER A 595 10.84 15.27 -27.91
N PHE A 596 11.46 14.85 -26.82
CA PHE A 596 11.24 15.45 -25.51
C PHE A 596 12.56 15.97 -24.99
N GLY A 597 12.54 16.53 -23.79
CA GLY A 597 13.74 17.01 -23.16
C GLY A 597 13.43 18.08 -22.15
N GLY A 598 14.50 18.58 -21.54
CA GLY A 598 14.36 19.71 -20.65
C GLY A 598 14.31 21.02 -21.39
N VAL A 599 13.97 22.08 -20.67
CA VAL A 599 14.06 23.43 -21.19
C VAL A 599 14.61 24.33 -20.09
N SER A 600 15.79 24.90 -20.32
CA SER A 600 16.48 25.71 -19.35
C SER A 600 16.47 27.17 -19.79
N VAL A 601 16.52 28.07 -18.81
CA VAL A 601 16.52 29.50 -19.07
C VAL A 601 17.87 30.06 -18.65
N ILE A 602 18.57 30.67 -19.62
CA ILE A 602 19.84 31.32 -19.37
C ILE A 602 19.56 32.79 -19.13
N THR A 603 19.94 33.29 -17.97
CA THR A 603 19.66 34.67 -17.63
C THR A 603 20.87 35.31 -16.95
N PRO A 604 21.04 36.62 -17.10
CA PRO A 604 21.83 37.39 -16.16
C PRO A 604 20.99 37.67 -14.92
N GLY A 605 21.54 38.47 -14.02
CA GLY A 605 20.79 38.91 -12.87
C GLY A 605 19.64 39.82 -13.27
N THR A 606 18.56 39.79 -12.49
CA THR A 606 17.46 40.70 -12.72
C THR A 606 17.85 42.13 -12.37
N ASN A 607 18.85 42.31 -11.51
CA ASN A 607 19.48 43.60 -11.28
C ASN A 607 20.33 44.06 -12.47
N THR A 608 20.66 43.15 -13.39
CA THR A 608 21.51 43.46 -14.54
C THR A 608 20.71 43.62 -15.83
N SER A 609 19.85 42.66 -16.14
CA SER A 609 19.13 42.68 -17.41
C SER A 609 17.76 42.04 -17.22
N ASN A 610 16.99 42.04 -18.31
CA ASN A 610 15.65 41.47 -18.32
C ASN A 610 15.43 40.42 -19.40
N GLN A 611 16.19 40.46 -20.49
CA GLN A 611 16.03 39.51 -21.57
C GLN A 611 16.82 38.23 -21.27
N VAL A 612 16.28 37.09 -21.74
CA VAL A 612 16.79 35.78 -21.38
C VAL A 612 17.00 34.94 -22.64
N ALA A 613 17.83 33.93 -22.51
CA ALA A 613 17.95 32.88 -23.52
C ALA A 613 17.22 31.64 -23.03
N VAL A 614 16.80 30.82 -23.97
CA VAL A 614 16.00 29.62 -23.67
C VAL A 614 16.71 28.45 -24.32
N LEU A 615 17.34 27.60 -23.51
CA LEU A 615 17.92 26.38 -24.05
C LEU A 615 16.86 25.30 -24.09
N TYR A 616 16.93 24.44 -25.10
CA TYR A 616 16.09 23.27 -25.19
C TYR A 616 17.00 22.06 -25.21
N GLN A 617 16.99 21.27 -24.15
CA GLN A 617 18.03 20.26 -23.94
C GLN A 617 17.78 19.03 -24.81
N GLY A 618 18.81 18.64 -25.56
CA GLY A 618 18.83 17.38 -26.27
C GLY A 618 18.10 17.33 -27.59
N VAL A 619 17.15 18.21 -27.85
CA VAL A 619 16.33 18.14 -29.05
C VAL A 619 16.97 18.97 -30.16
N ASN A 620 17.08 18.41 -31.37
CA ASN A 620 17.45 19.28 -32.47
C ASN A 620 16.28 20.17 -32.81
N CYS A 621 16.58 21.41 -33.20
CA CYS A 621 15.51 22.39 -33.11
C CYS A 621 14.94 22.83 -34.46
N THR A 622 14.63 21.77 -35.20
CA THR A 622 13.78 21.80 -36.41
C THR A 622 12.40 21.58 -35.77
N GLU A 623 12.40 21.04 -34.53
CA GLU A 623 11.18 20.89 -33.75
C GLU A 623 10.72 22.22 -33.19
N VAL A 624 11.59 22.88 -32.42
CA VAL A 624 11.36 24.26 -31.99
C VAL A 624 12.58 25.10 -32.31
N SER A 644 13.97 36.32 -31.29
CA SER A 644 14.50 34.98 -31.11
C SER A 644 15.39 34.57 -32.28
N ASN A 645 16.56 34.01 -31.96
CA ASN A 645 17.57 33.66 -32.95
C ASN A 645 17.93 32.19 -32.78
N VAL A 646 17.58 31.38 -33.78
CA VAL A 646 17.85 29.95 -33.76
C VAL A 646 19.36 29.68 -33.74
N PHE A 647 19.76 28.72 -32.91
CA PHE A 647 21.15 28.29 -32.81
C PHE A 647 21.16 26.85 -32.34
N GLN A 648 21.91 26.00 -33.03
CA GLN A 648 21.98 24.58 -32.72
C GLN A 648 23.33 24.26 -32.07
N THR A 649 23.28 23.48 -30.99
CA THR A 649 24.47 23.03 -30.27
C THR A 649 24.34 21.54 -30.01
N ARG A 650 25.40 20.96 -29.46
CA ARG A 650 25.32 19.57 -29.00
C ARG A 650 24.40 19.42 -27.80
N ALA A 651 24.29 20.47 -26.97
CA ALA A 651 23.36 20.44 -25.86
C ALA A 651 21.91 20.47 -26.35
N GLY A 652 21.66 21.17 -27.45
CA GLY A 652 20.34 21.32 -28.01
C GLY A 652 20.16 22.71 -28.54
N CYS A 653 18.91 23.07 -28.81
CA CYS A 653 18.68 24.38 -29.38
C CYS A 653 18.86 25.44 -28.32
N LEU A 654 19.35 26.59 -28.75
CA LEU A 654 19.57 27.71 -27.85
C LEU A 654 18.99 28.94 -28.54
N ILE A 655 17.70 29.18 -28.35
CA ILE A 655 17.06 30.33 -28.95
C ILE A 655 17.23 31.56 -28.07
N GLY A 656 17.06 32.72 -28.67
CA GLY A 656 17.09 33.97 -27.94
C GLY A 656 18.46 34.58 -27.72
N ALA A 657 19.54 33.87 -28.04
CA ALA A 657 20.90 34.40 -27.91
C ALA A 657 21.61 34.25 -29.24
N GLU A 658 22.75 34.92 -29.37
CA GLU A 658 23.41 35.13 -30.64
C GLU A 658 24.76 34.41 -30.63
N HIS A 659 25.05 33.66 -31.69
CA HIS A 659 26.35 33.02 -31.81
C HIS A 659 27.44 34.05 -32.07
N VAL A 660 28.59 33.86 -31.42
CA VAL A 660 29.76 34.71 -31.59
C VAL A 660 30.96 33.82 -31.89
N ASN A 661 31.67 34.14 -32.97
CA ASN A 661 32.82 33.35 -33.41
C ASN A 661 34.05 33.53 -32.52
N ASN A 662 34.05 34.51 -31.62
CA ASN A 662 35.18 34.74 -30.72
C ASN A 662 35.08 33.80 -29.53
N SER A 663 36.01 33.93 -28.58
CA SER A 663 36.08 33.02 -27.44
C SER A 663 36.58 33.75 -26.22
N TYR A 664 35.81 33.69 -25.13
CA TYR A 664 36.11 34.38 -23.89
C TYR A 664 36.11 33.38 -22.73
N GLU A 665 36.68 33.80 -21.61
CA GLU A 665 36.53 33.05 -20.36
C GLU A 665 35.07 33.11 -19.91
N CYS A 666 34.42 31.96 -19.81
CA CYS A 666 32.98 31.96 -19.84
C CYS A 666 32.38 32.12 -18.44
N ASP A 667 31.09 32.47 -18.42
CA ASP A 667 30.38 32.87 -17.21
C ASP A 667 29.20 31.97 -16.88
N ILE A 668 28.35 31.66 -17.84
CA ILE A 668 27.15 30.86 -17.62
C ILE A 668 27.30 29.55 -18.37
N PRO A 669 27.50 28.43 -17.66
CA PRO A 669 27.60 27.11 -18.29
C PRO A 669 26.43 26.69 -19.16
N ILE A 670 26.67 26.55 -20.46
CA ILE A 670 25.68 25.99 -21.37
C ILE A 670 25.82 24.46 -21.38
N GLY A 671 26.97 23.98 -21.77
CA GLY A 671 27.22 22.55 -21.90
C GLY A 671 27.86 22.27 -23.25
N ALA A 672 28.66 21.20 -23.28
CA ALA A 672 29.32 20.68 -24.49
C ALA A 672 30.22 21.71 -25.16
N GLY A 673 30.96 22.46 -24.34
CA GLY A 673 31.97 23.36 -24.86
C GLY A 673 31.44 24.69 -25.32
N ILE A 674 30.23 25.05 -24.92
CA ILE A 674 29.62 26.33 -25.21
C ILE A 674 29.35 26.98 -23.86
N CYS A 675 29.51 28.29 -23.80
CA CYS A 675 29.10 29.06 -22.63
C CYS A 675 28.38 30.32 -23.08
N ALA A 676 27.54 30.84 -22.19
CA ALA A 676 26.81 32.06 -22.44
C ALA A 676 27.31 33.18 -21.54
N SER A 677 27.15 34.42 -22.01
CA SER A 677 27.50 35.58 -21.21
C SER A 677 26.57 36.73 -21.60
N TYR A 678 26.86 37.93 -21.09
CA TYR A 678 26.00 39.08 -21.34
C TYR A 678 26.87 40.30 -21.62
N GLN A 679 27.02 40.62 -22.90
CA GLN A 679 27.79 41.78 -23.37
C GLN A 679 27.47 42.02 -24.84
N THR A 680 27.93 43.15 -25.35
CA THR A 680 27.68 43.54 -26.74
C THR A 680 28.35 42.60 -27.75
N SER A 693 22.26 47.39 -27.87
CA SER A 693 23.34 47.52 -26.90
C SER A 693 23.88 46.15 -26.50
N GLN A 694 24.03 45.93 -25.19
CA GLN A 694 24.51 44.64 -24.70
C GLN A 694 23.42 43.58 -24.83
N SER A 695 23.81 42.40 -25.28
CA SER A 695 22.90 41.28 -25.42
C SER A 695 23.51 40.02 -24.82
N ILE A 696 22.90 38.87 -25.09
CA ILE A 696 23.39 37.59 -24.61
C ILE A 696 24.06 36.85 -25.77
N ILE A 697 25.30 36.42 -25.57
CA ILE A 697 26.11 35.80 -26.61
C ILE A 697 26.42 34.37 -26.22
N ALA A 698 26.54 33.50 -27.22
CA ALA A 698 26.81 32.07 -27.01
C ALA A 698 28.08 31.71 -27.76
N TYR A 699 29.16 31.46 -27.03
CA TYR A 699 30.48 31.26 -27.61
C TYR A 699 31.15 30.03 -27.04
N THR A 700 32.16 29.54 -27.77
CA THR A 700 33.01 28.46 -27.27
C THR A 700 33.96 28.99 -26.20
N MET A 701 34.05 28.28 -25.08
CA MET A 701 34.82 28.72 -23.93
C MET A 701 36.31 28.65 -24.22
N SER A 702 37.06 29.65 -23.74
CA SER A 702 38.40 29.95 -24.27
C SER A 702 39.55 29.19 -23.59
N LEU A 703 39.33 28.60 -22.41
CA LEU A 703 40.27 27.80 -21.63
C LEU A 703 41.48 28.57 -21.11
N GLY A 704 41.53 29.88 -21.26
CA GLY A 704 42.68 30.66 -20.82
C GLY A 704 43.54 31.12 -21.98
N ALA A 705 44.49 31.98 -21.65
CA ALA A 705 45.36 32.58 -22.65
C ALA A 705 46.30 31.56 -23.29
N GLU A 706 46.48 31.68 -24.61
CA GLU A 706 47.27 30.72 -25.39
C GLU A 706 48.76 31.08 -25.32
N ASN A 707 49.34 30.86 -24.15
CA ASN A 707 50.75 31.17 -23.91
C ASN A 707 51.65 30.19 -24.65
N SER A 708 52.82 30.68 -25.11
CA SER A 708 53.85 29.85 -25.70
C SER A 708 55.13 30.04 -24.90
N VAL A 709 55.61 28.96 -24.28
CA VAL A 709 56.80 29.03 -23.45
C VAL A 709 58.03 28.93 -24.34
N ALA A 710 58.99 29.85 -24.14
CA ALA A 710 60.19 29.92 -24.97
C ALA A 710 61.28 29.02 -24.39
N TYR A 711 61.02 27.71 -24.46
CA TYR A 711 61.92 26.72 -23.87
C TYR A 711 63.15 26.55 -24.75
N SER A 712 64.32 26.58 -24.12
CA SER A 712 65.60 26.39 -24.80
C SER A 712 66.43 25.38 -24.01
N ASN A 713 67.57 25.00 -24.58
CA ASN A 713 68.52 24.19 -23.81
C ASN A 713 69.21 25.01 -22.74
N ASN A 714 69.19 26.34 -22.87
CA ASN A 714 69.60 27.22 -21.77
C ASN A 714 68.54 28.30 -21.53
N SER A 715 67.69 28.08 -20.52
CA SER A 715 66.59 28.95 -20.11
C SER A 715 66.17 28.53 -18.71
N ILE A 716 65.89 29.52 -17.86
CA ILE A 716 65.16 29.19 -16.62
C ILE A 716 64.32 30.42 -16.33
N ALA A 717 63.32 30.32 -15.46
CA ALA A 717 62.51 31.48 -15.10
C ALA A 717 61.97 31.37 -13.69
N ILE A 718 62.04 32.49 -12.98
CA ILE A 718 61.35 32.74 -11.71
C ILE A 718 60.79 34.15 -11.87
N PRO A 719 59.58 34.45 -11.40
CA PRO A 719 59.05 35.79 -11.59
C PRO A 719 59.76 36.85 -10.73
N THR A 720 59.76 38.10 -11.24
CA THR A 720 60.63 39.15 -10.71
C THR A 720 60.32 39.49 -9.26
N ASN A 721 59.17 40.10 -9.04
CA ASN A 721 58.73 40.52 -7.73
C ASN A 721 57.86 39.41 -7.15
N PHE A 722 57.35 39.65 -5.96
CA PHE A 722 56.40 38.72 -5.36
C PHE A 722 55.29 39.48 -4.66
N THR A 723 54.12 38.86 -4.64
CA THR A 723 53.02 39.28 -3.80
C THR A 723 52.88 38.25 -2.71
N ILE A 724 52.87 38.71 -1.45
CA ILE A 724 52.63 37.80 -0.33
C ILE A 724 51.12 37.62 -0.28
N SER A 725 50.64 36.71 -1.13
CA SER A 725 49.21 36.53 -1.34
C SER A 725 48.55 35.92 -0.12
N VAL A 726 47.58 36.62 0.46
CA VAL A 726 46.83 36.03 1.55
C VAL A 726 45.57 35.43 0.93
N THR A 727 45.69 34.16 0.51
CA THR A 727 44.57 33.43 -0.05
C THR A 727 43.56 33.11 1.05
N THR A 728 42.29 33.11 0.69
CA THR A 728 41.21 32.85 1.64
C THR A 728 40.50 31.57 1.20
N GLU A 729 40.65 30.51 1.99
CA GLU A 729 40.01 29.24 1.73
C GLU A 729 38.93 28.96 2.78
N ILE A 730 37.73 28.61 2.32
CA ILE A 730 36.57 28.52 3.20
C ILE A 730 36.06 27.09 3.26
N LEU A 731 36.33 26.39 4.36
CA LEU A 731 35.86 25.01 4.43
C LEU A 731 34.69 24.87 5.40
N PRO A 732 33.71 24.01 5.09
CA PRO A 732 32.69 23.66 6.10
C PRO A 732 33.24 22.70 7.15
N VAL A 733 32.63 22.72 8.32
CA VAL A 733 33.08 21.88 9.43
C VAL A 733 31.93 21.06 9.99
N SER A 734 30.81 21.71 10.31
CA SER A 734 29.71 21.06 10.99
C SER A 734 28.39 21.41 10.31
N MET A 735 27.31 20.89 10.90
CA MET A 735 25.95 21.08 10.39
C MET A 735 25.04 21.48 11.55
N THR A 736 23.76 21.63 11.23
CA THR A 736 22.76 21.99 12.22
C THR A 736 22.17 20.70 12.77
N LYS A 737 22.54 20.37 14.00
CA LYS A 737 22.07 19.20 14.73
C LYS A 737 20.55 19.17 14.84
N THR A 738 19.96 18.03 14.48
CA THR A 738 18.51 17.91 14.38
C THR A 738 18.07 16.54 14.88
N SER A 739 17.04 16.51 15.71
CA SER A 739 16.42 15.27 16.15
C SER A 739 14.94 15.30 15.84
N VAL A 740 14.36 14.12 15.60
CA VAL A 740 12.98 13.95 15.18
C VAL A 740 12.26 13.05 16.18
N ASP A 741 11.08 13.49 16.61
CA ASP A 741 10.16 12.67 17.41
C ASP A 741 9.03 12.20 16.49
N CYS A 742 8.98 10.89 16.25
CA CYS A 742 8.01 10.33 15.32
C CYS A 742 6.57 10.44 15.80
N THR A 743 6.35 10.31 17.11
CA THR A 743 5.00 10.28 17.64
C THR A 743 4.32 11.66 17.54
N MET A 744 5.10 12.72 17.39
CA MET A 744 4.54 14.03 17.10
C MET A 744 4.57 14.38 15.62
N TYR A 745 5.58 13.94 14.89
CA TYR A 745 5.63 14.23 13.46
C TYR A 745 4.59 13.42 12.70
N ILE A 746 4.66 12.10 12.79
CA ILE A 746 3.79 11.24 12.00
C ILE A 746 2.36 11.28 12.51
N CYS A 747 2.18 11.35 13.83
CA CYS A 747 0.85 11.22 14.43
C CYS A 747 0.26 12.56 14.87
N GLY A 748 0.97 13.30 15.71
CA GLY A 748 0.41 14.55 16.21
C GLY A 748 -0.69 14.35 17.23
N ASP A 749 -0.30 13.87 18.43
CA ASP A 749 -1.17 13.54 19.59
C ASP A 749 -2.44 12.77 19.20
N SER A 750 -2.30 11.80 18.30
CA SER A 750 -3.37 10.87 17.96
C SER A 750 -3.01 9.49 18.50
N THR A 751 -3.87 8.96 19.38
CA THR A 751 -3.59 7.67 19.99
C THR A 751 -3.80 6.51 19.01
N GLU A 752 -4.78 6.65 18.10
CA GLU A 752 -5.05 5.61 17.12
C GLU A 752 -3.93 5.54 16.08
N CYS A 753 -3.29 6.68 15.78
CA CYS A 753 -2.10 6.66 14.93
C CYS A 753 -0.94 5.97 15.63
N SER A 754 -0.78 6.23 16.93
CA SER A 754 0.33 5.64 17.68
C SER A 754 0.16 4.14 17.83
N ASN A 755 -1.10 3.67 17.88
CA ASN A 755 -1.35 2.23 17.97
C ASN A 755 -0.93 1.52 16.69
N LEU A 756 -1.26 2.10 15.53
CA LEU A 756 -0.83 1.50 14.28
C LEU A 756 0.64 1.76 14.00
N LEU A 757 1.21 2.82 14.57
CA LEU A 757 2.65 3.02 14.46
C LEU A 757 3.41 1.98 15.27
N LEU A 758 2.81 1.50 16.36
CA LEU A 758 3.36 0.36 17.08
C LEU A 758 3.28 -0.92 16.24
N GLN A 759 2.28 -1.03 15.36
CA GLN A 759 2.17 -2.16 14.47
C GLN A 759 3.22 -2.17 13.35
N TYR A 760 3.97 -1.09 13.18
CA TYR A 760 5.05 -1.05 12.20
C TYR A 760 6.40 -1.37 12.85
N GLY A 761 6.37 -1.84 14.09
CA GLY A 761 7.58 -2.31 14.74
C GLY A 761 8.49 -1.19 15.18
N SER A 762 9.77 -1.31 14.83
CA SER A 762 10.80 -0.40 15.30
C SER A 762 11.50 0.19 14.09
N PHE A 763 10.90 1.25 13.54
CA PHE A 763 11.56 2.12 12.58
C PHE A 763 12.08 3.38 13.23
N CYS A 764 11.35 3.93 14.19
CA CYS A 764 11.72 5.20 14.80
C CYS A 764 12.74 5.05 15.91
N THR A 765 12.99 3.83 16.38
CA THR A 765 14.20 3.59 17.16
C THR A 765 15.43 3.68 16.27
N GLN A 766 15.30 3.20 15.03
CA GLN A 766 16.39 3.31 14.07
C GLN A 766 16.61 4.75 13.63
N LEU A 767 15.51 5.48 13.43
CA LEU A 767 15.61 6.85 12.94
C LEU A 767 16.22 7.77 13.97
N ASN A 768 15.85 7.58 15.24
CA ASN A 768 16.44 8.38 16.32
C ASN A 768 17.89 8.00 16.56
N ARG A 769 18.24 6.73 16.33
CA ARG A 769 19.64 6.32 16.49
C ARG A 769 20.51 6.87 15.38
N ALA A 770 19.98 6.92 14.15
CA ALA A 770 20.75 7.47 13.03
C ALA A 770 20.96 8.97 13.18
N LEU A 771 19.96 9.68 13.69
CA LEU A 771 20.09 11.13 13.84
C LEU A 771 20.92 11.51 15.06
N THR A 772 20.93 10.66 16.10
CA THR A 772 21.81 10.91 17.22
C THR A 772 23.27 10.65 16.86
N GLY A 773 23.50 9.65 16.00
CA GLY A 773 24.85 9.39 15.53
C GLY A 773 25.40 10.51 14.67
N ILE A 774 24.52 11.20 13.94
CA ILE A 774 24.93 12.39 13.20
C ILE A 774 25.27 13.53 14.17
N ALA A 775 24.45 13.70 15.21
CA ALA A 775 24.62 14.82 16.12
C ALA A 775 25.90 14.71 16.95
N VAL A 776 26.26 13.50 17.35
CA VAL A 776 27.54 13.31 18.05
C VAL A 776 28.71 13.42 17.09
N GLU A 777 28.47 13.22 15.79
CA GLU A 777 29.53 13.29 14.80
C GLU A 777 29.99 14.73 14.57
N GLN A 778 29.06 15.69 14.57
CA GLN A 778 29.46 17.08 14.42
C GLN A 778 30.12 17.63 15.67
N ASP A 779 29.90 16.99 16.81
CA ASP A 779 30.65 17.37 18.01
C ASP A 779 32.12 16.94 17.89
N LYS A 780 32.37 15.80 17.24
CA LYS A 780 33.76 15.40 16.98
C LYS A 780 34.39 16.27 15.90
N ASN A 781 33.58 16.74 14.94
CA ASN A 781 34.10 17.54 13.84
C ASN A 781 34.63 18.88 14.33
N THR A 782 33.86 19.56 15.19
CA THR A 782 34.31 20.83 15.75
C THR A 782 35.49 20.63 16.70
N GLN A 783 35.51 19.51 17.42
CA GLN A 783 36.57 19.25 18.38
C GLN A 783 37.80 18.59 17.77
N GLU A 784 37.80 18.25 16.48
CA GLU A 784 39.03 17.83 15.84
C GLU A 784 39.69 18.96 15.08
N VAL A 785 38.90 19.89 14.56
CA VAL A 785 39.46 21.01 13.80
C VAL A 785 40.05 22.05 14.74
N PHE A 786 39.26 22.48 15.72
CA PHE A 786 39.65 23.60 16.56
C PHE A 786 40.38 23.16 17.83
N ALA A 787 40.01 22.03 18.41
CA ALA A 787 40.70 21.56 19.60
C ALA A 787 41.93 20.74 19.27
N GLN A 788 42.81 21.30 18.45
CA GLN A 788 44.17 20.78 18.25
C GLN A 788 45.11 21.26 19.34
N VAL A 789 44.60 22.00 20.33
CA VAL A 789 45.39 22.70 21.32
C VAL A 789 44.89 22.31 22.71
N LYS A 790 45.83 22.17 23.65
CA LYS A 790 45.45 21.79 25.01
C LYS A 790 45.27 23.00 25.92
N GLN A 791 46.21 23.93 25.90
CA GLN A 791 46.13 25.12 26.75
C GLN A 791 45.82 26.35 25.89
N ILE A 792 44.95 27.21 26.41
CA ILE A 792 44.46 28.37 25.67
C ILE A 792 45.54 29.44 25.71
N TYR A 793 46.29 29.54 24.62
CA TYR A 793 47.35 30.54 24.50
C TYR A 793 46.75 31.92 24.37
N LYS A 794 47.14 32.82 25.25
CA LYS A 794 46.66 34.19 25.18
C LYS A 794 47.76 35.09 24.63
N THR A 795 47.36 36.02 23.80
CA THR A 795 48.27 37.05 23.33
C THR A 795 48.42 38.10 24.43
N PRO A 796 49.63 38.64 24.63
CA PRO A 796 49.81 39.67 25.65
C PRO A 796 49.10 40.95 25.26
N PRO A 797 48.75 41.81 26.23
CA PRO A 797 48.07 43.08 25.90
C PRO A 797 48.90 44.02 25.04
N ILE A 798 50.23 44.00 25.20
CA ILE A 798 51.10 44.63 24.22
C ILE A 798 51.27 43.67 23.04
N LYS A 799 51.03 44.17 21.83
CA LYS A 799 51.04 43.33 20.62
C LYS A 799 52.02 43.95 19.61
N ASP A 800 53.27 43.52 19.71
CA ASP A 800 54.33 43.91 18.77
C ASP A 800 54.58 42.81 17.73
N PHE A 801 53.56 42.53 16.93
CA PHE A 801 53.59 41.36 16.05
C PHE A 801 54.22 41.62 14.69
N GLY A 802 54.80 42.79 14.46
CA GLY A 802 55.42 43.06 13.17
C GLY A 802 54.54 43.71 12.12
N GLY A 803 53.27 44.00 12.41
CA GLY A 803 52.46 44.82 11.53
C GLY A 803 51.14 44.24 11.07
N PHE A 804 50.75 43.04 11.50
CA PHE A 804 49.51 42.44 11.02
C PHE A 804 48.34 43.04 11.77
N ASN A 805 47.45 43.72 11.03
CA ASN A 805 46.23 44.25 11.64
C ASN A 805 45.34 43.09 12.02
N PHE A 806 45.54 42.58 13.22
CA PHE A 806 44.63 41.61 13.77
C PHE A 806 43.62 42.24 14.71
N SER A 807 43.46 43.56 14.66
CA SER A 807 42.52 44.22 15.59
C SER A 807 41.08 43.80 15.31
N GLN A 808 40.75 43.59 14.03
CA GLN A 808 39.48 42.96 13.69
C GLN A 808 39.46 41.46 14.01
N ILE A 809 40.63 40.84 14.20
CA ILE A 809 40.77 39.39 14.16
C ILE A 809 41.16 38.82 15.53
N LEU A 810 42.06 39.48 16.24
CA LEU A 810 42.22 39.17 17.64
C LEU A 810 41.00 39.68 18.41
N PRO A 811 40.67 39.07 19.56
CA PRO A 811 39.44 39.47 20.28
C PRO A 811 39.51 40.90 20.78
N ASP A 812 38.40 41.61 20.61
CA ASP A 812 38.32 43.02 20.93
C ASP A 812 37.35 43.21 22.10
N PRO A 813 37.71 44.03 23.10
CA PRO A 813 36.80 44.27 24.23
C PRO A 813 35.70 45.27 23.93
N SER A 814 35.74 45.93 22.77
CA SER A 814 34.76 46.96 22.41
C SER A 814 33.44 46.38 21.89
N LYS A 815 33.19 45.08 22.07
CA LYS A 815 31.98 44.46 21.58
C LYS A 815 31.35 43.67 22.72
N PRO A 816 30.02 43.59 22.77
CA PRO A 816 29.35 42.77 23.80
C PRO A 816 29.74 41.30 23.77
N SER A 817 30.05 40.76 22.60
CA SER A 817 30.55 39.40 22.47
C SER A 817 32.06 39.43 22.24
N LYS A 818 32.77 38.46 22.83
CA LYS A 818 34.22 38.35 22.69
C LYS A 818 34.59 37.58 21.43
N ARG A 819 34.08 38.03 20.28
CA ARG A 819 34.35 37.44 18.97
C ARG A 819 35.16 38.43 18.15
N SER A 820 35.78 37.93 17.08
CA SER A 820 36.53 38.81 16.20
C SER A 820 35.57 39.57 15.29
N PHE A 821 36.02 40.73 14.80
CA PHE A 821 35.19 41.51 13.88
C PHE A 821 35.03 40.81 12.55
N ILE A 822 36.06 40.06 12.11
CA ILE A 822 35.91 39.09 11.02
C ILE A 822 34.75 38.14 11.30
N GLU A 823 34.65 37.66 12.55
CA GLU A 823 33.60 36.71 12.86
C GLU A 823 32.24 37.37 12.81
N ASP A 824 32.15 38.66 13.18
CA ASP A 824 30.93 39.41 12.89
C ASP A 824 30.70 39.56 11.39
N LEU A 825 31.75 39.78 10.60
CA LEU A 825 31.61 39.88 9.15
C LEU A 825 31.12 38.57 8.55
N LEU A 826 31.68 37.44 8.98
CA LEU A 826 31.24 36.18 8.42
C LEU A 826 29.90 35.74 8.99
N PHE A 827 29.51 36.25 10.16
CA PHE A 827 28.19 35.94 10.67
C PHE A 827 27.11 36.77 9.99
N ASN A 828 27.45 38.00 9.57
CA ASN A 828 26.49 38.84 8.87
C ASN A 828 26.19 38.31 7.48
N LYS A 829 27.23 37.92 6.74
CA LYS A 829 27.03 37.47 5.37
C LYS A 829 26.41 36.07 5.30
N VAL A 830 26.52 35.27 6.35
CA VAL A 830 25.90 33.96 6.37
C VAL A 830 24.52 34.04 7.01
N LYS A 858 10.37 22.46 11.13
CA LYS A 858 10.78 23.31 12.24
C LYS A 858 10.15 22.82 13.54
N PHE A 859 9.33 23.66 14.16
CA PHE A 859 8.69 23.32 15.44
C PHE A 859 7.40 22.54 15.21
N ASN A 860 7.53 21.38 14.56
CA ASN A 860 6.41 20.50 14.28
C ASN A 860 6.85 19.07 14.63
N GLY A 861 7.49 18.92 15.79
CA GLY A 861 8.04 17.64 16.18
C GLY A 861 9.53 17.50 15.97
N LEU A 862 10.19 18.50 15.40
CA LEU A 862 11.61 18.47 15.11
C LEU A 862 12.32 19.46 16.02
N THR A 863 13.43 19.03 16.61
CA THR A 863 14.16 19.84 17.59
C THR A 863 15.57 20.09 17.09
N VAL A 864 15.94 21.37 16.94
CA VAL A 864 17.29 21.76 16.58
C VAL A 864 18.13 21.78 17.85
N LEU A 865 19.03 20.82 17.97
CA LEU A 865 19.90 20.75 19.14
C LEU A 865 20.95 21.86 19.10
N PRO A 866 21.27 22.48 20.23
CA PRO A 866 22.31 23.50 20.23
C PRO A 866 23.68 22.87 20.05
N PRO A 867 24.63 23.62 19.50
CA PRO A 867 26.03 23.12 19.41
C PRO A 867 26.66 22.98 20.77
N LEU A 868 27.31 21.83 20.99
CA LEU A 868 27.92 21.49 22.27
C LEU A 868 29.00 22.48 22.65
N LEU A 869 29.81 22.88 21.69
CA LEU A 869 30.84 23.91 21.86
C LEU A 869 30.26 25.18 21.25
N THR A 870 29.92 26.16 22.09
CA THR A 870 29.12 27.27 21.62
C THR A 870 29.94 28.20 20.73
N ASP A 871 29.22 29.05 19.99
CA ASP A 871 29.81 29.85 18.91
C ASP A 871 30.79 30.88 19.45
N GLU A 872 30.57 31.35 20.67
CA GLU A 872 31.56 32.22 21.32
C GLU A 872 32.82 31.44 21.66
N MET A 873 32.68 30.17 22.04
CA MET A 873 33.81 29.35 22.45
C MET A 873 34.56 28.74 21.27
N ILE A 874 33.91 28.58 20.12
CA ILE A 874 34.63 28.13 18.93
C ILE A 874 35.54 29.25 18.42
N ALA A 875 35.14 30.51 18.61
CA ALA A 875 35.93 31.67 18.24
C ALA A 875 36.90 32.12 19.31
N GLN A 876 36.96 31.41 20.43
CA GLN A 876 37.99 31.60 21.43
C GLN A 876 39.03 30.48 21.41
N TYR A 877 38.66 29.31 20.90
CA TYR A 877 39.62 28.23 20.73
C TYR A 877 40.53 28.46 19.53
N THR A 878 40.20 29.42 18.65
CA THR A 878 41.08 29.77 17.55
C THR A 878 42.03 30.90 17.90
N SER A 879 41.85 31.54 19.06
CA SER A 879 42.79 32.61 19.40
C SER A 879 44.11 32.02 19.91
N ALA A 880 44.11 30.74 20.26
CA ALA A 880 45.32 29.97 20.43
C ALA A 880 45.77 29.30 19.14
N LEU A 881 44.92 29.38 18.10
CA LEU A 881 45.19 28.69 16.80
C LEU A 881 45.48 29.68 15.67
N LEU A 882 44.75 30.80 15.61
CA LEU A 882 44.99 31.82 14.54
C LEU A 882 46.14 32.83 14.62
N ALA A 883 46.14 33.70 15.63
CA ALA A 883 47.34 34.36 16.09
C ALA A 883 47.98 33.58 17.22
N GLY A 884 47.59 32.30 17.33
CA GLY A 884 48.41 31.34 18.03
C GLY A 884 49.35 30.64 17.06
N THR A 885 49.41 31.13 15.83
CA THR A 885 50.60 30.87 15.03
C THR A 885 51.65 31.91 15.31
N ILE A 886 51.22 33.13 15.57
CA ILE A 886 52.12 34.20 15.92
C ILE A 886 52.63 34.05 17.33
N THR A 887 51.81 33.48 18.23
CA THR A 887 52.33 33.14 19.56
C THR A 887 52.78 31.67 19.66
N SER A 888 51.88 30.72 19.47
CA SER A 888 52.20 29.34 19.84
C SER A 888 52.92 28.59 18.71
N GLY A 889 52.53 28.83 17.45
CA GLY A 889 53.27 28.28 16.30
C GLY A 889 53.14 26.77 16.11
N TRP A 890 54.20 26.13 15.58
CA TRP A 890 54.12 24.69 15.31
C TRP A 890 54.51 23.84 16.51
N THR A 891 55.31 24.41 17.40
CA THR A 891 55.77 23.69 18.58
C THR A 891 54.67 23.49 19.61
N PHE A 892 53.52 24.16 19.45
CA PHE A 892 52.39 23.86 20.30
C PHE A 892 51.54 22.72 19.77
N GLY A 893 51.79 22.27 18.54
CA GLY A 893 51.30 20.98 18.14
C GLY A 893 52.15 19.85 18.64
N ALA A 894 53.29 20.19 19.24
CA ALA A 894 54.22 19.23 19.80
C ALA A 894 54.04 19.07 21.30
N GLY A 895 54.19 20.15 22.08
CA GLY A 895 54.12 20.06 23.53
C GLY A 895 53.01 20.89 24.13
N ALA A 896 53.19 21.25 25.41
CA ALA A 896 52.13 21.90 26.20
C ALA A 896 52.05 23.40 25.95
N ALA A 897 53.12 24.14 26.24
CA ALA A 897 53.09 25.61 26.22
C ALA A 897 54.41 26.14 25.66
N LEU A 898 54.48 26.30 24.35
CA LEU A 898 55.74 26.69 23.70
C LEU A 898 55.45 27.97 22.92
N GLN A 899 55.85 29.11 23.50
CA GLN A 899 55.71 30.40 22.84
C GLN A 899 56.72 30.58 21.70
N ILE A 900 56.36 31.44 20.74
CA ILE A 900 57.21 31.76 19.56
C ILE A 900 56.81 33.13 19.03
N PRO A 901 57.76 34.06 18.77
CA PRO A 901 57.43 35.40 18.26
C PRO A 901 56.77 35.38 16.88
N PHE A 902 55.93 36.40 16.59
CA PHE A 902 55.22 36.50 15.31
C PHE A 902 56.19 36.51 14.13
N ALA A 903 57.14 37.44 14.14
CA ALA A 903 57.99 37.67 12.97
C ALA A 903 58.91 36.49 12.71
N MET A 904 59.28 35.77 13.76
CA MET A 904 60.14 34.60 13.62
C MET A 904 59.38 33.43 12.99
N GLN A 905 58.12 33.25 13.41
CA GLN A 905 57.22 32.32 12.73
C GLN A 905 57.06 32.63 11.24
N MET A 906 57.04 33.92 10.87
CA MET A 906 57.13 34.28 9.45
C MET A 906 58.43 33.81 8.86
N ALA A 907 59.52 34.00 9.60
CA ALA A 907 60.87 33.82 9.11
C ALA A 907 61.21 32.35 8.91
N TYR A 908 61.02 31.53 9.96
CA TYR A 908 61.38 30.11 9.90
C TYR A 908 60.53 29.34 8.90
N ARG A 909 59.29 29.75 8.73
CA ARG A 909 58.45 29.18 7.68
C ARG A 909 58.91 29.63 6.30
N PHE A 910 59.68 30.70 6.20
CA PHE A 910 60.18 31.14 4.91
C PHE A 910 61.50 30.51 4.54
N ASN A 911 62.01 29.57 5.33
CA ASN A 911 63.23 28.84 5.01
C ASN A 911 62.97 27.39 4.62
N GLY A 912 61.89 26.80 5.10
CA GLY A 912 61.59 25.40 4.84
C GLY A 912 60.91 25.14 3.54
N ILE A 913 60.62 26.20 2.78
CA ILE A 913 60.15 26.09 1.42
C ILE A 913 61.20 26.59 0.44
N GLY A 914 62.46 26.56 0.86
CA GLY A 914 63.57 26.92 0.01
C GLY A 914 63.83 28.40 -0.14
N VAL A 915 62.95 29.25 0.35
CA VAL A 915 62.97 30.70 0.13
C VAL A 915 63.94 31.31 1.14
N THR A 916 64.30 32.57 0.96
CA THR A 916 65.07 33.29 1.97
C THR A 916 64.24 33.49 3.23
N GLN A 917 64.93 33.58 4.37
CA GLN A 917 64.24 33.78 5.63
C GLN A 917 63.92 35.26 5.88
N ASN A 918 64.71 36.17 5.30
CA ASN A 918 64.54 37.61 5.54
C ASN A 918 63.46 38.20 4.65
N VAL A 919 62.22 37.90 5.03
CA VAL A 919 61.05 38.46 4.38
C VAL A 919 60.19 39.00 5.52
N LEU A 920 60.74 38.97 6.72
CA LEU A 920 60.30 39.82 7.80
C LEU A 920 60.88 41.24 7.74
N TYR A 921 61.71 41.56 6.73
CA TYR A 921 62.39 42.85 6.61
C TYR A 921 62.05 43.56 5.30
N GLU A 922 61.32 44.69 5.41
CA GLU A 922 60.97 45.70 4.40
C GLU A 922 59.88 45.22 3.44
N ASN A 923 59.33 44.04 3.69
CA ASN A 923 58.17 43.51 2.99
C ASN A 923 57.05 43.08 3.92
N GLN A 924 57.22 43.26 5.25
CA GLN A 924 56.07 43.28 6.13
C GLN A 924 55.09 44.39 5.77
N LYS A 925 55.56 45.46 5.11
CA LYS A 925 54.68 46.48 4.57
C LYS A 925 54.00 46.01 3.28
N LEU A 926 54.66 45.13 2.52
CA LEU A 926 53.97 44.42 1.44
C LEU A 926 52.87 43.52 2.00
N ILE A 927 53.19 42.74 3.04
CA ILE A 927 52.24 41.81 3.61
C ILE A 927 51.03 42.52 4.19
N ALA A 928 51.27 43.48 5.10
CA ALA A 928 50.22 44.14 5.89
C ALA A 928 49.19 44.82 4.99
N ASN A 929 49.66 45.56 3.98
CA ASN A 929 48.78 46.16 2.99
C ASN A 929 47.98 45.08 2.24
N GLN A 930 48.67 44.05 1.72
CA GLN A 930 47.98 42.98 1.00
C GLN A 930 47.09 42.16 1.92
N PHE A 931 47.50 42.00 3.18
CA PHE A 931 46.63 41.37 4.17
C PHE A 931 45.40 42.25 4.45
N ASN A 932 45.59 43.57 4.45
CA ASN A 932 44.45 44.47 4.64
C ASN A 932 43.61 44.59 3.37
N SER A 933 44.23 44.49 2.20
CA SER A 933 43.46 44.52 0.96
C SER A 933 42.64 43.25 0.77
N ALA A 934 43.21 42.10 1.13
CA ALA A 934 42.52 40.82 0.91
C ALA A 934 41.40 40.61 1.92
N ILE A 935 41.57 41.13 3.14
CA ILE A 935 40.46 41.14 4.07
C ILE A 935 39.42 42.17 3.62
N GLY A 936 39.85 43.20 2.89
CA GLY A 936 38.91 44.15 2.32
C GLY A 936 38.13 43.55 1.17
N LYS A 937 38.79 42.71 0.36
CA LYS A 937 38.14 42.08 -0.77
C LYS A 937 37.06 41.08 -0.32
N ILE A 938 37.25 40.47 0.84
CA ILE A 938 36.18 39.71 1.49
C ILE A 938 35.04 40.64 1.88
N GLN A 939 35.38 41.81 2.43
CA GLN A 939 34.37 42.82 2.75
C GLN A 939 33.71 43.37 1.48
N ASP A 940 34.50 43.68 0.46
CA ASP A 940 33.92 44.08 -0.83
C ASP A 940 33.24 42.90 -1.49
N LEU A 949 31.42 33.45 0.37
CA LEU A 949 31.07 32.39 1.31
C LEU A 949 30.21 31.36 0.60
N GLY A 950 30.65 30.98 -0.61
CA GLY A 950 29.88 30.07 -1.44
C GLY A 950 29.69 28.71 -0.84
N LYS A 951 30.74 28.17 -0.20
CA LYS A 951 30.65 26.82 0.35
C LYS A 951 29.82 26.78 1.61
N LEU A 952 29.95 27.81 2.46
CA LEU A 952 29.28 27.78 3.76
C LEU A 952 27.79 28.10 3.65
N GLN A 953 27.45 29.08 2.80
CA GLN A 953 26.04 29.44 2.63
C GLN A 953 25.27 28.34 1.91
N ASN A 954 25.95 27.54 1.08
CA ASN A 954 25.33 26.37 0.47
C ASN A 954 24.94 25.35 1.51
N VAL A 955 25.76 25.17 2.54
CA VAL A 955 25.51 24.16 3.57
C VAL A 955 24.29 24.56 4.42
N VAL A 956 24.18 25.85 4.75
CA VAL A 956 23.05 26.36 5.52
C VAL A 956 21.76 26.23 4.70
N ASN A 957 21.83 26.51 3.41
CA ASN A 957 20.64 26.44 2.57
C ASN A 957 20.19 25.01 2.32
N GLN A 958 21.13 24.07 2.18
CA GLN A 958 20.76 22.68 1.90
C GLN A 958 20.04 22.04 3.08
N ASN A 959 20.41 22.41 4.29
CA ASN A 959 19.67 21.96 5.48
C ASN A 959 18.28 22.58 5.51
N ALA A 960 18.15 23.84 5.06
CA ALA A 960 16.87 24.52 5.12
C ALA A 960 15.85 23.91 4.17
N GLN A 961 16.27 23.57 2.94
CA GLN A 961 15.35 22.94 1.99
C GLN A 961 14.97 21.53 2.39
N ALA A 962 15.87 20.83 3.09
CA ALA A 962 15.54 19.51 3.60
C ALA A 962 14.46 19.59 4.68
N LEU A 963 14.60 20.55 5.60
CA LEU A 963 13.60 20.73 6.65
C LEU A 963 12.29 21.24 6.09
N ASN A 964 12.35 22.11 5.08
CA ASN A 964 11.14 22.74 4.56
C ASN A 964 10.30 21.75 3.75
N THR A 965 10.95 20.85 3.02
CA THR A 965 10.22 19.82 2.30
C THR A 965 9.57 18.83 3.24
N LEU A 966 10.19 18.60 4.41
CA LEU A 966 9.63 17.69 5.40
C LEU A 966 8.33 18.22 5.98
N VAL A 967 8.28 19.54 6.24
CA VAL A 967 7.08 20.13 6.84
C VAL A 967 5.96 20.20 5.82
N LYS A 968 6.28 20.43 4.55
CA LYS A 968 5.25 20.46 3.51
C LYS A 968 4.66 19.09 3.21
N GLN A 969 5.30 18.00 3.66
CA GLN A 969 4.69 16.68 3.56
C GLN A 969 3.50 16.49 4.48
N LEU A 970 3.29 17.38 5.45
CA LEU A 970 2.10 17.31 6.30
C LEU A 970 0.88 17.93 5.64
N SER A 971 1.00 18.38 4.39
CA SER A 971 -0.14 18.85 3.62
C SER A 971 -0.40 17.95 2.41
N SER A 972 0.26 16.80 2.36
CA SER A 972 0.11 15.84 1.28
C SER A 972 -0.84 14.74 1.69
N ASN A 973 -1.68 14.30 0.75
CA ASN A 973 -2.69 13.30 1.08
C ASN A 973 -2.13 11.89 1.02
N PHE A 974 -1.21 11.65 0.07
CA PHE A 974 -0.66 10.33 -0.28
C PHE A 974 -1.74 9.33 -0.70
N GLY A 975 -2.90 9.82 -1.15
CA GLY A 975 -3.99 8.95 -1.52
C GLY A 975 -5.15 8.92 -0.54
N ALA A 976 -4.99 9.51 0.64
CA ALA A 976 -6.08 9.56 1.62
C ALA A 976 -7.06 10.67 1.26
N ILE A 977 -8.08 10.82 2.12
CA ILE A 977 -9.08 11.87 1.92
C ILE A 977 -8.46 13.23 2.15
N SER A 978 -7.77 13.41 3.27
CA SER A 978 -7.14 14.67 3.60
C SER A 978 -5.80 14.39 4.26
N SER A 979 -5.21 15.43 4.86
CA SER A 979 -3.93 15.31 5.53
C SER A 979 -3.96 15.71 6.99
N VAL A 980 -4.96 16.46 7.44
CA VAL A 980 -5.12 16.77 8.85
C VAL A 980 -5.80 15.57 9.51
N LEU A 981 -5.13 14.97 10.50
CA LEU A 981 -5.54 13.69 11.06
C LEU A 981 -6.90 13.75 11.76
N ASN A 982 -7.33 14.95 12.17
CA ASN A 982 -8.58 15.07 12.90
C ASN A 982 -9.79 14.81 12.01
N ASP A 983 -9.76 15.28 10.75
CA ASP A 983 -10.96 15.16 9.94
C ASP A 983 -11.06 13.79 9.26
N ILE A 984 -9.97 13.06 9.11
CA ILE A 984 -10.07 11.66 8.70
C ILE A 984 -10.82 10.86 9.76
N LEU A 985 -10.56 11.13 11.03
CA LEU A 985 -11.26 10.44 12.10
C LEU A 985 -12.71 10.87 12.22
N SER A 986 -12.98 12.17 12.08
CA SER A 986 -14.27 12.73 12.44
C SER A 986 -15.10 13.15 11.24
N ARG A 987 -14.92 12.50 10.09
CA ARG A 987 -15.84 12.68 8.97
C ARG A 987 -16.52 11.37 8.56
N LEU A 988 -15.86 10.23 8.82
CA LEU A 988 -16.38 8.96 8.33
C LEU A 988 -16.11 7.89 9.39
N ASP A 989 -16.64 6.69 9.11
CA ASP A 989 -16.70 5.64 10.12
C ASP A 989 -15.33 4.99 10.34
N PRO A 990 -15.06 4.50 11.57
CA PRO A 990 -13.77 3.86 11.89
C PRO A 990 -13.55 2.55 11.12
N PRO A 991 -14.60 1.93 10.55
CA PRO A 991 -14.46 0.67 9.80
C PRO A 991 -13.36 0.76 8.73
N GLU A 992 -13.37 1.85 7.95
CA GLU A 992 -12.39 2.07 6.89
C GLU A 992 -11.46 3.23 7.18
N ALA A 993 -11.59 3.89 8.33
CA ALA A 993 -10.66 4.95 8.70
C ALA A 993 -9.26 4.40 8.98
N GLU A 994 -9.15 3.16 9.46
CA GLU A 994 -7.83 2.58 9.69
C GLU A 994 -7.10 2.32 8.37
N VAL A 995 -7.84 1.95 7.32
CA VAL A 995 -7.22 1.74 6.02
C VAL A 995 -6.70 3.05 5.46
N GLN A 996 -7.48 4.12 5.57
CA GLN A 996 -7.10 5.41 5.03
C GLN A 996 -5.95 6.03 5.80
N ILE A 997 -5.92 5.84 7.12
CA ILE A 997 -4.80 6.36 7.90
C ILE A 997 -3.57 5.48 7.72
N ASP A 998 -3.74 4.22 7.29
CA ASP A 998 -2.59 3.37 7.01
C ASP A 998 -1.88 3.81 5.74
N ARG A 999 -2.63 4.30 4.77
CA ARG A 999 -2.01 4.87 3.58
C ARG A 999 -1.30 6.18 3.91
N LEU A 1000 -1.87 6.96 4.83
CA LEU A 1000 -1.28 8.24 5.21
C LEU A 1000 0.00 8.04 6.03
N ILE A 1001 0.03 7.02 6.91
CA ILE A 1001 1.19 6.82 7.77
C ILE A 1001 2.36 6.26 6.95
N THR A 1002 2.08 5.55 5.85
CA THR A 1002 3.16 5.09 4.97
C THR A 1002 3.81 6.26 4.24
N GLY A 1003 3.00 7.22 3.79
CA GLY A 1003 3.55 8.38 3.10
C GLY A 1003 4.39 9.26 4.00
N ARG A 1004 3.97 9.41 5.26
CA ARG A 1004 4.74 10.18 6.22
C ARG A 1004 6.03 9.46 6.60
N LEU A 1005 5.98 8.13 6.70
CA LEU A 1005 7.17 7.39 7.11
C LEU A 1005 8.17 7.27 5.98
N GLN A 1006 7.72 7.20 4.73
CA GLN A 1006 8.65 7.25 3.61
C GLN A 1006 9.29 8.63 3.48
N SER A 1007 8.53 9.67 3.82
CA SER A 1007 9.07 11.02 3.80
C SER A 1007 10.10 11.22 4.90
N LEU A 1008 9.89 10.57 6.05
CA LEU A 1008 10.84 10.70 7.14
C LEU A 1008 12.10 9.87 6.87
N GLN A 1009 11.95 8.71 6.24
CA GLN A 1009 13.11 7.89 5.90
C GLN A 1009 13.92 8.54 4.79
N THR A 1010 13.26 9.22 3.85
CA THR A 1010 13.96 9.92 2.79
C THR A 1010 14.77 11.09 3.34
N TYR A 1011 14.24 11.79 4.34
CA TYR A 1011 14.97 12.89 4.96
C TYR A 1011 16.19 12.40 5.72
N VAL A 1012 16.07 11.25 6.40
CA VAL A 1012 17.16 10.76 7.24
C VAL A 1012 18.30 10.25 6.37
N THR A 1013 17.99 9.57 5.27
CA THR A 1013 19.04 9.03 4.41
C THR A 1013 19.72 10.13 3.61
N GLN A 1014 19.08 11.29 3.43
CA GLN A 1014 19.79 12.43 2.89
C GLN A 1014 20.67 13.11 3.93
N GLN A 1015 20.31 13.04 5.21
CA GLN A 1015 21.16 13.61 6.24
C GLN A 1015 22.42 12.78 6.45
N LEU A 1016 22.32 11.46 6.25
CA LEU A 1016 23.49 10.60 6.45
C LEU A 1016 24.49 10.78 5.33
N ILE A 1017 24.02 10.96 4.10
CA ILE A 1017 24.91 11.20 2.97
C ILE A 1017 25.55 12.58 3.08
N ARG A 1018 24.77 13.58 3.45
CA ARG A 1018 25.29 14.94 3.57
C ARG A 1018 26.21 15.11 4.77
N ALA A 1019 26.08 14.28 5.80
CA ALA A 1019 27.03 14.32 6.90
C ALA A 1019 28.34 13.62 6.56
N ALA A 1020 28.33 12.71 5.59
CA ALA A 1020 29.58 12.12 5.13
C ALA A 1020 30.37 13.12 4.29
N GLU A 1021 29.67 13.99 3.56
CA GLU A 1021 30.34 15.05 2.81
C GLU A 1021 30.99 16.06 3.74
N ILE A 1022 30.27 16.45 4.80
CA ILE A 1022 30.77 17.44 5.75
C ILE A 1022 31.91 16.87 6.58
N ARG A 1023 31.89 15.56 6.84
CA ARG A 1023 32.99 14.94 7.58
C ARG A 1023 34.25 14.84 6.72
N ALA A 1024 34.11 14.72 5.41
CA ALA A 1024 35.27 14.80 4.53
C ALA A 1024 35.86 16.20 4.54
N SER A 1025 35.01 17.22 4.61
CA SER A 1025 35.49 18.59 4.75
C SER A 1025 36.04 18.86 6.14
N ALA A 1026 35.54 18.17 7.16
CA ALA A 1026 36.05 18.36 8.50
C ALA A 1026 37.38 17.65 8.71
N ASN A 1027 37.62 16.55 7.99
CA ASN A 1027 38.92 15.91 8.04
C ASN A 1027 39.94 16.64 7.17
N LEU A 1028 39.49 17.33 6.12
CA LEU A 1028 40.38 18.19 5.36
C LEU A 1028 40.75 19.44 6.14
N ALA A 1029 39.83 19.97 6.94
CA ALA A 1029 40.13 21.13 7.77
C ALA A 1029 40.98 20.76 8.97
N ALA A 1030 40.87 19.51 9.45
CA ALA A 1030 41.76 19.06 10.51
C ALA A 1030 43.16 18.83 9.97
N THR A 1031 43.27 18.36 8.74
CA THR A 1031 44.58 18.21 8.10
C THR A 1031 45.21 19.54 7.76
N LYS A 1032 44.40 20.53 7.40
CA LYS A 1032 44.92 21.86 7.12
C LYS A 1032 45.29 22.58 8.41
N MET A 1033 44.59 22.32 9.51
CA MET A 1033 44.98 22.90 10.79
C MET A 1033 46.34 22.35 11.23
N SER A 1034 46.55 21.06 11.08
CA SER A 1034 47.78 20.43 11.53
C SER A 1034 48.95 20.82 10.65
N GLU A 1035 48.76 20.81 9.33
CA GLU A 1035 49.87 20.94 8.40
C GLU A 1035 50.08 22.35 7.87
N CYS A 1036 49.11 23.26 7.99
CA CYS A 1036 49.31 24.61 7.50
C CYS A 1036 49.37 25.63 8.61
N VAL A 1037 48.59 25.44 9.68
CA VAL A 1037 48.62 26.33 10.84
C VAL A 1037 49.61 25.83 11.89
N LEU A 1038 49.46 24.58 12.34
CA LEU A 1038 50.33 23.96 13.34
C LEU A 1038 51.67 23.48 12.77
N GLY A 1039 52.07 23.99 11.62
CA GLY A 1039 53.28 23.57 10.95
C GLY A 1039 53.30 24.16 9.56
N GLN A 1040 54.35 23.85 8.83
CA GLN A 1040 54.45 24.30 7.44
C GLN A 1040 54.36 23.11 6.51
N SER A 1041 53.55 23.24 5.47
CA SER A 1041 53.36 22.18 4.50
C SER A 1041 54.29 22.40 3.31
N LYS A 1042 55.08 21.39 2.99
CA LYS A 1042 55.88 21.37 1.78
C LYS A 1042 55.09 20.85 0.59
N ARG A 1043 53.83 20.47 0.80
CA ARG A 1043 52.99 19.97 -0.28
C ARG A 1043 52.59 21.09 -1.21
N VAL A 1044 52.66 20.83 -2.52
CA VAL A 1044 52.34 21.86 -3.51
C VAL A 1044 50.84 22.03 -3.61
N ASP A 1045 50.38 23.29 -3.49
CA ASP A 1045 48.99 23.70 -3.66
C ASP A 1045 48.02 22.99 -2.71
N PHE A 1046 48.50 22.66 -1.51
CA PHE A 1046 47.60 22.15 -0.47
C PHE A 1046 47.10 23.28 0.42
N CYS A 1047 47.96 24.22 0.78
CA CYS A 1047 47.57 25.33 1.64
C CYS A 1047 47.65 26.63 0.87
N GLY A 1048 47.12 26.64 -0.35
CA GLY A 1048 47.06 27.84 -1.15
C GLY A 1048 48.03 27.79 -2.32
N LYS A 1049 47.71 28.59 -3.33
CA LYS A 1049 48.52 28.64 -4.54
C LYS A 1049 49.82 29.37 -4.26
N GLY A 1050 50.93 28.86 -4.81
CA GLY A 1050 52.24 29.40 -4.53
C GLY A 1050 52.97 28.61 -3.46
N TYR A 1051 54.21 29.04 -3.18
CA TYR A 1051 54.96 28.56 -2.03
C TYR A 1051 54.23 28.93 -0.74
N HIS A 1052 53.71 27.94 -0.04
CA HIS A 1052 52.96 28.19 1.18
C HIS A 1052 53.86 28.65 2.30
N LEU A 1053 53.50 29.78 2.89
CA LEU A 1053 54.26 30.31 4.02
C LEU A 1053 53.58 29.91 5.33
N MET A 1054 52.30 30.26 5.51
CA MET A 1054 51.61 30.18 6.81
C MET A 1054 50.10 30.40 6.64
N SER A 1055 49.29 29.78 7.49
CA SER A 1055 47.85 30.03 7.48
C SER A 1055 47.36 30.62 8.81
N PHE A 1056 46.16 31.23 8.76
CA PHE A 1056 45.41 31.64 9.96
C PHE A 1056 44.00 31.12 9.80
N PRO A 1057 43.49 30.31 10.72
CA PRO A 1057 42.07 29.93 10.68
C PRO A 1057 41.17 31.06 11.14
N GLN A 1058 39.96 31.10 10.63
CA GLN A 1058 38.96 32.04 11.13
C GLN A 1058 37.68 31.27 11.42
N SER A 1059 37.08 31.51 12.58
CA SER A 1059 36.09 30.61 13.14
C SER A 1059 34.69 30.82 12.56
N ALA A 1060 34.58 30.72 11.23
CA ALA A 1060 33.40 31.09 10.46
C ALA A 1060 32.17 30.26 10.85
N PRO A 1061 30.93 30.78 10.61
CA PRO A 1061 29.72 30.02 10.97
C PRO A 1061 29.63 28.66 10.31
N HIS A 1062 29.66 27.62 11.15
CA HIS A 1062 29.65 26.21 10.76
C HIS A 1062 30.79 25.87 9.81
N GLY A 1063 31.95 26.45 10.07
CA GLY A 1063 33.06 26.26 9.16
C GLY A 1063 34.31 26.95 9.65
N VAL A 1064 35.29 27.05 8.75
CA VAL A 1064 36.57 27.65 9.08
C VAL A 1064 37.11 28.35 7.84
N VAL A 1065 37.69 29.52 8.03
CA VAL A 1065 38.24 30.31 6.94
C VAL A 1065 39.75 30.40 7.15
N PHE A 1066 40.52 29.84 6.24
CA PHE A 1066 41.97 29.83 6.34
C PHE A 1066 42.55 31.00 5.55
N LEU A 1067 43.22 31.92 6.23
CA LEU A 1067 43.94 33.00 5.55
C LEU A 1067 45.32 32.50 5.14
N HIS A 1068 45.37 31.85 3.99
CA HIS A 1068 46.60 31.22 3.52
C HIS A 1068 47.62 32.23 3.05
N VAL A 1069 48.52 32.66 3.92
CA VAL A 1069 49.61 33.53 3.54
C VAL A 1069 50.62 32.70 2.76
N THR A 1070 50.75 32.97 1.46
CA THR A 1070 51.60 32.22 0.55
C THR A 1070 52.56 33.16 -0.15
N TYR A 1071 53.78 32.68 -0.39
CA TYR A 1071 54.79 33.45 -1.12
C TYR A 1071 54.62 33.15 -2.60
N VAL A 1072 54.03 34.09 -3.33
CA VAL A 1072 53.79 33.92 -4.76
C VAL A 1072 54.63 34.94 -5.52
N PRO A 1073 55.64 34.53 -6.27
CA PRO A 1073 56.25 35.44 -7.24
C PRO A 1073 55.36 35.56 -8.47
N ALA A 1074 55.20 36.79 -8.97
CA ALA A 1074 54.12 37.10 -9.89
C ALA A 1074 54.58 37.49 -11.29
N GLN A 1075 55.43 38.51 -11.42
CA GLN A 1075 55.73 39.09 -12.74
C GLN A 1075 56.93 38.39 -13.36
N GLU A 1076 56.68 37.66 -14.46
CA GLU A 1076 57.56 36.61 -14.98
C GLU A 1076 58.91 37.15 -15.50
N LYS A 1077 59.79 36.21 -15.83
CA LYS A 1077 61.12 36.51 -16.39
C LYS A 1077 61.57 35.41 -17.33
N ASN A 1078 62.86 35.46 -17.72
CA ASN A 1078 63.49 34.52 -18.64
C ASN A 1078 65.00 34.57 -18.48
N PHE A 1079 65.59 33.49 -17.95
CA PHE A 1079 67.02 33.33 -17.76
C PHE A 1079 67.58 32.38 -18.83
N THR A 1080 68.77 31.85 -18.57
CA THR A 1080 69.45 30.89 -19.50
C THR A 1080 70.32 29.95 -18.66
N THR A 1081 70.06 28.65 -18.73
CA THR A 1081 70.85 27.69 -17.89
C THR A 1081 71.14 26.39 -18.64
N ALA A 1082 72.09 25.63 -18.09
CA ALA A 1082 72.55 24.34 -18.58
C ALA A 1082 72.42 23.25 -17.51
N PRO A 1083 72.13 21.99 -17.98
CA PRO A 1083 72.01 20.81 -17.10
C PRO A 1083 73.04 20.61 -16.01
N ALA A 1084 74.29 20.89 -16.30
CA ALA A 1084 75.33 21.02 -15.29
C ALA A 1084 76.36 21.95 -15.87
N ILE A 1085 77.33 22.35 -15.05
CA ILE A 1085 78.37 23.30 -15.44
C ILE A 1085 79.72 22.72 -15.05
N CYS A 1086 80.44 22.13 -16.00
CA CYS A 1086 81.79 21.72 -15.69
C CYS A 1086 82.74 22.89 -15.91
N HIS A 1087 83.42 23.29 -14.84
CA HIS A 1087 84.36 24.40 -14.86
C HIS A 1087 85.71 23.94 -15.40
N ASP A 1088 86.33 23.00 -14.72
CA ASP A 1088 87.61 22.42 -15.12
C ASP A 1088 87.56 20.91 -14.99
N GLY A 1089 86.46 20.32 -15.48
CA GLY A 1089 86.34 18.89 -15.60
C GLY A 1089 85.45 18.21 -14.59
N LYS A 1090 84.65 18.95 -13.82
CA LYS A 1090 83.84 18.34 -12.77
C LYS A 1090 82.37 18.68 -12.94
N ALA A 1091 81.54 17.64 -13.01
CA ALA A 1091 80.08 17.83 -13.09
C ALA A 1091 79.51 18.09 -11.70
N HIS A 1092 78.71 19.14 -11.58
CA HIS A 1092 78.14 19.54 -10.31
C HIS A 1092 76.69 19.08 -10.23
N PHE A 1093 76.24 18.80 -9.01
CA PHE A 1093 74.83 18.50 -8.75
C PHE A 1093 74.32 19.48 -7.71
N PRO A 1094 73.54 20.50 -8.11
CA PRO A 1094 73.00 21.51 -7.19
C PRO A 1094 71.82 21.04 -6.35
N GLY A 1097 68.43 24.77 -4.93
CA GLY A 1097 69.25 25.74 -5.61
C GLY A 1097 69.28 25.57 -7.12
N VAL A 1098 69.18 26.68 -7.84
CA VAL A 1098 69.05 26.65 -9.29
C VAL A 1098 70.13 27.54 -9.90
N PHE A 1099 70.89 26.97 -10.84
CA PHE A 1099 71.75 27.75 -11.73
C PHE A 1099 70.83 28.65 -12.56
N VAL A 1100 70.97 29.97 -12.45
CA VAL A 1100 70.20 30.89 -13.31
C VAL A 1100 71.18 31.87 -13.93
N SER A 1101 70.76 32.54 -15.02
CA SER A 1101 71.62 33.49 -15.69
C SER A 1101 70.81 34.51 -16.49
N ASN A 1102 71.01 35.79 -16.21
CA ASN A 1102 70.20 36.86 -16.80
C ASN A 1102 70.52 37.12 -18.27
N GLY A 1103 71.49 36.43 -18.87
CA GLY A 1103 71.84 36.68 -20.25
C GLY A 1103 73.32 36.59 -20.53
N THR A 1104 74.16 36.95 -19.56
CA THR A 1104 75.60 36.75 -19.73
C THR A 1104 76.32 36.14 -18.52
N HIS A 1105 75.83 36.29 -17.30
CA HIS A 1105 76.51 35.76 -16.12
C HIS A 1105 75.56 34.94 -15.27
N TRP A 1106 76.12 33.97 -14.55
CA TRP A 1106 75.37 32.91 -13.88
C TRP A 1106 75.13 33.24 -12.41
N PHE A 1107 73.87 33.08 -11.96
CA PHE A 1107 73.48 33.33 -10.58
C PHE A 1107 72.81 32.10 -9.98
N VAL A 1108 72.85 31.97 -8.66
CA VAL A 1108 72.15 30.90 -7.99
C VAL A 1108 70.94 31.48 -7.27
N THR A 1109 69.86 30.72 -7.24
CA THR A 1109 68.60 31.15 -6.65
C THR A 1109 67.99 30.07 -5.80
N PHE A 1113 61.87 31.52 -5.35
CA PHE A 1113 62.21 32.93 -5.09
C PHE A 1113 63.23 33.41 -6.14
N TYR A 1114 63.04 34.64 -6.64
CA TYR A 1114 63.96 35.22 -7.66
C TYR A 1114 64.99 36.12 -6.96
N GLU A 1115 66.04 35.51 -6.40
CA GLU A 1115 67.09 36.24 -5.72
C GLU A 1115 68.42 35.82 -6.30
N PRO A 1116 68.98 36.61 -7.21
CA PRO A 1116 70.26 36.23 -7.82
C PRO A 1116 71.43 36.32 -6.83
N GLN A 1117 71.86 35.15 -6.39
CA GLN A 1117 72.98 35.00 -5.48
C GLN A 1117 74.14 34.43 -6.26
N ILE A 1118 75.35 34.53 -5.70
CA ILE A 1118 76.53 34.09 -6.43
C ILE A 1118 76.59 32.56 -6.46
N ILE A 1119 77.00 32.03 -7.62
CA ILE A 1119 77.26 30.60 -7.78
C ILE A 1119 78.37 30.18 -6.83
N THR A 1120 78.10 29.15 -6.02
CA THR A 1120 79.08 28.70 -5.04
C THR A 1120 78.94 27.17 -4.92
N THR A 1121 80.06 26.51 -4.62
CA THR A 1121 80.08 25.07 -4.39
C THR A 1121 79.54 24.67 -3.01
N ASP A 1122 78.93 25.61 -2.26
CA ASP A 1122 78.27 25.23 -1.02
C ASP A 1122 76.98 24.46 -1.27
N ASN A 1123 76.21 24.85 -2.28
CA ASN A 1123 74.96 24.15 -2.59
C ASN A 1123 75.07 23.30 -3.86
N THR A 1124 76.25 23.21 -4.45
CA THR A 1124 76.51 22.29 -5.56
C THR A 1124 77.66 21.39 -5.15
N PHE A 1125 77.50 20.08 -5.32
CA PHE A 1125 78.54 19.15 -4.94
C PHE A 1125 79.06 18.41 -6.16
N VAL A 1126 80.33 18.04 -6.10
CA VAL A 1126 81.09 17.57 -7.26
C VAL A 1126 81.02 16.05 -7.29
N SER A 1127 80.55 15.51 -8.42
CA SER A 1127 80.56 14.06 -8.68
C SER A 1127 80.48 13.86 -10.19
N GLY A 1128 81.46 13.19 -10.77
CA GLY A 1128 81.40 12.84 -12.18
C GLY A 1128 82.21 13.71 -13.10
N ASN A 1129 81.74 13.85 -14.34
CA ASN A 1129 82.47 14.56 -15.40
C ASN A 1129 81.46 15.10 -16.40
N CYS A 1130 81.94 15.90 -17.35
CA CYS A 1130 81.06 16.50 -18.36
C CYS A 1130 80.84 15.65 -19.60
N ASP A 1131 80.95 14.33 -19.50
CA ASP A 1131 80.31 13.45 -20.47
C ASP A 1131 79.25 12.61 -19.76
N VAL A 1132 79.02 12.87 -18.48
CA VAL A 1132 78.23 12.05 -17.58
C VAL A 1132 76.92 12.76 -17.20
N VAL A 1133 76.65 13.92 -17.80
CA VAL A 1133 75.38 14.66 -17.73
C VAL A 1133 75.12 15.23 -19.12
N ILE A 1134 74.04 14.81 -19.78
CA ILE A 1134 73.79 15.27 -21.16
C ILE A 1134 73.43 16.75 -21.18
N GLY A 1135 73.82 17.43 -22.27
CA GLY A 1135 73.48 18.83 -22.49
C GLY A 1135 74.37 19.86 -21.82
N ILE A 1136 75.58 19.50 -21.40
CA ILE A 1136 76.35 20.31 -20.46
C ILE A 1136 77.18 21.36 -21.19
N VAL A 1137 77.21 22.59 -20.64
CA VAL A 1137 78.04 23.66 -21.18
C VAL A 1137 79.09 24.05 -20.14
N ASN A 1138 80.02 24.89 -20.57
CA ASN A 1138 81.29 25.12 -19.92
C ASN A 1138 81.33 26.54 -19.37
N ASN A 1139 81.39 26.70 -18.05
CA ASN A 1139 81.43 28.04 -17.46
C ASN A 1139 82.00 27.98 -16.03
N THR A 1140 82.43 29.14 -15.54
CA THR A 1140 83.00 29.30 -14.21
C THR A 1140 82.05 28.93 -13.08
N VAL A 1141 82.61 28.47 -11.96
CA VAL A 1141 81.90 28.23 -10.71
C VAL A 1141 82.74 28.81 -9.57
N TYR A 1142 82.33 29.95 -9.01
CA TYR A 1142 83.06 30.59 -7.92
C TYR A 1142 83.16 29.68 -6.71
N ASP A 1143 84.38 29.50 -6.21
CA ASP A 1143 84.66 28.66 -5.07
C ASP A 1143 84.96 29.52 -3.85
N PRO A 1144 84.44 29.20 -2.67
CA PRO A 1144 84.64 30.08 -1.51
C PRO A 1144 85.94 29.86 -0.76
N LEU A 1145 86.63 28.74 -1.00
CA LEU A 1145 87.89 28.49 -0.29
C LEU A 1145 89.02 29.36 -0.84
N GLN A 1146 88.91 29.76 -2.11
CA GLN A 1146 89.95 30.59 -2.72
C GLN A 1146 90.03 31.99 -2.13
N PRO A 1147 88.93 32.76 -1.92
CA PRO A 1147 89.21 34.04 -1.26
C PRO A 1147 89.42 33.92 0.25
N ALA B 33 16.60 -48.25 -27.64
CA ALA B 33 15.60 -47.36 -28.21
C ALA B 33 15.65 -45.99 -27.54
N TYR B 34 16.81 -45.63 -27.02
CA TYR B 34 17.04 -44.34 -26.38
C TYR B 34 18.34 -43.75 -26.90
N THR B 35 18.39 -42.43 -27.05
CA THR B 35 19.58 -41.76 -27.58
C THR B 35 19.71 -40.36 -26.97
N ASN B 36 20.71 -39.63 -27.43
CA ASN B 36 21.07 -38.32 -26.89
C ASN B 36 20.77 -37.24 -27.92
N SER B 37 19.85 -36.35 -27.59
CA SER B 37 19.54 -35.18 -28.42
C SER B 37 20.47 -34.04 -27.99
N PHE B 38 21.48 -33.75 -28.81
CA PHE B 38 22.59 -32.88 -28.47
C PHE B 38 22.17 -31.46 -28.11
N THR B 39 21.74 -30.70 -29.12
CA THR B 39 21.13 -29.39 -28.93
C THR B 39 19.97 -29.33 -29.93
N ARG B 40 18.82 -29.85 -29.52
CA ARG B 40 17.66 -29.95 -30.38
C ARG B 40 16.44 -29.48 -29.60
N GLY B 41 15.44 -28.98 -30.32
CA GLY B 41 14.23 -28.53 -29.68
C GLY B 41 14.22 -27.09 -29.25
N VAL B 42 15.10 -26.27 -29.80
CA VAL B 42 15.15 -24.85 -29.48
C VAL B 42 14.42 -24.09 -30.58
N TYR B 43 13.53 -23.19 -30.19
CA TYR B 43 12.66 -22.53 -31.15
C TYR B 43 12.46 -21.08 -30.70
N TYR B 44 11.68 -20.34 -31.49
CA TYR B 44 11.37 -18.96 -31.17
C TYR B 44 10.13 -18.93 -30.29
N PRO B 45 10.25 -18.49 -29.04
CA PRO B 45 9.07 -18.51 -28.16
C PRO B 45 8.03 -17.46 -28.48
N ASP B 46 8.38 -16.42 -29.23
CA ASP B 46 7.46 -15.35 -29.56
C ASP B 46 7.74 -14.83 -30.97
N LYS B 47 6.77 -14.11 -31.51
CA LYS B 47 6.92 -13.48 -32.82
C LYS B 47 7.60 -12.12 -32.77
N VAL B 48 8.14 -11.73 -31.62
CA VAL B 48 8.95 -10.52 -31.52
C VAL B 48 10.25 -10.70 -32.29
N PHE B 49 10.63 -9.67 -33.04
CA PHE B 49 11.94 -9.59 -33.66
C PHE B 49 12.92 -8.95 -32.69
N ARG B 50 14.07 -9.59 -32.51
CA ARG B 50 15.15 -9.05 -31.71
C ARG B 50 16.46 -9.33 -32.43
N SER B 51 17.43 -8.43 -32.27
CA SER B 51 18.67 -8.49 -33.03
C SER B 51 19.85 -8.35 -32.08
N SER B 52 20.70 -9.38 -32.06
CA SER B 52 21.98 -9.42 -31.33
C SER B 52 21.80 -9.16 -29.84
N VAL B 53 20.80 -9.81 -29.25
CA VAL B 53 20.55 -9.72 -27.82
C VAL B 53 20.60 -11.13 -27.24
N LEU B 54 20.91 -11.21 -25.95
CA LEU B 54 20.91 -12.46 -25.22
C LEU B 54 19.66 -12.48 -24.35
N HIS B 55 18.56 -12.98 -24.91
CA HIS B 55 17.28 -12.98 -24.23
C HIS B 55 17.07 -14.27 -23.46
N SER B 56 16.59 -14.15 -22.22
CA SER B 56 16.35 -15.29 -21.33
C SER B 56 14.86 -15.48 -21.16
N THR B 57 14.33 -16.57 -21.73
CA THR B 57 12.93 -16.91 -21.59
C THR B 57 12.77 -18.13 -20.70
N GLN B 58 11.53 -18.37 -20.27
CA GLN B 58 11.20 -19.48 -19.39
C GLN B 58 9.88 -20.09 -19.84
N ASP B 59 9.95 -21.10 -20.69
CA ASP B 59 8.77 -21.82 -21.16
C ASP B 59 9.19 -23.23 -21.54
N LEU B 60 8.30 -23.94 -22.24
CA LEU B 60 8.51 -25.35 -22.53
C LEU B 60 9.58 -25.53 -23.60
N PHE B 61 10.64 -26.26 -23.25
CA PHE B 61 11.68 -26.64 -24.20
C PHE B 61 12.01 -28.10 -24.00
N LEU B 62 12.58 -28.70 -25.04
CA LEU B 62 13.23 -29.99 -24.88
C LEU B 62 14.57 -29.77 -24.20
N PRO B 63 14.84 -30.38 -23.05
CA PRO B 63 16.08 -30.12 -22.32
C PRO B 63 17.32 -30.58 -23.09
N PHE B 64 18.43 -29.89 -22.82
CA PHE B 64 19.68 -30.22 -23.49
C PHE B 64 20.21 -31.57 -23.01
N PHE B 65 20.74 -32.35 -23.96
CA PHE B 65 21.28 -33.69 -23.73
C PHE B 65 20.25 -34.63 -23.11
N SER B 66 18.98 -34.45 -23.46
CA SER B 66 17.92 -35.28 -22.90
C SER B 66 17.94 -36.66 -23.55
N ASN B 67 17.26 -37.60 -22.88
CA ASN B 67 17.18 -38.98 -23.34
C ASN B 67 15.88 -39.15 -24.12
N VAL B 68 15.94 -38.78 -25.41
CA VAL B 68 14.76 -38.88 -26.27
C VAL B 68 14.58 -40.32 -26.75
N THR B 69 13.33 -40.71 -26.98
CA THR B 69 12.97 -42.10 -27.25
C THR B 69 13.22 -42.42 -28.72
N TRP B 70 14.39 -42.98 -29.01
CA TRP B 70 14.76 -43.35 -30.37
C TRP B 70 13.92 -44.51 -30.86
N PHE B 71 13.66 -44.54 -32.16
CA PHE B 71 12.87 -45.60 -32.77
C PHE B 71 13.59 -46.14 -34.00
N HIS B 72 13.20 -47.34 -34.40
CA HIS B 72 13.73 -48.00 -35.59
C HIS B 72 12.62 -48.09 -36.64
N ALA B 73 12.94 -47.68 -37.87
CA ALA B 73 11.93 -47.59 -38.92
C ALA B 73 12.19 -48.52 -40.10
N ILE B 74 13.14 -49.45 -39.97
CA ILE B 74 13.41 -50.39 -41.05
C ILE B 74 13.13 -51.82 -40.59
N ARG B 84 6.27 -54.23 -32.90
CA ARG B 84 6.59 -52.87 -32.47
C ARG B 84 6.12 -51.85 -33.49
N PHE B 85 6.60 -52.03 -34.71
CA PHE B 85 6.50 -51.02 -35.77
C PHE B 85 5.11 -50.98 -36.40
N ASP B 86 4.25 -51.94 -36.09
CA ASP B 86 2.88 -51.90 -36.59
C ASP B 86 2.07 -50.80 -35.89
N ASN B 87 2.04 -50.79 -34.56
CA ASN B 87 1.21 -49.83 -33.80
C ASN B 87 2.01 -49.13 -32.71
N PRO B 88 2.80 -48.11 -33.06
CA PRO B 88 3.65 -47.42 -32.05
C PRO B 88 2.97 -46.22 -31.40
N VAL B 89 2.05 -46.48 -30.48
CA VAL B 89 1.36 -45.42 -29.76
C VAL B 89 2.17 -45.04 -28.52
N LEU B 90 2.26 -43.73 -28.25
CA LEU B 90 3.00 -43.20 -27.12
C LEU B 90 2.35 -41.91 -26.65
N PRO B 91 2.38 -41.61 -25.35
CA PRO B 91 1.57 -40.51 -24.81
C PRO B 91 2.10 -39.12 -25.14
N PHE B 92 1.17 -38.16 -25.10
CA PHE B 92 1.42 -36.73 -25.32
C PHE B 92 1.21 -36.05 -23.97
N ASN B 93 2.29 -35.61 -23.33
CA ASN B 93 2.19 -35.02 -21.99
C ASN B 93 2.23 -33.50 -22.01
N ASP B 94 3.33 -32.91 -22.48
CA ASP B 94 3.50 -31.46 -22.48
C ASP B 94 4.01 -30.95 -23.82
N GLY B 95 3.73 -31.68 -24.88
CA GLY B 95 4.33 -31.40 -26.17
C GLY B 95 5.47 -32.34 -26.47
N VAL B 96 5.60 -32.70 -27.73
CA VAL B 96 6.59 -33.68 -28.16
C VAL B 96 7.45 -33.07 -29.26
N TYR B 97 8.73 -33.45 -29.25
CA TYR B 97 9.65 -33.11 -30.33
C TYR B 97 9.74 -34.31 -31.27
N PHE B 98 9.08 -34.21 -32.42
CA PHE B 98 9.21 -35.24 -33.45
C PHE B 98 10.41 -34.96 -34.33
N ALA B 99 10.91 -36.01 -34.99
CA ALA B 99 12.00 -35.87 -35.94
C ALA B 99 11.91 -37.00 -36.96
N SER B 100 12.78 -36.94 -37.97
CA SER B 100 12.92 -37.96 -39.00
C SER B 100 14.22 -37.72 -39.73
N THR B 101 14.74 -38.78 -40.36
CA THR B 101 15.91 -38.68 -41.25
C THR B 101 15.58 -39.49 -42.50
N GLU B 102 14.96 -38.83 -43.48
CA GLU B 102 14.51 -39.47 -44.71
C GLU B 102 14.76 -38.53 -45.87
N LYS B 103 14.65 -39.08 -47.08
CA LYS B 103 14.67 -38.32 -48.33
C LYS B 103 13.38 -38.46 -49.12
N SER B 104 12.83 -39.68 -49.20
CA SER B 104 11.67 -39.98 -50.01
C SER B 104 10.34 -39.65 -49.33
N ASN B 105 10.36 -39.18 -48.08
CA ASN B 105 9.20 -38.64 -47.36
C ASN B 105 8.11 -39.70 -47.18
N ILE B 106 8.43 -40.72 -46.37
CA ILE B 106 7.49 -41.82 -46.17
C ILE B 106 6.44 -41.45 -45.13
N ILE B 107 6.83 -40.79 -44.04
CA ILE B 107 5.87 -40.44 -42.99
C ILE B 107 4.99 -39.30 -43.49
N ARG B 108 3.73 -39.63 -43.81
CA ARG B 108 2.76 -38.66 -44.31
C ARG B 108 1.45 -38.82 -43.56
N GLY B 109 1.53 -38.82 -42.23
CA GLY B 109 0.35 -38.93 -41.41
C GLY B 109 0.60 -38.68 -39.94
N TRP B 110 -0.30 -37.95 -39.30
CA TRP B 110 -0.30 -37.75 -37.86
C TRP B 110 -1.72 -37.95 -37.36
N ILE B 111 -1.90 -38.77 -36.33
CA ILE B 111 -3.22 -39.06 -35.79
C ILE B 111 -3.16 -38.78 -34.29
N PHE B 112 -3.78 -37.70 -33.87
CA PHE B 112 -3.65 -37.23 -32.50
C PHE B 112 -4.97 -37.48 -31.78
N GLY B 113 -4.95 -37.27 -30.47
CA GLY B 113 -6.16 -37.24 -29.68
C GLY B 113 -6.12 -38.25 -28.56
N THR B 114 -7.18 -38.23 -27.75
CA THR B 114 -7.24 -39.07 -26.57
C THR B 114 -7.79 -40.47 -26.89
N THR B 115 -8.95 -40.53 -27.55
CA THR B 115 -9.61 -41.79 -27.84
C THR B 115 -9.28 -42.30 -29.25
N LEU B 116 -9.09 -41.38 -30.19
CA LEU B 116 -8.63 -41.57 -31.57
C LEU B 116 -9.69 -42.18 -32.52
N ASP B 117 -10.92 -42.44 -32.07
CA ASP B 117 -11.97 -42.90 -32.96
C ASP B 117 -13.30 -42.59 -32.27
N SER B 118 -14.03 -41.59 -32.80
CA SER B 118 -15.46 -41.31 -32.65
C SER B 118 -15.94 -41.16 -31.23
N LYS B 119 -15.06 -40.95 -30.25
CA LYS B 119 -15.51 -40.88 -28.87
C LYS B 119 -15.27 -39.49 -28.31
N THR B 120 -14.05 -38.99 -28.41
CA THR B 120 -13.68 -37.64 -28.04
C THR B 120 -12.92 -37.02 -29.21
N GLN B 121 -12.89 -35.68 -29.26
CA GLN B 121 -12.31 -34.91 -30.36
C GLN B 121 -10.85 -35.26 -30.62
N SER B 122 -10.52 -35.47 -31.89
CA SER B 122 -9.20 -35.86 -32.33
C SER B 122 -8.85 -35.02 -33.56
N LEU B 123 -7.69 -35.27 -34.16
CA LEU B 123 -7.30 -34.54 -35.36
C LEU B 123 -6.34 -35.36 -36.20
N LEU B 124 -6.28 -35.00 -37.49
CA LEU B 124 -5.50 -35.74 -38.49
C LEU B 124 -4.67 -34.76 -39.30
N ILE B 125 -3.43 -34.58 -38.91
CA ILE B 125 -2.53 -33.67 -39.59
C ILE B 125 -1.75 -34.45 -40.65
N VAL B 126 -1.69 -33.92 -41.87
CA VAL B 126 -0.93 -34.50 -42.96
C VAL B 126 0.02 -33.42 -43.48
N ASN B 127 1.25 -33.40 -42.97
CA ASN B 127 2.28 -32.49 -43.49
C ASN B 127 3.06 -33.22 -44.57
N ASN B 128 2.80 -32.87 -45.83
CA ASN B 128 3.68 -33.38 -46.88
C ASN B 128 5.01 -32.64 -46.94
N ALA B 129 5.15 -31.55 -46.18
CA ALA B 129 6.36 -30.73 -46.05
C ALA B 129 6.89 -30.21 -47.39
N ASN B 131 3.72 -29.47 -49.78
CA ASN B 131 2.28 -29.36 -49.94
C ASN B 131 1.58 -29.68 -48.62
N VAL B 132 1.63 -28.72 -47.70
CA VAL B 132 1.25 -28.92 -46.30
C VAL B 132 -0.27 -28.88 -46.21
N VAL B 133 -0.92 -30.04 -46.23
CA VAL B 133 -2.37 -30.13 -46.16
C VAL B 133 -2.76 -30.48 -44.72
N ILE B 134 -2.84 -29.46 -43.89
CA ILE B 134 -3.18 -29.67 -42.49
C ILE B 134 -4.69 -29.81 -42.36
N LYS B 135 -5.13 -30.82 -41.61
CA LYS B 135 -6.53 -31.01 -41.35
C LYS B 135 -6.74 -31.14 -39.85
N VAL B 136 -7.99 -31.01 -39.43
CA VAL B 136 -8.35 -31.24 -38.03
C VAL B 136 -9.47 -32.27 -38.02
N CYS B 137 -10.30 -32.27 -39.06
CA CYS B 137 -11.53 -33.04 -38.93
C CYS B 137 -11.26 -34.49 -39.31
N GLU B 138 -11.92 -35.42 -38.61
CA GLU B 138 -11.47 -36.81 -38.53
C GLU B 138 -12.23 -37.72 -39.49
N PHE B 139 -11.47 -38.60 -40.14
CA PHE B 139 -11.98 -39.64 -41.03
C PHE B 139 -11.87 -40.99 -40.32
N GLN B 140 -12.91 -41.81 -40.47
CA GLN B 140 -12.94 -43.09 -39.76
C GLN B 140 -11.91 -44.07 -40.32
N PHE B 141 -11.11 -44.64 -39.43
CA PHE B 141 -10.07 -45.58 -39.81
C PHE B 141 -9.89 -46.60 -38.68
N CYS B 142 -8.79 -47.34 -38.76
CA CYS B 142 -8.32 -48.27 -37.74
C CYS B 142 -7.03 -47.72 -37.14
N ASN B 143 -6.30 -48.59 -36.43
CA ASN B 143 -5.01 -48.20 -35.87
C ASN B 143 -4.00 -47.87 -36.97
N ASP B 144 -3.93 -48.71 -38.01
CA ASP B 144 -3.03 -48.47 -39.12
C ASP B 144 -3.84 -48.24 -40.40
N PRO B 145 -4.13 -46.99 -40.76
CA PRO B 145 -4.90 -46.73 -41.98
C PRO B 145 -4.14 -47.10 -43.24
N PHE B 146 -4.87 -47.60 -44.22
CA PHE B 146 -4.30 -48.01 -45.50
C PHE B 146 -4.31 -46.84 -46.48
N LEU B 147 -3.28 -46.78 -47.31
CA LEU B 147 -3.11 -45.70 -48.29
C LEU B 147 -3.07 -46.34 -49.68
N ASP B 148 -4.23 -46.40 -50.33
CA ASP B 148 -4.34 -46.98 -51.65
C ASP B 148 -3.90 -45.99 -52.74
N ASN B 169 -17.32 -34.61 -34.83
CA ASN B 169 -17.59 -33.24 -35.26
C ASN B 169 -16.45 -32.71 -36.13
N CYS B 170 -16.72 -32.51 -37.41
CA CYS B 170 -15.72 -31.88 -38.27
C CYS B 170 -15.72 -30.36 -38.04
N THR B 171 -14.57 -29.83 -37.62
CA THR B 171 -14.49 -28.45 -37.14
C THR B 171 -13.62 -27.55 -38.02
N PHE B 172 -12.37 -27.92 -38.27
CA PHE B 172 -11.41 -26.99 -38.84
C PHE B 172 -10.72 -27.61 -40.05
N GLU B 173 -10.34 -26.74 -40.99
CA GLU B 173 -9.64 -27.15 -42.21
C GLU B 173 -8.52 -26.17 -42.48
N TYR B 174 -7.56 -26.59 -43.30
CA TYR B 174 -6.38 -25.80 -43.60
C TYR B 174 -5.77 -26.37 -44.86
N VAL B 175 -4.93 -25.56 -45.51
CA VAL B 175 -4.12 -26.00 -46.64
C VAL B 175 -2.91 -25.08 -46.72
N SER B 176 -1.81 -25.60 -47.24
CA SER B 176 -0.61 -24.79 -47.52
C SER B 176 0.18 -25.42 -48.66
N PHE B 190 18.66 -40.07 -47.87
CA PHE B 190 18.42 -40.02 -46.43
C PHE B 190 19.09 -38.78 -45.83
N LYS B 191 18.76 -37.61 -46.38
CA LYS B 191 19.49 -36.39 -46.07
C LYS B 191 18.69 -35.33 -45.34
N ASN B 192 17.36 -35.44 -45.26
CA ASN B 192 16.53 -34.35 -44.78
C ASN B 192 16.02 -34.66 -43.36
N LEU B 193 16.40 -33.82 -42.41
CA LEU B 193 16.01 -33.98 -41.01
C LEU B 193 14.72 -33.20 -40.74
N ARG B 194 13.61 -33.90 -40.58
CA ARG B 194 12.28 -33.29 -40.52
C ARG B 194 11.81 -33.14 -39.08
N GLU B 195 12.11 -31.99 -38.47
CA GLU B 195 11.83 -31.77 -37.05
C GLU B 195 10.51 -31.05 -36.83
N PHE B 196 9.87 -31.33 -35.70
CA PHE B 196 8.61 -30.71 -35.31
C PHE B 196 8.58 -30.50 -33.81
N VAL B 197 7.74 -29.56 -33.39
CA VAL B 197 7.38 -29.35 -31.99
C VAL B 197 5.88 -29.12 -31.94
N PHE B 198 5.18 -29.89 -31.10
CA PHE B 198 3.72 -30.00 -31.10
C PHE B 198 3.21 -29.50 -29.76
N LYS B 199 3.04 -28.20 -29.61
CA LYS B 199 2.71 -27.64 -28.31
C LYS B 199 1.21 -27.43 -28.14
N ASN B 200 0.83 -27.22 -26.88
CA ASN B 200 -0.54 -26.88 -26.51
C ASN B 200 -0.50 -26.09 -25.21
N ILE B 201 -0.92 -24.84 -25.26
CA ILE B 201 -1.06 -24.00 -24.06
C ILE B 201 -2.34 -23.19 -24.23
N ASP B 202 -3.30 -23.41 -23.32
CA ASP B 202 -4.65 -22.80 -23.35
C ASP B 202 -5.37 -23.10 -24.67
N GLY B 203 -5.17 -24.29 -25.20
CA GLY B 203 -5.80 -24.69 -26.45
C GLY B 203 -5.31 -23.95 -27.67
N TYR B 204 -4.00 -23.75 -27.77
CA TYR B 204 -3.38 -23.00 -28.87
C TYR B 204 -2.32 -23.91 -29.48
N PHE B 205 -2.73 -24.65 -30.53
CA PHE B 205 -1.97 -25.76 -31.08
C PHE B 205 -0.79 -25.25 -31.92
N LYS B 206 0.29 -24.91 -31.22
CA LYS B 206 1.47 -24.39 -31.89
C LYS B 206 2.28 -25.53 -32.50
N ILE B 207 2.62 -25.40 -33.78
CA ILE B 207 3.29 -26.44 -34.55
C ILE B 207 4.54 -25.79 -35.15
N TYR B 208 5.68 -25.94 -34.49
CA TYR B 208 6.92 -25.43 -35.02
C TYR B 208 7.53 -26.49 -35.93
N SER B 209 8.42 -26.05 -36.83
CA SER B 209 9.03 -26.99 -37.78
C SER B 209 10.32 -26.41 -38.33
N LYS B 210 11.24 -27.30 -38.66
CA LYS B 210 12.46 -26.96 -39.39
C LYS B 210 12.95 -28.24 -40.04
N HIS B 211 12.83 -28.33 -41.35
CA HIS B 211 13.35 -29.49 -42.09
C HIS B 211 14.44 -29.03 -43.03
N THR B 212 15.66 -29.56 -42.83
CA THR B 212 16.82 -29.15 -43.60
C THR B 212 17.65 -30.32 -44.11
N PRO B 213 18.11 -30.27 -45.35
CA PRO B 213 19.11 -31.24 -45.82
C PRO B 213 20.46 -30.97 -45.18
N ILE B 214 21.21 -32.06 -44.96
CA ILE B 214 22.56 -31.99 -44.43
C ILE B 214 23.47 -32.83 -45.32
N ASN B 215 24.77 -32.58 -45.20
CA ASN B 215 25.78 -33.39 -45.88
C ASN B 215 26.54 -34.16 -44.80
N LEU B 216 25.92 -35.26 -44.36
CA LEU B 216 26.42 -36.17 -43.33
C LEU B 216 25.53 -37.39 -43.36
N VAL B 217 26.14 -38.57 -43.30
CA VAL B 217 25.42 -39.82 -43.51
C VAL B 217 25.55 -40.76 -42.31
N ARG B 218 26.00 -40.23 -41.16
CA ARG B 218 26.18 -41.04 -39.96
C ARG B 218 25.29 -40.59 -38.81
N ASP B 219 25.37 -39.33 -38.43
CA ASP B 219 24.68 -38.83 -37.24
C ASP B 219 24.56 -37.31 -37.39
N LEU B 220 24.01 -36.66 -36.37
CA LEU B 220 23.95 -35.20 -36.37
C LEU B 220 25.35 -34.62 -36.18
N PRO B 221 25.63 -33.47 -36.78
CA PRO B 221 26.88 -32.76 -36.49
C PRO B 221 26.72 -31.96 -35.20
N GLN B 222 27.79 -31.27 -34.82
CA GLN B 222 27.75 -30.40 -33.66
C GLN B 222 27.31 -28.99 -34.07
N GLY B 223 26.17 -28.90 -34.77
CA GLY B 223 25.61 -27.64 -35.18
C GLY B 223 24.35 -27.29 -34.42
N PHE B 224 23.61 -26.32 -34.94
CA PHE B 224 22.47 -25.80 -34.22
C PHE B 224 21.51 -25.12 -35.19
N SER B 225 20.21 -25.33 -34.98
CA SER B 225 19.19 -24.78 -35.87
C SER B 225 17.90 -24.57 -35.10
N ALA B 226 17.40 -23.33 -35.09
CA ALA B 226 16.13 -23.01 -34.44
C ALA B 226 14.95 -23.50 -35.28
N LEU B 227 13.79 -23.56 -34.63
CA LEU B 227 12.57 -24.10 -35.24
C LEU B 227 11.53 -22.98 -35.40
N GLU B 228 11.43 -22.46 -36.61
CA GLU B 228 10.46 -21.41 -36.90
C GLU B 228 9.04 -21.98 -36.96
N PRO B 229 8.03 -21.24 -36.51
CA PRO B 229 6.67 -21.77 -36.51
C PRO B 229 6.10 -21.93 -37.91
N LEU B 230 5.21 -22.90 -38.06
CA LEU B 230 4.42 -23.05 -39.29
C LEU B 230 2.99 -22.59 -39.10
N VAL B 231 2.26 -23.19 -38.16
CA VAL B 231 0.87 -22.83 -37.90
C VAL B 231 0.65 -22.78 -36.40
N ASP B 232 -0.32 -21.97 -35.99
CA ASP B 232 -0.87 -21.99 -34.65
C ASP B 232 -2.38 -22.16 -34.78
N LEU B 233 -2.93 -23.16 -34.11
CA LEU B 233 -4.35 -23.49 -34.29
C LEU B 233 -5.09 -23.29 -32.98
N PRO B 234 -6.06 -22.37 -32.91
CA PRO B 234 -6.89 -22.23 -31.71
C PRO B 234 -7.99 -23.28 -31.62
N ILE B 235 -7.57 -24.54 -31.42
CA ILE B 235 -8.55 -25.63 -31.39
C ILE B 235 -9.29 -25.68 -30.05
N GLY B 236 -8.57 -25.52 -28.95
CA GLY B 236 -9.19 -25.53 -27.63
C GLY B 236 -9.74 -26.85 -27.16
N ILE B 237 -9.03 -27.95 -27.43
CA ILE B 237 -9.49 -29.29 -27.06
C ILE B 237 -8.46 -29.93 -26.14
N ASN B 238 -8.81 -31.09 -25.61
CA ASN B 238 -7.90 -31.90 -24.81
C ASN B 238 -7.10 -32.83 -25.71
N ILE B 239 -5.85 -33.07 -25.32
CA ILE B 239 -4.93 -33.84 -26.14
C ILE B 239 -3.94 -34.59 -25.24
N THR B 240 -3.93 -35.92 -25.31
CA THR B 240 -3.09 -36.73 -24.44
C THR B 240 -2.32 -37.87 -25.11
N ARG B 241 -2.61 -38.21 -26.36
CA ARG B 241 -1.94 -39.33 -27.03
C ARG B 241 -1.81 -39.02 -28.51
N PHE B 242 -0.88 -39.71 -29.16
CA PHE B 242 -0.70 -39.54 -30.61
C PHE B 242 -0.01 -40.75 -31.21
N GLN B 243 -0.07 -40.83 -32.54
CA GLN B 243 0.47 -41.97 -33.29
C GLN B 243 0.78 -41.53 -34.72
N THR B 244 2.05 -41.60 -35.11
CA THR B 244 2.45 -41.23 -36.46
C THR B 244 2.17 -42.38 -37.44
N LEU B 245 1.69 -42.02 -38.63
CA LEU B 245 1.47 -42.94 -39.73
C LEU B 245 2.42 -42.63 -40.88
N LEU B 246 2.90 -43.65 -41.56
CA LEU B 246 3.69 -43.50 -42.77
C LEU B 246 2.91 -44.05 -43.97
N ALA B 247 3.58 -44.03 -45.12
CA ALA B 247 2.97 -44.44 -46.39
C ALA B 247 3.23 -45.91 -46.63
N LEU B 248 2.18 -46.72 -46.55
CA LEU B 248 2.32 -48.15 -46.84
C LEU B 248 2.52 -48.37 -48.34
N HIS B 249 3.32 -49.39 -48.66
CA HIS B 249 3.67 -49.67 -50.05
C HIS B 249 2.51 -50.33 -50.79
N ALA B 267 16.89 -43.37 -41.48
CA ALA B 267 15.91 -43.24 -40.41
C ALA B 267 16.52 -43.55 -39.05
N ALA B 268 16.81 -42.49 -38.31
CA ALA B 268 17.32 -42.58 -36.94
C ALA B 268 16.56 -41.59 -36.06
N TYR B 269 15.23 -41.61 -36.18
CA TYR B 269 14.43 -40.51 -35.68
C TYR B 269 14.20 -40.59 -34.18
N TYR B 270 13.80 -39.46 -33.63
CA TYR B 270 13.65 -39.26 -32.20
C TYR B 270 12.18 -39.09 -31.88
N VAL B 271 11.87 -39.11 -30.59
CA VAL B 271 10.70 -38.48 -29.98
C VAL B 271 11.14 -38.02 -28.60
N GLY B 272 10.96 -36.73 -28.30
CA GLY B 272 11.32 -36.18 -27.02
C GLY B 272 10.11 -35.65 -26.28
N TYR B 273 10.36 -35.14 -25.08
CA TYR B 273 9.31 -34.59 -24.25
C TYR B 273 9.71 -33.21 -23.75
N LEU B 274 8.74 -32.30 -23.68
CA LEU B 274 8.98 -30.91 -23.34
C LEU B 274 8.68 -30.68 -21.86
N GLN B 275 9.45 -29.78 -21.25
CA GLN B 275 9.34 -29.48 -19.83
C GLN B 275 9.59 -27.99 -19.63
N PRO B 276 9.03 -27.38 -18.55
CA PRO B 276 9.21 -25.93 -18.34
C PRO B 276 10.64 -25.56 -17.94
N ARG B 277 11.53 -25.53 -18.93
CA ARG B 277 12.95 -25.30 -18.70
C ARG B 277 13.35 -23.88 -19.10
N THR B 278 14.04 -23.19 -18.20
CA THR B 278 14.62 -21.89 -18.50
C THR B 278 15.75 -22.06 -19.52
N PHE B 279 15.87 -21.10 -20.45
CA PHE B 279 16.90 -21.18 -21.47
C PHE B 279 17.25 -19.77 -21.91
N LEU B 280 18.53 -19.50 -22.08
CA LEU B 280 19.03 -18.21 -22.55
C LEU B 280 19.35 -18.33 -24.03
N LEU B 281 18.79 -17.42 -24.82
CA LEU B 281 18.92 -17.48 -26.27
C LEU B 281 20.02 -16.54 -26.75
N LYS B 282 20.37 -16.68 -28.02
CA LYS B 282 21.35 -15.82 -28.67
C LYS B 282 20.84 -15.51 -30.07
N TYR B 283 20.22 -14.35 -30.21
CA TYR B 283 19.77 -13.88 -31.52
C TYR B 283 20.95 -13.22 -32.23
N ASN B 284 20.99 -13.35 -33.54
CA ASN B 284 22.06 -12.71 -34.30
C ASN B 284 21.59 -11.36 -34.83
N GLU B 285 22.37 -10.80 -35.75
CA GLU B 285 21.98 -9.57 -36.42
C GLU B 285 20.90 -9.78 -37.48
N ASN B 286 20.51 -11.02 -37.77
CA ASN B 286 19.44 -11.32 -38.72
C ASN B 286 18.11 -11.57 -38.02
N GLY B 287 18.10 -11.60 -36.69
CA GLY B 287 16.91 -11.93 -35.96
C GLY B 287 16.63 -13.40 -35.80
N THR B 288 17.56 -14.26 -36.19
CA THR B 288 17.43 -15.71 -36.00
C THR B 288 18.33 -16.14 -34.85
N ILE B 289 18.13 -17.37 -34.40
CA ILE B 289 18.81 -17.90 -33.22
C ILE B 289 20.02 -18.69 -33.70
N THR B 290 21.22 -18.24 -33.29
CA THR B 290 22.45 -18.89 -33.70
C THR B 290 23.10 -19.73 -32.62
N ASP B 291 22.69 -19.57 -31.36
CA ASP B 291 23.20 -20.34 -30.25
C ASP B 291 22.13 -20.36 -29.16
N ALA B 292 22.30 -21.28 -28.21
CA ALA B 292 21.39 -21.36 -27.09
C ALA B 292 22.12 -22.00 -25.92
N VAL B 293 21.62 -21.73 -24.72
CA VAL B 293 22.26 -22.14 -23.48
C VAL B 293 21.16 -22.61 -22.53
N ASP B 294 21.21 -23.89 -22.16
CA ASP B 294 20.31 -24.43 -21.15
C ASP B 294 20.68 -23.81 -19.80
N CYS B 295 19.74 -23.83 -18.86
CA CYS B 295 20.00 -23.08 -17.64
C CYS B 295 20.25 -23.97 -16.44
N ALA B 296 19.50 -25.06 -16.26
CA ALA B 296 19.69 -25.95 -15.12
C ALA B 296 20.47 -27.21 -15.49
N LEU B 297 21.36 -27.12 -16.48
CA LEU B 297 22.04 -28.32 -16.95
C LEU B 297 23.27 -28.65 -16.10
N ASP B 298 24.28 -27.81 -16.14
CA ASP B 298 25.50 -27.97 -15.39
C ASP B 298 25.87 -26.61 -14.80
N PRO B 299 26.71 -26.58 -13.75
CA PRO B 299 27.05 -25.29 -13.08
C PRO B 299 27.57 -24.16 -13.95
N LEU B 300 28.27 -24.45 -15.06
CA LEU B 300 28.71 -23.37 -15.93
C LEU B 300 27.53 -22.75 -16.69
N SER B 301 26.45 -23.52 -16.88
CA SER B 301 25.32 -23.03 -17.65
C SER B 301 24.51 -21.99 -16.88
N GLU B 302 24.22 -22.27 -15.60
CA GLU B 302 23.50 -21.26 -14.83
C GLU B 302 24.39 -20.09 -14.44
N THR B 303 25.72 -20.26 -14.51
CA THR B 303 26.61 -19.12 -14.47
C THR B 303 26.38 -18.22 -15.68
N LYS B 304 26.17 -18.83 -16.85
CA LYS B 304 25.90 -18.05 -18.07
C LYS B 304 24.52 -17.41 -18.02
N CYS B 305 23.55 -18.05 -17.36
CA CYS B 305 22.26 -17.41 -17.14
C CYS B 305 22.37 -16.20 -16.23
N THR B 306 23.23 -16.30 -15.20
CA THR B 306 23.36 -15.22 -14.22
C THR B 306 24.03 -13.99 -14.84
N LEU B 307 25.14 -14.20 -15.54
CA LEU B 307 25.84 -13.10 -16.19
C LEU B 307 25.12 -12.59 -17.43
N LYS B 308 24.12 -13.34 -17.92
CA LYS B 308 23.40 -13.07 -19.17
C LYS B 308 24.33 -12.96 -20.37
N SER B 309 25.43 -13.73 -20.35
CA SER B 309 26.44 -13.71 -21.38
C SER B 309 26.86 -15.13 -21.71
N PHE B 310 27.76 -15.26 -22.69
CA PHE B 310 28.26 -16.54 -23.14
C PHE B 310 29.72 -16.79 -22.79
N THR B 311 30.55 -15.75 -22.76
CA THR B 311 31.96 -15.87 -22.42
C THR B 311 32.13 -15.46 -20.97
N VAL B 312 32.08 -16.45 -20.08
CA VAL B 312 32.30 -16.20 -18.66
C VAL B 312 33.78 -15.96 -18.41
N GLU B 313 34.09 -14.91 -17.67
CA GLU B 313 35.47 -14.57 -17.34
C GLU B 313 35.89 -15.34 -16.10
N LYS B 314 37.20 -15.51 -15.93
CA LYS B 314 37.80 -16.27 -14.84
C LYS B 314 37.49 -15.61 -13.50
N GLY B 315 36.77 -16.31 -12.63
CA GLY B 315 36.40 -15.74 -11.35
C GLY B 315 35.48 -16.67 -10.60
N ILE B 316 34.83 -16.11 -9.58
CA ILE B 316 33.87 -16.82 -8.74
C ILE B 316 32.55 -16.05 -8.76
N TYR B 317 31.44 -16.76 -8.94
CA TYR B 317 30.13 -16.13 -9.14
C TYR B 317 29.08 -16.82 -8.28
N GLN B 318 28.31 -16.03 -7.53
CA GLN B 318 27.22 -16.56 -6.70
C GLN B 318 26.00 -16.82 -7.60
N THR B 319 25.97 -18.01 -8.19
CA THR B 319 24.94 -18.29 -9.19
C THR B 319 23.60 -18.65 -8.57
N SER B 320 23.58 -19.32 -7.44
CA SER B 320 22.33 -19.87 -6.92
C SER B 320 22.43 -19.97 -5.40
N ASN B 321 21.52 -20.72 -4.80
CA ASN B 321 21.58 -20.99 -3.38
C ASN B 321 21.14 -22.42 -3.08
N PHE B 322 21.69 -22.97 -2.01
CA PHE B 322 21.48 -24.36 -1.62
C PHE B 322 20.50 -24.40 -0.47
N ARG B 323 19.46 -25.22 -0.60
CA ARG B 323 18.48 -25.41 0.45
C ARG B 323 18.28 -26.90 0.67
N VAL B 324 18.27 -27.30 1.93
CA VAL B 324 18.05 -28.69 2.30
C VAL B 324 16.56 -28.87 2.56
N GLN B 325 15.89 -29.63 1.69
CA GLN B 325 14.46 -29.82 1.80
C GLN B 325 14.13 -30.73 2.98
N PRO B 326 12.97 -30.54 3.62
CA PRO B 326 12.58 -31.43 4.72
C PRO B 326 12.26 -32.83 4.22
N THR B 327 12.60 -33.81 5.04
CA THR B 327 12.45 -35.22 4.66
C THR B 327 11.03 -35.74 4.92
N GLU B 328 10.56 -35.63 6.16
CA GLU B 328 9.22 -36.10 6.52
C GLU B 328 8.63 -35.17 7.57
N SER B 329 7.42 -35.51 8.01
CA SER B 329 6.73 -34.75 9.05
C SER B 329 6.80 -35.50 10.38
N ILE B 330 7.08 -34.77 11.45
CA ILE B 330 7.08 -35.30 12.80
C ILE B 330 6.04 -34.52 13.59
N VAL B 331 5.02 -35.20 14.09
CA VAL B 331 3.97 -34.58 14.89
C VAL B 331 3.75 -35.44 16.14
N ARG B 332 3.69 -34.79 17.31
CA ARG B 332 3.54 -35.48 18.58
C ARG B 332 2.53 -34.76 19.46
N PHE B 333 1.86 -35.53 20.34
CA PHE B 333 0.76 -35.06 21.17
C PHE B 333 0.69 -35.78 22.51
N PRO B 334 0.38 -35.08 23.60
CA PRO B 334 0.19 -35.75 24.90
C PRO B 334 -1.02 -36.67 24.87
N ASN B 335 -0.96 -37.74 25.65
CA ASN B 335 -2.15 -38.58 25.85
C ASN B 335 -2.33 -38.90 27.33
N ILE B 336 -2.97 -38.01 28.08
CA ILE B 336 -3.17 -38.25 29.51
C ILE B 336 -4.66 -38.23 29.84
N THR B 337 -5.32 -37.10 29.58
CA THR B 337 -6.70 -36.89 30.03
C THR B 337 -7.66 -37.52 29.02
N ASN B 338 -7.79 -38.84 29.12
CA ASN B 338 -8.50 -39.64 28.14
C ASN B 338 -8.99 -40.91 28.79
N LEU B 339 -10.30 -41.13 28.76
CA LEU B 339 -10.95 -42.25 29.45
C LEU B 339 -12.19 -42.62 28.63
N CYS B 340 -12.14 -43.78 27.98
CA CYS B 340 -13.22 -44.18 27.10
C CYS B 340 -13.92 -45.41 27.64
N PRO B 341 -15.15 -45.30 28.14
CA PRO B 341 -15.89 -46.50 28.56
C PRO B 341 -16.51 -47.25 27.38
N PHE B 342 -15.65 -47.90 26.61
CA PHE B 342 -16.08 -48.64 25.42
C PHE B 342 -16.26 -50.12 25.69
N GLY B 343 -15.19 -50.81 26.09
CA GLY B 343 -15.26 -52.22 26.41
C GLY B 343 -15.85 -52.42 27.79
N GLU B 344 -15.78 -51.36 28.59
CA GLU B 344 -16.50 -51.31 29.86
C GLU B 344 -18.00 -51.42 29.63
N VAL B 345 -18.50 -50.82 28.55
CA VAL B 345 -19.86 -51.08 28.12
C VAL B 345 -20.00 -52.49 27.56
N PHE B 346 -19.03 -52.92 26.73
CA PHE B 346 -19.14 -54.19 26.03
C PHE B 346 -19.00 -55.38 26.99
N ASN B 347 -17.99 -55.34 27.86
CA ASN B 347 -17.71 -56.46 28.74
C ASN B 347 -18.33 -56.28 30.12
N ALA B 348 -19.30 -55.39 30.25
CA ALA B 348 -20.26 -55.49 31.35
C ALA B 348 -21.06 -56.77 31.15
N THR B 349 -21.08 -57.64 32.17
CA THR B 349 -21.45 -59.04 32.00
C THR B 349 -22.91 -59.22 31.59
N ARG B 350 -23.79 -58.28 31.95
CA ARG B 350 -25.17 -58.30 31.49
C ARG B 350 -25.45 -57.07 30.65
N PHE B 351 -26.35 -57.24 29.69
CA PHE B 351 -26.74 -56.17 28.78
C PHE B 351 -28.18 -55.77 29.02
N ALA B 352 -28.57 -54.68 28.36
CA ALA B 352 -29.98 -54.34 28.23
C ALA B 352 -30.55 -55.01 26.97
N SER B 353 -31.87 -54.97 26.85
CA SER B 353 -32.54 -55.69 25.80
C SER B 353 -32.56 -54.87 24.50
N VAL B 354 -33.13 -55.47 23.45
CA VAL B 354 -33.22 -54.80 22.16
C VAL B 354 -34.26 -53.67 22.21
N TYR B 355 -35.34 -53.85 22.97
CA TYR B 355 -36.32 -52.79 23.12
C TYR B 355 -35.89 -51.75 24.14
N ALA B 356 -35.10 -52.15 25.14
CA ALA B 356 -34.52 -51.25 26.12
C ALA B 356 -33.10 -50.85 25.77
N TRP B 357 -32.82 -50.62 24.48
CA TRP B 357 -31.46 -50.41 23.99
C TRP B 357 -30.81 -49.19 24.61
N ASN B 358 -29.64 -49.39 25.22
CA ASN B 358 -29.01 -48.41 26.08
C ASN B 358 -27.96 -47.65 25.28
N ARG B 359 -28.34 -46.45 24.83
CA ARG B 359 -27.37 -45.51 24.31
C ARG B 359 -26.55 -44.93 25.46
N LYS B 360 -25.43 -44.30 25.12
CA LYS B 360 -24.58 -43.74 26.15
C LYS B 360 -23.82 -42.54 25.61
N ARG B 361 -23.61 -41.56 26.48
CA ARG B 361 -22.90 -40.34 26.12
C ARG B 361 -21.40 -40.60 26.16
N ILE B 362 -20.74 -40.43 25.01
CA ILE B 362 -19.30 -40.54 24.90
C ILE B 362 -18.75 -39.21 24.39
N SER B 363 -17.79 -38.65 25.13
CA SER B 363 -17.07 -37.46 24.73
C SER B 363 -15.75 -37.45 25.48
N ASN B 364 -14.84 -36.57 25.03
CA ASN B 364 -13.49 -36.40 25.57
C ASN B 364 -12.71 -37.71 25.57
N CYS B 365 -12.34 -38.16 24.37
CA CYS B 365 -11.78 -39.49 24.16
C CYS B 365 -10.75 -39.50 23.05
N VAL B 366 -9.99 -40.60 23.02
CA VAL B 366 -9.15 -40.95 21.88
C VAL B 366 -9.98 -41.74 20.87
N ALA B 367 -9.56 -41.66 19.61
CA ALA B 367 -10.16 -42.45 18.54
C ALA B 367 -9.35 -43.71 18.34
N ASP B 368 -9.33 -44.57 19.35
CA ASP B 368 -8.59 -45.83 19.26
C ASP B 368 -9.60 -46.92 18.91
N TYR B 369 -10.11 -46.83 17.68
CA TYR B 369 -10.93 -47.89 17.13
C TYR B 369 -10.11 -48.97 16.44
N SER B 370 -8.86 -48.64 16.09
CA SER B 370 -8.06 -49.50 15.23
C SER B 370 -7.69 -50.80 15.93
N VAL B 371 -7.33 -50.74 17.22
CA VAL B 371 -7.03 -51.94 17.98
C VAL B 371 -8.28 -52.80 18.16
N LEU B 372 -9.47 -52.19 18.11
CA LEU B 372 -10.70 -52.95 18.24
C LEU B 372 -10.98 -53.78 16.98
N TYR B 373 -10.80 -53.18 15.79
CA TYR B 373 -10.91 -53.98 14.57
C TYR B 373 -9.57 -54.58 14.13
N ASN B 374 -8.53 -54.48 14.97
CA ASN B 374 -7.42 -55.43 14.90
C ASN B 374 -7.56 -56.56 15.91
N SER B 375 -8.39 -56.37 16.94
CA SER B 375 -8.77 -57.47 17.83
C SER B 375 -9.70 -58.39 17.07
N ALA B 376 -9.20 -59.54 16.64
CA ALA B 376 -10.00 -60.48 15.87
C ALA B 376 -10.97 -61.24 16.77
N SER B 377 -11.98 -60.53 17.28
CA SER B 377 -13.03 -61.12 18.11
C SER B 377 -14.43 -60.75 17.65
N PHE B 378 -14.62 -59.64 16.97
CA PHE B 378 -15.94 -59.22 16.50
C PHE B 378 -16.22 -59.87 15.15
N SER B 379 -17.49 -59.90 14.73
CA SER B 379 -17.81 -60.62 13.51
C SER B 379 -18.38 -59.72 12.42
N THR B 380 -19.44 -58.99 12.73
CA THR B 380 -20.09 -58.11 11.76
C THR B 380 -19.44 -56.74 11.88
N PHE B 381 -18.95 -56.21 10.76
CA PHE B 381 -18.27 -54.92 10.76
C PHE B 381 -18.86 -54.09 9.61
N LYS B 382 -19.96 -53.39 9.86
CA LYS B 382 -20.70 -52.66 8.84
C LYS B 382 -20.80 -51.20 9.25
N CYS B 383 -20.02 -50.33 8.62
CA CYS B 383 -20.05 -48.91 8.93
C CYS B 383 -20.72 -48.14 7.79
N TYR B 384 -21.36 -47.02 8.13
CA TYR B 384 -22.18 -46.28 7.17
C TYR B 384 -21.91 -44.79 7.30
N GLY B 385 -21.67 -44.15 6.15
CA GLY B 385 -21.45 -42.71 6.13
C GLY B 385 -19.98 -42.36 6.14
N VAL B 386 -19.21 -43.05 6.98
CA VAL B 386 -17.77 -42.87 7.10
C VAL B 386 -17.15 -44.25 7.05
N SER B 387 -16.06 -44.38 6.29
CA SER B 387 -15.35 -45.65 6.13
C SER B 387 -14.84 -46.16 7.47
N PRO B 388 -14.78 -47.50 7.65
CA PRO B 388 -14.36 -48.07 8.95
C PRO B 388 -12.96 -47.67 9.41
N THR B 389 -12.00 -47.61 8.49
CA THR B 389 -10.69 -47.10 8.84
C THR B 389 -10.67 -45.58 8.99
N LYS B 390 -11.65 -44.90 8.41
CA LYS B 390 -11.72 -43.44 8.44
C LYS B 390 -12.44 -42.91 9.69
N LEU B 391 -13.06 -43.80 10.49
CA LEU B 391 -13.67 -43.38 11.76
C LEU B 391 -12.61 -42.91 12.75
N ASN B 392 -11.41 -43.48 12.67
CA ASN B 392 -10.33 -43.08 13.57
C ASN B 392 -9.81 -41.69 13.22
N ASP B 393 -9.78 -41.36 11.92
CA ASP B 393 -9.22 -40.08 11.48
C ASP B 393 -10.21 -38.94 11.69
N LEU B 394 -11.39 -39.04 11.09
CA LEU B 394 -12.37 -37.97 11.16
C LEU B 394 -13.22 -38.11 12.40
N CYS B 395 -13.48 -36.97 13.04
CA CYS B 395 -14.15 -36.89 14.33
C CYS B 395 -15.49 -36.16 14.26
N PHE B 396 -16.36 -36.50 15.21
CA PHE B 396 -17.79 -36.18 15.15
C PHE B 396 -18.28 -35.70 16.51
N THR B 397 -19.55 -35.33 16.56
CA THR B 397 -20.27 -35.04 17.78
C THR B 397 -21.42 -36.02 17.94
N ASN B 398 -22.03 -36.01 19.14
CA ASN B 398 -23.24 -36.75 19.48
C ASN B 398 -23.05 -38.28 19.36
N VAL B 399 -22.04 -38.78 20.06
CA VAL B 399 -21.70 -40.20 20.07
C VAL B 399 -22.66 -40.94 21.00
N TYR B 400 -23.37 -41.93 20.46
CA TYR B 400 -24.24 -42.79 21.24
C TYR B 400 -24.09 -44.23 20.78
N ALA B 401 -23.62 -45.09 21.67
CA ALA B 401 -23.40 -46.50 21.38
C ALA B 401 -24.57 -47.32 21.93
N ASP B 402 -25.24 -48.05 21.05
CA ASP B 402 -26.47 -48.77 21.36
C ASP B 402 -26.12 -50.25 21.51
N SER B 403 -25.91 -50.68 22.75
CA SER B 403 -25.38 -52.02 23.04
C SER B 403 -26.46 -52.90 23.63
N PHE B 404 -26.72 -54.04 23.00
CA PHE B 404 -27.83 -54.92 23.37
C PHE B 404 -27.66 -56.27 22.68
N VAL B 405 -28.63 -57.16 22.92
CA VAL B 405 -28.58 -58.55 22.46
C VAL B 405 -29.66 -58.78 21.41
N ILE B 406 -29.25 -59.34 20.26
CA ILE B 406 -30.16 -59.78 19.21
C ILE B 406 -29.76 -61.16 18.72
N ARG B 407 -30.62 -61.74 17.88
CA ARG B 407 -30.41 -63.08 17.33
C ARG B 407 -29.26 -63.07 16.32
N GLY B 408 -28.73 -64.27 16.06
CA GLY B 408 -27.58 -64.43 15.19
C GLY B 408 -27.89 -64.34 13.70
N ASP B 409 -29.11 -64.69 13.29
CA ASP B 409 -29.50 -64.50 11.91
C ASP B 409 -30.13 -63.15 11.66
N GLU B 410 -30.46 -62.42 12.72
CA GLU B 410 -31.13 -61.13 12.60
C GLU B 410 -30.15 -59.96 12.57
N VAL B 411 -28.83 -60.23 12.54
CA VAL B 411 -27.88 -59.19 12.14
C VAL B 411 -28.02 -58.89 10.66
N ARG B 412 -28.53 -59.85 9.88
CA ARG B 412 -28.85 -59.62 8.48
C ARG B 412 -29.98 -58.60 8.34
N GLN B 413 -30.88 -58.54 9.31
CA GLN B 413 -31.95 -57.56 9.34
C GLN B 413 -31.51 -56.21 9.91
N ILE B 414 -30.24 -56.06 10.28
CA ILE B 414 -29.72 -54.81 10.81
C ILE B 414 -29.12 -54.04 9.65
N ALA B 415 -29.85 -53.05 9.17
CA ALA B 415 -29.39 -52.13 8.14
C ALA B 415 -30.22 -50.85 8.25
N PRO B 416 -29.69 -49.71 7.83
CA PRO B 416 -30.51 -48.49 7.77
C PRO B 416 -31.65 -48.63 6.78
N GLY B 417 -32.87 -48.49 7.28
CA GLY B 417 -34.07 -48.55 6.46
C GLY B 417 -34.53 -49.93 6.05
N GLN B 418 -33.84 -50.98 6.44
CA GLN B 418 -34.31 -52.34 6.17
C GLN B 418 -35.55 -52.62 7.01
N THR B 419 -36.66 -52.94 6.35
CA THR B 419 -37.94 -53.19 7.02
C THR B 419 -38.07 -54.67 7.32
N GLY B 420 -38.06 -55.01 8.62
CA GLY B 420 -38.12 -56.39 9.06
C GLY B 420 -38.75 -56.43 10.43
N LYS B 421 -38.74 -57.64 11.03
CA LYS B 421 -39.27 -57.86 12.36
C LYS B 421 -38.58 -56.99 13.41
N ILE B 422 -37.28 -56.73 13.24
CA ILE B 422 -36.56 -55.85 14.16
C ILE B 422 -36.94 -54.40 13.93
N ALA B 423 -37.33 -54.02 12.71
CA ALA B 423 -37.58 -52.62 12.40
C ALA B 423 -38.97 -52.15 12.81
N ASP B 424 -39.99 -52.98 12.61
CA ASP B 424 -41.35 -52.52 12.88
C ASP B 424 -41.71 -52.57 14.36
N TYR B 425 -41.12 -53.50 15.11
CA TYR B 425 -41.52 -53.72 16.50
C TYR B 425 -40.41 -53.41 17.49
N ASN B 426 -39.22 -53.99 17.32
CA ASN B 426 -38.11 -53.73 18.23
C ASN B 426 -37.61 -52.29 18.14
N TYR B 427 -37.04 -51.91 17.00
CA TYR B 427 -36.45 -50.58 16.85
C TYR B 427 -36.26 -50.27 15.37
N LYS B 428 -36.79 -49.13 14.93
CA LYS B 428 -36.62 -48.69 13.56
C LYS B 428 -35.30 -47.93 13.42
N LEU B 429 -34.44 -48.39 12.50
CA LEU B 429 -33.14 -47.78 12.27
C LEU B 429 -33.27 -46.54 11.38
N PRO B 430 -32.40 -45.54 11.58
CA PRO B 430 -32.51 -44.30 10.78
C PRO B 430 -31.79 -44.37 9.45
N ASP B 431 -32.36 -43.66 8.46
CA ASP B 431 -31.73 -43.55 7.15
C ASP B 431 -30.63 -42.51 7.10
N ASP B 432 -30.64 -41.53 8.00
CA ASP B 432 -29.55 -40.57 8.12
C ASP B 432 -28.46 -41.05 9.08
N PHE B 433 -28.38 -42.36 9.32
CA PHE B 433 -27.43 -42.92 10.27
C PHE B 433 -25.99 -42.78 9.75
N THR B 434 -25.20 -41.99 10.48
CA THR B 434 -23.77 -41.86 10.23
C THR B 434 -23.05 -42.56 11.38
N GLY B 435 -22.46 -43.72 11.10
CA GLY B 435 -21.84 -44.50 12.15
C GLY B 435 -21.64 -45.93 11.70
N CYS B 436 -21.57 -46.83 12.69
CA CYS B 436 -21.19 -48.21 12.45
C CYS B 436 -21.98 -49.12 13.39
N VAL B 437 -22.12 -50.38 12.96
CA VAL B 437 -22.74 -51.42 13.77
C VAL B 437 -21.80 -52.62 13.82
N ILE B 438 -21.59 -53.16 15.02
CA ILE B 438 -20.60 -54.21 15.26
C ILE B 438 -21.23 -55.27 16.14
N ALA B 439 -21.20 -56.53 15.71
CA ALA B 439 -21.77 -57.63 16.48
C ALA B 439 -20.81 -58.80 16.55
N TRP B 440 -21.02 -59.64 17.56
CA TRP B 440 -20.25 -60.87 17.76
C TRP B 440 -21.01 -61.79 18.70
N ASN B 441 -20.69 -63.09 18.61
CA ASN B 441 -21.33 -64.09 19.44
C ASN B 441 -20.57 -64.28 20.76
N SER B 442 -21.34 -64.42 21.84
CA SER B 442 -20.81 -64.89 23.12
C SER B 442 -21.81 -65.83 23.77
N ASN B 443 -22.38 -66.73 22.97
CA ASN B 443 -23.47 -67.58 23.42
C ASN B 443 -23.01 -68.60 24.47
N ASN B 444 -21.74 -69.01 24.43
CA ASN B 444 -21.23 -70.07 25.28
C ASN B 444 -21.24 -69.69 26.77
N LEU B 445 -21.25 -68.40 27.09
CA LEU B 445 -21.56 -67.96 28.45
C LEU B 445 -22.99 -67.49 28.60
N ASP B 446 -23.64 -67.07 27.51
CA ASP B 446 -25.05 -66.71 27.57
C ASP B 446 -25.93 -67.92 27.78
N SER B 447 -25.55 -69.07 27.24
CA SER B 447 -26.35 -70.27 27.36
C SER B 447 -26.11 -70.97 28.69
N LYS B 448 -27.14 -71.66 29.16
CA LYS B 448 -27.06 -72.60 30.26
C LYS B 448 -27.83 -73.85 29.87
N VAL B 449 -27.84 -74.84 30.78
CA VAL B 449 -28.48 -76.13 30.52
C VAL B 449 -29.98 -75.96 30.31
N GLY B 450 -30.60 -75.06 31.08
CA GLY B 450 -32.02 -74.80 30.98
C GLY B 450 -32.28 -73.54 30.17
N GLY B 451 -33.52 -73.39 29.70
CA GLY B 451 -33.94 -72.21 28.96
C GLY B 451 -33.78 -70.91 29.71
N ASN B 452 -32.95 -70.03 29.16
CA ASN B 452 -32.63 -68.76 29.82
C ASN B 452 -33.76 -67.77 29.60
N TYR B 453 -34.50 -67.46 30.68
CA TYR B 453 -35.71 -66.64 30.60
C TYR B 453 -35.53 -65.26 31.22
N ASN B 454 -34.35 -64.65 31.12
CA ASN B 454 -34.14 -63.37 31.80
C ASN B 454 -34.45 -62.16 30.93
N TYR B 455 -33.90 -62.10 29.72
CA TYR B 455 -34.19 -61.02 28.79
C TYR B 455 -35.46 -61.36 28.01
N ARG B 456 -35.94 -60.37 27.26
CA ARG B 456 -37.14 -60.52 26.44
C ARG B 456 -36.91 -59.84 25.10
N TYR B 457 -37.89 -59.98 24.21
CA TYR B 457 -37.83 -59.32 22.90
C TYR B 457 -39.24 -58.98 22.47
N ARG B 458 -39.39 -57.83 21.81
CA ARG B 458 -40.69 -57.33 21.40
C ARG B 458 -41.14 -58.05 20.14
N LEU B 459 -42.03 -59.04 20.30
CA LEU B 459 -42.64 -59.73 19.18
C LEU B 459 -44.01 -59.17 18.82
N PHE B 460 -44.60 -58.35 19.69
CA PHE B 460 -45.89 -57.72 19.43
C PHE B 460 -45.79 -56.25 19.82
N ARG B 461 -45.72 -55.37 18.84
CA ARG B 461 -45.82 -53.94 19.08
C ARG B 461 -46.91 -53.39 18.19
N LYS B 462 -47.43 -52.20 18.52
CA LYS B 462 -48.70 -51.79 17.94
C LYS B 462 -48.54 -51.20 16.53
N SER B 463 -47.48 -50.43 16.28
CA SER B 463 -47.24 -49.88 14.95
C SER B 463 -45.76 -49.54 14.84
N ASN B 464 -45.35 -49.18 13.62
CA ASN B 464 -43.94 -49.03 13.29
C ASN B 464 -43.34 -47.82 14.02
N LEU B 465 -42.05 -47.93 14.33
CA LEU B 465 -41.33 -46.90 15.09
C LEU B 465 -40.72 -45.87 14.14
N LYS B 466 -40.34 -44.75 14.73
CA LYS B 466 -39.46 -43.77 14.10
C LYS B 466 -38.01 -44.15 14.38
N PRO B 467 -37.05 -43.50 13.73
CA PRO B 467 -35.69 -43.48 14.25
C PRO B 467 -35.59 -43.11 15.73
N PHE B 468 -34.80 -43.90 16.47
CA PHE B 468 -34.38 -43.70 17.86
C PHE B 468 -35.53 -43.78 18.86
N GLU B 469 -36.63 -44.48 18.52
CA GLU B 469 -37.77 -44.58 19.43
C GLU B 469 -37.55 -45.69 20.45
N ARG B 470 -37.76 -45.36 21.72
CA ARG B 470 -37.76 -46.33 22.82
C ARG B 470 -39.15 -46.34 23.43
N ASP B 471 -39.92 -47.37 23.13
CA ASP B 471 -41.23 -47.58 23.72
C ASP B 471 -41.14 -48.76 24.67
N ILE B 472 -41.23 -48.49 25.96
CA ILE B 472 -41.23 -49.53 26.98
C ILE B 472 -42.65 -49.80 27.48
N SER B 473 -43.65 -49.45 26.69
CA SER B 473 -45.05 -49.63 27.06
C SER B 473 -45.41 -51.10 26.87
N THR B 474 -45.26 -51.88 27.94
CA THR B 474 -45.52 -53.31 27.91
C THR B 474 -46.96 -53.56 28.35
N GLU B 475 -47.89 -53.25 27.46
CA GLU B 475 -49.32 -53.40 27.69
C GLU B 475 -49.86 -54.61 26.95
N ILE B 476 -51.12 -54.94 27.24
CA ILE B 476 -51.74 -56.12 26.63
C ILE B 476 -52.06 -55.81 25.17
N TYR B 477 -51.83 -56.78 24.30
CA TYR B 477 -51.86 -56.56 22.86
C TYR B 477 -53.27 -56.77 22.32
N GLN B 478 -53.90 -55.69 21.88
CA GLN B 478 -55.18 -55.75 21.19
C GLN B 478 -54.94 -56.20 19.76
N ALA B 479 -55.14 -57.50 19.49
CA ALA B 479 -54.92 -58.07 18.17
C ALA B 479 -56.20 -58.66 17.59
N GLY B 480 -57.36 -58.21 18.06
CA GLY B 480 -58.62 -58.71 17.56
C GLY B 480 -59.67 -57.62 17.41
N ASN B 491 -56.13 -64.20 21.75
CA ASN B 491 -55.77 -63.17 20.78
C ASN B 491 -55.18 -61.95 21.47
N CYS B 492 -54.77 -62.12 22.72
CA CYS B 492 -54.18 -61.03 23.51
C CYS B 492 -53.02 -61.64 24.29
N TYR B 493 -51.81 -61.52 23.77
CA TYR B 493 -50.62 -62.08 24.38
C TYR B 493 -49.75 -60.98 24.96
N PHE B 494 -48.63 -61.40 25.54
CA PHE B 494 -47.66 -60.45 26.06
C PHE B 494 -46.93 -59.77 24.90
N PRO B 495 -46.65 -58.47 25.01
CA PRO B 495 -45.91 -57.79 23.93
C PRO B 495 -44.47 -58.22 23.83
N LEU B 496 -43.91 -58.78 24.90
CA LEU B 496 -42.59 -59.36 24.91
C LEU B 496 -42.71 -60.87 25.03
N GLN B 497 -41.63 -61.57 24.69
CA GLN B 497 -41.57 -63.02 24.85
C GLN B 497 -40.19 -63.40 25.33
N SER B 498 -40.11 -64.53 26.02
CA SER B 498 -38.82 -65.06 26.42
C SER B 498 -38.07 -65.58 25.20
N TYR B 499 -36.78 -65.27 25.15
CA TYR B 499 -35.92 -65.73 24.06
C TYR B 499 -35.68 -67.22 24.23
N GLY B 500 -36.28 -68.03 23.36
CA GLY B 500 -35.96 -69.43 23.41
C GLY B 500 -34.66 -69.71 22.68
N PHE B 501 -33.57 -69.82 23.44
CA PHE B 501 -32.27 -70.13 22.90
C PHE B 501 -31.70 -71.34 23.64
N GLN B 502 -30.66 -71.93 23.06
CA GLN B 502 -30.10 -73.17 23.55
C GLN B 502 -28.69 -73.31 23.00
N PRO B 503 -27.79 -74.02 23.68
CA PRO B 503 -26.52 -74.38 23.04
C PRO B 503 -26.69 -75.31 21.85
N THR B 504 -27.76 -76.11 21.81
CA THR B 504 -28.05 -76.93 20.63
C THR B 504 -28.58 -76.10 19.47
N ASN B 505 -29.05 -74.87 19.72
CA ASN B 505 -29.45 -73.99 18.64
C ASN B 505 -28.24 -73.58 17.81
N GLY B 506 -28.46 -73.39 16.52
CA GLY B 506 -27.40 -73.00 15.63
C GLY B 506 -26.94 -71.57 15.87
N VAL B 507 -25.84 -71.22 15.18
CA VAL B 507 -25.21 -69.91 15.37
C VAL B 507 -26.10 -68.79 14.86
N GLY B 508 -26.89 -69.06 13.80
CA GLY B 508 -27.90 -68.11 13.38
C GLY B 508 -29.03 -67.95 14.38
N TYR B 509 -29.30 -68.98 15.16
CA TYR B 509 -30.28 -68.91 16.25
C TYR B 509 -29.61 -68.71 17.60
N GLN B 510 -28.43 -68.10 17.63
CA GLN B 510 -27.69 -67.84 18.85
C GLN B 510 -27.66 -66.35 19.16
N PRO B 511 -27.55 -65.97 20.43
CA PRO B 511 -27.55 -64.53 20.75
C PRO B 511 -26.22 -63.88 20.39
N TYR B 512 -26.30 -62.68 19.83
CA TYR B 512 -25.13 -61.87 19.54
C TYR B 512 -25.16 -60.61 20.39
N ARG B 513 -23.99 -60.17 20.83
CA ARG B 513 -23.85 -58.85 21.43
C ARG B 513 -23.54 -57.86 20.33
N VAL B 514 -24.34 -56.79 20.24
CA VAL B 514 -24.24 -55.84 19.16
C VAL B 514 -24.00 -54.46 19.77
N VAL B 515 -23.35 -53.59 19.00
CA VAL B 515 -23.19 -52.19 19.37
C VAL B 515 -23.39 -51.33 18.13
N VAL B 516 -24.19 -50.28 18.26
CA VAL B 516 -24.48 -49.37 17.16
C VAL B 516 -23.94 -48.00 17.56
N LEU B 517 -22.78 -47.63 17.03
CA LEU B 517 -22.22 -46.31 17.26
C LEU B 517 -22.91 -45.33 16.33
N SER B 518 -23.59 -44.33 16.91
CA SER B 518 -24.33 -43.35 16.15
C SER B 518 -23.71 -41.97 16.35
N PHE B 519 -23.58 -41.23 15.25
CA PHE B 519 -23.01 -39.88 15.28
C PHE B 519 -23.96 -38.91 14.58
N GLU B 520 -24.10 -37.73 15.16
CA GLU B 520 -24.87 -36.64 14.55
C GLU B 520 -24.03 -35.39 14.56
N LEU B 521 -23.83 -34.80 13.38
CA LEU B 521 -22.97 -33.62 13.22
C LEU B 521 -23.82 -32.37 13.44
N LEU B 522 -23.74 -31.80 14.63
CA LEU B 522 -24.41 -30.54 14.95
C LEU B 522 -23.35 -29.48 15.27
N HIS B 523 -23.82 -28.30 15.66
CA HIS B 523 -22.95 -27.13 15.84
C HIS B 523 -22.21 -27.25 17.18
N ALA B 524 -21.16 -28.06 17.18
CA ALA B 524 -20.28 -28.22 18.32
C ALA B 524 -18.95 -28.76 17.82
N PRO B 525 -17.85 -28.47 18.51
CA PRO B 525 -16.58 -29.09 18.15
C PRO B 525 -16.58 -30.59 18.48
N ALA B 526 -15.79 -31.33 17.71
CA ALA B 526 -15.75 -32.78 17.88
C ALA B 526 -14.85 -33.15 19.06
N THR B 527 -15.18 -34.26 19.73
CA THR B 527 -14.53 -34.66 20.98
C THR B 527 -14.19 -36.14 21.02
N VAL B 528 -13.56 -36.65 19.96
CA VAL B 528 -13.22 -38.10 19.85
C VAL B 528 -11.83 -38.33 19.24
N CYS B 529 -11.39 -37.45 18.34
CA CYS B 529 -10.08 -37.65 17.66
C CYS B 529 -8.95 -36.88 18.35
N GLY B 530 -7.74 -37.46 18.26
CA GLY B 530 -6.51 -36.93 18.86
C GLY B 530 -5.51 -38.06 19.05
N PRO B 531 -5.95 -39.34 19.03
CA PRO B 531 -5.04 -40.47 19.20
C PRO B 531 -4.37 -40.79 17.87
N LYS B 532 -3.29 -41.57 17.91
CA LYS B 532 -2.52 -41.93 16.69
C LYS B 532 -2.12 -40.64 15.97
N LYS B 533 -1.62 -39.67 16.74
CA LYS B 533 -1.12 -38.38 16.21
C LYS B 533 0.40 -38.31 16.38
N SER B 534 0.87 -38.82 17.51
CA SER B 534 2.28 -39.08 17.79
C SER B 534 2.63 -40.14 16.76
N THR B 535 3.50 -39.78 15.81
CA THR B 535 4.05 -40.75 14.86
C THR B 535 5.39 -41.30 15.33
N ASN B 536 6.40 -40.44 15.42
CA ASN B 536 7.77 -40.84 15.67
C ASN B 536 8.56 -39.65 16.22
N LEU B 537 9.84 -39.90 16.46
CA LEU B 537 10.81 -38.84 16.72
C LEU B 537 12.11 -39.24 16.06
N VAL B 538 12.53 -38.48 15.07
CA VAL B 538 13.78 -38.74 14.37
C VAL B 538 14.71 -37.56 14.54
N LYS B 539 16.00 -37.84 14.61
CA LYS B 539 17.02 -36.85 14.89
C LYS B 539 18.03 -36.80 13.76
N ASN B 540 18.79 -35.70 13.73
CA ASN B 540 19.92 -35.45 12.84
C ASN B 540 19.53 -35.42 11.36
N LYS B 541 18.27 -35.12 11.06
CA LYS B 541 17.80 -34.88 9.71
C LYS B 541 16.70 -33.82 9.75
N CYS B 542 16.68 -32.92 8.77
CA CYS B 542 15.60 -31.92 8.73
C CYS B 542 14.24 -32.50 8.42
N VAL B 543 13.34 -32.34 9.37
CA VAL B 543 11.95 -32.74 9.25
C VAL B 543 11.08 -31.51 9.40
N ASN B 544 9.79 -31.68 9.18
CA ASN B 544 8.79 -30.64 9.42
C ASN B 544 8.12 -31.01 10.74
N PHE B 545 8.50 -30.35 11.83
CA PHE B 545 8.01 -30.72 13.14
C PHE B 545 6.75 -29.94 13.48
N ASN B 546 5.84 -30.59 14.18
CA ASN B 546 4.63 -29.96 14.72
C ASN B 546 4.45 -30.48 16.14
N PHE B 547 4.75 -29.66 17.13
CA PHE B 547 4.61 -30.04 18.54
C PHE B 547 3.43 -29.25 19.11
N ASN B 548 2.28 -29.92 19.20
CA ASN B 548 1.06 -29.46 19.87
C ASN B 548 0.43 -28.22 19.24
N GLY B 549 0.87 -27.86 18.04
CA GLY B 549 0.37 -26.66 17.39
C GLY B 549 1.53 -25.80 16.93
N LEU B 550 2.64 -25.88 17.65
CA LEU B 550 3.85 -25.15 17.30
C LEU B 550 4.52 -25.82 16.11
N THR B 551 4.53 -25.14 14.97
CA THR B 551 5.01 -25.70 13.73
C THR B 551 6.35 -25.07 13.35
N GLY B 552 7.11 -25.78 12.54
CA GLY B 552 8.37 -25.26 12.05
C GLY B 552 9.13 -26.37 11.35
N THR B 553 10.14 -25.94 10.59
CA THR B 553 11.04 -26.87 9.91
C THR B 553 12.42 -26.75 10.54
N GLY B 554 13.04 -27.89 10.79
CA GLY B 554 14.33 -27.89 11.46
C GLY B 554 14.72 -29.30 11.83
N VAL B 555 15.95 -29.43 12.30
CA VAL B 555 16.53 -30.71 12.68
C VAL B 555 16.62 -30.78 14.20
N LEU B 556 16.12 -31.88 14.76
CA LEU B 556 15.99 -32.02 16.21
C LEU B 556 17.27 -32.62 16.76
N THR B 557 17.91 -31.91 17.68
CA THR B 557 19.16 -32.33 18.28
C THR B 557 18.98 -32.39 19.79
N GLU B 558 19.35 -33.51 20.40
CA GLU B 558 19.32 -33.61 21.85
C GLU B 558 20.36 -32.69 22.48
N SER B 559 19.95 -31.99 23.53
CA SER B 559 20.81 -31.05 24.23
C SER B 559 20.71 -31.28 25.73
N ASN B 560 21.68 -30.71 26.45
CA ASN B 560 21.76 -30.84 27.89
C ASN B 560 21.15 -29.64 28.62
N LYS B 561 20.33 -28.85 27.95
CA LYS B 561 19.69 -27.71 28.60
C LYS B 561 18.64 -28.18 29.61
N LYS B 562 18.32 -27.30 30.54
CA LYS B 562 17.40 -27.60 31.62
C LYS B 562 16.23 -26.61 31.57
N PHE B 563 15.02 -27.14 31.58
CA PHE B 563 13.83 -26.31 31.60
C PHE B 563 13.32 -26.20 33.03
N LEU B 564 12.25 -25.46 33.20
CA LEU B 564 11.47 -25.46 34.42
C LEU B 564 10.20 -26.28 34.16
N PRO B 565 9.60 -26.88 35.19
CA PRO B 565 8.45 -27.79 34.97
C PRO B 565 7.26 -27.17 34.25
N PHE B 566 7.01 -25.88 34.42
CA PHE B 566 5.91 -25.25 33.70
C PHE B 566 6.29 -24.87 32.28
N GLN B 567 7.59 -24.73 31.99
CA GLN B 567 8.03 -24.26 30.68
C GLN B 567 7.88 -25.34 29.62
N GLN B 568 7.53 -24.90 28.40
CA GLN B 568 7.26 -25.82 27.30
C GLN B 568 8.30 -25.73 26.19
N PHE B 569 8.55 -24.53 25.65
CA PHE B 569 9.49 -24.39 24.54
C PHE B 569 10.41 -23.20 24.77
N GLY B 570 11.62 -23.33 24.25
CA GLY B 570 12.64 -22.32 24.43
C GLY B 570 12.55 -21.19 23.43
N ARG B 571 13.51 -20.27 23.52
CA ARG B 571 13.54 -19.09 22.67
C ARG B 571 14.95 -18.52 22.70
N ASP B 572 15.35 -17.89 21.59
CA ASP B 572 16.62 -17.22 21.45
C ASP B 572 16.47 -15.73 21.75
N ILE B 573 17.53 -14.96 21.48
CA ILE B 573 17.52 -13.52 21.69
C ILE B 573 16.86 -12.75 20.56
N ALA B 574 16.38 -13.44 19.53
CA ALA B 574 15.81 -12.80 18.35
C ALA B 574 14.52 -13.47 17.94
N ASP B 575 13.72 -13.86 18.94
CA ASP B 575 12.38 -14.46 18.78
C ASP B 575 12.42 -15.75 17.95
N THR B 576 13.47 -16.54 18.12
CA THR B 576 13.66 -17.78 17.37
C THR B 576 13.52 -18.96 18.32
N THR B 577 12.70 -19.94 17.91
CA THR B 577 12.58 -21.18 18.67
C THR B 577 13.89 -21.95 18.66
N ASP B 578 14.33 -22.39 19.83
CA ASP B 578 15.63 -23.02 19.98
C ASP B 578 15.53 -24.34 20.73
N ALA B 579 14.43 -24.59 21.44
CA ALA B 579 14.26 -25.83 22.18
C ALA B 579 12.79 -26.07 22.36
N VAL B 580 12.41 -27.34 22.31
CA VAL B 580 11.02 -27.76 22.48
C VAL B 580 11.02 -29.03 23.31
N ARG B 581 10.35 -29.01 24.46
CA ARG B 581 10.02 -30.26 25.12
C ARG B 581 9.00 -31.00 24.29
N ASP B 582 9.37 -32.17 23.79
CA ASP B 582 8.37 -33.03 23.20
C ASP B 582 7.43 -33.54 24.28
N PRO B 583 6.12 -33.45 24.06
CA PRO B 583 5.17 -33.61 25.16
C PRO B 583 4.91 -35.03 25.60
N GLN B 584 5.66 -36.03 25.11
CA GLN B 584 5.51 -37.40 25.59
C GLN B 584 6.75 -37.88 26.31
N THR B 585 7.91 -37.84 25.65
CA THR B 585 9.18 -38.16 26.29
C THR B 585 9.76 -36.87 26.85
N LEU B 586 9.95 -36.81 28.16
CA LEU B 586 10.48 -35.60 28.78
C LEU B 586 11.96 -35.47 28.46
N GLU B 587 12.28 -34.63 27.47
CA GLU B 587 13.65 -34.35 27.10
C GLU B 587 13.67 -33.01 26.38
N ILE B 588 14.65 -32.18 26.72
CA ILE B 588 14.79 -30.87 26.09
C ILE B 588 15.66 -31.06 24.85
N LEU B 589 15.02 -31.14 23.68
CA LEU B 589 15.71 -31.33 22.41
C LEU B 589 15.78 -30.01 21.67
N ASP B 590 16.97 -29.65 21.21
CA ASP B 590 17.17 -28.38 20.54
C ASP B 590 16.61 -28.42 19.13
N ILE B 591 16.56 -27.24 18.51
CA ILE B 591 16.08 -27.07 17.14
C ILE B 591 16.99 -26.06 16.47
N THR B 592 17.69 -26.49 15.44
CA THR B 592 18.50 -25.65 14.59
C THR B 592 18.00 -25.76 13.16
N PRO B 593 18.07 -24.68 12.38
CA PRO B 593 17.61 -24.77 11.00
C PRO B 593 18.58 -25.57 10.15
N CYS B 594 18.04 -26.21 9.11
CA CYS B 594 18.89 -26.93 8.20
C CYS B 594 19.68 -26.01 7.29
N SER B 595 20.64 -26.62 6.60
CA SER B 595 21.74 -25.93 5.99
C SER B 595 21.28 -25.06 4.82
N PHE B 596 21.91 -23.90 4.69
CA PHE B 596 21.62 -22.97 3.62
C PHE B 596 22.92 -22.26 3.28
N GLY B 597 23.05 -21.86 2.03
CA GLY B 597 24.23 -21.12 1.62
C GLY B 597 24.19 -20.88 0.13
N GLY B 598 25.13 -20.05 -0.31
CA GLY B 598 25.17 -19.66 -1.70
C GLY B 598 26.05 -20.54 -2.54
N VAL B 599 25.44 -21.27 -3.48
CA VAL B 599 26.20 -22.10 -4.42
C VAL B 599 26.97 -21.16 -5.35
N SER B 600 28.28 -21.14 -5.19
CA SER B 600 29.15 -20.30 -6.01
C SER B 600 29.97 -21.18 -6.94
N VAL B 601 30.12 -20.73 -8.19
CA VAL B 601 30.81 -21.49 -9.22
C VAL B 601 32.19 -20.89 -9.43
N ILE B 602 33.23 -21.69 -9.27
CA ILE B 602 34.61 -21.29 -9.47
C ILE B 602 35.03 -21.78 -10.85
N THR B 603 35.43 -20.86 -11.71
CA THR B 603 35.77 -21.23 -13.07
C THR B 603 36.94 -20.39 -13.57
N PRO B 604 37.76 -20.94 -14.46
CA PRO B 604 38.59 -20.08 -15.31
C PRO B 604 37.78 -19.59 -16.49
N GLY B 605 38.40 -18.85 -17.42
CA GLY B 605 37.66 -18.35 -18.56
C GLY B 605 37.23 -19.47 -19.49
N THR B 606 36.12 -19.24 -20.20
CA THR B 606 35.65 -20.22 -21.17
C THR B 606 36.58 -20.29 -22.37
N ASN B 607 37.33 -19.23 -22.64
CA ASN B 607 38.42 -19.28 -23.61
C ASN B 607 39.57 -20.16 -23.15
N THR B 608 39.67 -20.41 -21.85
CA THR B 608 40.75 -21.22 -21.28
C THR B 608 40.33 -22.68 -21.09
N SER B 609 39.21 -22.92 -20.41
CA SER B 609 38.80 -24.27 -20.08
C SER B 609 37.29 -24.33 -19.92
N ASN B 610 36.79 -25.55 -19.77
CA ASN B 610 35.37 -25.81 -19.60
C ASN B 610 35.01 -26.35 -18.22
N GLN B 611 36.00 -26.81 -17.45
CA GLN B 611 35.73 -27.40 -16.14
C GLN B 611 35.49 -26.30 -15.11
N VAL B 612 34.61 -26.61 -14.15
CA VAL B 612 34.24 -25.68 -13.09
C VAL B 612 34.35 -26.37 -11.75
N ALA B 613 34.44 -25.56 -10.69
CA ALA B 613 34.32 -26.02 -9.32
C ALA B 613 33.10 -25.36 -8.69
N VAL B 614 32.50 -26.06 -7.73
CA VAL B 614 31.27 -25.62 -7.10
C VAL B 614 31.52 -25.50 -5.62
N LEU B 615 31.72 -24.28 -5.14
CA LEU B 615 31.86 -24.06 -3.71
C LEU B 615 30.49 -23.88 -3.10
N TYR B 616 30.16 -24.73 -2.14
CA TYR B 616 28.90 -24.65 -1.42
C TYR B 616 29.17 -23.85 -0.15
N GLN B 617 28.71 -22.60 -0.12
CA GLN B 617 29.06 -21.69 0.96
C GLN B 617 28.36 -22.09 2.25
N GLY B 618 29.10 -22.00 3.35
CA GLY B 618 28.53 -22.26 4.66
C GLY B 618 28.40 -23.72 5.01
N VAL B 619 27.59 -24.45 4.22
CA VAL B 619 27.25 -25.83 4.51
C VAL B 619 28.49 -26.71 4.39
N ASN B 620 28.49 -27.83 5.11
CA ASN B 620 29.51 -28.83 4.85
C ASN B 620 28.94 -29.87 3.90
N CYS B 621 29.78 -30.83 3.54
CA CYS B 621 29.40 -31.92 2.64
C CYS B 621 29.07 -33.22 3.35
N THR B 622 28.72 -33.17 4.63
CA THR B 622 27.89 -34.22 5.20
C THR B 622 26.58 -34.32 4.44
N GLU B 623 26.04 -33.19 3.97
CA GLU B 623 24.87 -33.14 3.11
C GLU B 623 25.19 -33.48 1.66
N VAL B 624 26.28 -32.95 1.14
CA VAL B 624 26.63 -33.13 -0.27
C VAL B 624 28.02 -33.75 -0.40
N SER B 644 36.42 -38.23 -6.16
CA SER B 644 35.41 -38.07 -5.12
C SER B 644 34.73 -36.71 -5.24
N ASN B 645 35.49 -35.73 -5.73
CA ASN B 645 35.05 -34.35 -5.95
C ASN B 645 34.51 -33.71 -4.66
N VAL B 646 35.24 -33.93 -3.56
CA VAL B 646 34.85 -33.47 -2.23
C VAL B 646 36.10 -32.92 -1.53
N PHE B 647 36.03 -31.68 -1.08
CA PHE B 647 37.10 -31.06 -0.30
C PHE B 647 36.50 -30.05 0.67
N GLN B 648 36.94 -30.10 1.92
CA GLN B 648 36.36 -29.30 2.98
C GLN B 648 37.20 -28.05 3.24
N THR B 649 36.50 -26.93 3.44
CA THR B 649 37.09 -25.63 3.77
C THR B 649 36.22 -24.99 4.83
N ARG B 650 36.75 -23.96 5.49
CA ARG B 650 35.92 -23.18 6.40
C ARG B 650 34.86 -22.39 5.67
N ALA B 651 35.10 -22.02 4.41
CA ALA B 651 34.06 -21.39 3.61
C ALA B 651 32.92 -22.37 3.32
N GLY B 652 33.24 -23.64 3.19
CA GLY B 652 32.28 -24.69 2.94
C GLY B 652 32.92 -25.78 2.09
N CYS B 653 32.14 -26.81 1.77
CA CYS B 653 32.71 -27.96 1.08
C CYS B 653 32.82 -27.65 -0.40
N LEU B 654 34.07 -27.63 -0.89
CA LEU B 654 34.40 -27.32 -2.27
C LEU B 654 34.34 -28.59 -3.09
N ILE B 655 33.43 -28.62 -4.05
CA ILE B 655 33.23 -29.76 -4.93
C ILE B 655 33.93 -29.48 -6.27
N GLY B 656 34.55 -30.52 -6.84
CA GLY B 656 35.20 -30.39 -8.13
C GLY B 656 36.71 -30.22 -8.14
N ALA B 657 37.24 -29.16 -7.54
CA ALA B 657 38.69 -29.03 -7.56
C ALA B 657 39.32 -29.90 -6.49
N GLU B 658 40.64 -30.08 -6.60
CA GLU B 658 41.38 -31.05 -5.81
C GLU B 658 42.36 -30.33 -4.89
N HIS B 659 42.55 -30.88 -3.69
CA HIS B 659 43.47 -30.28 -2.72
C HIS B 659 44.91 -30.44 -3.18
N VAL B 660 45.70 -29.40 -2.98
CA VAL B 660 47.15 -29.42 -3.20
C VAL B 660 47.83 -28.91 -1.95
N ASN B 661 48.75 -29.71 -1.41
CA ASN B 661 49.47 -29.32 -0.19
C ASN B 661 50.45 -28.18 -0.46
N ASN B 662 50.96 -28.06 -1.67
CA ASN B 662 51.86 -26.97 -2.03
C ASN B 662 51.07 -25.67 -2.13
N SER B 663 51.77 -24.55 -1.91
CA SER B 663 51.14 -23.23 -1.85
C SER B 663 51.72 -22.33 -2.93
N TYR B 664 50.84 -21.66 -3.65
CA TYR B 664 51.20 -20.73 -4.72
C TYR B 664 50.63 -19.35 -4.40
N GLU B 665 50.90 -18.40 -5.29
CA GLU B 665 50.22 -17.11 -5.24
C GLU B 665 48.77 -17.28 -5.68
N CYS B 666 47.89 -16.48 -5.09
CA CYS B 666 46.45 -16.62 -5.34
C CYS B 666 46.07 -16.22 -6.75
N ASP B 667 45.12 -16.97 -7.32
CA ASP B 667 44.60 -16.70 -8.65
C ASP B 667 43.11 -16.39 -8.62
N ILE B 668 42.30 -17.28 -8.06
CA ILE B 668 40.86 -17.07 -7.93
C ILE B 668 40.51 -17.16 -6.45
N PRO B 669 40.34 -16.03 -5.76
CA PRO B 669 40.04 -16.06 -4.32
C PRO B 669 38.66 -16.64 -4.04
N ILE B 670 38.62 -17.68 -3.21
CA ILE B 670 37.34 -18.27 -2.85
C ILE B 670 36.86 -17.78 -1.49
N GLY B 671 37.77 -17.44 -0.59
CA GLY B 671 37.40 -17.04 0.76
C GLY B 671 38.01 -17.95 1.80
N ALA B 672 38.14 -17.40 3.02
CA ALA B 672 38.52 -18.12 4.25
C ALA B 672 39.91 -18.76 4.15
N GLY B 673 40.79 -18.14 3.38
CA GLY B 673 42.18 -18.56 3.36
C GLY B 673 42.64 -19.25 2.08
N ILE B 674 41.78 -20.04 1.49
CA ILE B 674 42.12 -20.89 0.36
C ILE B 674 41.96 -20.06 -0.92
N CYS B 675 42.74 -20.39 -1.94
CA CYS B 675 42.53 -19.86 -3.28
C CYS B 675 42.52 -21.00 -4.28
N ALA B 676 41.78 -20.81 -5.37
CA ALA B 676 41.69 -21.77 -6.45
C ALA B 676 42.44 -21.28 -7.66
N SER B 677 42.89 -22.21 -8.50
CA SER B 677 43.63 -21.86 -9.71
C SER B 677 43.40 -22.95 -10.75
N TYR B 678 44.19 -22.93 -11.83
CA TYR B 678 44.03 -23.87 -12.93
C TYR B 678 45.41 -24.13 -13.53
N GLN B 679 46.05 -25.22 -13.11
CA GLN B 679 47.40 -25.56 -13.55
C GLN B 679 47.69 -27.01 -13.17
N THR B 680 48.87 -27.47 -13.57
CA THR B 680 49.41 -28.76 -13.13
C THR B 680 50.92 -28.67 -12.93
N SER B 693 45.14 -32.68 -19.04
CA SER B 693 45.83 -32.96 -17.79
C SER B 693 45.69 -31.79 -16.82
N GLN B 694 45.53 -30.58 -17.36
CA GLN B 694 45.36 -29.40 -16.53
C GLN B 694 43.98 -29.39 -15.89
N SER B 695 43.94 -29.15 -14.58
CA SER B 695 42.70 -29.17 -13.82
C SER B 695 42.70 -28.03 -12.82
N ILE B 696 41.59 -27.93 -12.09
CA ILE B 696 41.40 -26.91 -11.06
C ILE B 696 41.92 -27.45 -9.73
N ILE B 697 42.70 -26.63 -9.02
CA ILE B 697 43.30 -27.02 -7.77
C ILE B 697 42.97 -25.97 -6.71
N ALA B 698 42.74 -26.42 -5.48
CA ALA B 698 42.55 -25.53 -4.34
C ALA B 698 43.75 -25.64 -3.41
N TYR B 699 44.17 -24.50 -2.86
CA TYR B 699 45.40 -24.47 -2.06
C TYR B 699 45.37 -23.27 -1.14
N THR B 700 46.00 -23.43 0.02
CA THR B 700 46.23 -22.32 0.94
C THR B 700 47.19 -21.33 0.31
N MET B 701 46.89 -20.03 0.44
CA MET B 701 47.69 -18.96 -0.14
C MET B 701 49.11 -18.95 0.40
N SER B 702 50.03 -18.42 -0.40
CA SER B 702 51.40 -18.20 0.04
C SER B 702 51.67 -16.79 0.51
N LEU B 703 50.84 -15.83 0.08
CA LEU B 703 50.86 -14.43 0.52
C LEU B 703 52.20 -13.75 0.24
N GLY B 704 52.85 -14.15 -0.84
CA GLY B 704 54.18 -13.68 -1.16
C GLY B 704 55.25 -14.70 -0.84
N ALA B 705 56.47 -14.39 -1.25
CA ALA B 705 57.57 -15.33 -1.23
C ALA B 705 58.39 -15.17 0.04
N GLU B 706 58.63 -16.29 0.72
CA GLU B 706 59.39 -16.28 1.97
C GLU B 706 60.86 -15.89 1.72
N ASN B 707 61.27 -14.77 2.29
CA ASN B 707 62.64 -14.27 2.14
C ASN B 707 63.13 -13.79 3.50
N SER B 708 64.13 -14.47 4.05
CA SER B 708 64.76 -14.04 5.30
C SER B 708 65.95 -13.14 4.94
N VAL B 709 65.72 -11.83 4.97
CA VAL B 709 66.79 -10.86 4.73
C VAL B 709 67.84 -10.93 5.85
N ALA B 710 69.11 -10.93 5.43
CA ALA B 710 70.25 -11.32 6.26
C ALA B 710 70.47 -10.37 7.44
N TYR B 711 70.92 -10.96 8.55
CA TYR B 711 71.17 -10.21 9.79
C TYR B 711 72.46 -10.70 10.45
N ASN B 714 75.75 -7.43 12.71
CA ASN B 714 74.85 -6.28 12.64
C ASN B 714 74.69 -5.96 11.14
N SER B 715 73.50 -6.20 10.55
CA SER B 715 73.37 -6.14 9.08
C SER B 715 72.11 -5.41 8.64
N ILE B 716 72.13 -4.99 7.36
CA ILE B 716 71.00 -4.37 6.64
C ILE B 716 70.84 -5.07 5.29
N ALA B 717 69.91 -4.58 4.46
CA ALA B 717 70.02 -4.79 3.01
C ALA B 717 69.47 -3.59 2.24
N ILE B 718 70.05 -3.33 1.06
CA ILE B 718 69.71 -2.26 0.11
C ILE B 718 69.90 -2.74 -1.32
N PRO B 719 68.98 -2.46 -2.25
CA PRO B 719 69.05 -3.05 -3.60
C PRO B 719 70.12 -2.38 -4.46
N THR B 720 70.79 -3.19 -5.30
CA THR B 720 71.85 -2.64 -6.14
C THR B 720 71.27 -1.92 -7.36
N ASN B 721 70.62 -2.67 -8.23
CA ASN B 721 70.20 -2.13 -9.51
C ASN B 721 68.80 -1.53 -9.37
N PHE B 722 68.24 -1.11 -10.51
CA PHE B 722 66.96 -0.41 -10.48
C PHE B 722 66.29 -0.54 -11.85
N THR B 723 65.15 0.12 -11.99
CA THR B 723 64.43 0.35 -13.24
C THR B 723 63.73 1.68 -13.05
N ILE B 724 63.82 2.56 -14.05
CA ILE B 724 63.03 3.79 -13.94
C ILE B 724 61.62 3.41 -14.35
N SER B 725 60.81 3.05 -13.36
CA SER B 725 59.51 2.45 -13.63
C SER B 725 58.50 3.55 -13.91
N VAL B 726 57.98 3.58 -15.13
CA VAL B 726 56.87 4.46 -15.45
C VAL B 726 55.62 3.73 -15.01
N THR B 727 55.27 3.89 -13.73
CA THR B 727 54.07 3.28 -13.17
C THR B 727 52.85 3.99 -13.75
N THR B 728 51.70 3.32 -13.70
CA THR B 728 50.51 3.78 -14.41
C THR B 728 49.30 3.61 -13.50
N GLU B 729 48.81 4.72 -12.95
CA GLU B 729 47.67 4.72 -12.03
C GLU B 729 46.44 5.27 -12.72
N ILE B 730 45.34 4.53 -12.66
CA ILE B 730 44.11 4.87 -13.38
C ILE B 730 43.10 5.36 -12.35
N LEU B 731 42.87 6.68 -12.33
CA LEU B 731 41.91 7.19 -11.36
C LEU B 731 40.63 7.66 -12.05
N PRO B 732 39.44 7.30 -11.55
CA PRO B 732 38.21 7.91 -12.06
C PRO B 732 38.07 9.35 -11.61
N VAL B 733 37.35 10.14 -12.41
CA VAL B 733 37.13 11.56 -12.15
C VAL B 733 35.65 11.91 -12.15
N SER B 734 34.92 11.53 -13.20
CA SER B 734 33.56 12.00 -13.39
C SER B 734 32.63 10.86 -13.80
N MET B 735 31.41 10.88 -13.26
CA MET B 735 30.33 10.03 -13.72
C MET B 735 29.61 10.64 -14.92
N THR B 736 28.71 9.86 -15.51
CA THR B 736 27.86 10.35 -16.58
C THR B 736 26.67 11.12 -16.00
N LYS B 737 26.40 12.30 -16.55
CA LYS B 737 25.38 13.21 -16.03
C LYS B 737 24.01 12.77 -16.52
N THR B 738 23.12 12.40 -15.59
CA THR B 738 21.79 11.91 -15.92
C THR B 738 20.74 12.72 -15.17
N SER B 739 19.71 13.17 -15.89
CA SER B 739 18.56 13.82 -15.30
C SER B 739 17.29 13.08 -15.72
N VAL B 740 16.34 12.95 -14.78
CA VAL B 740 15.11 12.20 -14.98
C VAL B 740 13.93 13.17 -14.95
N ASP B 741 12.90 12.87 -15.74
CA ASP B 741 11.61 13.56 -15.70
C ASP B 741 10.57 12.56 -15.20
N CYS B 742 9.92 12.92 -14.09
CA CYS B 742 9.05 11.98 -13.38
C CYS B 742 7.77 11.70 -14.14
N THR B 743 7.12 12.76 -14.62
CA THR B 743 5.81 12.68 -15.25
C THR B 743 5.86 11.96 -16.59
N MET B 744 7.03 11.85 -17.20
CA MET B 744 7.20 10.97 -18.34
C MET B 744 7.60 9.55 -17.94
N TYR B 745 8.36 9.41 -16.85
CA TYR B 745 8.77 8.08 -16.40
C TYR B 745 7.60 7.32 -15.80
N ILE B 746 6.99 7.87 -14.75
CA ILE B 746 5.92 7.15 -14.04
C ILE B 746 4.64 7.16 -14.86
N CYS B 747 4.30 8.30 -15.47
CA CYS B 747 2.98 8.54 -16.02
C CYS B 747 3.06 8.98 -17.47
N GLY B 748 3.78 8.21 -18.28
CA GLY B 748 3.99 8.52 -19.68
C GLY B 748 2.72 8.62 -20.51
N ASP B 749 2.44 9.84 -20.99
CA ASP B 749 1.25 10.18 -21.79
C ASP B 749 -0.06 9.85 -21.07
N SER B 750 -0.11 10.09 -19.76
CA SER B 750 -1.30 9.88 -18.97
C SER B 750 -1.56 11.11 -18.12
N THR B 751 -2.80 11.58 -18.10
CA THR B 751 -3.16 12.77 -17.33
C THR B 751 -3.66 12.41 -15.93
N GLU B 752 -4.45 11.34 -15.80
CA GLU B 752 -4.96 10.92 -14.50
C GLU B 752 -3.85 10.35 -13.62
N CYS B 753 -2.79 9.80 -14.22
CA CYS B 753 -1.63 9.41 -13.45
C CYS B 753 -0.90 10.64 -12.90
N SER B 754 -0.83 11.70 -13.70
CA SER B 754 -0.19 12.93 -13.25
C SER B 754 -1.00 13.61 -12.16
N ASN B 755 -2.33 13.47 -12.20
CA ASN B 755 -3.18 14.02 -11.16
C ASN B 755 -2.94 13.32 -9.83
N LEU B 756 -2.79 11.99 -9.85
CA LEU B 756 -2.53 11.26 -8.63
C LEU B 756 -1.08 11.42 -8.20
N LEU B 757 -0.17 11.67 -9.14
CA LEU B 757 1.20 11.98 -8.78
C LEU B 757 1.30 13.33 -8.09
N LEU B 758 0.42 14.26 -8.48
CA LEU B 758 0.29 15.53 -7.76
C LEU B 758 -0.26 15.31 -6.36
N GLN B 759 -1.10 14.28 -6.17
CA GLN B 759 -1.66 13.97 -4.86
C GLN B 759 -0.60 13.48 -3.87
N TYR B 760 0.55 13.04 -4.36
CA TYR B 760 1.68 12.65 -3.51
C TYR B 760 2.53 13.83 -3.09
N GLY B 761 2.05 15.06 -3.28
CA GLY B 761 2.73 16.26 -2.85
C GLY B 761 3.90 16.66 -3.72
N SER B 762 5.10 16.58 -3.17
CA SER B 762 6.30 17.00 -3.92
C SER B 762 7.41 16.02 -3.55
N PHE B 763 7.51 14.96 -4.35
CA PHE B 763 8.61 14.02 -4.23
C PHE B 763 9.67 14.20 -5.29
N CYS B 764 9.30 14.61 -6.51
CA CYS B 764 10.34 14.67 -7.51
C CYS B 764 10.80 16.09 -7.81
N THR B 765 10.28 17.08 -7.11
CA THR B 765 10.99 18.36 -7.00
C THR B 765 12.35 18.13 -6.33
N GLN B 766 12.36 17.37 -5.23
CA GLN B 766 13.62 17.11 -4.55
C GLN B 766 14.42 16.01 -5.23
N LEU B 767 13.77 15.12 -6.00
CA LEU B 767 14.53 14.14 -6.77
C LEU B 767 15.31 14.83 -7.88
N ASN B 768 14.69 15.82 -8.53
CA ASN B 768 15.39 16.57 -9.57
C ASN B 768 16.47 17.46 -8.98
N ARG B 769 16.26 17.99 -7.77
CA ARG B 769 17.33 18.76 -7.13
C ARG B 769 18.47 17.85 -6.66
N ALA B 770 18.17 16.60 -6.35
CA ALA B 770 19.23 15.65 -5.99
C ALA B 770 20.09 15.33 -7.19
N LEU B 771 19.45 15.08 -8.35
CA LEU B 771 20.21 14.70 -9.54
C LEU B 771 20.91 15.89 -10.17
N THR B 772 20.36 17.11 -10.02
CA THR B 772 21.05 18.29 -10.51
C THR B 772 22.27 18.60 -9.65
N GLY B 773 22.16 18.35 -8.34
CA GLY B 773 23.31 18.50 -7.47
C GLY B 773 24.43 17.52 -7.78
N ILE B 774 24.08 16.34 -8.27
CA ILE B 774 25.09 15.40 -8.76
C ILE B 774 25.73 15.92 -10.04
N ALA B 775 24.91 16.48 -10.95
CA ALA B 775 25.40 16.85 -12.27
C ALA B 775 26.31 18.08 -12.23
N VAL B 776 26.00 19.04 -11.36
CA VAL B 776 26.90 20.19 -11.20
C VAL B 776 28.17 19.77 -10.46
N GLU B 777 28.10 18.70 -9.67
CA GLU B 777 29.27 18.21 -8.94
C GLU B 777 30.28 17.57 -9.89
N GLN B 778 29.82 16.92 -10.96
CA GLN B 778 30.73 16.31 -11.92
C GLN B 778 31.47 17.36 -12.72
N ASP B 779 30.87 18.54 -12.92
CA ASP B 779 31.58 19.62 -13.58
C ASP B 779 32.64 20.23 -12.69
N LYS B 780 32.42 20.24 -11.37
CA LYS B 780 33.45 20.67 -10.44
C LYS B 780 34.60 19.67 -10.39
N ASN B 781 34.29 18.38 -10.51
CA ASN B 781 35.33 17.35 -10.44
C ASN B 781 36.30 17.45 -11.61
N THR B 782 35.77 17.61 -12.82
CA THR B 782 36.61 17.69 -14.00
C THR B 782 37.38 18.99 -14.04
N GLN B 783 36.81 20.07 -13.49
CA GLN B 783 37.47 21.38 -13.51
C GLN B 783 38.41 21.58 -12.35
N GLU B 784 38.44 20.69 -11.36
CA GLU B 784 39.47 20.78 -10.33
C GLU B 784 40.69 19.95 -10.66
N VAL B 785 40.52 18.85 -11.39
CA VAL B 785 41.64 17.96 -11.70
C VAL B 785 42.46 18.54 -12.83
N PHE B 786 41.82 18.86 -13.95
CA PHE B 786 42.55 19.26 -15.14
C PHE B 786 42.87 20.75 -15.16
N ALA B 787 41.95 21.60 -14.70
CA ALA B 787 42.17 23.04 -14.76
C ALA B 787 42.96 23.55 -13.56
N GLN B 788 44.12 22.96 -13.29
CA GLN B 788 45.01 23.41 -12.23
C GLN B 788 45.86 24.60 -12.65
N VAL B 789 45.71 25.10 -13.86
CA VAL B 789 46.53 26.18 -14.36
C VAL B 789 45.66 27.10 -15.21
N LYS B 790 45.96 28.40 -15.18
CA LYS B 790 45.13 29.37 -15.88
C LYS B 790 45.47 29.47 -17.36
N GLN B 791 46.75 29.49 -17.70
CA GLN B 791 47.15 29.63 -19.08
C GLN B 791 47.05 28.29 -19.81
N ILE B 792 47.37 28.31 -21.10
CA ILE B 792 47.47 27.10 -21.91
C ILE B 792 48.78 27.21 -22.68
N TYR B 793 49.69 26.27 -22.43
CA TYR B 793 51.02 26.33 -23.00
C TYR B 793 51.12 25.44 -24.22
N LYS B 794 51.91 25.90 -25.19
CA LYS B 794 52.11 25.19 -26.43
C LYS B 794 53.45 24.49 -26.38
N THR B 795 53.47 23.25 -26.81
CA THR B 795 54.73 22.56 -27.05
C THR B 795 55.41 23.25 -28.22
N PRO B 796 56.68 23.65 -28.10
CA PRO B 796 57.35 24.33 -29.20
C PRO B 796 57.50 23.41 -30.40
N PRO B 797 57.51 23.97 -31.62
CA PRO B 797 57.54 23.13 -32.83
C PRO B 797 58.77 22.24 -32.95
N ILE B 798 59.91 22.70 -32.44
CA ILE B 798 61.04 21.81 -32.19
C ILE B 798 60.83 21.21 -30.80
N LYS B 799 60.82 19.87 -30.73
CA LYS B 799 60.51 19.15 -29.50
C LYS B 799 61.71 18.27 -29.15
N ASP B 800 62.67 18.84 -28.44
CA ASP B 800 63.82 18.11 -27.90
C ASP B 800 63.63 17.82 -26.42
N PHE B 801 62.57 17.09 -26.09
CA PHE B 801 62.18 16.86 -24.70
C PHE B 801 62.77 15.57 -24.14
N GLY B 802 64.07 15.35 -24.32
CA GLY B 802 64.72 14.16 -23.78
C GLY B 802 64.39 12.80 -24.36
N GLY B 803 63.35 12.68 -25.19
CA GLY B 803 63.20 11.52 -26.05
C GLY B 803 62.06 10.56 -25.77
N PHE B 804 61.05 10.94 -24.98
CA PHE B 804 59.98 9.99 -24.67
C PHE B 804 59.10 9.76 -25.88
N ASN B 805 58.24 8.74 -25.78
CA ASN B 805 57.26 8.41 -26.83
C ASN B 805 56.14 9.47 -26.77
N PHE B 806 56.48 10.67 -27.21
CA PHE B 806 55.57 11.79 -27.10
C PHE B 806 54.75 11.98 -28.36
N SER B 807 54.87 11.10 -29.35
CA SER B 807 54.06 11.22 -30.56
C SER B 807 52.60 10.88 -30.28
N GLN B 808 52.36 9.79 -29.55
CA GLN B 808 51.02 9.43 -29.13
C GLN B 808 50.64 10.07 -27.79
N ILE B 809 51.61 10.61 -27.05
CA ILE B 809 51.32 11.33 -25.81
C ILE B 809 50.89 12.77 -26.10
N LEU B 810 51.78 13.56 -26.71
CA LEU B 810 51.43 14.92 -27.10
C LEU B 810 50.54 14.88 -28.34
N PRO B 811 49.65 15.86 -28.53
CA PRO B 811 48.60 15.71 -29.54
C PRO B 811 49.12 15.73 -30.98
N ASP B 812 48.47 14.91 -31.81
CA ASP B 812 48.76 14.79 -33.23
C ASP B 812 47.77 15.63 -34.01
N PRO B 813 48.22 16.42 -35.00
CA PRO B 813 47.29 17.21 -35.81
C PRO B 813 46.58 16.43 -36.90
N SER B 814 46.63 15.10 -36.90
CA SER B 814 46.03 14.28 -37.94
C SER B 814 44.55 13.99 -37.64
N LYS B 815 44.22 13.70 -36.39
CA LYS B 815 42.86 13.32 -36.04
C LYS B 815 41.93 14.54 -36.09
N PRO B 816 40.74 14.42 -36.71
CA PRO B 816 39.80 15.56 -36.74
C PRO B 816 39.22 15.91 -35.37
N SER B 817 38.63 14.94 -34.69
CA SER B 817 38.20 15.12 -33.30
C SER B 817 39.46 14.94 -32.45
N LYS B 818 40.13 16.05 -32.17
CA LYS B 818 41.53 16.03 -31.76
C LYS B 818 41.71 15.48 -30.36
N ARG B 819 42.52 14.43 -30.26
CA ARG B 819 42.96 13.85 -29.01
C ARG B 819 44.42 13.43 -29.22
N SER B 820 44.91 12.59 -28.33
CA SER B 820 46.19 11.91 -28.50
C SER B 820 45.90 10.43 -28.66
N PHE B 821 46.77 9.70 -29.39
CA PHE B 821 46.52 8.28 -29.62
C PHE B 821 46.54 7.47 -28.33
N ILE B 822 47.38 7.87 -27.36
CA ILE B 822 47.34 7.25 -26.03
C ILE B 822 45.98 7.49 -25.38
N GLU B 823 45.45 8.70 -25.52
CA GLU B 823 44.08 8.95 -25.11
C GLU B 823 43.08 8.17 -25.96
N ASP B 824 43.41 7.92 -27.23
CA ASP B 824 42.56 7.05 -28.05
C ASP B 824 42.67 5.59 -27.65
N LEU B 825 43.86 5.12 -27.23
CA LEU B 825 43.99 3.77 -26.71
C LEU B 825 43.12 3.57 -25.47
N LEU B 826 43.08 4.57 -24.61
CA LEU B 826 42.16 4.50 -23.48
C LEU B 826 40.72 4.74 -23.92
N PHE B 827 40.52 5.49 -25.01
CA PHE B 827 39.16 5.67 -25.53
C PHE B 827 38.66 4.40 -26.21
N ASN B 828 39.55 3.64 -26.84
CA ASN B 828 39.12 2.43 -27.55
C ASN B 828 38.67 1.34 -26.58
N LYS B 829 39.37 1.18 -25.45
CA LYS B 829 39.05 0.09 -24.53
C LYS B 829 37.76 0.34 -23.76
N VAL B 830 37.46 1.60 -23.43
CA VAL B 830 36.23 1.89 -22.69
C VAL B 830 35.03 1.91 -23.62
N LYS B 858 17.20 3.31 -23.43
CA LYS B 858 17.74 4.62 -23.81
C LYS B 858 16.91 5.76 -23.23
N PHE B 859 15.96 6.24 -24.01
CA PHE B 859 15.18 7.42 -23.68
C PHE B 859 13.78 6.99 -23.23
N ASN B 860 13.56 6.99 -21.91
CA ASN B 860 12.25 6.74 -21.32
C ASN B 860 12.02 7.73 -20.19
N GLY B 861 12.33 8.99 -20.43
CA GLY B 861 12.35 9.97 -19.37
C GLY B 861 13.77 10.30 -18.95
N LEU B 862 14.64 9.29 -18.99
CA LEU B 862 16.05 9.49 -18.67
C LEU B 862 16.74 10.28 -19.78
N THR B 863 17.51 11.29 -19.39
CA THR B 863 18.20 12.15 -20.35
C THR B 863 19.67 12.25 -19.94
N VAL B 864 20.56 11.82 -20.83
CA VAL B 864 22.00 11.84 -20.58
C VAL B 864 22.51 13.19 -21.07
N LEU B 865 22.62 14.14 -20.15
CA LEU B 865 23.14 15.46 -20.48
C LEU B 865 24.64 15.40 -20.74
N PRO B 866 25.15 16.19 -21.68
CA PRO B 866 26.58 16.12 -22.00
C PRO B 866 27.40 16.89 -20.98
N PRO B 867 28.65 16.51 -20.78
CA PRO B 867 29.54 17.31 -19.92
C PRO B 867 29.92 18.62 -20.60
N LEU B 868 30.21 19.63 -19.79
CA LEU B 868 30.70 20.89 -20.32
C LEU B 868 32.06 20.73 -20.97
N LEU B 869 33.02 20.21 -20.22
CA LEU B 869 34.42 20.16 -20.64
C LEU B 869 34.56 19.00 -21.62
N THR B 870 34.55 19.31 -22.92
CA THR B 870 34.60 18.30 -23.97
C THR B 870 35.94 17.57 -23.99
N ASP B 871 35.96 16.45 -24.72
CA ASP B 871 37.14 15.60 -24.79
C ASP B 871 38.31 16.31 -25.47
N GLU B 872 38.03 17.23 -26.40
CA GLU B 872 39.11 18.00 -27.00
C GLU B 872 39.63 19.05 -26.04
N MET B 873 38.76 19.63 -25.21
CA MET B 873 39.20 20.68 -24.31
C MET B 873 39.93 20.12 -23.11
N ILE B 874 39.56 18.91 -22.66
CA ILE B 874 40.29 18.24 -21.59
C ILE B 874 41.68 17.87 -22.06
N ALA B 875 41.79 17.37 -23.29
CA ALA B 875 43.08 17.04 -23.88
C ALA B 875 43.93 18.27 -24.18
N GLN B 876 43.33 19.46 -24.21
CA GLN B 876 44.13 20.69 -24.29
C GLN B 876 44.64 21.09 -22.92
N TYR B 877 43.84 20.87 -21.87
CA TYR B 877 44.31 21.03 -20.49
C TYR B 877 45.46 20.08 -20.17
N THR B 878 45.35 18.84 -20.62
CA THR B 878 46.37 17.84 -20.30
C THR B 878 47.67 18.12 -21.05
N SER B 879 47.58 18.53 -22.31
CA SER B 879 48.79 18.90 -23.05
C SER B 879 49.40 20.20 -22.52
N ALA B 880 48.58 21.06 -21.93
CA ALA B 880 49.14 22.22 -21.24
C ALA B 880 49.88 21.80 -19.97
N LEU B 881 49.37 20.80 -19.28
CA LEU B 881 50.05 20.28 -18.10
C LEU B 881 51.31 19.52 -18.48
N LEU B 882 51.28 18.81 -19.61
CA LEU B 882 52.47 18.13 -20.10
C LEU B 882 53.52 19.13 -20.56
N ALA B 883 53.11 20.15 -21.32
CA ALA B 883 54.06 21.18 -21.73
C ALA B 883 54.45 22.05 -20.55
N GLY B 884 53.59 22.17 -19.54
CA GLY B 884 53.98 22.85 -18.33
C GLY B 884 55.00 22.08 -17.52
N THR B 885 54.84 20.75 -17.45
CA THR B 885 55.75 19.95 -16.66
C THR B 885 57.12 19.84 -17.32
N ILE B 886 57.14 19.72 -18.66
CA ILE B 886 58.40 19.51 -19.37
C ILE B 886 59.19 20.79 -19.46
N THR B 887 58.54 21.87 -19.91
CA THR B 887 59.26 23.11 -20.17
C THR B 887 59.42 23.96 -18.91
N SER B 888 58.55 23.78 -17.90
CA SER B 888 58.56 24.68 -16.76
C SER B 888 58.55 23.99 -15.40
N GLY B 889 58.38 22.67 -15.35
CA GLY B 889 58.65 21.93 -14.13
C GLY B 889 57.59 21.98 -13.05
N TRP B 890 57.97 22.52 -11.90
CA TRP B 890 57.04 22.79 -10.81
C TRP B 890 56.66 24.25 -10.70
N THR B 891 57.46 25.15 -11.29
CA THR B 891 57.24 26.58 -11.15
C THR B 891 56.02 27.08 -11.92
N PHE B 892 55.41 26.25 -12.76
CA PHE B 892 54.17 26.61 -13.41
C PHE B 892 52.96 26.44 -12.52
N GLY B 893 53.15 25.95 -11.30
CA GLY B 893 52.06 25.84 -10.35
C GLY B 893 51.79 27.07 -9.52
N ALA B 894 52.71 28.04 -9.54
CA ALA B 894 52.53 29.30 -8.82
C ALA B 894 51.69 30.29 -9.61
N GLY B 895 52.08 30.57 -10.85
CA GLY B 895 51.34 31.46 -11.73
C GLY B 895 51.21 30.90 -13.14
N ALA B 896 51.78 31.59 -14.11
CA ALA B 896 51.96 31.03 -15.44
C ALA B 896 53.15 30.07 -15.45
N ALA B 897 53.56 29.61 -16.62
CA ALA B 897 54.75 28.77 -16.71
C ALA B 897 56.01 29.59 -16.59
N LEU B 898 56.96 29.09 -15.81
CA LEU B 898 58.27 29.71 -15.66
C LEU B 898 59.30 28.64 -16.04
N GLN B 899 59.94 28.83 -17.21
CA GLN B 899 60.73 27.83 -17.92
C GLN B 899 61.83 27.17 -17.08
N ILE B 900 62.09 25.88 -17.36
CA ILE B 900 63.11 25.01 -16.74
C ILE B 900 63.53 24.02 -17.83
N PRO B 901 64.81 23.79 -18.12
CA PRO B 901 65.15 22.74 -19.09
C PRO B 901 64.89 21.35 -18.51
N PHE B 902 64.80 20.37 -19.41
CA PHE B 902 64.41 19.02 -18.99
C PHE B 902 65.52 18.33 -18.21
N ALA B 903 66.78 18.54 -18.59
CA ALA B 903 67.86 17.90 -17.86
C ALA B 903 68.24 18.69 -16.60
N MET B 904 67.67 19.87 -16.44
CA MET B 904 67.75 20.57 -15.16
C MET B 904 66.59 20.28 -14.23
N GLN B 905 65.41 19.96 -14.74
CA GLN B 905 64.29 19.74 -13.84
C GLN B 905 64.24 18.34 -13.28
N MET B 906 64.86 17.37 -13.95
CA MET B 906 64.84 16.02 -13.41
C MET B 906 65.97 15.84 -12.43
N ALA B 907 67.08 16.56 -12.65
CA ALA B 907 68.13 16.64 -11.64
C ALA B 907 67.59 17.19 -10.33
N TYR B 908 66.78 18.24 -10.40
CA TYR B 908 66.15 18.80 -9.21
C TYR B 908 65.07 17.89 -8.67
N ARG B 909 64.51 17.03 -9.52
CA ARG B 909 63.58 16.03 -9.02
C ARG B 909 64.32 14.86 -8.38
N PHE B 910 65.61 14.69 -8.64
CA PHE B 910 66.37 13.75 -7.82
C PHE B 910 66.67 14.33 -6.45
N ASN B 911 67.23 15.54 -6.41
CA ASN B 911 67.72 16.11 -5.16
C ASN B 911 66.59 16.40 -4.17
N GLY B 912 65.35 16.50 -4.64
CA GLY B 912 64.21 16.69 -3.78
C GLY B 912 63.66 15.47 -3.08
N ILE B 913 64.17 14.28 -3.38
CA ILE B 913 63.77 13.06 -2.69
C ILE B 913 64.95 12.34 -2.06
N GLY B 914 66.05 13.05 -1.89
CA GLY B 914 67.25 12.49 -1.28
C GLY B 914 68.08 11.61 -2.20
N VAL B 915 67.63 11.41 -3.43
CA VAL B 915 68.38 10.64 -4.41
C VAL B 915 69.38 11.58 -5.06
N THR B 916 70.59 11.11 -5.28
CA THR B 916 71.58 11.92 -5.96
C THR B 916 71.18 12.10 -7.42
N GLN B 917 71.62 13.21 -8.01
CA GLN B 917 71.14 13.68 -9.30
C GLN B 917 71.87 13.04 -10.49
N ASN B 918 72.45 11.87 -10.27
CA ASN B 918 73.29 11.18 -11.23
C ASN B 918 72.67 9.90 -11.80
N VAL B 919 71.36 9.86 -12.02
CA VAL B 919 70.71 8.66 -12.53
C VAL B 919 70.10 8.89 -13.92
N LEU B 920 69.19 9.86 -14.04
CA LEU B 920 68.71 10.22 -15.37
C LEU B 920 69.72 11.16 -16.05
N TYR B 921 70.66 11.70 -15.29
CA TYR B 921 71.77 12.41 -15.86
C TYR B 921 72.77 11.47 -16.51
N GLU B 922 72.65 10.16 -16.28
CA GLU B 922 73.56 9.18 -16.85
C GLU B 922 72.85 8.08 -17.62
N ASN B 923 71.53 7.92 -17.46
CA ASN B 923 70.85 6.79 -18.06
C ASN B 923 69.57 7.19 -18.79
N GLN B 924 69.58 8.29 -19.57
CA GLN B 924 68.36 8.81 -20.19
C GLN B 924 67.75 7.81 -21.18
N LYS B 925 68.61 7.08 -21.91
CA LYS B 925 68.14 6.06 -22.85
C LYS B 925 67.43 4.91 -22.15
N LEU B 926 67.76 4.65 -20.88
CA LEU B 926 66.98 3.70 -20.08
C LEU B 926 65.57 4.21 -19.83
N ILE B 927 65.43 5.51 -19.60
CA ILE B 927 64.10 6.07 -19.31
C ILE B 927 63.21 6.01 -20.54
N ALA B 928 63.73 6.42 -21.70
CA ALA B 928 62.93 6.46 -22.92
C ALA B 928 62.55 5.07 -23.41
N ASN B 929 63.41 4.08 -23.17
CA ASN B 929 63.09 2.70 -23.57
C ASN B 929 62.11 2.05 -22.62
N GLN B 930 62.28 2.25 -21.31
CA GLN B 930 61.32 1.71 -20.34
C GLN B 930 59.98 2.43 -20.42
N PHE B 931 59.98 3.68 -20.86
CA PHE B 931 58.73 4.38 -21.09
C PHE B 931 57.98 3.77 -22.27
N ASN B 932 58.72 3.37 -23.30
CA ASN B 932 58.11 2.74 -24.45
C ASN B 932 57.61 1.35 -24.10
N SER B 933 58.39 0.60 -23.31
CA SER B 933 58.03 -0.78 -22.99
C SER B 933 56.87 -0.87 -22.01
N ALA B 934 56.84 -0.01 -20.99
CA ALA B 934 55.81 -0.11 -19.96
C ALA B 934 54.46 0.33 -20.48
N ILE B 935 54.42 1.37 -21.32
CA ILE B 935 53.20 1.71 -22.02
C ILE B 935 52.91 0.67 -23.10
N GLY B 936 53.96 0.00 -23.60
CA GLY B 936 53.77 -1.14 -24.49
C GLY B 936 53.07 -2.31 -23.81
N LYS B 937 53.33 -2.50 -22.51
CA LYS B 937 52.57 -3.48 -21.75
C LYS B 937 51.12 -3.05 -21.57
N ILE B 938 50.89 -1.74 -21.49
CA ILE B 938 49.52 -1.23 -21.33
C ILE B 938 48.69 -1.48 -22.59
N GLN B 939 49.25 -1.16 -23.75
CA GLN B 939 48.51 -1.34 -24.99
C GLN B 939 48.49 -2.80 -25.39
N LEU B 949 42.30 -1.28 -17.80
CA LEU B 949 41.52 -0.20 -17.22
C LEU B 949 40.44 -0.75 -16.31
N GLY B 950 40.86 -1.34 -15.20
CA GLY B 950 39.91 -2.00 -14.31
C GLY B 950 38.98 -1.01 -13.60
N LYS B 951 39.54 0.08 -13.11
CA LYS B 951 38.75 1.05 -12.35
C LYS B 951 37.80 1.83 -13.26
N LEU B 952 38.24 2.14 -14.47
CA LEU B 952 37.47 3.03 -15.34
C LEU B 952 36.30 2.30 -15.98
N GLN B 953 36.53 1.08 -16.46
CA GLN B 953 35.47 0.29 -17.06
C GLN B 953 34.42 -0.13 -16.03
N ASN B 954 34.83 -0.21 -14.76
CA ASN B 954 33.90 -0.51 -13.68
C ASN B 954 32.88 0.62 -13.52
N VAL B 955 33.34 1.88 -13.58
CA VAL B 955 32.47 3.02 -13.35
C VAL B 955 31.45 3.17 -14.48
N VAL B 956 31.87 2.88 -15.72
CA VAL B 956 30.95 2.90 -16.85
C VAL B 956 29.91 1.79 -16.71
N ASN B 957 30.33 0.62 -16.21
CA ASN B 957 29.43 -0.51 -16.11
C ASN B 957 28.39 -0.35 -15.02
N GLN B 958 28.79 0.21 -13.86
CA GLN B 958 27.83 0.40 -12.76
C GLN B 958 26.76 1.42 -13.13
N ASN B 959 27.12 2.43 -13.91
CA ASN B 959 26.12 3.37 -14.43
C ASN B 959 25.18 2.69 -15.41
N ALA B 960 25.70 1.74 -16.20
CA ALA B 960 24.87 1.08 -17.21
C ALA B 960 23.85 0.14 -16.57
N GLN B 961 24.28 -0.63 -15.57
CA GLN B 961 23.34 -1.53 -14.89
C GLN B 961 22.33 -0.77 -14.03
N ALA B 962 22.69 0.42 -13.55
CA ALA B 962 21.76 1.23 -12.78
C ALA B 962 20.60 1.70 -13.63
N LEU B 963 20.90 2.21 -14.84
CA LEU B 963 19.83 2.66 -15.73
C LEU B 963 19.04 1.49 -16.31
N ASN B 964 19.70 0.34 -16.51
CA ASN B 964 19.02 -0.79 -17.15
C ASN B 964 18.01 -1.43 -16.21
N THR B 965 18.34 -1.51 -14.92
CA THR B 965 17.36 -1.99 -13.95
C THR B 965 16.20 -1.00 -13.80
N LEU B 966 16.50 0.30 -13.93
CA LEU B 966 15.47 1.32 -13.83
C LEU B 966 14.48 1.24 -14.99
N VAL B 967 14.98 0.93 -16.19
CA VAL B 967 14.10 0.80 -17.35
C VAL B 967 13.27 -0.47 -17.25
N LYS B 968 13.88 -1.58 -16.83
CA LYS B 968 13.16 -2.85 -16.75
C LYS B 968 12.16 -2.90 -15.60
N GLN B 969 12.15 -1.91 -14.71
CA GLN B 969 11.10 -1.82 -13.71
C GLN B 969 9.74 -1.49 -14.32
N LEU B 970 9.70 -0.94 -15.52
CA LEU B 970 8.42 -0.66 -16.17
C LEU B 970 7.74 -1.92 -16.69
N SER B 971 8.44 -3.06 -16.72
CA SER B 971 7.82 -4.33 -17.05
C SER B 971 7.34 -5.07 -15.81
N SER B 972 7.45 -4.45 -14.63
CA SER B 972 7.04 -5.05 -13.38
C SER B 972 5.75 -4.41 -12.91
N ASN B 973 4.74 -5.23 -12.63
CA ASN B 973 3.40 -4.73 -12.34
C ASN B 973 3.19 -4.37 -10.88
N PHE B 974 4.12 -4.75 -9.99
CA PHE B 974 4.06 -4.47 -8.54
C PHE B 974 2.77 -4.95 -7.90
N GLY B 975 2.30 -6.12 -8.33
CA GLY B 975 1.14 -6.73 -7.74
C GLY B 975 -0.20 -6.25 -8.27
N ALA B 976 -0.21 -5.45 -9.32
CA ALA B 976 -1.45 -5.00 -9.92
C ALA B 976 -1.81 -5.89 -11.11
N ILE B 977 -2.81 -5.48 -11.88
CA ILE B 977 -3.33 -6.31 -12.95
C ILE B 977 -2.38 -6.35 -14.14
N SER B 978 -1.67 -5.25 -14.40
CA SER B 978 -0.77 -5.16 -15.53
C SER B 978 0.29 -4.11 -15.25
N SER B 979 1.31 -4.09 -16.11
CA SER B 979 2.41 -3.16 -15.98
C SER B 979 2.41 -2.06 -17.04
N VAL B 980 1.40 -2.03 -17.90
CA VAL B 980 1.27 -1.00 -18.92
C VAL B 980 0.10 -0.09 -18.55
N LEU B 981 0.19 1.17 -18.97
CA LEU B 981 -0.75 2.19 -18.53
C LEU B 981 -2.13 2.01 -19.18
N ASN B 982 -2.15 1.78 -20.49
CA ASN B 982 -3.40 1.88 -21.25
C ASN B 982 -4.35 0.73 -20.96
N ASP B 983 -3.81 -0.46 -20.68
CA ASP B 983 -4.66 -1.63 -20.40
C ASP B 983 -5.40 -1.46 -19.07
N ILE B 984 -4.73 -0.86 -18.08
CA ILE B 984 -5.39 -0.61 -16.79
C ILE B 984 -6.50 0.42 -16.96
N LEU B 985 -6.26 1.43 -17.80
CA LEU B 985 -7.26 2.48 -18.01
C LEU B 985 -8.45 1.96 -18.81
N SER B 986 -8.20 1.10 -19.79
CA SER B 986 -9.28 0.62 -20.65
C SER B 986 -10.14 -0.43 -19.96
N ARG B 987 -9.50 -1.35 -19.23
CA ARG B 987 -10.23 -2.49 -18.65
C ARG B 987 -11.10 -2.05 -17.49
N LEU B 988 -10.64 -1.06 -16.71
CA LEU B 988 -11.35 -0.65 -15.51
C LEU B 988 -11.79 0.81 -15.62
N ASP B 989 -12.21 1.39 -14.50
CA ASP B 989 -12.81 2.71 -14.44
C ASP B 989 -12.32 3.39 -13.15
N PRO B 990 -12.48 4.71 -12.97
CA PRO B 990 -11.92 5.39 -11.76
C PRO B 990 -12.44 4.89 -10.41
N PRO B 991 -13.56 4.16 -10.31
CA PRO B 991 -13.74 3.32 -9.11
C PRO B 991 -12.58 2.40 -8.74
N GLU B 992 -12.15 1.50 -9.63
CA GLU B 992 -11.17 0.49 -9.25
C GLU B 992 -9.81 0.63 -9.92
N ALA B 993 -9.74 1.25 -11.11
CA ALA B 993 -8.45 1.61 -11.72
C ALA B 993 -7.62 2.54 -10.84
N GLU B 994 -8.30 3.32 -9.98
CA GLU B 994 -7.63 4.16 -8.99
C GLU B 994 -6.74 3.34 -8.06
N VAL B 995 -7.23 2.17 -7.61
CA VAL B 995 -6.43 1.31 -6.75
C VAL B 995 -5.28 0.70 -7.52
N GLN B 996 -5.53 0.25 -8.76
CA GLN B 996 -4.53 -0.42 -9.57
C GLN B 996 -3.41 0.53 -9.96
N ILE B 997 -3.76 1.77 -10.31
CA ILE B 997 -2.74 2.73 -10.72
C ILE B 997 -1.95 3.23 -9.52
N ASP B 998 -2.50 3.09 -8.31
CA ASP B 998 -1.76 3.49 -7.12
C ASP B 998 -0.59 2.55 -6.87
N ARG B 999 -0.79 1.25 -7.14
CA ARG B 999 0.30 0.28 -7.02
C ARG B 999 1.40 0.56 -8.03
N LEU B 1000 1.04 0.94 -9.26
CA LEU B 1000 2.04 1.26 -10.28
C LEU B 1000 2.82 2.51 -9.91
N ILE B 1001 2.16 3.52 -9.37
CA ILE B 1001 2.85 4.75 -9.00
C ILE B 1001 3.79 4.53 -7.82
N THR B 1002 3.28 3.90 -6.75
CA THR B 1002 4.13 3.70 -5.57
C THR B 1002 5.17 2.62 -5.81
N GLY B 1003 4.97 1.75 -6.80
CA GLY B 1003 6.03 0.84 -7.20
C GLY B 1003 7.12 1.57 -7.97
N ARG B 1004 6.72 2.39 -8.94
CA ARG B 1004 7.69 3.10 -9.76
C ARG B 1004 8.33 4.27 -9.02
N LEU B 1005 7.68 4.80 -7.99
CA LEU B 1005 8.30 5.89 -7.24
C LEU B 1005 9.36 5.36 -6.30
N GLN B 1006 9.16 4.16 -5.74
CA GLN B 1006 10.21 3.52 -4.96
C GLN B 1006 11.39 3.12 -5.84
N SER B 1007 11.15 2.85 -7.12
CA SER B 1007 12.23 2.54 -8.03
C SER B 1007 13.09 3.76 -8.32
N LEU B 1008 12.47 4.95 -8.36
CA LEU B 1008 13.25 6.17 -8.56
C LEU B 1008 14.05 6.55 -7.32
N GLN B 1009 13.44 6.43 -6.14
CA GLN B 1009 14.15 6.76 -4.90
C GLN B 1009 15.28 5.78 -4.63
N THR B 1010 15.10 4.51 -5.01
CA THR B 1010 16.19 3.55 -4.91
C THR B 1010 17.33 3.91 -5.85
N TYR B 1011 17.01 4.31 -7.08
CA TYR B 1011 18.04 4.66 -8.05
C TYR B 1011 18.77 5.93 -7.67
N VAL B 1012 18.05 6.94 -7.18
CA VAL B 1012 18.66 8.22 -6.86
C VAL B 1012 19.55 8.10 -5.63
N THR B 1013 19.13 7.32 -4.63
CA THR B 1013 19.96 7.08 -3.45
C THR B 1013 21.22 6.31 -3.81
N GLN B 1014 21.14 5.37 -4.75
CA GLN B 1014 22.34 4.71 -5.23
C GLN B 1014 23.22 5.64 -6.05
N GLN B 1015 22.65 6.65 -6.68
CA GLN B 1015 23.47 7.61 -7.42
C GLN B 1015 24.18 8.57 -6.49
N LEU B 1016 23.56 8.90 -5.36
CA LEU B 1016 24.18 9.83 -4.41
C LEU B 1016 25.35 9.18 -3.69
N ILE B 1017 25.23 7.90 -3.37
CA ILE B 1017 26.31 7.18 -2.71
C ILE B 1017 27.46 6.95 -3.70
N ARG B 1018 27.13 6.63 -4.95
CA ARG B 1018 28.16 6.41 -5.95
C ARG B 1018 28.85 7.71 -6.36
N ALA B 1019 28.17 8.84 -6.25
CA ALA B 1019 28.81 10.12 -6.54
C ALA B 1019 29.72 10.58 -5.42
N ALA B 1020 29.52 10.09 -4.19
CA ALA B 1020 30.46 10.37 -3.12
C ALA B 1020 31.75 9.58 -3.29
N GLU B 1021 31.66 8.38 -3.87
CA GLU B 1021 32.85 7.59 -4.15
C GLU B 1021 33.71 8.24 -5.24
N ILE B 1022 33.06 8.74 -6.30
CA ILE B 1022 33.78 9.35 -7.40
C ILE B 1022 34.39 10.69 -6.97
N ARG B 1023 33.74 11.41 -6.06
CA ARG B 1023 34.31 12.66 -5.56
C ARG B 1023 35.50 12.41 -4.65
N ALA B 1024 35.51 11.29 -3.92
CA ALA B 1024 36.68 10.94 -3.13
C ALA B 1024 37.85 10.57 -4.03
N SER B 1025 37.57 9.96 -5.18
CA SER B 1025 38.61 9.69 -6.17
C SER B 1025 38.93 10.89 -7.05
N ALA B 1026 38.08 11.91 -7.05
CA ALA B 1026 38.39 13.15 -7.76
C ALA B 1026 39.20 14.09 -6.91
N ASN B 1027 39.06 14.04 -5.59
CA ASN B 1027 39.95 14.80 -4.71
C ASN B 1027 41.31 14.14 -4.59
N LEU B 1028 41.37 12.82 -4.77
CA LEU B 1028 42.66 12.14 -4.81
C LEU B 1028 43.38 12.43 -6.12
N ALA B 1029 42.64 12.55 -7.22
CA ALA B 1029 43.26 12.90 -8.50
C ALA B 1029 43.63 14.37 -8.57
N ALA B 1030 42.90 15.22 -7.84
CA ALA B 1030 43.29 16.63 -7.75
C ALA B 1030 44.53 16.79 -6.87
N THR B 1031 44.63 15.97 -5.82
CA THR B 1031 45.81 16.01 -4.96
C THR B 1031 47.04 15.46 -5.67
N LYS B 1032 46.84 14.43 -6.51
CA LYS B 1032 47.97 13.90 -7.28
C LYS B 1032 48.39 14.83 -8.40
N MET B 1033 47.44 15.56 -8.99
CA MET B 1033 47.81 16.56 -9.99
C MET B 1033 48.62 17.68 -9.37
N SER B 1034 48.27 18.09 -8.15
CA SER B 1034 48.98 19.17 -7.49
C SER B 1034 50.35 18.73 -7.00
N GLU B 1035 50.43 17.56 -6.39
CA GLU B 1035 51.63 17.15 -5.67
C GLU B 1035 52.55 16.23 -6.46
N CYS B 1036 52.11 15.67 -7.58
CA CYS B 1036 53.01 14.82 -8.37
C CYS B 1036 53.32 15.42 -9.73
N VAL B 1037 52.37 16.15 -10.32
CA VAL B 1037 52.58 16.78 -11.63
C VAL B 1037 53.11 18.20 -11.48
N LEU B 1038 52.46 19.02 -10.67
CA LEU B 1038 52.86 20.40 -10.43
C LEU B 1038 53.99 20.53 -9.43
N GLY B 1039 54.64 19.43 -9.07
CA GLY B 1039 55.71 19.45 -8.09
C GLY B 1039 56.23 18.04 -7.91
N GLN B 1040 57.06 17.89 -6.89
CA GLN B 1040 57.53 16.57 -6.49
C GLN B 1040 57.04 16.25 -5.09
N SER B 1041 56.55 15.03 -4.91
CA SER B 1041 56.04 14.59 -3.62
C SER B 1041 57.13 13.87 -2.85
N LYS B 1042 57.31 14.26 -1.59
CA LYS B 1042 58.18 13.54 -0.67
C LYS B 1042 57.46 12.37 0.00
N ARG B 1043 56.16 12.24 -0.22
CA ARG B 1043 55.37 11.20 0.42
C ARG B 1043 55.70 9.84 -0.19
N VAL B 1044 55.91 8.84 0.67
CA VAL B 1044 56.26 7.51 0.20
C VAL B 1044 55.02 6.82 -0.35
N ASP B 1045 55.15 6.26 -1.56
CA ASP B 1045 54.13 5.46 -2.23
C ASP B 1045 52.82 6.21 -2.45
N PHE B 1046 52.88 7.54 -2.56
CA PHE B 1046 51.70 8.31 -2.93
C PHE B 1046 51.60 8.52 -4.43
N CYS B 1047 52.72 8.76 -5.10
CA CYS B 1047 52.70 8.95 -6.54
C CYS B 1047 53.46 7.82 -7.21
N GLY B 1048 53.15 6.61 -6.81
CA GLY B 1048 53.77 5.42 -7.37
C GLY B 1048 54.76 4.81 -6.40
N LYS B 1049 54.99 3.51 -6.60
CA LYS B 1049 55.94 2.78 -5.77
C LYS B 1049 57.35 3.22 -6.16
N GLY B 1050 58.20 3.46 -5.16
CA GLY B 1050 59.56 3.88 -5.39
C GLY B 1050 59.80 5.33 -5.00
N TYR B 1051 60.91 5.86 -5.51
CA TYR B 1051 61.29 7.26 -5.28
C TYR B 1051 60.78 8.09 -6.47
N HIS B 1052 59.80 8.94 -6.22
CA HIS B 1052 59.06 9.59 -7.30
C HIS B 1052 59.84 10.77 -7.88
N LEU B 1053 59.98 10.78 -9.21
CA LEU B 1053 60.56 11.92 -9.92
C LEU B 1053 59.51 12.87 -10.46
N MET B 1054 58.65 12.42 -11.39
CA MET B 1054 57.62 13.28 -11.96
C MET B 1054 56.53 12.43 -12.56
N SER B 1055 55.34 13.01 -12.67
CA SER B 1055 54.20 12.32 -13.26
C SER B 1055 53.77 13.00 -14.55
N PHE B 1056 52.96 12.28 -15.32
CA PHE B 1056 52.35 12.82 -16.53
C PHE B 1056 50.86 12.53 -16.49
N PRO B 1057 50.00 13.54 -16.59
CA PRO B 1057 48.57 13.27 -16.70
C PRO B 1057 48.23 12.77 -18.09
N GLN B 1058 47.27 11.85 -18.18
CA GLN B 1058 46.75 11.38 -19.46
C GLN B 1058 45.25 11.26 -19.34
N SER B 1059 44.53 12.02 -20.17
CA SER B 1059 43.07 12.15 -20.05
C SER B 1059 42.34 10.96 -20.67
N ALA B 1060 42.28 9.88 -19.91
CA ALA B 1060 41.41 8.77 -20.27
C ALA B 1060 39.94 9.18 -20.13
N PRO B 1061 39.02 8.50 -20.82
CA PRO B 1061 37.61 8.87 -20.71
C PRO B 1061 37.04 8.62 -19.32
N HIS B 1062 36.41 9.67 -18.77
CA HIS B 1062 35.85 9.72 -17.41
C HIS B 1062 36.91 9.42 -16.35
N GLY B 1063 38.12 9.91 -16.57
CA GLY B 1063 39.20 9.61 -15.66
C GLY B 1063 40.48 10.31 -16.07
N VAL B 1064 41.56 9.92 -15.42
CA VAL B 1064 42.88 10.46 -15.70
C VAL B 1064 43.89 9.35 -15.41
N VAL B 1065 44.93 9.27 -16.23
CA VAL B 1065 45.93 8.23 -16.13
C VAL B 1065 47.27 8.90 -15.82
N PHE B 1066 47.84 8.56 -14.68
CA PHE B 1066 49.06 9.21 -14.19
C PHE B 1066 50.24 8.31 -14.52
N LEU B 1067 51.10 8.78 -15.43
CA LEU B 1067 52.29 8.04 -15.83
C LEU B 1067 53.44 8.39 -14.87
N HIS B 1068 53.43 7.72 -13.73
CA HIS B 1068 54.34 8.02 -12.62
C HIS B 1068 55.77 7.58 -12.92
N VAL B 1069 56.61 8.51 -13.37
CA VAL B 1069 58.02 8.19 -13.58
C VAL B 1069 58.73 8.20 -12.25
N THR B 1070 58.96 7.02 -11.68
CA THR B 1070 59.46 6.85 -10.32
C THR B 1070 60.73 6.02 -10.35
N TYR B 1071 61.79 6.54 -9.74
CA TYR B 1071 63.02 5.80 -9.54
C TYR B 1071 62.81 4.65 -8.55
N VAL B 1072 62.85 3.42 -9.03
CA VAL B 1072 62.53 2.23 -8.25
C VAL B 1072 63.78 1.37 -8.16
N PRO B 1073 64.48 1.32 -7.01
CA PRO B 1073 65.62 0.42 -6.88
C PRO B 1073 65.23 -0.96 -6.34
N LYS B 1077 71.20 -7.19 -2.14
CA LYS B 1077 72.57 -7.55 -1.77
C LYS B 1077 72.81 -7.12 -0.33
N ASN B 1078 73.21 -8.07 0.50
CA ASN B 1078 73.30 -7.84 1.93
C ASN B 1078 74.64 -7.21 2.32
N PHE B 1079 74.61 -6.45 3.40
CA PHE B 1079 75.80 -5.77 3.93
C PHE B 1079 75.64 -5.62 5.43
N THR B 1080 76.69 -5.17 6.08
CA THR B 1080 76.74 -5.03 7.53
C THR B 1080 76.42 -3.60 7.94
N THR B 1081 76.18 -3.40 9.23
CA THR B 1081 76.10 -2.06 9.79
C THR B 1081 76.95 -1.96 11.05
N ALA B 1082 77.29 -0.70 11.42
CA ALA B 1082 77.99 -0.27 12.64
C ALA B 1082 77.91 1.25 12.76
N PRO B 1083 76.95 1.78 13.53
CA PRO B 1083 76.59 3.21 13.49
C PRO B 1083 77.43 4.15 14.37
N ALA B 1084 78.69 4.36 13.99
CA ALA B 1084 79.57 5.28 14.70
C ALA B 1084 80.80 5.56 13.86
N ILE B 1085 81.44 6.70 14.12
CA ILE B 1085 82.82 6.94 13.70
C ILE B 1085 83.63 7.34 14.94
N CYS B 1086 84.86 6.81 15.06
CA CYS B 1086 85.76 7.11 16.18
C CYS B 1086 87.17 7.05 15.62
N HIS B 1087 87.82 8.20 15.46
CA HIS B 1087 89.14 8.14 14.82
C HIS B 1087 90.31 8.42 15.76
N ASP B 1088 90.16 9.33 16.73
CA ASP B 1088 91.27 9.70 17.62
C ASP B 1088 90.80 10.05 19.01
N GLY B 1089 89.65 9.54 19.42
CA GLY B 1089 88.94 10.14 20.52
C GLY B 1089 88.05 11.29 20.11
N LYS B 1090 87.75 11.42 18.82
CA LYS B 1090 86.78 12.35 18.30
C LYS B 1090 85.74 11.59 17.49
N ALA B 1091 84.58 12.20 17.32
CA ALA B 1091 83.48 11.57 16.61
C ALA B 1091 83.21 12.31 15.32
N HIS B 1092 83.21 11.59 14.21
CA HIS B 1092 82.93 12.18 12.92
C HIS B 1092 81.57 11.70 12.43
N PHE B 1093 80.92 12.49 11.59
CA PHE B 1093 79.57 12.13 11.19
C PHE B 1093 79.36 12.34 9.69
N PRO B 1094 78.77 11.38 9.00
CA PRO B 1094 78.34 11.62 7.62
C PRO B 1094 77.01 12.37 7.57
N ARG B 1095 76.38 12.32 6.40
CA ARG B 1095 75.16 13.07 6.16
C ARG B 1095 73.93 12.17 6.02
N VAL B 1098 72.70 4.92 4.13
CA VAL B 1098 72.86 3.89 5.15
C VAL B 1098 74.31 3.42 5.28
N PHE B 1099 74.76 3.27 6.54
CA PHE B 1099 76.04 2.65 6.88
C PHE B 1099 76.09 1.22 6.37
N VAL B 1100 77.02 0.93 5.47
CA VAL B 1100 77.25 -0.43 4.98
C VAL B 1100 78.74 -0.68 4.84
N SER B 1101 79.07 -1.96 4.77
CA SER B 1101 80.42 -2.38 4.46
C SER B 1101 80.31 -3.54 3.49
N ASN B 1102 81.03 -3.47 2.38
CA ASN B 1102 81.07 -4.56 1.43
C ASN B 1102 82.09 -5.63 1.80
N GLY B 1103 82.78 -5.46 2.93
CA GLY B 1103 83.67 -6.47 3.46
C GLY B 1103 84.94 -5.90 4.03
N THR B 1104 85.49 -4.89 3.35
CA THR B 1104 86.73 -4.26 3.82
C THR B 1104 86.71 -2.74 3.81
N HIS B 1105 85.83 -2.09 3.05
CA HIS B 1105 85.68 -0.65 3.12
C HIS B 1105 84.36 -0.35 3.82
N TRP B 1106 84.27 0.84 4.43
CA TRP B 1106 83.07 1.24 5.12
C TRP B 1106 82.39 2.40 4.37
N PHE B 1107 81.11 2.20 4.07
CA PHE B 1107 80.37 3.10 3.19
C PHE B 1107 79.10 3.58 3.87
N VAL B 1108 78.74 4.84 3.62
CA VAL B 1108 77.44 5.40 3.96
C VAL B 1108 76.76 5.72 2.64
N THR B 1109 75.56 5.20 2.43
CA THR B 1109 74.96 5.18 1.09
C THR B 1109 73.86 6.21 0.93
N GLN B 1110 73.01 5.97 -0.06
CA GLN B 1110 71.76 6.67 -0.22
C GLN B 1110 70.62 5.66 -0.02
N PHE B 1113 69.97 3.42 -4.99
CA PHE B 1113 71.04 2.58 -5.52
C PHE B 1113 71.92 2.16 -4.34
N TYR B 1114 72.83 1.23 -4.59
CA TYR B 1114 74.00 1.07 -3.73
C TYR B 1114 75.14 1.88 -4.35
N GLU B 1115 75.31 3.15 -3.88
CA GLU B 1115 76.29 4.15 -4.31
C GLU B 1115 77.41 4.27 -3.27
N PRO B 1116 78.66 4.36 -3.67
CA PRO B 1116 79.75 4.49 -2.68
C PRO B 1116 80.01 5.94 -2.25
N GLN B 1117 80.08 6.14 -0.91
CA GLN B 1117 80.38 7.39 -0.21
C GLN B 1117 80.97 7.04 1.15
N ILE B 1118 81.99 7.80 1.59
CA ILE B 1118 82.89 7.38 2.68
C ILE B 1118 83.04 8.60 3.62
N ILE B 1119 83.84 8.45 4.68
CA ILE B 1119 84.08 9.47 5.71
C ILE B 1119 85.40 10.18 5.42
N THR B 1120 85.33 11.49 5.14
CA THR B 1120 86.51 12.33 4.95
C THR B 1120 86.18 13.73 5.50
N THR B 1121 87.23 14.50 5.83
CA THR B 1121 87.07 15.72 6.62
C THR B 1121 86.33 16.85 5.91
N ASP B 1122 86.16 16.79 4.59
CA ASP B 1122 85.39 17.84 3.92
C ASP B 1122 83.88 17.63 4.09
N ASN B 1123 83.46 16.45 4.50
CA ASN B 1123 82.05 16.08 4.59
C ASN B 1123 81.68 15.53 5.96
N THR B 1124 82.46 15.87 6.99
CA THR B 1124 82.20 15.36 8.34
C THR B 1124 82.25 16.48 9.36
N PHE B 1125 81.66 16.19 10.51
CA PHE B 1125 81.67 17.07 11.67
C PHE B 1125 82.64 16.53 12.70
N VAL B 1126 82.95 17.34 13.71
CA VAL B 1126 83.80 16.93 14.81
C VAL B 1126 83.12 17.35 16.10
N SER B 1127 82.86 16.39 16.99
CA SER B 1127 82.14 16.67 18.23
C SER B 1127 82.69 15.82 19.37
N GLY B 1128 83.48 16.44 20.24
CA GLY B 1128 83.88 15.85 21.51
C GLY B 1128 84.61 14.53 21.40
N ASN B 1129 84.09 13.51 22.08
CA ASN B 1129 84.58 12.15 21.91
C ASN B 1129 83.43 11.21 21.57
N CYS B 1130 83.73 9.92 21.50
CA CYS B 1130 82.73 8.93 21.11
C CYS B 1130 82.86 7.64 21.92
N ASP B 1131 83.28 7.75 23.18
CA ASP B 1131 83.20 6.63 24.12
C ASP B 1131 81.90 6.62 24.90
N VAL B 1132 80.88 7.28 24.32
CA VAL B 1132 79.50 7.29 24.90
C VAL B 1132 78.63 6.75 23.76
N VAL B 1133 79.17 5.76 23.05
CA VAL B 1133 78.53 5.20 21.86
C VAL B 1133 78.54 3.67 21.93
N ILE B 1134 77.42 3.04 21.59
CA ILE B 1134 77.37 1.61 21.35
C ILE B 1134 77.43 1.37 19.85
N GLY B 1135 78.38 0.52 19.42
CA GLY B 1135 78.58 0.22 17.98
C GLY B 1135 79.73 1.04 17.44
N ILE B 1136 80.70 1.33 18.32
CA ILE B 1136 81.87 2.14 18.00
C ILE B 1136 82.66 1.56 16.83
N VAL B 1137 83.24 2.44 16.02
CA VAL B 1137 84.09 2.02 14.91
C VAL B 1137 85.41 2.78 15.00
N ASN B 1138 86.52 2.05 15.07
CA ASN B 1138 87.83 2.66 15.03
C ASN B 1138 88.27 2.73 13.58
N ASN B 1139 88.55 3.93 13.09
CA ASN B 1139 89.13 4.12 11.78
C ASN B 1139 90.29 5.10 11.91
N THR B 1140 90.90 5.39 10.79
CA THR B 1140 91.86 6.48 10.67
C THR B 1140 91.24 7.60 9.86
N VAL B 1141 92.04 8.62 9.58
CA VAL B 1141 91.60 9.73 8.75
C VAL B 1141 92.75 10.10 7.83
N TYR B 1142 92.39 10.48 6.60
CA TYR B 1142 93.35 10.94 5.61
C TYR B 1142 92.95 12.35 5.18
N ASP B 1143 93.95 13.21 5.05
CA ASP B 1143 93.71 14.61 4.69
C ASP B 1143 94.63 15.01 3.55
N PRO B 1144 94.11 15.17 2.34
CA PRO B 1144 94.90 15.75 1.25
C PRO B 1144 94.90 17.28 1.22
N LEU B 1145 94.49 17.93 2.31
CA LEU B 1145 94.44 19.38 2.39
C LEU B 1145 95.83 19.97 2.52
N ALA C 33 -1.03 -0.08 58.50
CA ALA C 33 -2.05 -0.34 57.49
C ALA C 33 -1.45 -0.39 56.10
N TYR C 34 -0.47 0.48 55.83
CA TYR C 34 0.20 0.55 54.55
C TYR C 34 1.70 0.33 54.74
N THR C 35 2.33 -0.32 53.76
CA THR C 35 3.75 -0.62 53.83
C THR C 35 4.34 -0.63 52.43
N ASN C 36 5.66 -0.84 52.36
CA ASN C 36 6.42 -0.71 51.13
C ASN C 36 6.84 -2.09 50.62
N SER C 37 6.23 -2.53 49.53
CA SER C 37 6.61 -3.75 48.83
C SER C 37 7.70 -3.39 47.82
N PHE C 38 8.95 -3.67 48.19
CA PHE C 38 10.11 -3.17 47.46
C PHE C 38 10.22 -3.71 46.03
N THR C 39 10.47 -5.00 45.89
CA THR C 39 10.68 -5.64 44.59
C THR C 39 9.84 -6.90 44.48
N ARG C 40 8.63 -6.85 45.04
CA ARG C 40 7.76 -8.01 45.11
C ARG C 40 6.73 -7.95 43.99
N GLY C 41 6.33 -9.13 43.53
CA GLY C 41 5.31 -9.25 42.52
C GLY C 41 5.79 -9.36 41.10
N VAL C 42 6.92 -10.02 40.87
CA VAL C 42 7.52 -10.13 39.54
C VAL C 42 7.44 -11.60 39.16
N TYR C 43 6.46 -11.94 38.33
CA TYR C 43 6.22 -13.34 37.98
C TYR C 43 6.79 -13.62 36.59
N TYR C 44 6.59 -14.85 36.12
CA TYR C 44 6.95 -15.21 34.75
C TYR C 44 5.80 -14.86 33.83
N PRO C 45 5.98 -13.95 32.87
CA PRO C 45 4.85 -13.55 32.02
C PRO C 45 4.41 -14.62 31.03
N ASP C 46 5.25 -15.62 30.73
CA ASP C 46 4.89 -16.65 29.78
C ASP C 46 5.61 -17.94 30.12
N LYS C 47 5.13 -19.03 29.52
CA LYS C 47 5.76 -20.35 29.66
C LYS C 47 6.92 -20.55 28.69
N VAL C 48 7.26 -19.52 27.91
CA VAL C 48 8.43 -19.56 27.04
C VAL C 48 9.70 -19.58 27.88
N PHE C 49 10.64 -20.47 27.53
CA PHE C 49 11.94 -20.55 28.18
C PHE C 49 12.91 -19.57 27.52
N ARG C 50 13.68 -18.87 28.35
CA ARG C 50 14.73 -17.99 27.89
C ARG C 50 15.89 -18.09 28.86
N SER C 51 17.11 -17.93 28.35
CA SER C 51 18.32 -18.13 29.15
C SER C 51 19.27 -16.97 28.95
N SER C 52 19.61 -16.29 30.06
CA SER C 52 20.57 -15.18 30.11
C SER C 52 20.24 -14.06 29.14
N VAL C 53 18.97 -13.67 29.09
CA VAL C 53 18.54 -12.57 28.23
C VAL C 53 17.95 -11.48 29.10
N LEU C 54 17.97 -10.26 28.59
CA LEU C 54 17.32 -9.11 29.23
C LEU C 54 16.05 -8.80 28.45
N HIS C 55 14.99 -9.53 28.79
CA HIS C 55 13.73 -9.44 28.06
C HIS C 55 12.84 -8.37 28.66
N SER C 56 12.31 -7.50 27.78
CA SER C 56 11.44 -6.41 28.19
C SER C 56 10.03 -6.68 27.71
N THR C 57 9.09 -6.85 28.63
CA THR C 57 7.72 -7.20 28.31
C THR C 57 6.77 -6.14 28.85
N GLN C 58 5.73 -5.84 28.06
CA GLN C 58 4.67 -4.91 28.45
C GLN C 58 3.50 -5.72 28.99
N ASP C 59 3.58 -6.05 30.27
CA ASP C 59 2.63 -6.95 30.91
C ASP C 59 2.16 -6.32 32.22
N LEU C 60 1.03 -6.77 32.73
CA LEU C 60 0.50 -6.23 33.97
C LEU C 60 1.27 -6.77 35.16
N PHE C 61 1.97 -5.90 35.88
CA PHE C 61 2.77 -6.27 37.04
C PHE C 61 2.36 -5.40 38.23
N LEU C 62 2.80 -5.82 39.41
CA LEU C 62 2.75 -4.96 40.59
C LEU C 62 3.89 -3.97 40.51
N PRO C 63 3.64 -2.66 40.56
CA PRO C 63 4.73 -1.68 40.45
C PRO C 63 5.67 -1.72 41.64
N PHE C 64 6.92 -1.38 41.40
CA PHE C 64 7.93 -1.36 42.45
C PHE C 64 7.65 -0.23 43.44
N PHE C 65 7.95 -0.51 44.71
CA PHE C 65 7.90 0.44 45.83
C PHE C 65 6.51 1.04 46.03
N SER C 66 5.47 0.33 45.64
CA SER C 66 4.11 0.82 45.80
C SER C 66 3.61 0.53 47.22
N ASN C 67 2.52 1.18 47.59
CA ASN C 67 1.89 0.96 48.89
C ASN C 67 0.94 -0.23 48.82
N VAL C 68 1.15 -1.20 49.70
CA VAL C 68 0.31 -2.39 49.78
C VAL C 68 -0.37 -2.41 51.14
N THR C 69 -1.66 -2.75 51.14
CA THR C 69 -2.51 -2.61 52.32
C THR C 69 -2.27 -3.75 53.30
N TRP C 70 -1.51 -3.48 54.36
CA TRP C 70 -1.35 -4.44 55.44
C TRP C 70 -2.66 -4.59 56.20
N PHE C 71 -3.07 -5.82 56.43
CA PHE C 71 -4.24 -6.13 57.24
C PHE C 71 -3.82 -6.92 58.47
N HIS C 72 -4.50 -6.69 59.58
CA HIS C 72 -4.32 -7.46 60.81
C HIS C 72 -5.61 -8.22 61.07
N ALA C 73 -5.56 -9.54 60.89
CA ALA C 73 -6.72 -10.40 61.14
C ALA C 73 -6.53 -11.10 62.48
N ILE C 74 -6.83 -10.39 63.55
CA ILE C 74 -6.67 -10.92 64.90
C ILE C 74 -7.92 -11.67 65.32
N ASP C 86 -14.06 -6.14 60.59
CA ASP C 86 -12.69 -6.63 60.48
C ASP C 86 -12.50 -7.49 59.24
N ASN C 87 -11.45 -7.16 58.46
CA ASN C 87 -11.01 -7.84 57.24
C ASN C 87 -12.12 -7.91 56.21
N PRO C 88 -12.49 -6.79 55.58
CA PRO C 88 -13.68 -6.79 54.72
C PRO C 88 -13.38 -7.19 53.29
N VAL C 89 -14.39 -7.05 52.43
CA VAL C 89 -14.22 -7.31 51.00
C VAL C 89 -13.34 -6.25 50.37
N LEU C 90 -12.58 -6.66 49.35
CA LEU C 90 -11.66 -5.78 48.65
C LEU C 90 -11.94 -5.90 47.16
N PRO C 91 -11.93 -4.80 46.41
CA PRO C 91 -12.23 -4.89 44.98
C PRO C 91 -11.10 -5.55 44.20
N PHE C 92 -11.50 -6.39 43.24
CA PHE C 92 -10.58 -7.10 42.35
C PHE C 92 -10.61 -6.35 41.03
N ASN C 93 -9.63 -5.47 40.81
CA ASN C 93 -9.64 -4.68 39.59
C ASN C 93 -8.88 -5.37 38.47
N ASP C 94 -7.57 -5.55 38.63
CA ASP C 94 -6.69 -6.15 37.63
C ASP C 94 -5.84 -7.24 38.28
N GLY C 95 -6.38 -7.93 39.27
CA GLY C 95 -5.62 -8.87 40.07
C GLY C 95 -5.06 -8.24 41.31
N VAL C 96 -4.70 -9.09 42.27
CA VAL C 96 -4.10 -8.65 43.54
C VAL C 96 -2.86 -9.48 43.82
N TYR C 97 -1.86 -8.83 44.42
CA TYR C 97 -0.70 -9.52 45.00
C TYR C 97 -1.01 -9.85 46.45
N PHE C 98 -1.29 -11.11 46.72
CA PHE C 98 -1.46 -11.58 48.08
C PHE C 98 -0.10 -11.84 48.74
N ALA C 99 -0.09 -11.88 50.07
CA ALA C 99 1.06 -12.30 50.86
C ALA C 99 0.57 -12.66 52.26
N SER C 100 1.43 -13.34 53.02
CA SER C 100 1.16 -13.73 54.40
C SER C 100 2.45 -14.19 55.05
N THR C 101 2.53 -14.02 56.38
CA THR C 101 3.70 -14.42 57.16
C THR C 101 3.21 -15.23 58.36
N GLU C 102 3.06 -16.54 58.17
CA GLU C 102 2.50 -17.43 59.18
C GLU C 102 3.36 -18.68 59.28
N LYS C 103 3.64 -19.13 60.50
CA LYS C 103 4.29 -20.42 60.70
C LYS C 103 3.29 -21.53 61.01
N SER C 104 1.99 -21.24 60.93
CA SER C 104 0.96 -22.21 61.28
C SER C 104 0.00 -22.54 60.15
N ASN C 105 -0.02 -21.74 59.08
CA ASN C 105 -0.91 -21.90 57.90
C ASN C 105 -2.38 -21.87 58.34
N ILE C 106 -2.80 -20.69 58.81
CA ILE C 106 -4.16 -20.53 59.30
C ILE C 106 -5.13 -20.02 58.22
N ILE C 107 -4.62 -19.41 57.15
CA ILE C 107 -5.49 -18.95 56.07
C ILE C 107 -5.76 -20.12 55.13
N ARG C 108 -7.04 -20.42 54.91
CA ARG C 108 -7.45 -21.57 54.11
C ARG C 108 -8.66 -21.23 53.25
N GLY C 109 -8.65 -20.06 52.60
CA GLY C 109 -9.81 -19.72 51.82
C GLY C 109 -9.75 -18.46 50.97
N TRP C 110 -10.23 -18.56 49.74
CA TRP C 110 -10.51 -17.42 48.90
C TRP C 110 -11.96 -17.52 48.43
N ILE C 111 -12.67 -16.40 48.45
CA ILE C 111 -14.05 -16.34 47.95
C ILE C 111 -14.13 -15.14 47.02
N PHE C 112 -14.13 -15.39 45.73
CA PHE C 112 -14.13 -14.34 44.72
C PHE C 112 -15.57 -14.01 44.33
N GLY C 113 -15.76 -13.33 43.22
CA GLY C 113 -17.07 -13.17 42.62
C GLY C 113 -17.54 -11.73 42.62
N THR C 114 -18.69 -11.53 41.98
CA THR C 114 -19.29 -10.21 41.89
C THR C 114 -20.38 -10.00 42.94
N THR C 115 -21.28 -10.97 43.10
CA THR C 115 -22.37 -10.87 44.07
C THR C 115 -22.17 -11.74 45.30
N LEU C 116 -21.36 -12.80 45.20
CA LEU C 116 -20.95 -13.69 46.30
C LEU C 116 -22.11 -14.40 46.97
N ASP C 117 -23.25 -14.52 46.31
CA ASP C 117 -24.41 -15.22 46.89
C ASP C 117 -25.07 -16.09 45.82
N SER C 118 -24.24 -16.89 45.13
CA SER C 118 -24.64 -17.93 44.17
C SER C 118 -25.37 -17.36 42.95
N LYS C 119 -25.20 -16.07 42.66
CA LYS C 119 -25.71 -15.48 41.42
C LYS C 119 -24.62 -15.26 40.38
N THR C 120 -23.38 -15.10 40.83
CA THR C 120 -22.21 -15.01 39.96
C THR C 120 -21.21 -16.02 40.51
N GLN C 121 -20.45 -16.64 39.59
CA GLN C 121 -19.56 -17.75 39.93
C GLN C 121 -18.44 -17.26 40.84
N SER C 122 -18.56 -17.58 42.12
CA SER C 122 -17.50 -17.37 43.08
C SER C 122 -16.53 -18.54 43.03
N LEU C 123 -15.56 -18.56 43.93
CA LEU C 123 -14.61 -19.65 44.01
C LEU C 123 -14.46 -20.07 45.46
N LEU C 124 -14.13 -21.35 45.67
CA LEU C 124 -13.79 -21.88 46.98
C LEU C 124 -12.42 -22.53 46.87
N ILE C 125 -11.38 -21.73 47.00
CA ILE C 125 -10.01 -22.21 46.91
C ILE C 125 -9.54 -22.51 48.32
N VAL C 126 -9.25 -23.78 48.59
CA VAL C 126 -9.01 -24.27 49.95
C VAL C 126 -7.64 -24.94 49.97
N ASN C 127 -6.88 -24.68 51.03
CA ASN C 127 -5.58 -25.33 51.23
C ASN C 127 -5.63 -26.06 52.56
N ASN C 128 -6.13 -27.29 52.56
CA ASN C 128 -6.29 -28.04 53.80
C ASN C 128 -5.14 -29.00 54.08
N ASN C 131 -2.65 -30.19 50.20
CA ASN C 131 -2.37 -29.63 48.89
C ASN C 131 -3.43 -28.62 48.49
N VAL C 132 -3.18 -27.91 47.39
CA VAL C 132 -4.12 -26.89 46.92
C VAL C 132 -5.28 -27.59 46.22
N VAL C 133 -6.43 -27.68 46.90
CA VAL C 133 -7.64 -28.25 46.33
C VAL C 133 -8.58 -27.11 45.97
N ILE C 134 -8.99 -27.06 44.71
CA ILE C 134 -9.67 -25.91 44.13
C ILE C 134 -11.12 -26.31 43.84
N LYS C 135 -12.06 -25.51 44.32
CA LYS C 135 -13.47 -25.71 44.04
C LYS C 135 -14.03 -24.41 43.47
N VAL C 136 -14.71 -24.49 42.32
CA VAL C 136 -15.22 -23.32 41.63
C VAL C 136 -16.75 -23.43 41.60
N CYS C 137 -17.31 -24.04 42.64
CA CYS C 137 -18.75 -24.13 42.78
C CYS C 137 -19.26 -23.17 43.85
N GLU C 138 -20.52 -23.35 44.24
CA GLU C 138 -21.30 -22.36 44.96
C GLU C 138 -21.89 -22.95 46.23
N PHE C 139 -21.04 -23.53 47.08
CA PHE C 139 -21.47 -23.97 48.41
C PHE C 139 -22.01 -22.78 49.22
N GLN C 140 -23.15 -23.00 49.87
CA GLN C 140 -23.89 -21.91 50.50
C GLN C 140 -23.22 -21.46 51.79
N PHE C 141 -22.87 -20.18 51.86
CA PHE C 141 -22.26 -19.57 53.02
C PHE C 141 -23.17 -18.50 53.63
N CYS C 142 -22.63 -17.76 54.59
CA CYS C 142 -23.31 -16.65 55.23
C CYS C 142 -22.49 -15.38 55.09
N ASN C 143 -22.79 -14.37 55.90
CA ASN C 143 -22.12 -13.07 55.77
C ASN C 143 -20.67 -13.15 56.22
N ASP C 144 -20.41 -13.73 57.38
CA ASP C 144 -19.07 -13.86 57.93
C ASP C 144 -18.83 -15.31 58.34
N PRO C 145 -18.49 -16.19 57.38
CA PRO C 145 -18.23 -17.58 57.72
C PRO C 145 -16.90 -17.75 58.45
N PHE C 146 -16.89 -18.67 59.42
CA PHE C 146 -15.72 -18.97 60.21
C PHE C 146 -15.89 -20.31 60.93
N LEU C 147 -14.85 -21.13 60.94
CA LEU C 147 -14.89 -22.41 61.65
C LEU C 147 -14.42 -22.30 63.10
N ASP C 148 -14.07 -21.08 63.53
CA ASP C 148 -13.54 -20.71 64.87
C ASP C 148 -12.53 -21.70 65.43
N VAL C 149 -11.61 -22.13 64.56
CA VAL C 149 -10.53 -23.12 64.77
C VAL C 149 -10.89 -24.32 65.64
N CYS C 170 -19.52 -30.72 41.94
CA CYS C 170 -20.19 -29.48 41.53
C CYS C 170 -19.75 -28.98 40.14
N THR C 171 -19.63 -27.65 39.96
CA THR C 171 -19.43 -27.09 38.63
C THR C 171 -18.02 -27.37 38.10
N PHE C 172 -17.01 -26.95 38.82
CA PHE C 172 -15.62 -27.20 38.46
C PHE C 172 -14.90 -27.64 39.72
N GLU C 173 -14.05 -28.64 39.59
CA GLU C 173 -13.25 -29.13 40.71
C GLU C 173 -11.84 -29.38 40.20
N TYR C 174 -10.87 -29.23 41.09
CA TYR C 174 -9.48 -29.29 40.71
C TYR C 174 -8.67 -29.69 41.94
N VAL C 175 -7.59 -30.42 41.73
CA VAL C 175 -6.73 -30.85 42.81
C VAL C 175 -5.28 -30.61 42.41
N SER C 176 -4.52 -29.97 43.28
CA SER C 176 -3.09 -29.77 43.06
C SER C 176 -2.33 -29.94 44.36
N PHE C 190 7.90 -14.92 60.26
CA PHE C 190 8.17 -16.30 60.66
C PHE C 190 8.97 -17.04 59.59
N LYS C 191 8.48 -18.21 59.17
CA LYS C 191 9.22 -19.05 58.24
C LYS C 191 8.41 -19.41 57.01
N ASN C 192 7.51 -18.52 56.56
CA ASN C 192 6.74 -18.78 55.35
C ASN C 192 6.24 -17.47 54.75
N LEU C 193 6.23 -17.41 53.43
CA LEU C 193 5.68 -16.28 52.68
C LEU C 193 4.84 -16.86 51.55
N ARG C 194 3.55 -16.58 51.57
CA ARG C 194 2.60 -17.19 50.63
C ARG C 194 2.11 -16.14 49.66
N GLU C 195 2.84 -15.95 48.56
CA GLU C 195 2.53 -14.90 47.60
C GLU C 195 1.73 -15.47 46.43
N PHE C 196 0.65 -14.80 46.07
CA PHE C 196 -0.40 -15.35 45.22
C PHE C 196 -0.90 -14.34 44.19
N VAL C 197 -0.01 -13.87 43.31
CA VAL C 197 -0.41 -12.99 42.21
C VAL C 197 -1.51 -13.64 41.38
N PHE C 198 -2.61 -12.91 41.22
CA PHE C 198 -3.76 -13.37 40.44
C PHE C 198 -3.88 -12.52 39.19
N LYS C 199 -4.62 -13.04 38.22
CA LYS C 199 -4.87 -12.34 36.96
C LYS C 199 -6.16 -12.87 36.37
N ASN C 200 -6.78 -12.05 35.53
CA ASN C 200 -7.98 -12.47 34.80
C ASN C 200 -7.97 -11.71 33.47
N ILE C 201 -7.40 -12.35 32.45
CA ILE C 201 -7.26 -11.76 31.12
C ILE C 201 -7.63 -12.84 30.10
N ASP C 202 -8.54 -12.49 29.18
CA ASP C 202 -9.08 -13.39 28.14
C ASP C 202 -9.77 -14.62 28.74
N GLY C 203 -10.38 -14.45 29.92
CA GLY C 203 -11.05 -15.56 30.58
C GLY C 203 -10.13 -16.65 31.07
N TYR C 204 -8.89 -16.31 31.39
CA TYR C 204 -7.89 -17.26 31.85
C TYR C 204 -7.48 -16.81 33.25
N PHE C 205 -8.10 -17.43 34.26
CA PHE C 205 -7.92 -17.03 35.66
C PHE C 205 -6.61 -17.60 36.19
N LYS C 206 -5.52 -16.89 35.89
CA LYS C 206 -4.20 -17.35 36.28
C LYS C 206 -3.94 -17.15 37.77
N ILE C 207 -3.27 -18.14 38.37
CA ILE C 207 -2.93 -18.13 39.79
C ILE C 207 -1.43 -18.41 39.84
N TYR C 208 -0.63 -17.37 40.03
CA TYR C 208 0.79 -17.58 40.21
C TYR C 208 1.07 -17.81 41.69
N SER C 209 2.27 -18.27 42.03
CA SER C 209 2.54 -18.58 43.42
C SER C 209 4.04 -18.64 43.68
N LYS C 210 4.38 -18.55 44.97
CA LYS C 210 5.73 -18.67 45.48
C LYS C 210 5.69 -18.88 47.00
N HIS C 211 6.38 -19.90 47.49
CA HIS C 211 6.43 -20.20 48.92
C HIS C 211 7.89 -20.17 49.34
N THR C 212 8.29 -19.14 50.07
CA THR C 212 9.70 -18.95 50.43
C THR C 212 9.87 -18.73 51.92
N PRO C 213 10.60 -19.60 52.61
CA PRO C 213 11.02 -19.29 53.98
C PRO C 213 12.27 -18.42 53.98
N ILE C 214 12.33 -17.50 54.95
CA ILE C 214 13.44 -16.56 55.05
C ILE C 214 13.78 -16.37 56.52
N ASN C 215 15.00 -15.87 56.77
CA ASN C 215 15.47 -15.61 58.12
C ASN C 215 15.16 -14.17 58.56
N LEU C 216 13.87 -13.83 58.46
CA LEU C 216 13.37 -12.53 58.89
C LEU C 216 11.93 -12.73 59.37
N VAL C 217 11.60 -12.09 60.49
CA VAL C 217 10.38 -12.43 61.22
C VAL C 217 9.49 -11.19 61.28
N ARG C 218 9.76 -10.20 60.44
CA ARG C 218 9.10 -8.90 60.59
C ARG C 218 8.17 -8.57 59.44
N ASP C 219 8.68 -8.44 58.22
CA ASP C 219 7.89 -7.95 57.09
C ASP C 219 8.43 -8.54 55.80
N LEU C 220 8.06 -7.91 54.68
CA LEU C 220 8.58 -8.31 53.38
C LEU C 220 10.07 -7.97 53.30
N PRO C 221 10.89 -8.90 52.82
CA PRO C 221 12.34 -8.69 52.87
C PRO C 221 12.89 -7.92 51.68
N GLN C 222 14.17 -7.55 51.79
CA GLN C 222 14.91 -6.87 50.73
C GLN C 222 15.48 -7.88 49.73
N GLY C 223 14.64 -8.78 49.23
CA GLY C 223 15.07 -9.81 48.32
C GLY C 223 14.39 -9.71 46.96
N PHE C 224 14.50 -10.79 46.19
CA PHE C 224 13.83 -10.86 44.91
C PHE C 224 13.57 -12.32 44.58
N SER C 225 12.31 -12.68 44.41
CA SER C 225 11.92 -14.06 44.09
C SER C 225 10.81 -14.03 43.04
N ALA C 226 11.01 -14.76 41.96
CA ALA C 226 10.01 -14.84 40.91
C ALA C 226 8.87 -15.76 41.33
N LEU C 227 7.70 -15.56 40.70
CA LEU C 227 6.50 -16.30 41.01
C LEU C 227 6.10 -17.18 39.83
N GLU C 228 6.06 -18.49 40.06
CA GLU C 228 5.77 -19.47 39.03
C GLU C 228 4.26 -19.68 38.86
N PRO C 229 3.81 -19.94 37.62
CA PRO C 229 2.37 -20.18 37.39
C PRO C 229 1.89 -21.52 37.91
N LEU C 230 1.44 -21.53 39.17
CA LEU C 230 1.01 -22.77 39.84
C LEU C 230 -0.16 -23.43 39.11
N VAL C 231 -1.24 -22.68 38.88
CA VAL C 231 -2.41 -23.22 38.19
C VAL C 231 -3.04 -22.11 37.36
N ASP C 232 -3.70 -22.51 36.27
CA ASP C 232 -4.42 -21.61 35.40
C ASP C 232 -5.80 -22.19 35.15
N LEU C 233 -6.84 -21.36 35.27
CA LEU C 233 -8.23 -21.80 35.20
C LEU C 233 -8.96 -21.07 34.08
N PRO C 234 -9.25 -21.73 32.96
CA PRO C 234 -10.02 -21.08 31.89
C PRO C 234 -11.51 -20.98 32.20
N ILE C 235 -11.89 -20.13 33.15
CA ILE C 235 -13.29 -20.05 33.57
C ILE C 235 -14.09 -19.15 32.64
N GLY C 236 -13.55 -17.98 32.31
CA GLY C 236 -14.28 -17.04 31.47
C GLY C 236 -15.44 -16.34 32.14
N ILE C 237 -15.26 -15.92 33.39
CA ILE C 237 -16.29 -15.23 34.14
C ILE C 237 -15.84 -13.80 34.44
N ASN C 238 -16.76 -13.01 34.97
CA ASN C 238 -16.49 -11.65 35.39
C ASN C 238 -16.44 -11.59 36.91
N ILE C 239 -15.31 -11.15 37.46
CA ILE C 239 -15.13 -10.99 38.90
C ILE C 239 -14.62 -9.59 39.16
N THR C 240 -15.08 -9.00 40.27
CA THR C 240 -14.71 -7.63 40.60
C THR C 240 -14.37 -7.46 42.08
N ARG C 241 -14.56 -8.49 42.90
CA ARG C 241 -14.39 -8.36 44.34
C ARG C 241 -14.01 -9.71 44.92
N PHE C 242 -13.34 -9.70 46.06
CA PHE C 242 -13.02 -10.95 46.74
C PHE C 242 -12.88 -10.71 48.24
N GLN C 243 -12.80 -11.80 48.99
CA GLN C 243 -12.66 -11.72 50.45
C GLN C 243 -11.93 -12.97 50.93
N THR C 244 -10.67 -12.82 51.31
CA THR C 244 -9.91 -13.92 51.86
C THR C 244 -10.46 -14.31 53.22
N LEU C 245 -10.64 -15.62 53.43
CA LEU C 245 -11.27 -16.15 54.63
C LEU C 245 -10.36 -17.18 55.27
N LEU C 246 -10.41 -17.26 56.59
CA LEU C 246 -9.64 -18.24 57.35
C LEU C 246 -10.54 -18.91 58.37
N ALA C 247 -10.02 -19.98 58.98
CA ALA C 247 -10.75 -20.73 59.99
C ALA C 247 -10.83 -19.96 61.30
N ALA C 267 -3.49 -14.51 59.42
CA ALA C 267 -3.81 -13.51 60.43
C ALA C 267 -3.22 -12.15 60.06
N ALA C 268 -2.37 -12.14 59.03
CA ALA C 268 -1.73 -10.93 58.53
C ALA C 268 -1.57 -11.09 57.02
N TYR C 269 -2.51 -10.55 56.26
CA TYR C 269 -2.49 -10.70 54.82
C TYR C 269 -2.37 -9.35 54.14
N TYR C 270 -1.37 -9.22 53.28
CA TYR C 270 -1.16 -8.03 52.48
C TYR C 270 -1.95 -8.13 51.18
N VAL C 271 -2.16 -6.99 50.52
CA VAL C 271 -2.82 -6.92 49.23
C VAL C 271 -2.18 -5.78 48.44
N GLY C 272 -1.78 -6.07 47.20
CA GLY C 272 -1.35 -5.05 46.27
C GLY C 272 -2.30 -4.98 45.09
N TYR C 273 -1.99 -4.05 44.18
CA TYR C 273 -2.82 -3.87 42.98
C TYR C 273 -1.95 -3.73 41.76
N LEU C 274 -2.38 -4.36 40.67
CA LEU C 274 -1.61 -4.45 39.44
C LEU C 274 -2.04 -3.38 38.45
N GLN C 275 -1.06 -2.84 37.74
CA GLN C 275 -1.24 -1.82 36.71
C GLN C 275 -0.44 -2.27 35.49
N PRO C 276 -0.87 -1.90 34.26
CA PRO C 276 -0.10 -2.30 33.09
C PRO C 276 1.23 -1.57 32.97
N ARG C 277 2.21 -2.05 33.73
CA ARG C 277 3.52 -1.42 33.85
C ARG C 277 4.55 -2.21 33.06
N THR C 278 5.24 -1.52 32.15
CA THR C 278 6.37 -2.11 31.44
C THR C 278 7.47 -2.47 32.44
N PHE C 279 8.20 -3.55 32.17
CA PHE C 279 9.29 -3.98 33.03
C PHE C 279 10.33 -4.71 32.21
N LEU C 280 11.57 -4.63 32.67
CA LEU C 280 12.69 -5.32 32.04
C LEU C 280 13.10 -6.47 32.95
N LEU C 281 13.12 -7.68 32.41
CA LEU C 281 13.42 -8.87 33.16
C LEU C 281 14.88 -9.28 32.94
N LYS C 282 15.39 -10.10 33.84
CA LYS C 282 16.77 -10.56 33.76
C LYS C 282 16.80 -12.05 34.04
N TYR C 283 17.00 -12.84 33.01
CA TYR C 283 17.07 -14.29 33.16
C TYR C 283 18.52 -14.71 33.37
N ASN C 284 18.69 -15.83 34.06
CA ASN C 284 20.01 -16.39 34.29
C ASN C 284 20.28 -17.51 33.29
N GLU C 285 21.35 -18.27 33.56
CA GLU C 285 21.64 -19.45 32.75
C GLU C 285 20.60 -20.54 32.97
N ASN C 286 20.08 -20.64 34.20
CA ASN C 286 19.13 -21.70 34.54
C ASN C 286 17.78 -21.50 33.86
N GLY C 287 17.42 -20.26 33.54
CA GLY C 287 16.12 -19.96 33.00
C GLY C 287 15.15 -19.35 33.98
N THR C 288 15.58 -19.11 35.22
CA THR C 288 14.76 -18.41 36.21
C THR C 288 14.94 -16.91 36.03
N ILE C 289 14.42 -16.14 36.97
CA ILE C 289 14.50 -14.68 36.93
C ILE C 289 15.30 -14.25 38.15
N THR C 290 16.48 -13.67 37.91
CA THR C 290 17.37 -13.31 39.00
C THR C 290 17.37 -11.81 39.33
N ASP C 291 16.82 -10.98 38.46
CA ASP C 291 16.73 -9.55 38.68
C ASP C 291 15.59 -9.00 37.85
N ALA C 292 15.16 -7.77 38.16
CA ALA C 292 14.08 -7.14 37.42
C ALA C 292 14.23 -5.63 37.56
N VAL C 293 13.74 -4.91 36.56
CA VAL C 293 13.87 -3.47 36.46
C VAL C 293 12.49 -2.92 36.16
N ASP C 294 11.94 -2.13 37.08
CA ASP C 294 10.73 -1.37 36.77
C ASP C 294 11.07 -0.34 35.71
N CYS C 295 10.09 0.01 34.89
CA CYS C 295 10.51 0.79 33.74
C CYS C 295 10.26 2.29 33.92
N ALA C 296 9.11 2.67 34.47
CA ALA C 296 8.75 4.07 34.64
C ALA C 296 8.83 4.53 36.09
N LEU C 297 9.75 3.98 36.87
CA LEU C 297 9.79 4.32 38.29
C LEU C 297 10.58 5.60 38.54
N ASP C 298 11.87 5.59 38.24
CA ASP C 298 12.74 6.76 38.36
C ASP C 298 13.53 6.87 37.08
N PRO C 299 14.10 8.06 36.77
CA PRO C 299 14.79 8.26 35.48
C PRO C 299 15.92 7.30 35.14
N LEU C 300 16.64 6.75 36.12
CA LEU C 300 17.66 5.77 35.80
C LEU C 300 17.05 4.46 35.34
N SER C 301 15.84 4.14 35.78
CA SER C 301 15.20 2.91 35.38
C SER C 301 14.73 2.95 33.94
N GLU C 302 14.23 4.10 33.49
CA GLU C 302 13.87 4.25 32.08
C GLU C 302 15.11 4.28 31.20
N THR C 303 16.24 4.74 31.73
CA THR C 303 17.51 4.62 31.02
C THR C 303 17.89 3.16 30.81
N LYS C 304 17.65 2.32 31.82
CA LYS C 304 17.93 0.90 31.71
C LYS C 304 17.01 0.22 30.69
N CYS C 305 15.76 0.66 30.60
CA CYS C 305 14.87 0.14 29.57
C CYS C 305 15.33 0.54 28.17
N THR C 306 15.84 1.77 28.03
CA THR C 306 16.24 2.27 26.72
C THR C 306 17.47 1.53 26.21
N LEU C 307 18.49 1.38 27.06
CA LEU C 307 19.69 0.65 26.69
C LEU C 307 19.47 -0.86 26.61
N LYS C 308 18.35 -1.35 27.17
CA LYS C 308 18.05 -2.78 27.32
C LYS C 308 19.18 -3.49 28.07
N SER C 309 19.69 -2.84 29.12
CA SER C 309 20.80 -3.35 29.90
C SER C 309 20.58 -3.00 31.36
N PHE C 310 21.31 -3.71 32.23
CA PHE C 310 21.24 -3.48 33.66
C PHE C 310 22.34 -2.54 34.14
N THR C 311 23.53 -2.62 33.57
CA THR C 311 24.60 -1.70 33.88
C THR C 311 24.57 -0.53 32.89
N VAL C 312 24.71 0.68 33.41
CA VAL C 312 24.68 1.89 32.60
C VAL C 312 26.02 2.59 32.71
N GLU C 313 26.64 2.89 31.57
CA GLU C 313 27.92 3.57 31.54
C GLU C 313 27.70 5.07 31.71
N LYS C 314 28.76 5.77 32.14
CA LYS C 314 28.70 7.20 32.39
C LYS C 314 28.48 7.97 31.09
N GLY C 315 27.39 8.72 31.02
CA GLY C 315 27.08 9.47 29.82
C GLY C 315 25.70 10.10 29.93
N ILE C 316 25.21 10.56 28.78
CA ILE C 316 23.89 11.19 28.66
C ILE C 316 23.08 10.42 27.63
N TYR C 317 21.84 10.07 27.98
CA TYR C 317 21.02 9.17 27.17
C TYR C 317 19.63 9.77 26.95
N GLN C 318 19.21 9.83 25.70
CA GLN C 318 17.89 10.32 25.32
C GLN C 318 16.86 9.23 25.59
N THR C 319 16.26 9.26 26.79
CA THR C 319 15.39 8.17 27.19
C THR C 319 14.00 8.26 26.57
N SER C 320 13.38 9.43 26.60
CA SER C 320 12.00 9.55 26.12
C SER C 320 11.74 11.00 25.74
N ASN C 321 10.49 11.30 25.41
CA ASN C 321 10.07 12.64 25.03
C ASN C 321 8.90 13.06 25.91
N PHE C 322 8.91 14.30 26.35
CA PHE C 322 7.84 14.84 27.17
C PHE C 322 7.07 15.89 26.40
N ARG C 323 5.76 15.92 26.63
CA ARG C 323 4.86 16.89 26.02
C ARG C 323 4.06 17.56 27.13
N VAL C 324 3.57 18.75 26.85
CA VAL C 324 2.72 19.48 27.79
C VAL C 324 1.27 19.24 27.37
N GLN C 325 0.51 18.59 28.25
CA GLN C 325 -0.85 18.19 27.92
C GLN C 325 -1.77 19.40 27.93
N PRO C 326 -2.83 19.40 27.10
CA PRO C 326 -3.79 20.50 27.13
C PRO C 326 -4.58 20.52 28.42
N THR C 327 -4.92 21.73 28.86
CA THR C 327 -5.58 21.95 30.14
C THR C 327 -7.08 22.18 30.02
N GLU C 328 -7.50 23.13 29.20
CA GLU C 328 -8.92 23.43 29.05
C GLU C 328 -9.34 23.38 27.59
N SER C 329 -10.57 23.84 27.31
CA SER C 329 -11.09 23.92 25.94
C SER C 329 -11.60 25.33 25.70
N ILE C 330 -11.22 25.91 24.57
CA ILE C 330 -11.67 27.25 24.20
C ILE C 330 -12.47 27.17 22.91
N VAL C 331 -13.80 27.12 23.04
CA VAL C 331 -14.68 27.07 21.89
C VAL C 331 -15.45 28.38 21.84
N ARG C 332 -15.09 29.25 20.90
CA ARG C 332 -15.67 30.56 20.78
C ARG C 332 -16.35 30.75 19.43
N PHE C 333 -17.49 31.41 19.46
CA PHE C 333 -18.30 31.79 18.30
C PHE C 333 -18.67 33.25 18.54
N PRO C 334 -18.96 34.01 17.47
CA PRO C 334 -19.13 35.48 17.63
C PRO C 334 -20.27 35.89 18.56
N ASN C 335 -20.20 37.15 19.03
CA ASN C 335 -21.24 37.71 19.90
C ASN C 335 -22.60 37.69 19.20
N ILE C 336 -23.64 37.71 20.02
CA ILE C 336 -24.99 37.38 19.58
C ILE C 336 -25.52 38.46 18.64
N THR C 337 -25.88 38.05 17.42
CA THR C 337 -26.46 38.97 16.44
C THR C 337 -27.91 38.59 16.13
N ASN C 338 -28.17 37.36 15.69
CA ASN C 338 -29.53 36.96 15.37
C ASN C 338 -30.31 36.67 16.65
N LEU C 339 -31.56 37.13 16.68
CA LEU C 339 -32.40 37.04 17.87
C LEU C 339 -33.66 36.26 17.56
N CYS C 340 -34.41 35.94 18.62
CA CYS C 340 -35.65 35.20 18.41
C CYS C 340 -36.86 36.07 18.65
N PRO C 341 -37.96 35.83 17.92
CA PRO C 341 -39.25 36.45 18.23
C PRO C 341 -40.05 35.64 19.26
N PHE C 342 -39.40 35.27 20.36
CA PHE C 342 -40.04 34.39 21.34
C PHE C 342 -40.88 35.22 22.31
N GLY C 343 -40.23 36.05 23.12
CA GLY C 343 -40.91 36.77 24.17
C GLY C 343 -41.77 37.91 23.70
N GLU C 344 -41.49 38.43 22.50
CA GLU C 344 -42.38 39.39 21.87
C GLU C 344 -43.76 38.80 21.62
N VAL C 345 -43.79 37.52 21.23
CA VAL C 345 -45.05 36.80 21.16
C VAL C 345 -45.55 36.50 22.58
N PHE C 346 -44.67 36.06 23.45
CA PHE C 346 -45.09 35.57 24.77
C PHE C 346 -45.30 36.70 25.77
N ASN C 347 -45.04 37.96 25.38
CA ASN C 347 -45.47 39.10 26.16
C ASN C 347 -46.26 40.09 25.31
N ALA C 348 -46.77 39.64 24.18
CA ALA C 348 -47.86 40.35 23.53
C ALA C 348 -49.07 40.31 24.44
N THR C 349 -49.64 41.49 24.74
CA THR C 349 -50.52 41.63 25.91
C THR C 349 -51.86 40.93 25.73
N ARG C 350 -52.24 40.60 24.49
CA ARG C 350 -53.38 39.74 24.24
C ARG C 350 -52.92 38.47 23.53
N PHE C 351 -53.55 37.36 23.89
CA PHE C 351 -53.30 36.07 23.27
C PHE C 351 -54.50 35.64 22.44
N ALA C 352 -54.32 34.55 21.72
CA ALA C 352 -55.45 33.88 21.09
C ALA C 352 -55.99 32.81 22.05
N SER C 353 -57.14 32.25 21.69
CA SER C 353 -57.84 31.32 22.54
C SER C 353 -57.24 29.92 22.44
N VAL C 354 -57.77 29.00 23.25
CA VAL C 354 -57.31 27.61 23.22
C VAL C 354 -57.80 26.90 21.95
N TYR C 355 -58.99 27.24 21.45
CA TYR C 355 -59.43 26.70 20.17
C TYR C 355 -58.75 27.38 18.99
N ALA C 356 -58.09 28.51 19.23
CA ALA C 356 -57.32 29.21 18.21
C ALA C 356 -55.86 29.19 18.62
N TRP C 357 -55.38 28.01 19.03
CA TRP C 357 -54.04 27.83 19.58
C TRP C 357 -53.00 28.21 18.54
N ASN C 358 -52.32 29.33 18.77
CA ASN C 358 -51.54 29.98 17.73
C ASN C 358 -50.12 29.41 17.74
N ARG C 359 -49.89 28.43 16.86
CA ARG C 359 -48.53 28.00 16.57
C ARG C 359 -47.80 29.11 15.80
N LYS C 360 -46.47 29.02 15.81
CA LYS C 360 -45.67 30.01 15.10
C LYS C 360 -44.38 29.37 14.64
N ARG C 361 -44.07 29.53 13.35
CA ARG C 361 -42.81 29.02 12.82
C ARG C 361 -41.67 29.94 13.24
N ILE C 362 -40.62 29.36 13.81
CA ILE C 362 -39.39 30.08 14.11
C ILE C 362 -38.25 29.34 13.43
N SER C 363 -37.54 30.02 12.54
CA SER C 363 -36.44 29.43 11.81
C SER C 363 -35.18 30.26 11.97
N ASN C 364 -34.05 29.57 12.11
CA ASN C 364 -32.70 30.13 12.14
C ASN C 364 -32.52 31.14 13.28
N CYS C 365 -32.65 30.61 14.49
CA CYS C 365 -32.38 31.31 15.74
C CYS C 365 -31.15 30.76 16.45
N VAL C 366 -30.97 31.29 17.66
CA VAL C 366 -30.08 30.75 18.68
C VAL C 366 -30.94 30.01 19.71
N ALA C 367 -30.49 28.82 20.10
CA ALA C 367 -31.15 28.04 21.15
C ALA C 367 -30.72 28.59 22.50
N ASP C 368 -31.49 29.56 23.01
CA ASP C 368 -31.23 30.14 24.31
C ASP C 368 -32.53 30.02 25.10
N TYR C 369 -32.76 28.84 25.67
CA TYR C 369 -33.93 28.61 26.49
C TYR C 369 -33.64 28.75 27.97
N SER C 370 -32.36 28.73 28.36
CA SER C 370 -31.99 28.66 29.76
C SER C 370 -32.31 29.97 30.48
N VAL C 371 -32.08 31.11 29.83
CA VAL C 371 -32.42 32.41 30.41
C VAL C 371 -33.93 32.56 30.54
N LEU C 372 -34.70 31.86 29.71
CA LEU C 372 -36.15 31.86 29.84
C LEU C 372 -36.59 31.13 31.10
N TYR C 373 -36.06 29.92 31.34
CA TYR C 373 -36.40 29.24 32.59
C TYR C 373 -35.47 29.63 33.73
N ASN C 374 -34.62 30.63 33.55
CA ASN C 374 -34.06 31.36 34.69
C ASN C 374 -34.98 32.48 35.14
N SER C 375 -35.77 33.05 34.23
CA SER C 375 -36.91 33.87 34.61
C SER C 375 -37.94 32.97 35.27
N ALA C 376 -38.14 33.15 36.58
CA ALA C 376 -38.79 32.15 37.42
C ALA C 376 -40.23 32.50 37.76
N SER C 377 -40.96 33.06 36.80
CA SER C 377 -42.38 33.30 36.97
C SER C 377 -43.25 32.12 36.57
N PHE C 378 -42.65 31.09 35.97
CA PHE C 378 -43.42 30.04 35.31
C PHE C 378 -43.93 29.02 36.32
N SER C 379 -45.23 28.73 36.27
CA SER C 379 -45.82 27.73 37.15
C SER C 379 -45.50 26.32 36.66
N THR C 380 -45.94 25.99 35.45
CA THR C 380 -45.71 24.68 34.87
C THR C 380 -44.42 24.71 34.06
N PHE C 381 -43.58 23.69 34.26
CA PHE C 381 -42.36 23.52 33.46
C PHE C 381 -42.25 22.01 33.19
N LYS C 382 -42.89 21.56 32.12
CA LYS C 382 -43.05 20.13 31.83
C LYS C 382 -42.55 19.88 30.41
N CYS C 383 -41.38 19.27 30.26
CA CYS C 383 -40.81 19.00 28.95
C CYS C 383 -40.88 17.50 28.68
N TYR C 384 -41.02 17.16 27.39
CA TYR C 384 -41.28 15.78 26.99
C TYR C 384 -40.43 15.42 25.78
N GLY C 385 -39.72 14.30 25.88
CA GLY C 385 -38.89 13.83 24.79
C GLY C 385 -37.44 14.23 24.97
N VAL C 386 -37.23 15.46 25.44
CA VAL C 386 -35.91 16.01 25.70
C VAL C 386 -35.98 16.69 27.06
N SER C 387 -34.95 16.46 27.88
CA SER C 387 -34.88 17.02 29.23
C SER C 387 -34.88 18.56 29.19
N PRO C 388 -35.44 19.21 30.22
CA PRO C 388 -35.53 20.69 30.21
C PRO C 388 -34.18 21.42 30.13
N THR C 389 -33.15 20.90 30.81
CA THR C 389 -31.82 21.47 30.64
C THR C 389 -31.23 21.11 29.28
N LYS C 390 -31.62 19.96 28.74
CA LYS C 390 -31.12 19.43 27.49
C LYS C 390 -31.77 20.06 26.26
N LEU C 391 -32.74 20.96 26.44
CA LEU C 391 -33.33 21.66 25.30
C LEU C 391 -32.35 22.64 24.68
N ASN C 392 -31.42 23.18 25.47
CA ASN C 392 -30.56 24.25 24.99
C ASN C 392 -29.44 23.73 24.10
N ASP C 393 -28.71 22.71 24.58
CA ASP C 393 -27.53 22.24 23.85
C ASP C 393 -27.89 21.43 22.62
N LEU C 394 -28.95 20.62 22.69
CA LEU C 394 -29.42 19.85 21.56
C LEU C 394 -30.45 20.65 20.79
N CYS C 395 -30.35 20.60 19.45
CA CYS C 395 -31.11 21.48 18.59
C CYS C 395 -32.04 20.66 17.70
N PHE C 396 -33.11 21.31 17.24
CA PHE C 396 -34.23 20.62 16.59
C PHE C 396 -34.66 21.37 15.34
N THR C 397 -35.60 20.78 14.62
CA THR C 397 -36.31 21.41 13.52
C THR C 397 -37.78 21.56 13.87
N ASN C 398 -38.52 22.21 12.97
CA ASN C 398 -39.99 22.28 12.96
C ASN C 398 -40.53 22.91 14.24
N VAL C 399 -40.19 24.18 14.42
CA VAL C 399 -40.48 24.91 15.66
C VAL C 399 -41.87 25.51 15.54
N TYR C 400 -42.78 25.08 16.41
CA TYR C 400 -44.11 25.67 16.53
C TYR C 400 -44.41 25.89 18.00
N ALA C 401 -44.40 27.15 18.41
CA ALA C 401 -44.71 27.53 19.78
C ALA C 401 -46.19 27.88 19.86
N ASP C 402 -46.93 27.13 20.67
CA ASP C 402 -48.39 27.23 20.73
C ASP C 402 -48.74 28.02 22.00
N SER C 403 -49.01 29.31 21.82
CA SER C 403 -49.25 30.22 22.93
C SER C 403 -50.71 30.65 22.95
N PHE C 404 -51.37 30.43 24.08
CA PHE C 404 -52.79 30.75 24.23
C PHE C 404 -53.10 30.89 25.72
N VAL C 405 -54.39 30.90 26.05
CA VAL C 405 -54.87 31.11 27.41
C VAL C 405 -55.76 29.95 27.83
N ILE C 406 -55.51 29.41 29.03
CA ILE C 406 -56.33 28.35 29.61
C ILE C 406 -56.57 28.64 31.09
N ARG C 407 -57.29 27.74 31.76
CA ARG C 407 -57.64 27.93 33.16
C ARG C 407 -56.52 27.44 34.08
N GLY C 408 -56.54 27.94 35.31
CA GLY C 408 -55.48 27.63 36.27
C GLY C 408 -55.54 26.24 36.85
N ASP C 409 -56.71 25.59 36.84
CA ASP C 409 -56.78 24.19 37.24
C ASP C 409 -56.58 23.25 36.06
N GLU C 410 -56.90 23.70 34.86
CA GLU C 410 -56.84 22.87 33.66
C GLU C 410 -55.44 22.72 33.10
N VAL C 411 -54.44 23.37 33.70
CA VAL C 411 -53.05 23.05 33.36
C VAL C 411 -52.65 21.69 33.91
N ARG C 412 -53.37 21.21 34.95
CA ARG C 412 -53.18 19.85 35.41
C ARG C 412 -53.61 18.83 34.36
N GLN C 413 -54.55 19.21 33.49
CA GLN C 413 -55.02 18.36 32.40
C GLN C 413 -54.10 18.37 31.18
N ILE C 414 -52.94 19.02 31.27
CA ILE C 414 -52.06 19.22 30.12
C ILE C 414 -50.89 18.26 30.22
N ALA C 415 -50.93 17.18 29.43
CA ALA C 415 -49.81 16.29 29.20
C ALA C 415 -50.09 15.53 27.91
N PRO C 416 -49.03 15.07 27.20
CA PRO C 416 -49.24 14.16 26.07
C PRO C 416 -49.94 12.86 26.47
N GLY C 417 -51.16 12.66 25.98
CA GLY C 417 -51.96 11.52 26.34
C GLY C 417 -52.97 11.79 27.43
N GLN C 418 -52.86 12.91 28.14
CA GLN C 418 -53.80 13.22 29.21
C GLN C 418 -55.14 13.63 28.62
N THR C 419 -56.22 13.12 29.19
CA THR C 419 -57.57 13.34 28.70
C THR C 419 -58.35 14.21 29.67
N GLY C 420 -59.06 15.19 29.13
CA GLY C 420 -59.87 16.09 29.93
C GLY C 420 -60.77 16.90 29.04
N LYS C 421 -61.40 17.91 29.64
CA LYS C 421 -62.27 18.82 28.90
C LYS C 421 -61.50 19.58 27.82
N ILE C 422 -60.26 19.95 28.10
CA ILE C 422 -59.43 20.59 27.09
C ILE C 422 -58.94 19.60 26.04
N ALA C 423 -58.85 18.31 26.37
CA ALA C 423 -58.31 17.35 25.43
C ALA C 423 -59.35 16.92 24.39
N ASP C 424 -60.55 16.51 24.84
CA ASP C 424 -61.51 15.95 23.90
C ASP C 424 -62.12 17.02 22.99
N TYR C 425 -62.26 18.25 23.49
CA TYR C 425 -62.98 19.29 22.76
C TYR C 425 -62.10 20.45 22.34
N ASN C 426 -61.20 20.92 23.20
CA ASN C 426 -60.40 22.09 22.86
C ASN C 426 -59.14 21.71 22.08
N TYR C 427 -58.25 20.93 22.67
CA TYR C 427 -57.07 20.43 21.95
C TYR C 427 -56.55 19.17 22.64
N LYS C 428 -56.59 18.05 21.92
CA LYS C 428 -55.92 16.83 22.37
C LYS C 428 -54.42 16.95 22.12
N LEU C 429 -53.64 16.77 23.17
CA LEU C 429 -52.19 16.86 23.04
C LEU C 429 -51.66 15.58 22.41
N PRO C 430 -50.70 15.68 21.48
CA PRO C 430 -50.26 14.51 20.73
C PRO C 430 -49.33 13.61 21.53
N ASP C 431 -49.42 12.31 21.26
CA ASP C 431 -48.54 11.34 21.92
C ASP C 431 -47.12 11.39 21.37
N ASP C 432 -46.92 11.93 20.16
CA ASP C 432 -45.59 12.10 19.58
C ASP C 432 -45.10 13.54 19.74
N PHE C 433 -45.46 14.16 20.86
CA PHE C 433 -45.05 15.54 21.15
C PHE C 433 -43.61 15.56 21.64
N THR C 434 -42.74 16.20 20.87
CA THR C 434 -41.35 16.40 21.26
C THR C 434 -41.15 17.89 21.53
N GLY C 435 -40.97 18.22 22.81
CA GLY C 435 -40.88 19.61 23.21
C GLY C 435 -41.33 19.78 24.65
N CYS C 436 -41.81 20.99 24.94
CA CYS C 436 -42.09 21.38 26.32
C CYS C 436 -43.36 22.23 26.37
N VAL C 437 -43.96 22.29 27.56
CA VAL C 437 -45.12 23.13 27.83
C VAL C 437 -44.85 23.94 29.09
N ILE C 438 -45.11 25.24 29.02
CA ILE C 438 -44.74 26.19 30.08
C ILE C 438 -45.90 27.15 30.28
N ALA C 439 -46.39 27.25 31.52
CA ALA C 439 -47.48 28.16 31.85
C ALA C 439 -47.13 29.00 33.07
N TRP C 440 -47.87 30.11 33.21
CA TRP C 440 -47.76 31.00 34.35
C TRP C 440 -49.00 31.87 34.42
N ASN C 441 -49.29 32.37 35.62
CA ASN C 441 -50.45 33.22 35.82
C ASN C 441 -50.12 34.68 35.51
N SER C 442 -51.04 35.34 34.81
CA SER C 442 -50.97 36.77 34.57
C SER C 442 -52.37 37.37 34.71
N ASN C 443 -53.13 36.87 35.67
CA ASN C 443 -54.55 37.23 35.81
C ASN C 443 -54.73 38.68 36.26
N ASN C 444 -53.75 39.24 36.98
CA ASN C 444 -53.89 40.57 37.58
C ASN C 444 -53.98 41.68 36.53
N LEU C 445 -53.53 41.44 35.31
CA LEU C 445 -53.87 42.31 34.19
C LEU C 445 -55.00 41.77 33.33
N ASP C 446 -55.23 40.45 33.36
CA ASP C 446 -56.41 39.89 32.70
C ASP C 446 -57.70 40.28 33.40
N SER C 447 -57.63 40.52 34.72
CA SER C 447 -58.83 40.82 35.48
C SER C 447 -59.31 42.24 35.24
N LYS C 448 -60.63 42.41 35.20
CA LYS C 448 -61.25 43.73 35.29
C LYS C 448 -62.27 43.70 36.41
N VAL C 449 -63.08 44.77 36.53
CA VAL C 449 -63.98 44.89 37.68
C VAL C 449 -65.23 44.06 37.48
N GLY C 450 -65.85 44.14 36.29
CA GLY C 450 -67.16 43.56 36.10
C GLY C 450 -67.21 42.17 35.51
N GLY C 451 -66.09 41.71 34.94
CA GLY C 451 -66.08 40.40 34.31
C GLY C 451 -65.39 40.37 32.97
N ASN C 452 -64.45 39.44 32.81
CA ASN C 452 -63.62 39.34 31.60
C ASN C 452 -64.25 38.30 30.69
N TYR C 453 -64.98 38.77 29.67
CA TYR C 453 -65.78 37.89 28.82
C TYR C 453 -65.38 37.91 27.36
N ASN C 454 -64.18 38.39 27.03
CA ASN C 454 -63.76 38.52 25.63
C ASN C 454 -62.99 37.30 25.12
N TYR C 455 -62.93 36.21 25.88
CA TYR C 455 -62.32 34.97 25.43
C TYR C 455 -63.31 33.82 25.63
N ARG C 456 -63.22 32.82 24.75
CA ARG C 456 -64.19 31.74 24.73
C ARG C 456 -63.47 30.38 24.83
N TYR C 457 -64.27 29.33 25.08
CA TYR C 457 -63.72 28.00 25.24
C TYR C 457 -64.66 26.98 24.62
N ARG C 458 -64.07 25.96 24.01
CA ARG C 458 -64.84 24.91 23.34
C ARG C 458 -65.39 23.95 24.37
N LEU C 459 -66.64 24.18 24.77
CA LEU C 459 -67.35 23.23 25.63
C LEU C 459 -68.24 22.29 24.84
N PHE C 460 -68.38 22.50 23.53
CA PHE C 460 -69.22 21.66 22.65
C PHE C 460 -68.47 21.47 21.33
N ARG C 461 -67.72 20.38 21.21
CA ARG C 461 -67.18 19.96 19.93
C ARG C 461 -67.90 18.70 19.48
N LYS C 462 -68.19 18.62 18.18
CA LYS C 462 -69.04 17.56 17.66
C LYS C 462 -68.37 16.19 17.65
N SER C 463 -67.05 16.13 17.75
CA SER C 463 -66.36 14.85 17.81
C SER C 463 -65.12 15.03 18.67
N ASN C 464 -64.23 14.04 18.65
CA ASN C 464 -62.95 14.18 19.30
C ASN C 464 -61.95 14.78 18.33
N LEU C 465 -61.09 15.63 18.86
CA LEU C 465 -60.14 16.40 18.07
C LEU C 465 -58.83 15.61 18.02
N LYS C 466 -58.39 15.23 16.81
CA LYS C 466 -57.14 14.50 16.65
C LYS C 466 -55.93 15.39 16.94
N PRO C 467 -54.72 14.82 17.11
CA PRO C 467 -53.52 15.63 17.30
C PRO C 467 -53.29 16.69 16.21
N PHE C 468 -52.86 17.87 16.68
CA PHE C 468 -52.50 19.05 15.87
C PHE C 468 -53.69 19.62 15.09
N GLU C 469 -54.91 19.28 15.47
CA GLU C 469 -56.10 19.73 14.76
C GLU C 469 -56.56 21.06 15.30
N ARG C 470 -56.90 21.98 14.39
CA ARG C 470 -57.45 23.28 14.76
C ARG C 470 -58.74 23.46 13.97
N ASP C 471 -59.83 22.94 14.53
CA ASP C 471 -61.16 23.09 13.94
C ASP C 471 -61.81 24.29 14.60
N ILE C 472 -61.76 25.44 13.92
CA ILE C 472 -62.31 26.67 14.44
C ILE C 472 -63.74 26.90 13.94
N SER C 473 -64.41 25.85 13.51
CA SER C 473 -65.81 25.95 13.11
C SER C 473 -66.69 26.18 14.33
N THR C 474 -67.58 27.18 14.25
CA THR C 474 -68.41 27.58 15.37
C THR C 474 -69.88 27.31 15.09
N GLU C 475 -70.18 26.16 14.49
CA GLU C 475 -71.56 25.85 14.11
C GLU C 475 -72.38 25.40 15.32
N ILE C 476 -73.71 25.40 15.14
CA ILE C 476 -74.63 25.15 16.24
C ILE C 476 -74.58 23.66 16.62
N TYR C 477 -74.71 23.39 17.91
CA TYR C 477 -74.51 22.05 18.45
C TYR C 477 -75.80 21.25 18.41
N GLN C 478 -75.84 20.23 17.56
CA GLN C 478 -76.93 19.25 17.55
C GLN C 478 -76.71 18.28 18.69
N ALA C 479 -77.41 18.49 19.80
CA ALA C 479 -77.27 17.61 20.95
C ALA C 479 -78.63 17.11 21.42
N CYS C 484 -81.52 21.49 14.85
CA CYS C 484 -81.45 22.71 15.63
C CYS C 484 -81.81 23.93 14.78
N ASN C 485 -81.82 23.72 13.45
CA ASN C 485 -82.15 24.72 12.42
C ASN C 485 -81.33 26.01 12.53
N GLY C 486 -80.13 25.93 13.11
CA GLY C 486 -79.20 27.03 13.10
C GLY C 486 -79.44 28.10 14.14
N VAL C 487 -80.39 27.92 15.05
CA VAL C 487 -80.65 28.90 16.10
C VAL C 487 -80.16 28.36 17.43
N GLU C 488 -79.76 29.26 18.32
CA GLU C 488 -79.34 28.91 19.66
C GLU C 488 -80.56 28.88 20.58
N GLY C 489 -80.76 27.77 21.28
CA GLY C 489 -81.95 27.58 22.08
C GLY C 489 -81.98 26.30 22.86
N PHE C 490 -83.10 25.57 22.78
CA PHE C 490 -83.27 24.33 23.54
C PHE C 490 -82.34 23.26 23.01
N ASN C 491 -81.42 22.81 23.87
CA ASN C 491 -80.45 21.73 23.61
C ASN C 491 -79.54 22.03 22.42
N CYS C 492 -79.37 23.32 22.09
CA CYS C 492 -78.50 23.76 20.99
C CYS C 492 -77.90 25.08 21.48
N TYR C 493 -76.70 25.00 22.07
CA TYR C 493 -75.99 26.16 22.54
C TYR C 493 -74.86 26.50 21.59
N PHE C 494 -74.24 27.65 21.83
CA PHE C 494 -73.07 28.00 21.04
C PHE C 494 -71.90 27.11 21.46
N PRO C 495 -71.08 26.64 20.51
CA PRO C 495 -69.98 25.74 20.86
C PRO C 495 -68.88 26.41 21.67
N LEU C 496 -68.82 27.74 21.70
CA LEU C 496 -67.83 28.47 22.48
C LEU C 496 -68.55 29.35 23.47
N GLN C 497 -68.56 28.94 24.74
CA GLN C 497 -69.07 29.76 25.81
C GLN C 497 -67.96 30.65 26.34
N SER C 498 -68.34 31.72 27.03
CA SER C 498 -67.39 32.71 27.51
C SER C 498 -66.82 32.29 28.86
N TYR C 499 -65.53 32.55 29.06
CA TYR C 499 -64.91 32.31 30.36
C TYR C 499 -65.50 33.23 31.40
N GLY C 500 -65.85 32.66 32.56
CA GLY C 500 -66.10 33.49 33.71
C GLY C 500 -64.82 33.63 34.52
N PHE C 501 -64.09 34.72 34.29
CA PHE C 501 -62.80 34.95 34.91
C PHE C 501 -62.83 36.27 35.67
N GLN C 502 -62.55 36.20 36.96
CA GLN C 502 -62.69 37.33 37.87
C GLN C 502 -61.45 37.44 38.74
N PRO C 503 -61.18 38.62 39.31
CA PRO C 503 -60.19 38.68 40.39
C PRO C 503 -60.65 37.96 41.65
N THR C 504 -61.96 37.84 41.86
CA THR C 504 -62.48 37.07 42.97
C THR C 504 -62.37 35.57 42.73
N ASN C 505 -62.15 35.14 41.48
CA ASN C 505 -61.93 33.73 41.19
C ASN C 505 -60.61 33.26 41.76
N GLY C 506 -60.58 32.02 42.23
CA GLY C 506 -59.35 31.43 42.74
C GLY C 506 -58.34 31.16 41.64
N VAL C 507 -57.13 30.80 42.08
CA VAL C 507 -56.01 30.60 41.17
C VAL C 507 -56.23 29.40 40.27
N GLY C 508 -56.96 28.39 40.76
CA GLY C 508 -57.38 27.30 39.89
C GLY C 508 -58.39 27.73 38.84
N TYR C 509 -59.25 28.68 39.17
CA TYR C 509 -60.21 29.22 38.22
C TYR C 509 -59.73 30.51 37.58
N GLN C 510 -58.42 30.72 37.50
CA GLN C 510 -57.83 31.93 36.95
C GLN C 510 -57.19 31.64 35.60
N PRO C 511 -57.12 32.63 34.70
CA PRO C 511 -56.44 32.41 33.42
C PRO C 511 -54.94 32.34 33.58
N TYR C 512 -54.34 31.39 32.87
CA TYR C 512 -52.88 31.28 32.77
C TYR C 512 -52.46 31.55 31.34
N ARG C 513 -51.31 32.21 31.17
CA ARG C 513 -50.66 32.30 29.88
C ARG C 513 -49.75 31.09 29.72
N VAL C 514 -49.89 30.37 28.61
CA VAL C 514 -49.24 29.09 28.39
C VAL C 514 -48.54 29.14 27.04
N VAL C 515 -47.41 28.44 26.93
CA VAL C 515 -46.72 28.22 25.67
C VAL C 515 -46.42 26.73 25.53
N VAL C 516 -46.62 26.20 24.33
CA VAL C 516 -46.32 24.80 24.03
C VAL C 516 -45.29 24.81 22.91
N LEU C 517 -44.01 24.63 23.27
CA LEU C 517 -42.95 24.53 22.27
C LEU C 517 -42.99 23.12 21.68
N SER C 518 -43.27 23.02 20.39
CA SER C 518 -43.33 21.74 19.72
C SER C 518 -42.24 21.65 18.65
N PHE C 519 -41.47 20.58 18.68
CA PHE C 519 -40.42 20.31 17.71
C PHE C 519 -40.67 18.98 17.02
N GLU C 520 -39.98 18.77 15.91
CA GLU C 520 -40.06 17.51 15.19
C GLU C 520 -38.76 17.27 14.46
N LEU C 521 -38.26 16.04 14.54
CA LEU C 521 -36.92 15.70 14.05
C LEU C 521 -37.00 15.05 12.67
N LEU C 522 -37.38 15.85 11.69
CA LEU C 522 -37.26 15.47 10.29
C LEU C 522 -35.89 15.92 9.76
N HIS C 523 -35.47 15.32 8.64
CA HIS C 523 -34.17 15.66 8.08
C HIS C 523 -34.28 17.02 7.38
N ALA C 524 -33.59 18.01 7.95
CA ALA C 524 -33.71 19.42 7.60
C ALA C 524 -32.55 20.17 8.26
N PRO C 525 -32.30 21.43 7.89
CA PRO C 525 -31.39 22.24 8.71
C PRO C 525 -31.97 22.46 10.10
N ALA C 526 -31.15 22.15 11.10
CA ALA C 526 -31.55 22.28 12.50
C ALA C 526 -31.57 23.76 12.86
N THR C 527 -32.77 24.37 12.78
CA THR C 527 -32.97 25.82 12.72
C THR C 527 -32.52 26.57 13.96
N VAL C 528 -33.11 26.24 15.11
CA VAL C 528 -32.66 26.83 16.41
C VAL C 528 -31.25 26.28 16.63
N CYS C 529 -30.23 27.06 16.25
CA CYS C 529 -28.81 26.64 16.41
C CYS C 529 -28.45 26.62 17.91
N GLY C 530 -28.18 27.80 18.48
CA GLY C 530 -27.82 27.91 19.91
C GLY C 530 -26.48 28.62 20.10
N LYS C 533 -19.37 28.14 22.69
CA LYS C 533 -20.59 28.94 22.97
C LYS C 533 -20.23 30.13 23.87
N SER C 534 -19.53 31.12 23.30
CA SER C 534 -19.11 32.33 24.06
C SER C 534 -18.44 31.91 25.36
N THR C 535 -17.39 31.09 25.28
CA THR C 535 -16.64 30.61 26.47
C THR C 535 -15.62 31.67 26.88
N ASN C 536 -15.15 31.62 28.13
CA ASN C 536 -14.14 32.59 28.66
C ASN C 536 -12.78 32.31 28.00
N LEU C 537 -12.06 33.37 27.64
CA LEU C 537 -10.75 33.24 27.02
C LEU C 537 -9.68 33.15 28.09
N VAL C 538 -8.94 32.04 28.11
CA VAL C 538 -7.81 31.89 29.00
C VAL C 538 -6.55 31.74 28.14
N LYS C 539 -5.52 32.51 28.49
CA LYS C 539 -4.29 32.61 27.72
C LYS C 539 -3.09 32.18 28.56
N ASN C 540 -1.94 32.09 27.89
CA ASN C 540 -0.64 31.78 28.48
C ASN C 540 -0.60 30.39 29.13
N LYS C 541 -1.42 29.48 28.60
CA LYS C 541 -1.42 28.07 28.95
C LYS C 541 -2.06 27.29 27.81
N CYS C 542 -1.52 26.11 27.49
CA CYS C 542 -2.08 25.29 26.43
C CYS C 542 -3.50 24.82 26.74
N VAL C 543 -4.38 25.12 25.79
CA VAL C 543 -5.75 24.66 25.79
C VAL C 543 -5.98 23.95 24.46
N ASN C 544 -7.20 23.51 24.23
CA ASN C 544 -7.62 22.95 22.95
C ASN C 544 -8.65 23.93 22.39
N PHE C 545 -8.27 24.68 21.37
CA PHE C 545 -9.12 25.76 20.89
C PHE C 545 -9.93 25.29 19.68
N ASN C 546 -11.19 25.72 19.62
CA ASN C 546 -12.09 25.49 18.50
C ASN C 546 -12.63 26.86 18.11
N PHE C 547 -11.91 27.57 17.25
CA PHE C 547 -12.28 28.91 16.82
C PHE C 547 -13.09 28.81 15.55
N ASN C 548 -14.42 28.93 15.69
CA ASN C 548 -15.41 28.99 14.61
C ASN C 548 -15.47 27.74 13.75
N GLY C 549 -14.82 26.65 14.18
CA GLY C 549 -14.74 25.44 13.39
C GLY C 549 -13.30 25.01 13.22
N LEU C 550 -12.38 25.98 13.24
CA LEU C 550 -10.96 25.70 13.09
C LEU C 550 -10.40 25.12 14.38
N THR C 551 -9.94 23.87 14.32
CA THR C 551 -9.46 23.15 15.49
C THR C 551 -7.95 23.29 15.63
N GLY C 552 -7.45 22.93 16.80
CA GLY C 552 -6.03 22.93 17.06
C GLY C 552 -5.68 23.04 18.53
N THR C 553 -4.53 22.50 18.92
CA THR C 553 -4.04 22.61 20.28
C THR C 553 -2.87 23.60 20.31
N GLY C 554 -2.84 24.43 21.33
CA GLY C 554 -1.80 25.43 21.43
C GLY C 554 -2.09 26.40 22.55
N VAL C 555 -1.13 27.29 22.80
CA VAL C 555 -1.24 28.29 23.84
C VAL C 555 -1.41 29.65 23.17
N LEU C 556 -2.45 30.36 23.58
CA LEU C 556 -2.80 31.65 23.00
C LEU C 556 -2.10 32.75 23.76
N THR C 557 -1.52 33.70 23.01
CA THR C 557 -0.88 34.88 23.57
C THR C 557 -1.52 36.12 22.94
N GLU C 558 -0.95 37.27 23.26
CA GLU C 558 -1.36 38.53 22.65
C GLU C 558 -0.42 38.84 21.49
N SER C 559 -0.98 39.12 20.32
CA SER C 559 -0.20 39.50 19.16
C SER C 559 -0.47 40.95 18.79
N ASN C 560 0.58 41.68 18.47
CA ASN C 560 0.46 43.09 18.08
C ASN C 560 0.37 43.29 16.57
N LYS C 561 0.46 42.23 15.77
CA LYS C 561 0.39 42.38 14.33
C LYS C 561 -1.03 42.70 13.88
N LYS C 562 -1.13 43.27 12.69
CA LYS C 562 -2.38 43.84 12.19
C LYS C 562 -2.93 42.99 11.07
N PHE C 563 -4.23 42.75 11.10
CA PHE C 563 -4.91 42.01 10.04
C PHE C 563 -5.53 42.99 9.06
N LEU C 564 -6.22 42.45 8.07
CA LEU C 564 -7.09 43.19 7.19
C LEU C 564 -8.54 42.85 7.57
N PRO C 565 -9.50 43.76 7.33
CA PRO C 565 -10.87 43.54 7.84
C PRO C 565 -11.56 42.29 7.31
N PHE C 566 -11.20 41.81 6.12
CA PHE C 566 -11.78 40.57 5.63
C PHE C 566 -11.04 39.33 6.10
N GLN C 567 -9.77 39.46 6.49
CA GLN C 567 -8.96 38.30 6.85
C GLN C 567 -9.36 37.77 8.22
N GLN C 568 -9.47 36.44 8.34
CA GLN C 568 -9.91 35.81 9.57
C GLN C 568 -8.76 35.24 10.40
N PHE C 569 -7.96 34.36 9.82
CA PHE C 569 -6.90 33.69 10.56
C PHE C 569 -5.61 33.72 9.78
N GLY C 570 -4.50 33.90 10.49
CA GLY C 570 -3.19 33.97 9.88
C GLY C 570 -2.62 32.60 9.59
N ARG C 571 -1.40 32.61 9.07
CA ARG C 571 -0.69 31.40 8.69
C ARG C 571 0.79 31.72 8.55
N ASP C 572 1.63 30.76 8.91
CA ASP C 572 3.08 30.91 8.87
C ASP C 572 3.57 30.60 7.45
N ILE C 573 4.89 30.53 7.28
CA ILE C 573 5.47 30.26 5.96
C ILE C 573 5.45 28.79 5.58
N ALA C 574 5.03 27.91 6.47
CA ALA C 574 4.98 26.47 6.21
C ALA C 574 3.62 25.91 6.58
N ASP C 575 2.56 26.65 6.24
CA ASP C 575 1.15 26.24 6.34
C ASP C 575 0.75 25.92 7.79
N THR C 576 1.31 26.66 8.73
CA THR C 576 1.02 26.49 10.15
C THR C 576 0.12 27.64 10.60
N THR C 577 -0.99 27.32 11.28
CA THR C 577 -1.95 28.31 11.73
C THR C 577 -1.32 29.14 12.84
N ASP C 578 -0.90 30.36 12.49
CA ASP C 578 -0.05 31.17 13.35
C ASP C 578 -0.84 32.24 14.10
N ALA C 579 -2.05 32.57 13.67
CA ALA C 579 -2.82 33.62 14.33
C ALA C 579 -4.29 33.43 14.01
N VAL C 580 -5.14 33.85 14.94
CA VAL C 580 -6.59 33.72 14.83
C VAL C 580 -7.23 34.95 15.44
N ARG C 581 -8.11 35.63 14.69
CA ARG C 581 -8.90 36.70 15.27
C ARG C 581 -9.96 36.13 16.21
N ASP C 582 -10.14 36.79 17.35
CA ASP C 582 -11.21 36.42 18.25
C ASP C 582 -12.55 36.82 17.63
N PRO C 583 -13.48 35.89 17.48
CA PRO C 583 -14.72 36.19 16.75
C PRO C 583 -15.65 37.17 17.45
N GLN C 584 -15.55 37.36 18.76
CA GLN C 584 -16.48 38.28 19.42
C GLN C 584 -15.91 39.69 19.54
N THR C 585 -14.87 39.85 20.35
CA THR C 585 -14.20 41.13 20.49
C THR C 585 -12.95 41.15 19.64
N LEU C 586 -12.60 42.34 19.15
CA LEU C 586 -11.65 42.47 18.06
C LEU C 586 -10.26 42.63 18.63
N GLU C 587 -9.62 41.49 18.92
CA GLU C 587 -8.20 41.43 19.16
C GLU C 587 -7.65 40.24 18.39
N ILE C 588 -6.39 40.36 17.99
CA ILE C 588 -5.75 39.39 17.11
C ILE C 588 -4.81 38.56 17.97
N LEU C 589 -5.19 37.32 18.24
CA LEU C 589 -4.43 36.45 19.12
C LEU C 589 -3.21 35.90 18.37
N ASP C 590 -2.47 35.01 19.03
CA ASP C 590 -1.33 34.35 18.42
C ASP C 590 -1.31 32.92 18.95
N ILE C 591 -0.90 32.00 18.09
CA ILE C 591 -0.90 30.59 18.42
C ILE C 591 0.52 30.07 18.27
N THR C 592 1.07 29.57 19.35
CA THR C 592 2.35 28.90 19.39
C THR C 592 2.15 27.52 20.01
N PRO C 593 2.83 26.50 19.53
CA PRO C 593 2.68 25.18 20.14
C PRO C 593 3.34 25.12 21.50
N CYS C 594 2.74 24.33 22.40
CA CYS C 594 3.36 24.17 23.71
C CYS C 594 4.60 23.30 23.67
N SER C 595 5.23 23.24 24.83
CA SER C 595 6.60 22.79 24.95
C SER C 595 6.70 21.29 24.77
N PHE C 596 7.68 20.88 23.96
CA PHE C 596 8.03 19.48 23.80
C PHE C 596 9.55 19.40 23.70
N GLY C 597 10.09 18.25 24.03
CA GLY C 597 11.52 18.07 23.95
C GLY C 597 11.88 16.66 24.37
N GLY C 598 13.16 16.35 24.21
CA GLY C 598 13.65 15.03 24.55
C GLY C 598 14.27 14.99 25.93
N VAL C 599 13.53 14.50 26.91
CA VAL C 599 14.05 14.41 28.27
C VAL C 599 15.17 13.38 28.33
N SER C 600 16.35 13.83 28.70
CA SER C 600 17.54 12.99 28.72
C SER C 600 18.08 12.90 30.15
N VAL C 601 18.72 11.77 30.44
CA VAL C 601 19.21 11.47 31.77
C VAL C 601 20.73 11.58 31.76
N ILE C 602 21.27 12.44 32.60
CA ILE C 602 22.71 12.59 32.76
C ILE C 602 23.11 11.76 33.98
N THR C 603 23.94 10.75 33.76
CA THR C 603 24.31 9.85 34.83
C THR C 603 25.81 9.57 34.79
N PRO C 604 26.42 9.34 35.94
CA PRO C 604 27.73 8.68 35.96
C PRO C 604 27.56 7.17 35.86
N GLY C 605 28.64 6.43 36.03
CA GLY C 605 28.55 4.97 35.96
C GLY C 605 27.71 4.41 37.09
N THR C 606 27.01 3.31 36.79
CA THR C 606 26.20 2.64 37.79
C THR C 606 27.07 2.04 38.89
N ASN C 607 28.25 1.54 38.52
CA ASN C 607 29.24 1.12 39.51
C ASN C 607 29.78 2.31 40.30
N THR C 608 29.75 3.51 39.72
CA THR C 608 30.23 4.69 40.42
C THR C 608 29.18 5.23 41.39
N SER C 609 27.96 5.47 40.90
CA SER C 609 26.94 6.09 41.71
C SER C 609 25.56 5.69 41.22
N ASN C 610 24.55 6.13 41.97
CA ASN C 610 23.15 5.89 41.65
C ASN C 610 22.37 7.18 41.41
N GLN C 611 22.95 8.34 41.71
CA GLN C 611 22.27 9.62 41.58
C GLN C 611 22.42 10.14 40.16
N VAL C 612 21.31 10.62 39.58
CA VAL C 612 21.29 11.04 38.19
C VAL C 612 20.77 12.46 38.08
N ALA C 613 21.06 13.09 36.95
CA ALA C 613 20.49 14.37 36.56
C ALA C 613 19.56 14.15 35.39
N VAL C 614 18.65 15.10 35.20
CA VAL C 614 17.65 15.01 34.15
C VAL C 614 17.68 16.33 33.39
N LEU C 615 17.98 16.27 32.09
CA LEU C 615 17.97 17.44 31.24
C LEU C 615 16.68 17.45 30.44
N TYR C 616 15.89 18.50 30.58
CA TYR C 616 14.68 18.69 29.80
C TYR C 616 15.06 19.57 28.62
N GLN C 617 14.98 19.01 27.41
CA GLN C 617 15.64 19.59 26.26
C GLN C 617 14.84 20.76 25.68
N GLY C 618 15.49 21.92 25.62
CA GLY C 618 14.93 23.07 24.93
C GLY C 618 13.69 23.66 25.52
N VAL C 619 13.43 23.42 26.81
CA VAL C 619 12.18 23.84 27.43
C VAL C 619 12.51 24.42 28.80
N ASN C 620 12.14 25.68 29.01
CA ASN C 620 12.28 26.28 30.34
C ASN C 620 11.29 25.66 31.30
N CYS C 621 11.72 25.53 32.56
CA CYS C 621 10.97 24.78 33.56
C CYS C 621 10.13 25.68 34.46
N THR C 622 9.54 26.74 33.89
CA THR C 622 8.61 27.56 34.65
C THR C 622 7.34 26.80 35.00
N GLU C 623 6.94 25.85 34.16
CA GLU C 623 5.64 25.20 34.34
C GLU C 623 5.69 24.10 35.40
N VAL C 624 6.83 23.45 35.60
CA VAL C 624 6.91 22.35 36.56
C VAL C 624 8.01 22.60 37.58
N SER C 644 13.74 21.81 45.62
CA SER C 644 13.82 22.37 44.28
C SER C 644 15.08 21.92 43.56
N ASN C 645 14.93 21.56 42.28
CA ASN C 645 16.03 21.08 41.46
C ASN C 645 15.88 21.75 40.10
N VAL C 646 16.51 22.91 39.92
CA VAL C 646 16.27 23.77 38.75
C VAL C 646 17.58 24.42 38.36
N PHE C 647 17.90 24.36 37.06
CA PHE C 647 19.02 25.10 36.50
C PHE C 647 18.69 25.37 35.04
N GLN C 648 18.56 26.64 34.68
CA GLN C 648 18.36 27.00 33.29
C GLN C 648 19.69 26.97 32.53
N THR C 649 19.61 26.51 31.28
CA THR C 649 20.70 26.51 30.32
C THR C 649 20.09 26.87 28.98
N ARG C 650 20.96 27.17 28.01
CA ARG C 650 20.49 27.32 26.63
C ARG C 650 20.05 25.99 26.04
N ALA C 651 20.50 24.87 26.59
CA ALA C 651 20.01 23.57 26.15
C ALA C 651 18.62 23.26 26.72
N GLY C 652 18.22 23.90 27.81
CA GLY C 652 16.98 23.62 28.48
C GLY C 652 17.19 23.45 29.97
N CYS C 653 16.08 23.22 30.68
CA CYS C 653 16.13 23.16 32.13
C CYS C 653 16.79 21.87 32.60
N LEU C 654 17.67 21.98 33.58
CA LEU C 654 18.49 20.89 34.07
C LEU C 654 18.10 20.61 35.51
N ILE C 655 17.46 19.48 35.73
CA ILE C 655 16.94 19.10 37.05
C ILE C 655 17.92 18.13 37.69
N GLY C 656 18.12 18.25 38.99
CA GLY C 656 19.01 17.37 39.71
C GLY C 656 20.39 17.93 40.01
N ALA C 657 21.16 18.29 38.99
CA ALA C 657 22.48 18.83 39.26
C ALA C 657 22.38 20.29 39.68
N GLU C 658 23.46 20.78 40.28
CA GLU C 658 23.51 22.11 40.86
C GLU C 658 24.62 22.92 40.21
N HIS C 659 24.37 24.22 40.04
CA HIS C 659 25.36 25.10 39.42
C HIS C 659 26.59 25.27 40.31
N VAL C 660 27.76 25.26 39.67
CA VAL C 660 29.01 25.64 40.32
C VAL C 660 29.71 26.65 39.43
N ASN C 661 30.11 27.79 40.02
CA ASN C 661 30.72 28.86 39.24
C ASN C 661 32.13 28.50 38.79
N ASN C 662 32.84 27.67 39.56
CA ASN C 662 34.17 27.23 39.18
C ASN C 662 34.08 26.28 37.98
N SER C 663 35.12 26.28 37.16
CA SER C 663 35.12 25.58 35.89
C SER C 663 36.16 24.47 35.87
N TYR C 664 35.84 23.40 35.17
CA TYR C 664 36.71 22.24 35.03
C TYR C 664 36.71 21.77 33.58
N GLU C 665 37.49 20.74 33.30
CA GLU C 665 37.45 20.08 32.01
C GLU C 665 36.17 19.25 31.89
N CYS C 666 35.69 19.10 30.66
CA CYS C 666 34.41 18.44 30.40
C CYS C 666 34.47 16.95 30.67
N ASP C 667 33.42 16.42 31.28
CA ASP C 667 33.26 14.99 31.51
C ASP C 667 32.02 14.43 30.83
N ILE C 668 30.85 14.96 31.14
CA ILE C 668 29.59 14.57 30.49
C ILE C 668 29.04 15.80 29.78
N PRO C 669 29.28 15.94 28.47
CA PRO C 669 28.85 17.15 27.76
C PRO C 669 27.34 17.24 27.63
N ILE C 670 26.83 18.47 27.68
CA ILE C 670 25.40 18.75 27.73
C ILE C 670 24.95 19.54 26.51
N GLY C 671 25.59 20.66 26.24
CA GLY C 671 25.22 21.53 25.14
C GLY C 671 25.36 22.99 25.53
N ALA C 672 25.75 23.81 24.54
CA ALA C 672 25.93 25.25 24.63
C ALA C 672 26.93 25.68 25.68
N GLY C 673 27.92 24.83 25.99
CA GLY C 673 28.99 25.22 26.87
C GLY C 673 29.03 24.43 28.16
N ILE C 674 27.86 24.09 28.67
CA ILE C 674 27.73 23.46 29.98
C ILE C 674 28.17 22.00 29.88
N CYS C 675 28.92 21.53 30.86
CA CYS C 675 29.27 20.13 31.00
C CYS C 675 28.89 19.66 32.39
N ALA C 676 28.65 18.36 32.53
CA ALA C 676 28.27 17.77 33.81
C ALA C 676 29.37 16.87 34.32
N SER C 677 29.40 16.67 35.64
CA SER C 677 30.40 15.84 36.26
C SER C 677 29.83 15.21 37.52
N TYR C 678 30.65 14.41 38.20
CA TYR C 678 30.29 13.79 39.48
C TYR C 678 31.49 13.92 40.41
N GLN C 679 31.52 15.00 41.19
CA GLN C 679 32.62 15.27 42.10
C GLN C 679 32.15 16.28 43.14
N THR C 680 33.07 16.77 43.95
CA THR C 680 32.78 17.82 44.93
C THR C 680 33.23 19.19 44.43
N SER C 693 31.16 14.95 50.36
CA SER C 693 29.89 15.27 49.73
C SER C 693 30.05 15.36 48.22
N GLN C 694 29.90 14.22 47.55
CA GLN C 694 30.03 14.13 46.10
C GLN C 694 28.65 14.12 45.46
N SER C 695 28.45 14.97 44.46
CA SER C 695 27.17 15.07 43.78
C SER C 695 27.42 15.42 42.32
N ILE C 696 26.33 15.59 41.59
CA ILE C 696 26.36 15.99 40.19
C ILE C 696 26.40 17.51 40.09
N ILE C 697 27.33 18.03 39.30
CA ILE C 697 27.52 19.46 39.14
C ILE C 697 27.51 19.81 37.65
N ALA C 698 26.91 20.95 37.32
CA ALA C 698 26.96 21.51 35.98
C ALA C 698 27.80 22.77 35.99
N TYR C 699 28.58 22.97 34.92
CA TYR C 699 29.56 24.04 34.89
C TYR C 699 29.94 24.34 33.45
N THR C 700 30.33 25.58 33.20
CA THR C 700 30.86 25.97 31.90
C THR C 700 32.26 25.36 31.71
N MET C 701 32.45 24.68 30.59
CA MET C 701 33.67 23.91 30.35
C MET C 701 34.87 24.81 30.13
N SER C 702 36.03 24.38 30.65
CA SER C 702 37.18 25.27 30.84
C SER C 702 37.96 25.56 29.58
N LEU C 703 37.83 24.70 28.55
CA LEU C 703 38.59 24.67 27.29
C LEU C 703 40.07 24.36 27.48
N GLY C 704 40.47 23.85 28.63
CA GLY C 704 41.89 23.78 28.94
C GLY C 704 42.31 24.92 29.85
N ALA C 705 43.53 24.80 30.37
CA ALA C 705 44.05 25.77 31.32
C ALA C 705 44.28 27.11 30.65
N GLU C 706 43.78 28.17 31.28
CA GLU C 706 43.86 29.53 30.73
C GLU C 706 45.28 30.08 30.96
N ASN C 707 46.21 29.52 30.19
CA ASN C 707 47.63 29.80 30.37
C ASN C 707 47.97 31.13 29.70
N SER C 708 48.15 32.17 30.50
CA SER C 708 48.69 33.43 29.99
C SER C 708 50.15 33.20 29.70
N VAL C 709 50.47 33.07 28.41
CA VAL C 709 51.79 32.61 27.98
C VAL C 709 52.82 33.69 28.24
N ALA C 710 54.05 33.28 28.53
CA ALA C 710 55.20 34.17 28.45
C ALA C 710 55.62 34.36 26.99
N TYR C 711 54.73 34.94 26.20
CA TYR C 711 55.09 35.45 24.89
C TYR C 711 56.07 36.59 25.08
N SER C 712 56.99 36.73 24.14
CA SER C 712 57.82 37.92 24.13
C SER C 712 58.20 38.22 22.70
N ASN C 713 59.04 39.23 22.58
CA ASN C 713 59.58 39.65 21.30
C ASN C 713 60.65 38.67 20.81
N ASN C 714 61.10 37.74 21.66
CA ASN C 714 62.17 36.79 21.32
C ASN C 714 61.92 35.32 21.70
N SER C 715 60.87 34.99 22.46
CA SER C 715 60.86 33.76 23.27
C SER C 715 60.48 32.48 22.52
N ILE C 716 61.30 31.45 22.71
CA ILE C 716 61.09 30.07 22.24
C ILE C 716 61.43 29.11 23.38
N ALA C 717 60.60 28.09 23.58
CA ALA C 717 60.81 27.11 24.64
C ALA C 717 61.52 25.86 24.09
N ILE C 718 62.61 25.47 24.74
CA ILE C 718 63.29 24.19 24.48
C ILE C 718 63.07 23.32 25.72
N PRO C 719 62.46 22.15 25.58
CA PRO C 719 62.11 21.35 26.77
C PRO C 719 63.20 20.37 27.18
N THR C 720 63.29 20.12 28.49
CA THR C 720 64.47 19.51 29.10
C THR C 720 64.46 17.98 29.07
N ASN C 721 63.29 17.34 29.20
CA ASN C 721 63.18 15.90 29.04
C ASN C 721 62.53 15.66 27.69
N PHE C 722 62.63 14.44 27.19
CA PHE C 722 61.82 14.05 26.05
C PHE C 722 60.99 12.87 26.49
N THR C 723 59.88 12.64 25.79
CA THR C 723 59.18 11.37 25.88
C THR C 723 59.20 10.76 24.49
N ILE C 724 59.97 9.68 24.30
CA ILE C 724 59.89 8.91 23.08
C ILE C 724 58.52 8.23 23.15
N SER C 725 57.50 8.91 22.66
CA SER C 725 56.13 8.64 23.05
C SER C 725 55.50 7.69 22.05
N VAL C 726 55.19 6.48 22.49
CA VAL C 726 54.66 5.45 21.60
C VAL C 726 53.16 5.64 21.58
N THR C 727 52.72 6.60 20.77
CA THR C 727 51.31 6.94 20.66
C THR C 727 50.56 5.82 19.95
N THR C 728 49.33 5.56 20.38
CA THR C 728 48.53 4.45 19.89
C THR C 728 47.34 5.01 19.13
N GLU C 729 47.39 4.91 17.80
CA GLU C 729 46.28 5.30 16.96
C GLU C 729 45.62 4.05 16.40
N ILE C 730 44.30 3.95 16.53
CA ILE C 730 43.56 2.71 16.30
C ILE C 730 42.53 2.98 15.20
N LEU C 731 42.81 2.50 13.99
CA LEU C 731 41.88 2.75 12.89
C LEU C 731 41.06 1.49 12.57
N PRO C 732 39.81 1.63 12.13
CA PRO C 732 39.07 0.50 11.57
C PRO C 732 39.44 0.28 10.11
N VAL C 733 39.63 -0.98 9.72
CA VAL C 733 40.03 -1.29 8.35
C VAL C 733 38.88 -1.92 7.57
N SER C 734 38.32 -3.01 8.08
CA SER C 734 37.28 -3.76 7.39
C SER C 734 36.06 -3.94 8.29
N MET C 735 35.08 -4.69 7.78
CA MET C 735 33.90 -5.03 8.56
C MET C 735 33.32 -6.35 8.04
N THR C 736 32.34 -6.87 8.79
CA THR C 736 31.69 -8.14 8.49
C THR C 736 30.99 -8.12 7.13
N LYS C 737 31.22 -9.19 6.36
CA LYS C 737 30.89 -9.28 4.95
C LYS C 737 29.47 -9.77 4.66
N THR C 738 28.53 -9.64 5.60
CA THR C 738 27.17 -10.22 5.60
C THR C 738 26.44 -10.08 4.26
N SER C 739 25.92 -11.22 3.77
CA SER C 739 25.12 -11.27 2.55
C SER C 739 23.75 -11.86 2.87
N VAL C 740 22.72 -11.39 2.15
CA VAL C 740 21.34 -11.74 2.44
C VAL C 740 20.76 -12.53 1.27
N ASP C 741 19.74 -13.33 1.57
CA ASP C 741 18.92 -14.00 0.56
C ASP C 741 17.47 -13.56 0.72
N CYS C 742 16.88 -13.05 -0.36
CA CYS C 742 15.49 -12.60 -0.33
C CYS C 742 14.52 -13.76 -0.10
N THR C 743 14.76 -14.89 -0.77
CA THR C 743 13.79 -15.98 -0.80
C THR C 743 13.64 -16.67 0.56
N MET C 744 14.61 -16.50 1.46
CA MET C 744 14.47 -17.00 2.82
C MET C 744 14.13 -15.93 3.83
N TYR C 745 14.60 -14.69 3.65
CA TYR C 745 14.32 -13.65 4.63
C TYR C 745 12.88 -13.21 4.55
N ILE C 746 12.44 -12.81 3.35
CA ILE C 746 11.12 -12.22 3.20
C ILE C 746 10.04 -13.26 3.40
N CYS C 747 10.12 -14.38 2.68
CA CYS C 747 9.11 -15.43 2.80
C CYS C 747 9.70 -16.82 2.63
N GLY C 748 10.65 -17.15 3.50
CA GLY C 748 11.22 -18.49 3.58
C GLY C 748 10.21 -19.61 3.71
N ASP C 749 10.42 -20.67 2.91
CA ASP C 749 9.58 -21.87 2.85
C ASP C 749 8.13 -21.57 2.46
N SER C 750 7.93 -20.60 1.57
CA SER C 750 6.62 -20.31 1.02
C SER C 750 6.73 -20.14 -0.49
N THR C 751 5.83 -20.80 -1.22
CA THR C 751 5.85 -20.71 -2.68
C THR C 751 4.96 -19.59 -3.21
N GLU C 752 3.78 -19.39 -2.59
CA GLU C 752 2.82 -18.40 -3.07
C GLU C 752 3.34 -16.97 -2.89
N CYS C 753 4.17 -16.73 -1.87
CA CYS C 753 4.87 -15.46 -1.77
C CYS C 753 5.91 -15.28 -2.86
N SER C 754 6.64 -16.34 -3.21
CA SER C 754 7.69 -16.24 -4.21
C SER C 754 7.12 -15.86 -5.56
N ASN C 755 5.92 -16.34 -5.88
CA ASN C 755 5.22 -15.87 -7.08
C ASN C 755 4.86 -14.40 -6.96
N LEU C 756 4.42 -13.97 -5.77
CA LEU C 756 4.15 -12.57 -5.53
C LEU C 756 5.41 -11.73 -5.42
N LEU C 757 6.54 -12.35 -5.07
CA LEU C 757 7.81 -11.63 -5.03
C LEU C 757 8.40 -11.49 -6.42
N LEU C 758 8.11 -12.45 -7.31
CA LEU C 758 8.44 -12.29 -8.73
C LEU C 758 7.63 -11.16 -9.38
N GLN C 759 6.47 -10.82 -8.82
CA GLN C 759 5.70 -9.68 -9.32
C GLN C 759 6.40 -8.35 -9.09
N TYR C 760 7.31 -8.27 -8.12
CA TYR C 760 8.04 -7.04 -7.84
C TYR C 760 9.28 -6.91 -8.72
N GLY C 761 9.61 -7.92 -9.49
CA GLY C 761 10.58 -7.79 -10.57
C GLY C 761 12.01 -8.07 -10.11
N SER C 762 12.83 -7.01 -10.11
CA SER C 762 14.28 -7.16 -10.05
C SER C 762 14.87 -6.37 -8.89
N PHE C 763 14.13 -6.27 -7.78
CA PHE C 763 14.68 -5.63 -6.60
C PHE C 763 15.68 -6.52 -5.87
N CYS C 764 15.45 -7.83 -5.89
CA CYS C 764 16.21 -8.72 -5.03
C CYS C 764 17.57 -9.08 -5.62
N THR C 765 17.68 -9.17 -6.95
CA THR C 765 19.01 -9.28 -7.53
C THR C 765 19.76 -7.97 -7.47
N GLN C 766 19.05 -6.85 -7.33
CA GLN C 766 19.71 -5.57 -7.09
C GLN C 766 20.29 -5.48 -5.70
N LEU C 767 19.57 -6.03 -4.70
CA LEU C 767 20.06 -6.02 -3.33
C LEU C 767 21.26 -6.95 -3.17
N ASN C 768 21.24 -8.09 -3.86
CA ASN C 768 22.35 -9.03 -3.77
C ASN C 768 23.60 -8.48 -4.44
N ARG C 769 23.45 -7.69 -5.51
CA ARG C 769 24.60 -7.08 -6.15
C ARG C 769 25.22 -6.00 -5.26
N ALA C 770 24.39 -5.26 -4.54
CA ALA C 770 24.89 -4.21 -3.66
C ALA C 770 25.67 -4.79 -2.50
N LEU C 771 25.21 -5.90 -1.93
CA LEU C 771 25.91 -6.50 -0.81
C LEU C 771 27.15 -7.28 -1.25
N THR C 772 27.14 -7.80 -2.48
CA THR C 772 28.34 -8.42 -3.02
C THR C 772 29.41 -7.37 -3.32
N GLY C 773 28.98 -6.19 -3.78
CA GLY C 773 29.93 -5.10 -4.01
C GLY C 773 30.56 -4.59 -2.72
N ILE C 774 29.82 -4.68 -1.61
CA ILE C 774 30.40 -4.35 -0.31
C ILE C 774 31.43 -5.39 0.11
N ALA C 775 31.10 -6.68 -0.10
CA ALA C 775 31.93 -7.76 0.43
C ALA C 775 33.26 -7.88 -0.32
N VAL C 776 33.25 -7.64 -1.63
CA VAL C 776 34.50 -7.58 -2.39
C VAL C 776 35.33 -6.37 -1.97
N GLU C 777 34.67 -5.27 -1.61
CA GLU C 777 35.35 -4.04 -1.23
C GLU C 777 36.10 -4.21 0.10
N GLN C 778 35.54 -4.99 1.03
CA GLN C 778 36.23 -5.25 2.28
C GLN C 778 37.46 -6.13 2.08
N ASP C 779 37.43 -6.99 1.06
CA ASP C 779 38.61 -7.78 0.71
C ASP C 779 39.70 -6.90 0.12
N LYS C 780 39.31 -5.86 -0.64
CA LYS C 780 40.27 -4.90 -1.16
C LYS C 780 40.95 -4.13 -0.03
N ASN C 781 40.16 -3.65 0.94
CA ASN C 781 40.65 -2.87 2.08
C ASN C 781 41.75 -3.57 2.85
N THR C 782 41.57 -4.85 3.17
CA THR C 782 42.58 -5.58 3.92
C THR C 782 43.83 -5.82 3.08
N GLN C 783 43.67 -5.90 1.75
CA GLN C 783 44.82 -6.07 0.87
C GLN C 783 45.63 -4.79 0.75
N GLU C 784 44.97 -3.64 0.62
CA GLU C 784 45.70 -2.40 0.40
C GLU C 784 46.02 -1.66 1.68
N VAL C 785 46.01 -2.37 2.80
CA VAL C 785 46.33 -1.78 4.14
C VAL C 785 47.49 -2.54 4.77
N PHE C 786 47.51 -3.87 4.57
CA PHE C 786 48.55 -4.74 5.10
C PHE C 786 49.51 -5.26 4.05
N ALA C 787 49.02 -5.62 2.87
CA ALA C 787 49.90 -6.18 1.85
C ALA C 787 50.57 -5.09 1.01
N GLN C 788 51.28 -4.20 1.67
CA GLN C 788 52.16 -3.23 1.01
C GLN C 788 53.54 -3.81 0.71
N VAL C 789 53.73 -5.10 0.94
CA VAL C 789 55.07 -5.67 0.93
C VAL C 789 55.14 -6.93 0.09
N ILE C 792 56.29 -12.28 2.29
CA ILE C 792 56.30 -12.55 3.71
C ILE C 792 57.73 -12.70 4.17
N TYR C 793 58.10 -11.87 5.12
CA TYR C 793 59.49 -11.65 5.47
C TYR C 793 59.65 -11.88 6.97
N LYS C 794 60.69 -12.62 7.34
CA LYS C 794 60.72 -13.28 8.63
C LYS C 794 61.54 -12.49 9.64
N THR C 795 61.07 -12.50 10.88
CA THR C 795 61.82 -12.00 12.01
C THR C 795 63.06 -12.86 12.21
N PRO C 796 64.14 -12.30 12.76
CA PRO C 796 65.31 -13.11 13.11
C PRO C 796 65.00 -14.04 14.28
N PRO C 797 65.77 -15.15 14.43
CA PRO C 797 65.44 -16.14 15.47
C PRO C 797 65.48 -15.62 16.90
N ILE C 798 66.56 -14.91 17.24
CA ILE C 798 66.74 -14.33 18.60
C ILE C 798 66.88 -12.80 18.47
N LYS C 799 65.77 -12.08 18.67
CA LYS C 799 65.78 -10.59 18.57
C LYS C 799 66.89 -10.03 19.45
N ASP C 800 67.87 -9.35 18.84
CA ASP C 800 69.02 -8.76 19.57
C ASP C 800 69.14 -7.27 19.22
N PHE C 801 68.01 -6.54 19.28
CA PHE C 801 67.99 -5.09 18.97
C PHE C 801 68.29 -4.28 20.24
N GLY C 802 67.47 -4.49 21.28
CA GLY C 802 67.65 -3.79 22.57
C GLY C 802 66.38 -3.08 23.00
N GLY C 803 65.22 -3.64 22.65
CA GLY C 803 63.92 -3.04 23.01
C GLY C 803 62.77 -3.98 22.72
N PHE C 804 62.29 -4.00 21.47
CA PHE C 804 61.16 -4.90 21.06
C PHE C 804 61.04 -6.27 21.66
N ASN C 805 61.40 -6.33 22.92
CA ASN C 805 61.19 -7.72 23.37
C ASN C 805 59.86 -8.11 22.67
N PHE C 806 59.18 -7.17 21.96
CA PHE C 806 57.76 -7.12 21.50
C PHE C 806 56.87 -7.49 22.64
N SER C 807 56.31 -6.48 23.30
CA SER C 807 55.42 -6.66 24.49
C SER C 807 54.19 -7.51 24.15
N GLN C 808 54.34 -8.83 24.21
CA GLN C 808 53.23 -9.81 23.98
C GLN C 808 52.52 -9.60 22.63
N ILE C 809 53.28 -9.51 21.53
CA ILE C 809 52.65 -9.42 20.21
C ILE C 809 53.59 -10.06 19.17
N LEU C 810 54.89 -9.68 18.83
CA LEU C 810 55.41 -10.63 17.85
C LEU C 810 54.81 -12.01 18.11
N PRO C 811 54.66 -12.84 17.07
CA PRO C 811 53.95 -14.12 17.25
C PRO C 811 54.74 -15.09 18.12
N ASP C 812 54.01 -15.75 19.03
CA ASP C 812 54.58 -16.70 19.94
C ASP C 812 54.04 -18.09 19.65
N PRO C 813 54.91 -19.08 19.47
CA PRO C 813 54.43 -20.44 19.14
C PRO C 813 53.84 -21.20 20.31
N SER C 814 53.82 -20.62 21.51
CA SER C 814 53.25 -21.30 22.68
C SER C 814 51.75 -21.45 22.56
N LYS C 815 51.06 -20.41 22.10
CA LYS C 815 49.61 -20.45 22.01
C LYS C 815 49.17 -21.31 20.82
N PRO C 816 48.00 -21.97 20.93
CA PRO C 816 47.57 -22.88 19.84
C PRO C 816 47.24 -22.17 18.54
N SER C 817 46.69 -20.96 18.59
CA SER C 817 46.32 -20.23 17.38
C SER C 817 47.52 -19.43 16.88
N LYS C 818 47.71 -19.40 15.56
CA LYS C 818 48.79 -18.60 14.98
C LYS C 818 48.34 -17.15 15.01
N ARG C 819 48.65 -16.49 16.13
CA ARG C 819 48.31 -15.09 16.33
C ARG C 819 49.43 -14.44 17.13
N SER C 820 49.09 -13.33 17.76
CA SER C 820 49.81 -12.81 18.90
C SER C 820 48.84 -12.67 20.07
N PHE C 821 49.40 -12.62 21.28
CA PHE C 821 48.59 -12.39 22.46
C PHE C 821 48.11 -10.94 22.52
N ILE C 822 48.90 -10.00 21.97
CA ILE C 822 48.39 -8.64 21.73
C ILE C 822 47.20 -8.69 20.80
N GLU C 823 47.31 -9.45 19.70
CA GLU C 823 46.16 -9.66 18.83
C GLU C 823 45.05 -10.42 19.55
N ASP C 824 45.41 -11.31 20.49
CA ASP C 824 44.41 -11.92 21.36
C ASP C 824 43.89 -10.92 22.39
N LEU C 825 44.76 -10.05 22.94
CA LEU C 825 44.29 -8.98 23.83
C LEU C 825 43.36 -8.03 23.08
N LEU C 826 43.72 -7.70 21.85
CA LEU C 826 42.82 -6.90 21.03
C LEU C 826 41.63 -7.72 20.56
N PHE C 827 41.76 -9.06 20.53
CA PHE C 827 40.58 -9.91 20.36
C PHE C 827 39.78 -10.02 21.65
N ASN C 828 40.45 -10.00 22.80
CA ASN C 828 39.75 -10.10 24.08
C ASN C 828 38.93 -8.85 24.37
N LYS C 829 39.46 -7.68 23.99
CA LYS C 829 38.73 -6.44 24.23
C LYS C 829 37.49 -6.34 23.35
N VAL C 830 37.58 -6.78 22.10
CA VAL C 830 36.44 -6.71 21.19
C VAL C 830 35.61 -7.98 21.32
N LYS C 858 19.88 -15.13 13.95
CA LYS C 858 21.03 -14.70 13.17
C LYS C 858 21.03 -15.41 11.83
N PHE C 859 20.69 -16.70 11.86
CA PHE C 859 20.60 -17.52 10.66
C PHE C 859 19.13 -17.65 10.26
N ASN C 860 18.63 -16.58 9.64
CA ASN C 860 17.25 -16.52 9.13
C ASN C 860 17.29 -16.03 7.70
N GLY C 861 18.19 -16.59 6.90
CA GLY C 861 18.50 -16.08 5.59
C GLY C 861 19.69 -15.16 5.55
N LEU C 862 20.16 -14.70 6.71
CA LEU C 862 21.32 -13.82 6.79
C LEU C 862 22.58 -14.67 6.89
N THR C 863 23.42 -14.61 5.86
CA THR C 863 24.60 -15.45 5.77
C THR C 863 25.84 -14.56 5.96
N VAL C 864 26.50 -14.71 7.11
CA VAL C 864 27.78 -14.05 7.31
C VAL C 864 28.86 -14.93 6.69
N LEU C 865 29.20 -14.67 5.43
CA LEU C 865 30.27 -15.42 4.82
C LEU C 865 31.62 -14.97 5.38
N PRO C 866 32.58 -15.87 5.53
CA PRO C 866 33.86 -15.52 6.16
C PRO C 866 34.65 -14.55 5.31
N PRO C 867 35.60 -13.79 5.91
CA PRO C 867 36.45 -12.88 5.14
C PRO C 867 37.44 -13.74 4.34
N LEU C 868 37.93 -13.23 3.21
CA LEU C 868 38.87 -13.99 2.34
C LEU C 868 40.07 -14.48 3.17
N LEU C 869 40.71 -13.58 3.92
CA LEU C 869 41.90 -13.90 4.75
C LEU C 869 41.43 -14.49 6.09
N ALA C 875 43.98 -13.50 10.91
CA ALA C 875 44.83 -13.66 12.07
C ALA C 875 46.14 -14.38 11.75
N GLN C 876 46.12 -15.28 10.78
CA GLN C 876 47.36 -15.94 10.39
C GLN C 876 48.14 -15.12 9.37
N TYR C 877 47.44 -14.55 8.39
CA TYR C 877 48.10 -13.79 7.33
C TYR C 877 48.72 -12.51 7.88
N THR C 878 47.98 -11.79 8.72
CA THR C 878 48.50 -10.53 9.22
C THR C 878 49.63 -10.75 10.23
N SER C 879 49.60 -11.88 10.94
CA SER C 879 50.75 -12.24 11.79
C SER C 879 51.99 -12.47 10.94
N ALA C 880 51.83 -12.96 9.71
CA ALA C 880 52.94 -12.95 8.77
C ALA C 880 53.21 -11.54 8.26
N LEU C 881 52.17 -10.70 8.18
CA LEU C 881 52.33 -9.36 7.66
C LEU C 881 52.84 -8.39 8.73
N LEU C 882 52.45 -8.61 10.00
CA LEU C 882 53.13 -7.94 11.11
C LEU C 882 54.60 -8.31 11.15
N ALA C 883 54.92 -9.57 10.90
CA ALA C 883 56.32 -9.98 10.84
C ALA C 883 57.02 -9.38 9.63
N GLY C 884 56.28 -9.22 8.52
CA GLY C 884 56.89 -8.64 7.34
C GLY C 884 57.14 -7.15 7.47
N THR C 885 56.14 -6.40 7.94
CA THR C 885 56.23 -4.95 7.90
C THR C 885 57.10 -4.40 9.02
N ILE C 886 57.09 -5.03 10.19
CA ILE C 886 57.92 -4.55 11.30
C ILE C 886 59.39 -4.81 11.01
N THR C 887 59.72 -6.01 10.52
CA THR C 887 61.12 -6.36 10.28
C THR C 887 61.63 -5.88 8.92
N SER C 888 61.00 -4.89 8.32
CA SER C 888 61.50 -4.28 7.10
C SER C 888 62.34 -3.06 7.47
N ALA C 897 61.09 -7.11 1.34
CA ALA C 897 61.35 -6.32 2.53
C ALA C 897 62.79 -6.48 2.97
N LEU C 898 63.39 -5.36 3.41
CA LEU C 898 64.82 -5.24 3.63
C LEU C 898 65.05 -4.75 5.05
N GLN C 899 65.63 -5.63 5.88
CA GLN C 899 65.84 -5.37 7.30
C GLN C 899 66.77 -4.17 7.52
N ILE C 900 66.55 -3.48 8.62
CA ILE C 900 67.37 -2.32 8.97
C ILE C 900 67.42 -2.29 10.50
N PRO C 901 68.57 -1.97 11.10
CA PRO C 901 68.68 -2.06 12.55
C PRO C 901 68.38 -0.73 13.22
N PHE C 902 67.75 -0.84 14.38
CA PHE C 902 67.20 0.27 15.14
C PHE C 902 68.27 1.30 15.49
N ALA C 903 69.48 0.84 15.77
CA ALA C 903 70.54 1.72 16.26
C ALA C 903 71.09 2.64 15.18
N MET C 904 70.86 2.34 13.91
CA MET C 904 71.32 3.20 12.82
C MET C 904 70.20 3.76 11.96
N GLN C 905 69.00 3.19 12.02
CA GLN C 905 67.86 3.68 11.29
C GLN C 905 67.17 4.81 12.04
N MET C 906 67.47 4.94 13.33
CA MET C 906 66.94 6.05 14.08
C MET C 906 67.76 7.31 13.85
N ALA C 907 69.03 7.16 13.42
CA ALA C 907 69.86 8.32 13.12
C ALA C 907 69.33 9.11 11.92
N TYR C 908 68.82 8.43 10.89
CA TYR C 908 68.24 9.18 9.78
C TYR C 908 66.84 9.64 10.10
N ARG C 909 66.20 9.02 11.08
CA ARG C 909 64.94 9.56 11.54
C ARG C 909 65.13 10.70 12.52
N PHE C 910 66.33 10.84 13.09
CA PHE C 910 66.68 12.10 13.75
C PHE C 910 67.09 13.14 12.73
N ASN C 911 67.95 12.77 11.79
CA ASN C 911 68.47 13.73 10.83
C ASN C 911 67.40 14.21 9.84
N GLY C 912 66.29 13.48 9.74
CA GLY C 912 65.17 13.88 8.92
C GLY C 912 64.13 14.76 9.56
N ILE C 913 64.29 15.15 10.82
CA ILE C 913 63.30 16.02 11.47
C ILE C 913 63.90 17.28 12.05
N GLY C 914 65.22 17.44 12.08
CA GLY C 914 65.76 18.33 13.07
C GLY C 914 67.13 17.91 13.54
N VAL C 915 67.19 17.52 14.82
CA VAL C 915 68.40 17.13 15.55
C VAL C 915 69.32 16.25 14.73
N THR C 916 70.58 16.66 14.64
CA THR C 916 71.58 15.89 13.92
C THR C 916 71.89 14.61 14.68
N GLN C 917 72.47 13.65 13.97
CA GLN C 917 72.63 12.28 14.47
C GLN C 917 73.57 12.20 15.67
N ASN C 918 74.40 13.23 15.85
CA ASN C 918 75.26 13.51 17.00
C ASN C 918 74.59 13.28 18.34
N VAL C 919 73.29 13.57 18.46
CA VAL C 919 72.61 13.49 19.75
C VAL C 919 71.77 12.21 19.73
N LEU C 920 72.22 11.22 18.97
CA LEU C 920 71.66 9.88 19.11
C LEU C 920 72.68 8.88 19.61
N TYR C 921 73.87 8.87 19.03
CA TYR C 921 74.90 7.91 19.40
C TYR C 921 75.46 8.21 20.78
N GLU C 922 75.46 9.48 21.18
CA GLU C 922 75.84 9.85 22.53
C GLU C 922 74.84 9.33 23.56
N ASN C 923 73.55 9.45 23.26
CA ASN C 923 72.48 9.09 24.19
C ASN C 923 71.93 7.69 23.94
N GLN C 924 72.78 6.76 23.49
CA GLN C 924 72.35 5.37 23.32
C GLN C 924 72.02 4.70 24.65
N LYS C 925 72.64 5.14 25.74
CA LYS C 925 72.36 4.61 27.07
C LYS C 925 71.27 5.41 27.77
N LEU C 926 70.59 6.29 27.05
CA LEU C 926 69.52 7.11 27.59
C LEU C 926 68.29 7.14 26.70
N ILE C 927 68.38 6.75 25.43
CA ILE C 927 67.24 6.74 24.54
C ILE C 927 66.74 5.32 24.28
N ALA C 928 67.56 4.30 24.51
CA ALA C 928 67.07 2.93 24.44
C ALA C 928 66.33 2.55 25.71
N ASN C 929 66.84 2.96 26.86
CA ASN C 929 66.17 2.70 28.14
C ASN C 929 64.87 3.48 28.23
N GLN C 930 64.85 4.68 27.64
CA GLN C 930 63.65 5.49 27.61
C GLN C 930 62.60 4.91 26.67
N PHE C 931 63.05 4.30 25.57
CA PHE C 931 62.13 3.72 24.61
C PHE C 931 61.49 2.44 25.15
N ASN C 932 62.29 1.59 25.81
CA ASN C 932 61.76 0.35 26.37
C ASN C 932 60.81 0.60 27.53
N SER C 933 61.11 1.61 28.36
CA SER C 933 60.19 1.97 29.44
C SER C 933 58.91 2.57 28.89
N ALA C 934 58.99 3.23 27.74
CA ALA C 934 57.80 3.78 27.11
C ALA C 934 56.90 2.69 26.55
N ILE C 935 57.49 1.70 25.89
CA ILE C 935 56.67 0.62 25.33
C ILE C 935 56.19 -0.31 26.45
N GLY C 936 56.89 -0.33 27.58
CA GLY C 936 56.46 -1.17 28.69
C GLY C 936 55.21 -0.67 29.37
N LYS C 937 55.13 0.65 29.64
CA LYS C 937 53.98 1.18 30.34
C LYS C 937 52.75 1.28 29.44
N ILE C 938 52.96 1.39 28.13
CA ILE C 938 51.83 1.45 27.20
C ILE C 938 51.28 0.05 26.94
N GLN C 939 52.14 -0.98 27.04
CA GLN C 939 51.65 -2.35 27.08
C GLN C 939 50.77 -2.59 28.30
N ASP C 940 51.16 -2.06 29.46
CA ASP C 940 50.32 -2.15 30.65
C ASP C 940 49.08 -1.29 30.52
N SER C 941 49.17 -0.18 29.78
CA SER C 941 48.02 0.70 29.60
C SER C 941 46.92 0.04 28.79
N LEU C 942 47.29 -0.75 27.78
CA LEU C 942 46.31 -1.53 27.03
C LEU C 942 45.72 -2.64 27.89
N SER C 943 46.55 -3.26 28.73
CA SER C 943 46.08 -4.31 29.63
C SER C 943 45.18 -3.76 30.73
N LEU C 949 40.07 1.41 22.42
CA LEU C 949 39.48 0.53 21.42
C LEU C 949 38.06 1.00 21.15
N GLY C 950 37.81 2.28 21.41
CA GLY C 950 36.49 2.85 21.22
C GLY C 950 36.06 2.89 19.76
N LYS C 951 37.01 3.13 18.86
CA LYS C 951 36.70 3.17 17.44
C LYS C 951 36.32 1.79 16.92
N LEU C 952 37.06 0.77 17.35
CA LEU C 952 36.87 -0.57 16.79
C LEU C 952 35.63 -1.25 17.37
N GLN C 953 35.35 -1.05 18.65
CA GLN C 953 34.20 -1.66 19.28
C GLN C 953 32.90 -1.05 18.76
N ASN C 954 32.95 0.22 18.35
CA ASN C 954 31.78 0.85 17.75
C ASN C 954 31.45 0.25 16.39
N VAL C 955 32.46 -0.18 15.65
CA VAL C 955 32.26 -0.79 14.33
C VAL C 955 31.58 -2.15 14.48
N VAL C 956 32.01 -2.95 15.45
CA VAL C 956 31.41 -4.26 15.70
C VAL C 956 29.97 -4.10 16.19
N ASN C 957 29.72 -3.09 17.03
CA ASN C 957 28.38 -2.89 17.58
C ASN C 957 27.41 -2.35 16.54
N GLN C 958 27.88 -1.47 15.64
CA GLN C 958 26.99 -0.95 14.60
C GLN C 958 26.57 -2.04 13.63
N ASN C 959 27.46 -3.00 13.36
CA ASN C 959 27.08 -4.19 12.60
C ASN C 959 26.11 -5.05 13.39
N ALA C 960 26.27 -5.11 14.72
CA ALA C 960 25.46 -5.99 15.54
C ALA C 960 24.01 -5.51 15.62
N GLN C 961 23.81 -4.21 15.83
CA GLN C 961 22.45 -3.68 15.93
C GLN C 961 21.74 -3.68 14.58
N ALA C 962 22.49 -3.52 13.48
CA ALA C 962 21.86 -3.54 12.16
C ALA C 962 21.36 -4.93 11.80
N LEU C 963 22.11 -5.96 12.17
CA LEU C 963 21.65 -7.33 11.96
C LEU C 963 20.51 -7.68 12.89
N ASN C 964 20.55 -7.17 14.13
CA ASN C 964 19.55 -7.56 15.12
C ASN C 964 18.20 -6.90 14.86
N THR C 965 18.22 -5.65 14.41
CA THR C 965 16.97 -4.96 14.09
C THR C 965 16.34 -5.53 12.81
N LEU C 966 17.12 -6.19 11.97
CA LEU C 966 16.57 -6.79 10.77
C LEU C 966 15.77 -8.05 11.10
N VAL C 967 16.26 -8.85 12.05
CA VAL C 967 15.58 -10.08 12.43
C VAL C 967 14.31 -9.75 13.21
N LYS C 968 14.34 -8.69 14.01
CA LYS C 968 13.16 -8.30 14.78
C LYS C 968 12.03 -7.76 13.91
N GLN C 969 12.30 -7.40 12.66
CA GLN C 969 11.22 -7.02 11.74
C GLN C 969 10.34 -8.20 11.34
N LEU C 970 10.80 -9.44 11.51
CA LEU C 970 9.93 -10.58 11.24
C LEU C 970 8.87 -10.77 12.31
N SER C 971 9.02 -10.13 13.47
CA SER C 971 7.97 -10.11 14.48
C SER C 971 7.04 -8.92 14.31
N SER C 972 7.23 -8.14 13.25
CA SER C 972 6.41 -6.97 12.96
C SER C 972 5.50 -7.28 11.78
N ASN C 973 4.21 -7.05 11.94
CA ASN C 973 3.23 -7.47 10.94
C ASN C 973 2.96 -6.42 9.87
N PHE C 974 3.41 -5.17 10.08
CA PHE C 974 3.24 -4.05 9.15
C PHE C 974 1.79 -3.78 8.79
N GLY C 975 0.87 -4.08 9.69
CA GLY C 975 -0.54 -3.90 9.44
C GLY C 975 -1.30 -5.14 9.01
N ALA C 976 -0.62 -6.25 8.84
CA ALA C 976 -1.30 -7.50 8.52
C ALA C 976 -1.88 -8.12 9.79
N ILE C 977 -2.62 -9.21 9.62
CA ILE C 977 -3.25 -9.87 10.76
C ILE C 977 -2.24 -10.58 11.65
N SER C 978 -1.12 -11.03 11.07
CA SER C 978 -0.10 -11.71 11.84
C SER C 978 1.25 -11.54 11.16
N SER C 979 2.31 -11.80 11.92
CA SER C 979 3.66 -11.63 11.42
C SER C 979 4.26 -12.90 10.85
N VAL C 980 3.62 -14.05 11.05
CA VAL C 980 4.07 -15.31 10.45
C VAL C 980 3.20 -15.60 9.25
N LEU C 981 3.74 -16.36 8.30
CA LEU C 981 3.06 -16.62 7.04
C LEU C 981 2.22 -17.88 7.05
N ASN C 982 2.47 -18.80 7.98
CA ASN C 982 1.80 -20.10 7.95
C ASN C 982 0.33 -19.98 8.31
N ASP C 983 0.01 -19.19 9.35
CA ASP C 983 -1.37 -19.12 9.82
C ASP C 983 -2.26 -18.34 8.86
N ILE C 984 -1.70 -17.39 8.12
CA ILE C 984 -2.48 -16.64 7.14
C ILE C 984 -2.95 -17.57 6.01
N LEU C 985 -2.08 -18.48 5.59
CA LEU C 985 -2.44 -19.39 4.51
C LEU C 985 -3.26 -20.58 5.02
N SER C 986 -2.96 -21.07 6.23
CA SER C 986 -3.63 -22.27 6.72
C SER C 986 -5.04 -21.99 7.20
N ARG C 987 -5.34 -20.75 7.61
CA ARG C 987 -6.62 -20.44 8.22
C ARG C 987 -7.49 -19.55 7.35
N LEU C 988 -6.95 -18.45 6.84
CA LEU C 988 -7.76 -17.50 6.08
C LEU C 988 -7.89 -17.91 4.62
N ASP C 989 -8.94 -17.40 3.97
CA ASP C 989 -9.22 -17.75 2.60
C ASP C 989 -8.25 -17.04 1.64
N PRO C 990 -7.81 -17.72 0.56
CA PRO C 990 -6.84 -17.14 -0.39
C PRO C 990 -7.27 -15.83 -1.08
N PRO C 991 -8.58 -15.59 -1.30
CA PRO C 991 -9.05 -14.37 -1.99
C PRO C 991 -8.44 -13.08 -1.42
N GLU C 992 -8.51 -12.91 -0.10
CA GLU C 992 -7.99 -11.74 0.59
C GLU C 992 -6.60 -11.95 1.17
N ALA C 993 -6.16 -13.21 1.31
CA ALA C 993 -4.84 -13.49 1.87
C ALA C 993 -3.72 -13.03 0.95
N GLU C 994 -3.97 -12.99 -0.36
CA GLU C 994 -3.02 -12.40 -1.29
C GLU C 994 -2.82 -10.91 -1.02
N VAL C 995 -3.89 -10.21 -0.65
CA VAL C 995 -3.79 -8.79 -0.33
C VAL C 995 -3.03 -8.58 0.97
N GLN C 996 -3.31 -9.41 1.97
CA GLN C 996 -2.71 -9.23 3.29
C GLN C 996 -1.23 -9.59 3.30
N ILE C 997 -0.83 -10.60 2.52
CA ILE C 997 0.58 -10.90 2.40
C ILE C 997 1.28 -9.85 1.54
N ASP C 998 0.53 -9.16 0.68
CA ASP C 998 1.13 -8.10 -0.13
C ASP C 998 1.50 -6.90 0.72
N ARG C 999 0.73 -6.63 1.77
CA ARG C 999 1.12 -5.61 2.74
C ARG C 999 2.33 -6.08 3.54
N LEU C 1000 2.39 -7.36 3.88
CA LEU C 1000 3.48 -7.87 4.69
C LEU C 1000 4.78 -7.97 3.89
N ILE C 1001 4.70 -8.31 2.60
CA ILE C 1001 5.90 -8.39 1.78
C ILE C 1001 6.43 -6.99 1.47
N THR C 1002 5.57 -5.98 1.45
CA THR C 1002 6.00 -4.62 1.20
C THR C 1002 6.78 -4.07 2.39
N GLY C 1003 6.27 -4.31 3.61
CA GLY C 1003 6.96 -3.85 4.80
C GLY C 1003 8.29 -4.56 5.01
N ARG C 1004 8.33 -5.87 4.71
CA ARG C 1004 9.57 -6.61 4.84
C ARG C 1004 10.59 -6.23 3.79
N LEU C 1005 10.14 -5.80 2.61
CA LEU C 1005 11.08 -5.39 1.58
C LEU C 1005 11.64 -4.00 1.89
N GLN C 1006 10.85 -3.13 2.51
CA GLN C 1006 11.35 -1.83 2.93
C GLN C 1006 12.36 -1.96 4.06
N SER C 1007 12.14 -2.94 4.95
CA SER C 1007 13.10 -3.19 6.02
C SER C 1007 14.42 -3.71 5.49
N LEU C 1008 14.38 -4.48 4.41
CA LEU C 1008 15.62 -4.99 3.82
C LEU C 1008 16.31 -3.92 2.98
N GLN C 1009 15.53 -3.02 2.38
CA GLN C 1009 16.13 -1.94 1.60
C GLN C 1009 16.84 -0.93 2.48
N THR C 1010 16.28 -0.65 3.67
CA THR C 1010 16.93 0.27 4.58
C THR C 1010 18.21 -0.31 5.17
N TYR C 1011 18.24 -1.64 5.34
CA TYR C 1011 19.46 -2.28 5.84
C TYR C 1011 20.59 -2.17 4.83
N VAL C 1012 20.28 -2.37 3.55
CA VAL C 1012 21.30 -2.29 2.51
C VAL C 1012 21.78 -0.86 2.32
N THR C 1013 20.88 0.11 2.49
CA THR C 1013 21.26 1.52 2.36
C THR C 1013 22.15 1.97 3.50
N GLN C 1014 21.85 1.53 4.74
CA GLN C 1014 22.75 1.83 5.84
C GLN C 1014 24.06 1.06 5.76
N GLN C 1015 24.09 -0.09 5.08
CA GLN C 1015 25.35 -0.80 4.91
C GLN C 1015 26.24 -0.13 3.88
N LEU C 1016 25.64 0.48 2.85
CA LEU C 1016 26.42 1.14 1.82
C LEU C 1016 27.03 2.43 2.33
N ILE C 1017 26.31 3.15 3.18
CA ILE C 1017 26.84 4.38 3.76
C ILE C 1017 27.94 4.05 4.76
N ARG C 1018 27.74 3.02 5.58
CA ARG C 1018 28.73 2.62 6.56
C ARG C 1018 29.97 2.00 5.92
N ALA C 1019 29.85 1.43 4.73
CA ALA C 1019 31.04 0.94 4.03
C ALA C 1019 31.84 2.06 3.40
N ALA C 1020 31.21 3.20 3.13
CA ALA C 1020 31.96 4.36 2.64
C ALA C 1020 32.76 5.00 3.77
N GLU C 1021 32.24 4.96 5.00
CA GLU C 1021 32.99 5.45 6.15
C GLU C 1021 34.19 4.56 6.43
N ILE C 1022 34.02 3.24 6.32
CA ILE C 1022 35.10 2.29 6.58
C ILE C 1022 36.17 2.39 5.51
N ARG C 1023 35.79 2.64 4.25
CA ARG C 1023 36.76 2.80 3.18
C ARG C 1023 37.55 4.09 3.30
N ALA C 1024 36.92 5.14 3.85
CA ALA C 1024 37.65 6.37 4.12
C ALA C 1024 38.69 6.17 5.21
N SER C 1025 38.37 5.35 6.22
CA SER C 1025 39.34 5.01 7.25
C SER C 1025 40.30 3.92 6.79
N ALA C 1026 39.97 3.19 5.73
CA ALA C 1026 40.92 2.23 5.17
C ALA C 1026 41.90 2.87 4.22
N ASN C 1027 41.52 3.95 3.54
CA ASN C 1027 42.47 4.71 2.75
C ASN C 1027 43.37 5.57 3.64
N LEU C 1028 42.88 5.96 4.81
CA LEU C 1028 43.73 6.66 5.77
C LEU C 1028 44.74 5.71 6.41
N ALA C 1029 44.34 4.47 6.67
CA ALA C 1029 45.29 3.47 7.15
C ALA C 1029 46.22 3.00 6.05
N ALA C 1030 45.80 3.11 4.80
CA ALA C 1030 46.71 2.83 3.69
C ALA C 1030 47.76 3.91 3.58
N THR C 1031 47.38 5.16 3.83
CA THR C 1031 48.32 6.27 3.78
C THR C 1031 49.28 6.25 4.96
N LYS C 1032 48.78 5.85 6.14
CA LYS C 1032 49.64 5.77 7.31
C LYS C 1032 50.61 4.60 7.22
N MET C 1033 50.21 3.52 6.55
CA MET C 1033 51.13 2.40 6.35
C MET C 1033 52.28 2.80 5.43
N SER C 1034 51.99 3.58 4.39
CA SER C 1034 53.03 3.97 3.45
C SER C 1034 53.91 5.08 4.02
N GLU C 1035 53.30 6.07 4.66
CA GLU C 1035 54.02 7.29 5.02
C GLU C 1035 54.52 7.32 6.46
N CYS C 1036 54.07 6.43 7.32
CA CYS C 1036 54.60 6.41 8.68
C CYS C 1036 55.40 5.16 8.97
N VAL C 1037 55.02 4.02 8.39
CA VAL C 1037 55.75 2.77 8.58
C VAL C 1037 56.86 2.61 7.56
N LEU C 1038 56.53 2.72 6.28
CA LEU C 1038 57.48 2.56 5.18
C LEU C 1038 58.34 3.78 4.92
N GLY C 1039 58.32 4.76 5.83
CA GLY C 1039 59.12 5.96 5.67
C GLY C 1039 58.87 6.87 6.85
N GLN C 1040 59.45 8.05 6.79
CA GLN C 1040 59.25 9.06 7.82
C GLN C 1040 58.44 10.20 7.24
N SER C 1041 57.35 10.56 7.91
CA SER C 1041 56.49 11.63 7.44
C SER C 1041 56.92 12.96 8.07
N LYS C 1042 57.11 13.96 7.23
CA LYS C 1042 57.33 15.32 7.68
C LYS C 1042 56.03 16.09 7.85
N ARG C 1043 54.89 15.46 7.59
CA ARG C 1043 53.59 16.06 7.86
C ARG C 1043 53.37 16.17 9.36
N VAL C 1044 52.98 17.36 9.80
CA VAL C 1044 52.82 17.60 11.24
C VAL C 1044 51.51 16.99 11.71
N ASP C 1045 51.57 16.23 12.81
CA ASP C 1045 50.43 15.59 13.49
C ASP C 1045 49.64 14.66 12.57
N PHE C 1046 50.32 14.02 11.61
CA PHE C 1046 49.71 12.97 10.82
C PHE C 1046 50.03 11.59 11.38
N CYS C 1047 51.26 11.38 11.84
CA CYS C 1047 51.65 10.10 12.42
C CYS C 1047 51.99 10.26 13.89
N GLY C 1048 51.11 10.92 14.64
CA GLY C 1048 51.30 11.11 16.06
C GLY C 1048 51.57 12.55 16.42
N LYS C 1049 51.41 12.86 17.70
CA LYS C 1049 51.59 14.22 18.18
C LYS C 1049 53.06 14.59 18.16
N GLY C 1050 53.47 15.35 17.15
CA GLY C 1050 54.81 15.91 17.13
C GLY C 1050 55.71 15.28 16.09
N TYR C 1051 57.02 15.44 16.32
CA TYR C 1051 58.03 15.02 15.35
C TYR C 1051 58.12 13.51 15.33
N HIS C 1052 57.47 12.92 14.33
CA HIS C 1052 57.36 11.48 14.21
C HIS C 1052 58.70 10.88 13.81
N LEU C 1053 59.04 9.74 14.41
CA LEU C 1053 60.21 8.97 14.02
C LEU C 1053 59.83 7.76 13.18
N MET C 1054 58.96 6.90 13.70
CA MET C 1054 58.66 5.61 13.08
C MET C 1054 57.38 5.05 13.69
N SER C 1055 56.63 4.31 12.90
CA SER C 1055 55.45 3.63 13.41
C SER C 1055 55.64 2.12 13.34
N PHE C 1056 54.76 1.41 14.07
CA PHE C 1056 54.69 -0.04 14.02
C PHE C 1056 53.25 -0.46 13.80
N PRO C 1057 52.94 -1.17 12.72
CA PRO C 1057 51.55 -1.61 12.51
C PRO C 1057 51.23 -2.79 13.39
N GLN C 1058 49.99 -2.83 13.89
CA GLN C 1058 49.55 -3.92 14.78
C GLN C 1058 48.12 -4.29 14.45
N SER C 1059 47.91 -5.56 14.11
CA SER C 1059 46.59 -6.07 13.75
C SER C 1059 45.72 -6.22 14.98
N ALA C 1060 44.80 -5.31 15.17
CA ALA C 1060 43.64 -5.58 15.98
C ALA C 1060 42.57 -6.24 15.10
N PRO C 1061 41.54 -6.86 15.69
CA PRO C 1061 40.44 -7.38 14.88
C PRO C 1061 39.68 -6.30 14.12
N HIS C 1062 39.60 -6.50 12.80
CA HIS C 1062 38.93 -5.60 11.85
C HIS C 1062 39.51 -4.20 11.91
N GLY C 1063 40.82 -4.10 12.02
CA GLY C 1063 41.46 -2.81 12.14
C GLY C 1063 42.96 -2.95 12.31
N VAL C 1064 43.59 -1.82 12.55
CA VAL C 1064 45.04 -1.76 12.69
C VAL C 1064 45.37 -0.75 13.78
N VAL C 1065 46.43 -1.04 14.53
CA VAL C 1065 46.85 -0.24 15.68
C VAL C 1065 48.25 0.25 15.39
N PHE C 1066 48.41 1.54 15.15
CA PHE C 1066 49.73 2.08 14.87
C PHE C 1066 50.38 2.55 16.16
N LEU C 1067 51.53 1.96 16.50
CA LEU C 1067 52.31 2.38 17.65
C LEU C 1067 53.26 3.48 17.20
N HIS C 1068 52.73 4.70 17.13
CA HIS C 1068 53.45 5.85 16.56
C HIS C 1068 54.53 6.29 17.51
N VAL C 1069 55.76 5.82 17.30
CA VAL C 1069 56.90 6.25 18.09
C VAL C 1069 57.33 7.64 17.65
N THR C 1070 56.95 8.65 18.42
CA THR C 1070 57.27 10.03 18.11
C THR C 1070 58.45 10.49 18.95
N TYR C 1071 58.91 11.71 18.68
CA TYR C 1071 59.99 12.34 19.44
C TYR C 1071 59.56 13.77 19.72
N VAL C 1072 59.14 14.05 20.94
CA VAL C 1072 58.78 15.41 21.35
C VAL C 1072 59.30 15.67 22.74
N PRO C 1073 60.04 16.75 22.93
CA PRO C 1073 60.52 17.10 24.25
C PRO C 1073 59.38 17.68 25.09
N ALA C 1074 59.15 17.14 26.29
CA ALA C 1074 57.84 17.32 26.92
C ALA C 1074 57.83 18.40 28.01
N GLN C 1075 58.85 18.44 28.88
CA GLN C 1075 58.87 19.35 30.02
C GLN C 1075 59.68 20.60 29.71
N GLU C 1076 58.98 21.73 29.53
CA GLU C 1076 59.57 22.91 28.91
C GLU C 1076 60.37 23.79 29.86
N LYS C 1077 61.48 24.33 29.35
CA LYS C 1077 62.17 25.46 29.94
C LYS C 1077 62.27 26.56 28.88
N ASN C 1078 62.17 27.82 29.31
CA ASN C 1078 61.94 28.96 28.43
C ASN C 1078 63.22 29.69 28.06
N PHE C 1079 63.37 30.00 26.78
CA PHE C 1079 64.58 30.64 26.24
C PHE C 1079 64.12 31.66 25.19
N THR C 1080 65.07 32.18 24.40
CA THR C 1080 64.79 33.28 23.46
C THR C 1080 65.65 33.11 22.21
N THR C 1081 65.20 33.74 21.11
CA THR C 1081 65.87 33.66 19.81
C THR C 1081 65.84 35.00 19.10
N ALA C 1082 66.83 35.20 18.22
CA ALA C 1082 66.77 36.19 17.14
C ALA C 1082 67.79 35.85 16.07
N PRO C 1083 67.33 35.37 14.91
CA PRO C 1083 68.21 34.96 13.78
C PRO C 1083 69.34 35.88 13.33
N ALA C 1084 69.03 37.15 13.03
CA ALA C 1084 69.95 38.12 12.43
C ALA C 1084 71.22 38.32 13.24
N ILE C 1085 72.35 38.50 12.54
CA ILE C 1085 73.61 38.79 13.24
C ILE C 1085 73.74 40.28 13.54
N CYS C 1086 73.32 41.14 12.61
CA CYS C 1086 73.62 42.57 12.53
C CYS C 1086 75.02 42.96 12.99
N HIS C 1087 76.03 42.24 12.52
CA HIS C 1087 77.42 42.58 12.86
C HIS C 1087 78.01 43.56 11.85
N ASP C 1088 77.95 43.21 10.56
CA ASP C 1088 78.42 44.07 9.48
C ASP C 1088 77.27 44.57 8.61
N GLY C 1089 76.06 44.59 9.16
CA GLY C 1089 74.85 44.80 8.37
C GLY C 1089 74.20 43.49 7.95
N LYS C 1090 75.00 42.43 7.81
CA LYS C 1090 74.58 41.17 7.20
C LYS C 1090 73.54 40.41 8.03
N ALA C 1091 72.98 39.36 7.42
CA ALA C 1091 72.04 38.45 8.07
C ALA C 1091 72.52 37.01 8.00
N HIS C 1092 72.19 36.22 9.02
CA HIS C 1092 72.57 34.82 9.11
C HIS C 1092 71.35 33.98 9.46
N PHE C 1093 71.23 32.80 8.86
CA PHE C 1093 70.07 31.95 9.12
C PHE C 1093 70.45 30.51 9.43
N GLY C 1097 67.06 24.50 12.08
CA GLY C 1097 67.75 24.82 13.31
C GLY C 1097 67.25 26.08 13.97
N VAL C 1098 67.53 26.25 15.26
CA VAL C 1098 67.06 27.41 16.02
C VAL C 1098 68.29 28.07 16.67
N PHE C 1099 68.28 29.40 16.73
CA PHE C 1099 69.41 30.12 17.31
C PHE C 1099 69.01 30.68 18.68
N VAL C 1100 69.40 30.00 19.76
CA VAL C 1100 68.75 30.20 21.06
C VAL C 1100 69.77 30.70 22.08
N SER C 1101 69.24 31.09 23.25
CA SER C 1101 70.04 31.63 24.33
C SER C 1101 69.55 31.16 25.69
N ASN C 1102 70.50 30.84 26.56
CA ASN C 1102 70.23 30.59 27.98
C ASN C 1102 70.22 31.86 28.81
N GLY C 1103 70.55 33.01 28.21
CA GLY C 1103 70.58 34.26 28.93
C GLY C 1103 71.79 35.10 28.54
N THR C 1104 72.86 34.45 28.10
CA THR C 1104 74.08 35.14 27.70
C THR C 1104 74.39 34.99 26.22
N HIS C 1105 74.53 33.76 25.72
CA HIS C 1105 75.10 33.55 24.40
C HIS C 1105 74.07 32.95 23.46
N TRP C 1106 74.17 33.33 22.19
CA TRP C 1106 73.10 33.19 21.21
C TRP C 1106 73.68 32.48 19.99
N PHE C 1107 73.59 31.15 19.93
CA PHE C 1107 74.27 30.43 18.85
C PHE C 1107 73.43 29.28 18.31
N VAL C 1108 74.04 28.53 17.40
CA VAL C 1108 73.33 27.58 16.55
C VAL C 1108 72.93 26.35 17.35
N THR C 1109 71.64 26.02 17.34
CA THR C 1109 71.10 24.81 17.93
C THR C 1109 70.11 24.15 16.98
N GLN C 1110 69.65 22.97 17.38
CA GLN C 1110 68.66 22.22 16.62
C GLN C 1110 67.25 22.48 17.13
N ARG C 1111 66.26 22.04 16.36
CA ARG C 1111 64.85 22.27 16.69
C ARG C 1111 64.37 21.59 17.96
N ASN C 1112 65.12 20.64 18.49
CA ASN C 1112 64.75 20.04 19.77
C ASN C 1112 65.87 20.01 20.78
N PHE C 1113 67.12 20.06 20.35
CA PHE C 1113 68.20 19.90 21.30
C PHE C 1113 69.07 21.14 21.26
N TYR C 1114 69.85 21.30 22.32
CA TYR C 1114 70.64 22.48 22.60
C TYR C 1114 72.11 22.07 22.56
N GLU C 1115 72.75 22.24 21.41
CA GLU C 1115 74.18 21.98 21.25
C GLU C 1115 74.87 23.27 20.85
N PRO C 1116 75.44 24.01 21.81
CA PRO C 1116 76.07 25.29 21.47
C PRO C 1116 77.39 25.14 20.75
N GLN C 1117 77.35 25.02 19.43
CA GLN C 1117 78.58 24.95 18.63
C GLN C 1117 79.35 26.27 18.65
N ILE C 1118 80.53 26.27 18.04
CA ILE C 1118 81.38 27.44 18.06
C ILE C 1118 81.00 28.24 16.83
N ILE C 1119 81.30 29.53 16.83
CA ILE C 1119 80.87 30.43 15.77
C ILE C 1119 82.07 30.68 14.86
N THR C 1120 82.00 30.19 13.63
CA THR C 1120 83.06 30.37 12.65
C THR C 1120 82.45 30.93 11.37
N THR C 1121 83.25 30.99 10.31
CA THR C 1121 82.78 31.42 9.00
C THR C 1121 82.21 30.28 8.17
N ASP C 1122 82.01 29.12 8.77
CA ASP C 1122 81.34 28.02 8.10
C ASP C 1122 79.83 28.21 8.03
N ASN C 1123 79.29 29.12 8.83
CA ASN C 1123 77.86 29.36 8.94
C ASN C 1123 77.47 30.76 8.46
N THR C 1124 78.16 31.29 7.45
CA THR C 1124 77.88 32.62 6.92
C THR C 1124 76.93 32.48 5.74
N PHE C 1125 75.64 32.50 6.03
CA PHE C 1125 74.62 32.50 4.98
C PHE C 1125 74.13 33.92 4.76
N VAL C 1126 75.01 34.81 4.29
CA VAL C 1126 74.70 36.25 4.23
C VAL C 1126 73.67 36.53 3.14
N SER C 1127 72.53 37.12 3.55
CA SER C 1127 71.46 37.38 2.60
C SER C 1127 70.70 38.69 2.87
N ASN C 1129 69.92 42.59 5.35
CA ASN C 1129 70.15 43.73 6.24
C ASN C 1129 69.16 43.72 7.41
N CYS C 1130 69.62 44.19 8.57
CA CYS C 1130 68.82 44.20 9.79
C CYS C 1130 68.25 45.57 10.08
N ASP C 1131 67.57 46.25 9.18
CA ASP C 1131 67.32 47.65 9.53
C ASP C 1131 65.88 47.92 9.93
N VAL C 1132 64.93 47.27 9.28
CA VAL C 1132 63.52 47.50 9.49
C VAL C 1132 62.83 46.22 10.03
N VAL C 1133 63.62 45.26 10.51
CA VAL C 1133 63.13 44.05 11.15
C VAL C 1133 63.18 44.25 12.66
N ILE C 1134 62.06 43.94 13.31
CA ILE C 1134 61.89 44.08 14.75
C ILE C 1134 62.38 42.78 15.38
N GLY C 1135 63.23 42.89 16.39
CA GLY C 1135 63.73 41.70 17.05
C GLY C 1135 65.02 41.13 16.53
N ILE C 1136 66.09 41.93 16.54
CA ILE C 1136 67.43 41.45 16.19
C ILE C 1136 68.29 41.42 17.44
N VAL C 1137 69.33 40.59 17.40
CA VAL C 1137 70.38 40.55 18.42
C VAL C 1137 71.72 40.64 17.70
N ASN C 1138 72.79 40.46 18.46
CA ASN C 1138 74.11 40.33 17.87
C ASN C 1138 74.67 38.91 18.05
N ASN C 1139 75.47 38.51 17.07
CA ASN C 1139 76.10 37.21 16.97
C ASN C 1139 77.54 37.44 16.54
N THR C 1140 78.45 36.57 16.96
CA THR C 1140 79.87 36.84 16.77
C THR C 1140 80.31 36.38 15.37
N VAL C 1141 81.55 36.74 15.01
CA VAL C 1141 82.28 36.13 13.90
C VAL C 1141 83.69 35.80 14.39
N TYR C 1142 84.18 34.62 14.02
CA TYR C 1142 85.50 34.17 14.43
C TYR C 1142 86.09 33.33 13.30
N ASP C 1143 87.41 33.14 13.33
CA ASP C 1143 88.09 32.43 12.28
C ASP C 1143 88.79 31.21 12.87
N PRO C 1144 88.65 30.04 12.22
CA PRO C 1144 89.29 28.82 12.70
C PRO C 1144 90.67 28.59 12.11
N GLN D 1 -66.89 -41.80 27.91
CA GLN D 1 -65.87 -40.76 27.81
C GLN D 1 -64.64 -41.19 28.62
N VAL D 2 -63.50 -41.29 27.91
CA VAL D 2 -62.24 -41.68 28.52
C VAL D 2 -61.77 -40.58 29.48
N GLN D 3 -61.60 -40.94 30.75
CA GLN D 3 -61.29 -39.94 31.77
C GLN D 3 -60.61 -40.60 32.96
N LEU D 4 -59.56 -39.97 33.46
CA LEU D 4 -58.92 -40.37 34.72
C LEU D 4 -59.41 -39.40 35.80
N VAL D 5 -60.31 -39.88 36.65
CA VAL D 5 -61.06 -39.03 37.58
C VAL D 5 -60.37 -39.04 38.94
N GLN D 6 -59.88 -37.87 39.34
CA GLN D 6 -59.41 -37.66 40.70
C GLN D 6 -60.52 -37.02 41.53
N SER D 7 -60.42 -37.18 42.84
CA SER D 7 -61.51 -36.82 43.74
C SER D 7 -61.52 -35.31 44.01
N GLY D 8 -62.33 -34.89 44.98
CA GLY D 8 -62.45 -33.49 45.33
C GLY D 8 -61.24 -32.99 46.11
N ALA D 9 -61.33 -31.72 46.51
CA ALA D 9 -60.22 -31.02 47.16
C ALA D 9 -59.87 -31.66 48.50
N GLU D 10 -58.58 -31.99 48.66
CA GLU D 10 -58.12 -32.89 49.70
C GLU D 10 -57.39 -32.11 50.78
N VAL D 11 -57.78 -32.32 52.04
CA VAL D 11 -57.13 -31.72 53.20
C VAL D 11 -56.77 -32.83 54.19
N LYS D 12 -55.51 -32.86 54.61
CA LYS D 12 -55.08 -33.72 55.72
C LYS D 12 -54.00 -32.98 56.51
N LYS D 13 -53.29 -33.73 57.35
CA LYS D 13 -52.20 -33.26 58.20
C LYS D 13 -50.88 -33.90 57.77
N PRO D 14 -49.75 -33.21 57.93
CA PRO D 14 -48.48 -33.77 57.44
C PRO D 14 -47.97 -34.89 58.32
N GLY D 15 -47.09 -35.70 57.73
CA GLY D 15 -46.53 -36.86 58.39
C GLY D 15 -47.37 -38.12 58.32
N GLU D 16 -48.69 -37.98 58.13
CA GLU D 16 -49.60 -39.11 58.13
C GLU D 16 -49.68 -39.73 56.75
N SER D 17 -50.59 -40.70 56.59
CA SER D 17 -50.78 -41.39 55.33
C SER D 17 -51.97 -40.83 54.56
N LEU D 18 -51.87 -40.88 53.24
CA LEU D 18 -52.94 -40.48 52.34
C LEU D 18 -52.77 -41.24 51.04
N LYS D 19 -53.81 -41.95 50.62
CA LYS D 19 -53.82 -42.67 49.36
C LYS D 19 -54.84 -42.00 48.44
N ILE D 20 -54.37 -41.02 47.66
CA ILE D 20 -55.26 -40.35 46.72
C ILE D 20 -55.57 -41.29 45.55
N SER D 21 -56.76 -41.13 44.99
CA SER D 21 -57.32 -42.08 44.03
C SER D 21 -57.45 -41.46 42.65
N CYS D 22 -57.53 -42.32 41.64
CA CYS D 22 -57.68 -41.88 40.26
C CYS D 22 -58.40 -42.98 39.49
N LYS D 23 -59.72 -42.84 39.32
CA LYS D 23 -60.50 -43.86 38.65
C LYS D 23 -60.24 -43.83 37.14
N GLY D 24 -60.12 -45.01 36.54
CA GLY D 24 -60.00 -45.10 35.10
C GLY D 24 -61.25 -45.65 34.46
N SER D 25 -61.97 -44.82 33.72
CA SER D 25 -63.26 -45.20 33.16
C SER D 25 -63.38 -44.73 31.71
N GLY D 26 -64.26 -45.42 30.98
CA GLY D 26 -64.50 -45.11 29.58
C GLY D 26 -63.52 -45.72 28.61
N TYR D 27 -62.67 -46.64 29.06
CA TYR D 27 -61.62 -47.21 28.21
C TYR D 27 -61.15 -48.52 28.84
N SER D 28 -60.49 -49.33 28.02
CA SER D 28 -59.82 -50.54 28.51
C SER D 28 -58.68 -50.11 29.41
N PHE D 29 -58.82 -50.37 30.72
CA PHE D 29 -58.06 -49.65 31.74
C PHE D 29 -56.58 -50.01 31.72
N THR D 30 -56.27 -51.31 31.81
CA THR D 30 -54.86 -51.73 31.79
C THR D 30 -54.48 -52.08 30.34
N SER D 31 -54.46 -51.03 29.52
CA SER D 31 -53.80 -51.09 28.22
C SER D 31 -53.08 -49.78 27.92
N HIS D 32 -52.89 -48.94 28.93
CA HIS D 32 -52.20 -47.66 28.78
C HIS D 32 -51.44 -47.38 30.07
N TRP D 33 -50.25 -46.80 29.94
CA TRP D 33 -49.50 -46.39 31.12
C TRP D 33 -50.12 -45.15 31.73
N ILE D 34 -50.29 -45.17 33.05
CA ILE D 34 -50.98 -44.11 33.79
C ILE D 34 -49.93 -43.29 34.52
N GLY D 35 -49.82 -42.02 34.18
CA GLY D 35 -48.79 -41.14 34.72
C GLY D 35 -49.33 -40.21 35.79
N TRP D 36 -48.75 -40.30 36.98
CA TRP D 36 -49.08 -39.39 38.07
C TRP D 36 -48.24 -38.14 37.93
N VAL D 37 -48.91 -36.98 37.79
CA VAL D 37 -48.28 -35.72 37.43
C VAL D 37 -48.46 -34.74 38.58
N ARG D 38 -47.39 -34.02 38.94
CA ARG D 38 -47.42 -33.05 40.01
C ARG D 38 -47.49 -31.63 39.46
N GLN D 39 -48.13 -30.73 40.22
CA GLN D 39 -48.05 -29.30 39.94
C GLN D 39 -48.16 -28.55 41.26
N LYS D 40 -47.01 -28.21 41.82
CA LYS D 40 -46.97 -27.19 42.85
C LYS D 40 -47.26 -25.85 42.19
N PRO D 41 -48.15 -25.02 42.76
CA PRO D 41 -48.59 -23.80 42.07
C PRO D 41 -47.46 -22.77 41.94
N GLY D 42 -47.33 -22.22 40.74
CA GLY D 42 -46.30 -21.25 40.45
C GLY D 42 -45.01 -21.82 39.90
N LYS D 43 -45.04 -23.01 39.31
CA LYS D 43 -43.85 -23.67 38.83
C LYS D 43 -44.10 -24.25 37.44
N GLY D 44 -43.00 -24.48 36.71
CA GLY D 44 -43.08 -25.31 35.52
C GLY D 44 -43.46 -26.74 35.88
N LEU D 45 -44.01 -27.44 34.88
CA LEU D 45 -44.78 -28.66 35.12
C LEU D 45 -43.90 -29.78 35.65
N GLU D 46 -44.33 -30.40 36.74
CA GLU D 46 -43.55 -31.36 37.51
C GLU D 46 -44.03 -32.78 37.25
N TRP D 47 -43.17 -33.74 37.56
CA TRP D 47 -43.44 -35.15 37.28
C TRP D 47 -43.11 -35.99 38.49
N VAL D 48 -43.96 -37.00 38.75
CA VAL D 48 -43.71 -37.99 39.79
C VAL D 48 -43.39 -39.36 39.19
N GLY D 49 -44.32 -39.93 38.43
CA GLY D 49 -44.10 -41.25 37.90
C GLY D 49 -45.19 -41.67 36.94
N ILE D 50 -44.99 -42.86 36.39
CA ILE D 50 -45.94 -43.49 35.46
C ILE D 50 -45.94 -44.99 35.72
N ILE D 51 -47.12 -45.59 35.76
CA ILE D 51 -47.29 -46.96 36.24
C ILE D 51 -48.25 -47.71 35.31
N HIS D 52 -47.84 -48.93 34.90
CA HIS D 52 -48.76 -49.85 34.24
C HIS D 52 -49.56 -50.60 35.30
N PRO D 53 -50.89 -50.63 35.21
CA PRO D 53 -51.71 -51.23 36.27
C PRO D 53 -51.76 -52.75 36.30
N TYR D 54 -50.96 -53.46 35.49
CA TYR D 54 -51.08 -54.92 35.45
C TYR D 54 -50.44 -55.57 36.66
N ASP D 55 -49.13 -55.39 36.84
CA ASP D 55 -48.45 -55.91 38.01
C ASP D 55 -47.74 -54.80 38.78
N SER D 56 -48.24 -53.56 38.62
CA SER D 56 -47.58 -52.34 39.09
C SER D 56 -46.16 -52.24 38.56
N ASP D 57 -46.03 -52.24 37.23
CA ASP D 57 -44.74 -52.05 36.57
C ASP D 57 -44.38 -50.57 36.64
N THR D 58 -43.16 -50.28 37.08
CA THR D 58 -42.78 -48.97 37.59
C THR D 58 -41.71 -48.33 36.71
N ARG D 59 -42.05 -47.23 36.03
CA ARG D 59 -41.07 -46.28 35.50
C ARG D 59 -41.20 -44.97 36.25
N TYR D 60 -40.38 -44.77 37.30
CA TYR D 60 -40.51 -43.52 38.11
C TYR D 60 -39.22 -42.71 38.14
N SER D 61 -39.30 -41.48 38.67
CA SER D 61 -38.13 -40.56 38.79
C SER D 61 -37.17 -41.13 39.84
N PRO D 62 -35.88 -41.34 39.51
CA PRO D 62 -34.91 -41.93 40.43
C PRO D 62 -34.57 -41.06 41.64
N SER D 63 -35.06 -39.82 41.69
CA SER D 63 -34.79 -38.92 42.82
C SER D 63 -35.93 -38.93 43.83
N PHE D 64 -36.93 -39.79 43.66
CA PHE D 64 -38.01 -39.94 44.63
C PHE D 64 -38.35 -41.41 44.83
N GLN D 65 -37.38 -42.30 44.61
CA GLN D 65 -37.59 -43.73 44.76
C GLN D 65 -37.77 -44.09 46.23
N GLY D 66 -38.91 -44.71 46.55
CA GLY D 66 -39.22 -45.13 47.90
C GLY D 66 -39.97 -44.10 48.73
N LEU D 67 -39.87 -42.81 48.38
CA LEU D 67 -40.61 -41.79 49.10
C LEU D 67 -42.09 -41.85 48.74
N VAL D 68 -42.39 -41.82 47.45
CA VAL D 68 -43.76 -41.84 46.97
C VAL D 68 -44.15 -43.29 46.63
N THR D 69 -45.32 -43.69 47.09
CA THR D 69 -45.80 -45.07 46.98
C THR D 69 -46.95 -45.13 45.99
N PHE D 70 -46.83 -46.01 44.99
CA PHE D 70 -47.78 -46.14 43.91
C PHE D 70 -48.54 -47.45 44.06
N SER D 71 -49.77 -47.48 43.54
CA SER D 71 -50.48 -48.71 43.25
C SER D 71 -51.51 -48.44 42.18
N ALA D 72 -51.90 -49.49 41.45
CA ALA D 72 -52.90 -49.37 40.40
C ALA D 72 -53.50 -50.74 40.17
N ASP D 73 -54.80 -50.87 40.40
CA ASP D 73 -55.51 -52.14 40.31
C ASP D 73 -56.44 -52.15 39.11
N LYS D 74 -56.46 -53.28 38.40
CA LYS D 74 -57.31 -53.42 37.22
C LYS D 74 -58.77 -53.63 37.61
N SER D 75 -59.02 -54.50 38.59
CA SER D 75 -60.40 -54.83 38.97
C SER D 75 -61.11 -53.66 39.61
N SER D 76 -60.38 -52.79 40.30
CA SER D 76 -60.92 -51.53 40.79
C SER D 76 -60.87 -50.42 39.75
N SER D 77 -60.08 -50.63 38.67
CA SER D 77 -59.88 -49.66 37.58
C SER D 77 -59.40 -48.31 38.10
N THR D 78 -58.47 -48.37 39.07
CA THR D 78 -58.08 -47.17 39.81
C THR D 78 -56.58 -47.16 40.06
N ALA D 79 -55.94 -46.05 39.69
CA ALA D 79 -54.57 -45.79 40.12
C ALA D 79 -54.59 -45.08 41.47
N TYR D 80 -53.77 -45.57 42.40
CA TYR D 80 -53.70 -45.01 43.74
C TYR D 80 -52.30 -44.48 43.99
N LEU D 81 -52.21 -43.22 44.42
CA LEU D 81 -50.94 -42.62 44.79
C LEU D 81 -50.92 -42.40 46.30
N GLN D 82 -49.94 -42.99 46.98
CA GLN D 82 -49.86 -42.97 48.42
C GLN D 82 -48.55 -42.34 48.88
N TRP D 83 -48.62 -41.56 49.95
CA TRP D 83 -47.45 -41.17 50.72
C TRP D 83 -47.68 -41.62 52.16
N SER D 84 -46.75 -42.42 52.69
CA SER D 84 -46.82 -42.77 54.10
C SER D 84 -46.49 -41.59 54.99
N SER D 85 -45.78 -40.59 54.48
CA SER D 85 -45.48 -39.35 55.19
C SER D 85 -45.84 -38.18 54.30
N LEU D 86 -46.61 -37.24 54.84
CA LEU D 86 -46.96 -36.00 54.14
C LEU D 86 -46.13 -34.86 54.69
N GLN D 87 -45.89 -33.86 53.85
CA GLN D 87 -45.06 -32.72 54.22
C GLN D 87 -45.67 -31.46 53.61
N ALA D 88 -44.94 -30.35 53.71
CA ALA D 88 -45.38 -29.10 53.10
C ALA D 88 -45.07 -29.04 51.61
N SER D 89 -44.15 -29.87 51.12
CA SER D 89 -43.86 -29.95 49.70
C SER D 89 -44.86 -30.81 48.95
N ASP D 90 -45.73 -31.55 49.65
CA ASP D 90 -46.76 -32.33 48.98
C ASP D 90 -47.89 -31.46 48.47
N THR D 91 -48.10 -30.29 49.08
CA THR D 91 -49.23 -29.41 48.79
C THR D 91 -49.14 -28.89 47.36
N ALA D 92 -49.98 -29.43 46.49
CA ALA D 92 -49.86 -29.29 45.04
C ALA D 92 -51.13 -29.82 44.39
N ILE D 93 -51.39 -29.35 43.18
CA ILE D 93 -52.45 -29.90 42.34
C ILE D 93 -51.86 -31.08 41.57
N TYR D 94 -52.41 -32.27 41.78
CA TYR D 94 -51.92 -33.46 41.12
C TYR D 94 -52.82 -33.83 39.94
N TYR D 95 -52.19 -34.36 38.89
CA TYR D 95 -52.91 -34.80 37.71
C TYR D 95 -52.57 -36.25 37.40
N CYS D 96 -53.50 -36.91 36.73
CA CYS D 96 -53.25 -38.20 36.10
C CYS D 96 -53.00 -37.99 34.62
N ALA D 97 -52.65 -39.07 33.92
CA ALA D 97 -52.31 -38.98 32.51
C ALA D 97 -52.49 -40.33 31.84
N ARG D 98 -53.32 -40.36 30.79
CA ARG D 98 -53.52 -41.57 29.99
C ARG D 98 -52.75 -41.45 28.69
N ARG D 99 -51.78 -42.34 28.48
CA ARG D 99 -51.00 -42.34 27.26
C ARG D 99 -51.80 -42.91 26.11
N THR D 100 -51.81 -42.21 24.97
CA THR D 100 -52.55 -42.63 23.78
C THR D 100 -51.80 -43.73 23.02
N ASP D 101 -51.81 -44.93 23.60
CA ASP D 101 -51.07 -46.05 23.06
C ASP D 101 -51.80 -46.78 21.94
N GLN D 102 -52.91 -46.27 21.44
CA GLN D 102 -53.68 -46.92 20.39
C GLN D 102 -52.92 -46.86 19.07
N TYR D 103 -52.38 -48.01 18.65
CA TYR D 103 -51.60 -48.10 17.38
C TYR D 103 -51.20 -46.70 16.93
N GLY D 104 -50.85 -45.84 17.89
CA GLY D 104 -50.44 -44.45 17.60
C GLY D 104 -49.10 -44.12 18.21
N SER D 105 -48.98 -42.93 18.81
CA SER D 105 -47.71 -42.48 19.46
C SER D 105 -47.78 -42.72 20.96
N HIS D 106 -47.06 -41.90 21.74
CA HIS D 106 -47.04 -42.04 23.23
C HIS D 106 -47.83 -40.90 23.87
N GLY D 107 -47.21 -39.72 23.99
CA GLY D 107 -47.87 -38.57 24.57
C GLY D 107 -49.08 -38.99 25.37
N MET D 108 -49.57 -38.08 26.22
CA MET D 108 -50.62 -38.39 27.19
C MET D 108 -51.86 -37.57 26.82
N ASP D 109 -52.76 -38.20 26.05
CA ASP D 109 -53.88 -37.45 25.46
C ASP D 109 -54.97 -37.15 26.49
N VAL D 110 -55.21 -38.07 27.43
CA VAL D 110 -56.22 -37.87 28.46
C VAL D 110 -55.49 -37.64 29.79
N TRP D 111 -55.95 -36.65 30.53
CA TRP D 111 -55.32 -36.21 31.76
C TRP D 111 -56.27 -36.39 32.94
N GLY D 112 -55.70 -36.28 34.14
CA GLY D 112 -56.52 -36.06 35.31
C GLY D 112 -56.91 -34.59 35.41
N GLN D 113 -58.11 -34.35 35.92
CA GLN D 113 -58.66 -32.99 35.92
C GLN D 113 -58.00 -32.08 36.94
N GLY D 114 -57.27 -32.63 37.90
CA GLY D 114 -56.59 -31.82 38.90
C GLY D 114 -57.26 -31.84 40.26
N THR D 115 -56.47 -32.17 41.27
CA THR D 115 -56.94 -32.20 42.65
C THR D 115 -55.82 -31.67 43.55
N THR D 116 -56.12 -30.64 44.33
CA THR D 116 -55.14 -30.07 45.24
C THR D 116 -55.21 -30.77 46.59
N VAL D 117 -54.07 -31.30 47.04
CA VAL D 117 -53.93 -31.73 48.42
C VAL D 117 -53.35 -30.57 49.21
N THR D 118 -53.92 -30.32 50.40
CA THR D 118 -53.55 -29.16 51.19
C THR D 118 -53.39 -29.54 52.65
N VAL D 119 -52.65 -28.69 53.36
CA VAL D 119 -52.73 -28.58 54.82
C VAL D 119 -53.05 -27.12 55.13
N SER D 120 -53.95 -26.90 56.08
CA SER D 120 -54.36 -25.56 56.46
C SER D 120 -53.76 -25.19 57.81
N SER D 121 -53.24 -23.98 57.91
CA SER D 121 -52.63 -23.50 59.14
C SER D 121 -52.90 -22.02 59.34
N GLN E 1 -39.07 -30.50 36.73
CA GLN E 1 -38.56 -29.76 35.58
C GLN E 1 -37.31 -30.42 35.03
N SER E 2 -37.19 -30.45 33.70
CA SER E 2 -36.08 -31.11 33.02
C SER E 2 -35.36 -30.11 32.12
N VAL E 3 -34.37 -30.60 31.38
CA VAL E 3 -33.59 -29.74 30.47
C VAL E 3 -34.30 -29.77 29.11
N LEU E 4 -35.28 -28.87 28.97
CA LEU E 4 -36.00 -28.65 27.71
C LEU E 4 -36.27 -27.16 27.63
N THR E 5 -35.40 -26.45 26.91
CA THR E 5 -35.46 -24.99 26.88
C THR E 5 -36.64 -24.52 26.03
N GLN E 6 -37.50 -23.70 26.63
CA GLN E 6 -38.71 -23.22 25.99
C GLN E 6 -38.92 -21.76 26.35
N PRO E 7 -39.34 -20.93 25.40
CA PRO E 7 -39.64 -19.52 25.71
C PRO E 7 -40.85 -19.42 26.62
N PRO E 8 -40.69 -18.80 27.80
CA PRO E 8 -41.82 -18.73 28.74
C PRO E 8 -42.89 -17.72 28.35
N SER E 9 -42.57 -16.72 27.53
CA SER E 9 -43.51 -15.65 27.21
C SER E 9 -43.49 -15.36 25.72
N ALA E 10 -44.67 -15.38 25.11
CA ALA E 10 -44.86 -14.98 23.73
C ALA E 10 -46.04 -14.02 23.65
N SER E 11 -46.18 -13.35 22.51
CA SER E 11 -47.26 -12.38 22.31
C SER E 11 -47.57 -12.31 20.82
N GLY E 12 -48.44 -11.39 20.44
CA GLY E 12 -48.77 -11.18 19.04
C GLY E 12 -50.22 -10.79 18.87
N THR E 13 -50.52 -10.24 17.70
CA THR E 13 -51.87 -9.87 17.33
C THR E 13 -52.70 -11.12 17.03
N PRO E 14 -54.03 -11.04 17.11
CA PRO E 14 -54.87 -12.16 16.66
C PRO E 14 -54.74 -12.39 15.16
N GLY E 15 -54.37 -13.61 14.79
CA GLY E 15 -54.11 -13.96 13.41
C GLY E 15 -52.65 -14.17 13.06
N GLN E 16 -51.76 -14.16 14.05
CA GLN E 16 -50.32 -14.26 13.85
C GLN E 16 -49.93 -15.75 13.93
N ARG E 17 -48.68 -16.08 13.60
CA ARG E 17 -48.18 -17.45 13.71
C ARG E 17 -46.96 -17.46 14.62
N VAL E 18 -47.12 -17.99 15.83
CA VAL E 18 -46.02 -18.07 16.79
C VAL E 18 -45.20 -19.33 16.52
N THR E 19 -43.91 -19.27 16.81
CA THR E 19 -42.99 -20.38 16.62
C THR E 19 -42.27 -20.66 17.94
N ILE E 20 -42.65 -21.75 18.60
CA ILE E 20 -42.06 -22.15 19.87
C ILE E 20 -40.88 -23.09 19.58
N SER E 21 -39.66 -22.60 19.81
CA SER E 21 -38.46 -23.39 19.58
C SER E 21 -38.02 -24.10 20.85
N CYS E 22 -37.56 -25.34 20.70
CA CYS E 22 -37.15 -26.16 21.83
C CYS E 22 -35.91 -26.98 21.46
N SER E 23 -34.99 -27.09 22.41
CA SER E 23 -33.74 -27.82 22.19
C SER E 23 -33.25 -28.37 23.53
N GLY E 24 -32.17 -29.15 23.46
CA GLY E 24 -31.62 -29.76 24.67
C GLY E 24 -30.58 -30.82 24.30
N GLY E 25 -30.49 -31.83 25.18
CA GLY E 25 -29.65 -32.97 24.89
C GLY E 25 -30.33 -33.95 23.96
N SER E 26 -29.50 -34.73 23.23
CA SER E 26 -30.01 -35.62 22.20
C SER E 26 -30.77 -36.81 22.76
N SER E 27 -30.58 -37.13 24.04
CA SER E 27 -31.40 -38.16 24.66
C SER E 27 -32.82 -37.67 24.94
N ASN E 28 -33.04 -36.36 24.94
CA ASN E 28 -34.37 -35.79 25.15
C ASN E 28 -35.17 -35.66 23.86
N ILE E 29 -34.65 -34.94 22.87
CA ILE E 29 -35.39 -34.61 21.66
C ILE E 29 -34.89 -35.41 20.47
N GLY E 30 -33.58 -35.64 20.39
CA GLY E 30 -33.03 -36.41 19.29
C GLY E 30 -33.41 -37.88 19.35
N GLY E 31 -33.40 -38.46 20.56
CA GLY E 31 -33.84 -39.83 20.69
C GLY E 31 -35.34 -40.02 20.58
N ASN E 32 -36.08 -39.58 21.58
CA ASN E 32 -37.50 -39.83 21.47
C ASN E 32 -38.18 -38.67 20.73
N PRO E 33 -39.27 -38.96 20.01
CA PRO E 33 -39.95 -37.88 19.28
C PRO E 33 -40.55 -36.84 20.20
N VAL E 34 -40.39 -35.57 19.82
CA VAL E 34 -40.87 -34.47 20.65
C VAL E 34 -42.39 -34.40 20.61
N ASN E 35 -43.01 -34.31 21.78
CA ASN E 35 -44.43 -34.08 21.88
C ASN E 35 -44.67 -32.66 22.39
N TRP E 36 -45.92 -32.20 22.26
CA TRP E 36 -46.26 -30.85 22.66
C TRP E 36 -47.58 -30.85 23.43
N TYR E 37 -47.70 -29.92 24.37
CA TYR E 37 -48.80 -29.89 25.32
C TYR E 37 -49.30 -28.46 25.48
N GLN E 38 -50.47 -28.34 26.14
CA GLN E 38 -51.08 -27.05 26.42
C GLN E 38 -51.95 -27.17 27.65
N GLN E 39 -51.79 -26.26 28.61
CA GLN E 39 -52.59 -26.22 29.82
C GLN E 39 -53.22 -24.86 29.99
N LEU E 40 -54.55 -24.83 30.10
CA LEU E 40 -55.22 -23.59 30.44
C LEU E 40 -55.03 -23.31 31.93
N PRO E 41 -55.04 -22.04 32.35
CA PRO E 41 -54.78 -21.73 33.77
C PRO E 41 -55.89 -22.21 34.69
N ALA E 42 -55.45 -22.80 35.82
CA ALA E 42 -56.31 -23.44 36.83
C ALA E 42 -57.15 -24.57 36.25
N THR E 43 -56.67 -25.21 35.17
CA THR E 43 -57.31 -26.38 34.59
C THR E 43 -56.32 -27.53 34.50
N ALA E 44 -56.69 -28.58 33.77
CA ALA E 44 -55.87 -29.74 33.45
C ALA E 44 -55.08 -29.50 32.17
N PRO E 45 -53.89 -30.09 32.04
CA PRO E 45 -53.16 -30.01 30.77
C PRO E 45 -53.77 -30.88 29.69
N LYS E 46 -53.24 -30.80 28.47
CA LYS E 46 -53.83 -31.50 27.34
C LYS E 46 -52.77 -31.69 26.26
N LEU E 47 -52.73 -32.88 25.68
CA LEU E 47 -51.75 -33.19 24.64
C LEU E 47 -52.15 -32.54 23.33
N LEU E 48 -51.16 -31.99 22.63
CA LEU E 48 -51.37 -31.34 21.34
C LEU E 48 -50.79 -32.10 20.17
N ILE E 49 -49.55 -32.60 20.31
CA ILE E 49 -48.76 -33.13 19.20
C ILE E 49 -48.03 -34.35 19.74
N TYR E 50 -48.08 -35.46 19.02
CA TYR E 50 -47.20 -36.58 19.28
C TYR E 50 -46.57 -37.04 17.97
N ASN E 51 -45.43 -37.73 18.10
CA ASN E 51 -44.65 -38.27 16.97
C ASN E 51 -44.29 -37.20 15.95
N ASN E 52 -43.97 -36.01 16.47
CA ASN E 52 -43.44 -34.82 15.81
C ASN E 52 -44.40 -34.12 14.85
N ASN E 53 -45.53 -34.74 14.46
CA ASN E 53 -46.54 -34.01 13.71
C ASN E 53 -47.98 -34.44 13.95
N GLN E 54 -48.26 -35.41 14.81
CA GLN E 54 -49.58 -36.03 14.85
C GLN E 54 -50.32 -35.61 16.11
N ARG E 55 -51.62 -35.34 15.97
CA ARG E 55 -52.48 -34.74 16.97
C ARG E 55 -53.47 -35.76 17.53
N PRO E 56 -53.82 -35.67 18.82
CA PRO E 56 -54.88 -36.52 19.35
C PRO E 56 -56.27 -35.94 19.09
N SER E 57 -57.30 -36.56 19.65
CA SER E 57 -58.67 -36.13 19.40
C SER E 57 -58.99 -34.85 20.16
N GLY E 58 -59.53 -33.87 19.46
CA GLY E 58 -60.06 -32.67 20.08
C GLY E 58 -59.24 -31.40 19.91
N VAL E 59 -58.25 -31.37 19.03
CA VAL E 59 -57.43 -30.20 18.82
C VAL E 59 -57.50 -29.79 17.35
N SER E 60 -57.32 -28.49 17.10
CA SER E 60 -57.55 -27.92 15.79
C SER E 60 -56.32 -28.08 14.89
N ASP E 61 -56.48 -27.70 13.63
CA ASP E 61 -55.44 -27.81 12.62
C ASP E 61 -54.44 -26.66 12.65
N ARG E 62 -54.66 -25.66 13.51
CA ARG E 62 -53.66 -24.60 13.67
C ARG E 62 -52.39 -25.14 14.32
N PHE E 63 -52.53 -26.16 15.17
CA PHE E 63 -51.40 -26.71 15.91
C PHE E 63 -50.60 -27.65 15.00
N SER E 64 -49.35 -27.28 14.73
CA SER E 64 -48.49 -28.11 13.90
C SER E 64 -47.08 -28.13 14.50
N GLY E 65 -46.40 -29.25 14.34
CA GLY E 65 -45.09 -29.44 14.92
C GLY E 65 -44.09 -29.94 13.90
N SER E 66 -42.82 -29.78 14.24
CA SER E 66 -41.71 -30.30 13.45
C SER E 66 -40.57 -30.66 14.39
N LYS E 67 -39.78 -31.65 14.01
CA LYS E 67 -38.58 -32.03 14.75
C LYS E 67 -37.40 -32.04 13.80
N SER E 68 -36.35 -31.30 14.14
CA SER E 68 -35.10 -31.30 13.39
C SER E 68 -34.02 -31.85 14.32
N GLY E 69 -33.95 -33.17 14.43
CA GLY E 69 -33.03 -33.81 15.35
C GLY E 69 -33.35 -33.51 16.79
N THR E 70 -32.45 -32.76 17.44
CA THR E 70 -32.64 -32.31 18.81
C THR E 70 -33.40 -30.99 18.88
N SER E 71 -33.72 -30.40 17.74
CA SER E 71 -34.44 -29.13 17.71
C SER E 71 -35.89 -29.39 17.30
N ALA E 72 -36.76 -28.47 17.68
CA ALA E 72 -38.19 -28.68 17.49
C ALA E 72 -38.87 -27.33 17.36
N SER E 73 -40.04 -27.34 16.71
CA SER E 73 -40.79 -26.12 16.45
C SER E 73 -42.28 -26.41 16.49
N LEU E 74 -43.00 -25.68 17.33
CA LEU E 74 -44.46 -25.67 17.29
C LEU E 74 -44.91 -24.46 16.50
N ALA E 75 -45.79 -24.69 15.52
CA ALA E 75 -46.35 -23.63 14.69
C ALA E 75 -47.83 -23.55 14.96
N ILE E 76 -48.30 -22.39 15.40
CA ILE E 76 -49.70 -22.13 15.70
C ILE E 76 -50.13 -20.94 14.86
N SER E 77 -50.85 -21.20 13.77
CA SER E 77 -51.22 -20.15 12.83
C SER E 77 -52.62 -19.63 13.15
N GLY E 78 -52.81 -18.32 13.01
CA GLY E 78 -54.10 -17.71 13.27
C GLY E 78 -54.50 -17.67 14.73
N LEU E 79 -53.83 -16.83 15.53
CA LEU E 79 -54.08 -16.76 16.96
C LEU E 79 -55.45 -16.14 17.26
N GLN E 80 -56.00 -16.54 18.40
CA GLN E 80 -57.21 -15.95 18.95
C GLN E 80 -57.02 -15.93 20.47
N SER E 81 -58.10 -15.67 21.22
CA SER E 81 -58.03 -15.58 22.67
C SER E 81 -57.99 -16.94 23.37
N VAL E 82 -57.94 -18.04 22.61
CA VAL E 82 -57.74 -19.36 23.20
C VAL E 82 -56.29 -19.55 23.63
N ASP E 83 -55.38 -18.68 23.18
CA ASP E 83 -53.95 -18.80 23.38
C ASP E 83 -53.49 -18.30 24.77
N GLU E 84 -54.43 -18.06 25.68
CA GLU E 84 -54.12 -17.77 27.08
C GLU E 84 -53.93 -19.11 27.79
N ALA E 85 -52.75 -19.68 27.60
CA ALA E 85 -52.39 -21.01 28.08
C ALA E 85 -50.87 -21.17 27.95
N ASP E 86 -50.28 -21.98 28.82
CA ASP E 86 -48.84 -22.23 28.76
C ASP E 86 -48.58 -23.56 28.06
N TYR E 87 -47.64 -23.54 27.12
CA TYR E 87 -47.37 -24.65 26.21
C TYR E 87 -46.07 -25.33 26.61
N PHE E 88 -46.00 -26.64 26.37
CA PHE E 88 -44.88 -27.45 26.87
C PHE E 88 -44.27 -28.25 25.72
N CYS E 89 -42.98 -28.03 25.45
CA CYS E 89 -42.21 -29.02 24.71
C CYS E 89 -41.80 -30.10 25.69
N ALA E 90 -42.40 -31.28 25.58
CA ALA E 90 -42.29 -32.29 26.61
C ALA E 90 -42.50 -33.64 25.97
N ALA E 91 -41.78 -34.65 26.44
CA ALA E 91 -41.88 -35.97 25.84
C ALA E 91 -41.55 -37.04 26.87
N TRP E 92 -42.09 -38.25 26.64
CA TRP E 92 -41.63 -39.41 27.39
C TRP E 92 -40.26 -39.81 26.88
N ASP E 93 -39.25 -39.70 27.74
CA ASP E 93 -37.89 -40.05 27.36
C ASP E 93 -37.28 -40.95 28.41
N ASP E 94 -36.15 -41.56 28.06
CA ASP E 94 -35.36 -42.35 29.00
C ASP E 94 -34.04 -41.67 29.33
N SER E 95 -34.04 -40.34 29.37
CA SER E 95 -32.88 -39.61 29.86
C SER E 95 -32.67 -39.88 31.35
N LEU E 96 -33.67 -39.50 32.16
CA LEU E 96 -33.73 -39.90 33.56
C LEU E 96 -35.00 -40.69 33.84
N ASN E 97 -35.49 -41.40 32.81
CA ASN E 97 -36.65 -42.30 32.86
C ASN E 97 -37.90 -41.54 33.32
N GLY E 98 -38.34 -40.63 32.45
CA GLY E 98 -39.48 -39.81 32.78
C GLY E 98 -40.11 -39.15 31.58
N VAL E 99 -41.38 -38.76 31.75
CA VAL E 99 -42.02 -37.88 30.80
C VAL E 99 -41.49 -36.48 31.14
N LEU E 100 -40.40 -36.10 30.50
CA LEU E 100 -39.68 -34.89 30.86
C LEU E 100 -40.43 -33.68 30.33
N PHE E 101 -40.58 -32.65 31.16
CA PHE E 101 -41.47 -31.53 30.90
C PHE E 101 -40.70 -30.26 30.57
N GLY E 102 -41.40 -29.30 29.97
CA GLY E 102 -40.83 -28.04 29.56
C GLY E 102 -41.17 -26.90 30.52
N GLY E 103 -40.74 -25.71 30.13
CA GLY E 103 -40.81 -24.52 30.95
C GLY E 103 -41.99 -23.60 30.71
N GLY E 104 -43.02 -24.03 29.98
CA GLY E 104 -44.18 -23.19 29.75
C GLY E 104 -44.02 -22.22 28.59
N THR E 105 -45.12 -21.90 27.92
CA THR E 105 -45.17 -20.81 26.92
C THR E 105 -46.54 -20.14 27.05
N LYS E 106 -46.63 -19.14 27.90
CA LYS E 106 -47.89 -18.47 28.18
C LYS E 106 -47.97 -17.18 27.36
N LEU E 107 -49.08 -17.01 26.64
CA LEU E 107 -49.28 -15.87 25.76
C LEU E 107 -50.51 -15.11 26.18
N THR E 108 -50.47 -13.78 25.99
CA THR E 108 -51.61 -12.91 26.18
C THR E 108 -51.76 -12.02 24.94
N VAL E 109 -52.92 -11.39 24.83
CA VAL E 109 -53.19 -10.50 23.70
C VAL E 109 -53.02 -9.06 24.18
N LEU E 110 -52.59 -8.20 23.26
CA LEU E 110 -52.37 -6.79 23.57
C LEU E 110 -52.85 -5.91 22.42
N GLN F 1 -82.08 15.33 -0.60
CA GLN F 1 -80.68 15.26 -1.04
C GLN F 1 -80.00 16.59 -0.73
N VAL F 2 -78.97 16.54 0.10
CA VAL F 2 -78.20 17.72 0.47
C VAL F 2 -77.44 18.25 -0.75
N GLN F 3 -77.68 19.51 -1.09
CA GLN F 3 -77.15 20.08 -2.32
C GLN F 3 -77.07 21.58 -2.18
N LEU F 4 -75.94 22.16 -2.59
CA LEU F 4 -75.79 23.60 -2.71
C LEU F 4 -76.04 23.97 -4.17
N VAL F 5 -77.21 24.53 -4.45
CA VAL F 5 -77.69 24.71 -5.81
C VAL F 5 -77.25 26.08 -6.33
N GLN F 6 -76.37 26.08 -7.32
CA GLN F 6 -76.00 27.28 -8.05
C GLN F 6 -76.74 27.33 -9.37
N SER F 7 -76.91 28.54 -9.91
CA SER F 7 -77.76 28.75 -11.08
C SER F 7 -77.03 28.38 -12.36
N GLY F 8 -77.64 28.69 -13.50
CA GLY F 8 -77.09 28.34 -14.79
C GLY F 8 -75.94 29.24 -15.21
N ALA F 9 -75.61 29.16 -16.51
CA ALA F 9 -74.53 29.94 -17.08
C ALA F 9 -74.90 31.42 -17.10
N GLU F 10 -74.03 32.25 -16.51
CA GLU F 10 -74.32 33.65 -16.25
C GLU F 10 -73.49 34.54 -17.16
N VAL F 11 -74.13 35.55 -17.75
CA VAL F 11 -73.47 36.51 -18.62
C VAL F 11 -73.83 37.92 -18.15
N LYS F 12 -72.81 38.73 -17.87
CA LYS F 12 -72.99 40.15 -17.54
C LYS F 12 -71.88 40.95 -18.22
N LYS F 13 -71.76 42.22 -17.81
CA LYS F 13 -70.76 43.18 -18.24
C LYS F 13 -69.82 43.52 -17.07
N PRO F 14 -68.56 43.86 -17.35
CA PRO F 14 -67.62 44.14 -16.25
C PRO F 14 -67.91 45.48 -15.60
N GLY F 15 -67.47 45.59 -14.34
CA GLY F 15 -67.61 46.80 -13.57
C GLY F 15 -68.89 46.92 -12.78
N GLU F 16 -69.93 46.18 -13.12
CA GLU F 16 -71.23 46.31 -12.49
C GLU F 16 -71.34 45.41 -11.26
N SER F 17 -72.44 45.58 -10.54
CA SER F 17 -72.74 44.74 -9.38
C SER F 17 -73.53 43.52 -9.82
N LEU F 18 -73.24 42.40 -9.16
CA LEU F 18 -73.84 41.11 -9.52
C LEU F 18 -73.74 40.17 -8.34
N LYS F 19 -74.87 39.61 -7.92
CA LYS F 19 -74.97 38.76 -6.73
C LYS F 19 -75.33 37.35 -7.17
N ILE F 20 -74.34 36.46 -7.21
CA ILE F 20 -74.58 35.08 -7.59
C ILE F 20 -75.10 34.32 -6.38
N SER F 21 -76.14 33.52 -6.60
CA SER F 21 -76.89 32.85 -5.55
C SER F 21 -76.45 31.39 -5.41
N CYS F 22 -76.70 30.82 -4.22
CA CYS F 22 -76.35 29.44 -3.92
C CYS F 22 -77.32 28.92 -2.87
N LYS F 23 -78.35 28.21 -3.30
CA LYS F 23 -79.38 27.73 -2.38
C LYS F 23 -78.82 26.60 -1.49
N GLY F 24 -79.28 26.56 -0.24
CA GLY F 24 -78.92 25.45 0.62
C GLY F 24 -80.12 24.61 1.01
N SER F 25 -80.19 23.37 0.53
CA SER F 25 -81.37 22.54 0.73
C SER F 25 -80.94 21.10 1.03
N GLY F 26 -81.88 20.35 1.58
CA GLY F 26 -81.67 18.95 1.91
C GLY F 26 -80.96 18.69 3.21
N TYR F 27 -80.74 19.72 4.03
CA TYR F 27 -79.94 19.62 5.24
C TYR F 27 -80.20 20.84 6.10
N SER F 28 -79.86 20.73 7.38
CA SER F 28 -79.90 21.86 8.30
C SER F 28 -78.85 22.88 7.88
N PHE F 29 -79.32 24.04 7.41
CA PHE F 29 -78.49 24.92 6.58
C PHE F 29 -77.36 25.56 7.37
N THR F 30 -77.68 26.24 8.47
CA THR F 30 -76.65 26.85 9.30
C THR F 30 -76.22 25.87 10.40
N SER F 31 -75.62 24.78 9.93
CA SER F 31 -74.93 23.84 10.82
C SER F 31 -73.60 23.42 10.21
N HIS F 32 -73.23 23.99 9.06
CA HIS F 32 -71.99 23.66 8.37
C HIS F 32 -71.44 24.92 7.71
N TRP F 33 -70.13 24.95 7.53
CA TRP F 33 -69.48 26.07 6.86
C TRP F 33 -69.62 25.95 5.35
N ILE F 34 -69.97 27.05 4.70
CA ILE F 34 -70.25 27.08 3.27
C ILE F 34 -69.10 27.81 2.57
N GLY F 35 -68.41 27.10 1.69
CA GLY F 35 -67.22 27.63 1.03
C GLY F 35 -67.49 28.03 -0.41
N TRP F 36 -67.25 29.30 -0.71
CA TRP F 36 -67.27 29.80 -2.07
C TRP F 36 -65.88 29.62 -2.67
N VAL F 37 -65.78 28.85 -3.75
CA VAL F 37 -64.50 28.53 -4.37
C VAL F 37 -64.55 28.84 -5.86
N ARG F 38 -63.42 29.32 -6.39
CA ARG F 38 -63.29 29.67 -7.79
C ARG F 38 -62.66 28.54 -8.57
N GLN F 39 -62.98 28.48 -9.87
CA GLN F 39 -62.17 27.74 -10.83
C GLN F 39 -62.12 28.56 -12.11
N LYS F 40 -61.04 29.31 -12.30
CA LYS F 40 -60.72 29.76 -13.64
C LYS F 40 -60.33 28.52 -14.43
N PRO F 41 -60.97 28.24 -15.57
CA PRO F 41 -60.78 26.95 -16.23
C PRO F 41 -59.39 26.79 -16.83
N GLY F 42 -58.81 25.61 -16.59
CA GLY F 42 -57.43 25.35 -16.97
C GLY F 42 -56.42 25.64 -15.89
N LYS F 43 -56.85 25.76 -14.64
CA LYS F 43 -55.97 26.10 -13.53
C LYS F 43 -56.20 25.12 -12.40
N GLY F 44 -55.21 25.00 -11.52
CA GLY F 44 -55.40 24.27 -10.28
C GLY F 44 -56.42 24.97 -9.40
N LEU F 45 -57.09 24.17 -8.56
CA LEU F 45 -58.35 24.57 -7.95
C LEU F 45 -58.17 25.74 -6.98
N GLU F 46 -59.01 26.75 -7.14
CA GLU F 46 -58.82 28.03 -6.48
C GLU F 46 -59.79 28.20 -5.32
N TRP F 47 -59.43 29.09 -4.39
CA TRP F 47 -60.17 29.34 -3.18
C TRP F 47 -60.50 30.82 -3.06
N VAL F 48 -61.71 31.13 -2.62
CA VAL F 48 -62.15 32.50 -2.39
C VAL F 48 -62.46 32.74 -0.92
N GLY F 49 -63.40 31.98 -0.36
CA GLY F 49 -63.74 32.15 1.04
C GLY F 49 -64.63 31.03 1.53
N ILE F 50 -64.84 31.01 2.84
CA ILE F 50 -65.80 30.12 3.48
C ILE F 50 -66.51 30.91 4.57
N ILE F 51 -67.83 30.79 4.62
CA ILE F 51 -68.67 31.71 5.40
C ILE F 51 -69.66 30.92 6.25
N HIS F 52 -69.74 31.29 7.53
CA HIS F 52 -70.80 30.82 8.40
C HIS F 52 -72.05 31.65 8.17
N PRO F 53 -73.19 31.03 7.83
CA PRO F 53 -74.41 31.81 7.59
C PRO F 53 -75.09 32.37 8.84
N TYR F 54 -74.54 32.15 10.04
CA TYR F 54 -75.20 32.63 11.25
C TYR F 54 -75.09 34.14 11.39
N ASP F 55 -73.89 34.69 11.23
CA ASP F 55 -73.68 36.13 11.35
C ASP F 55 -72.75 36.64 10.25
N SER F 56 -72.75 35.98 9.09
CA SER F 56 -71.85 36.24 7.97
C SER F 56 -70.38 36.22 8.39
N ASP F 57 -70.02 35.31 9.29
CA ASP F 57 -68.64 35.15 9.70
C ASP F 57 -67.89 34.43 8.58
N THR F 58 -66.92 35.11 7.99
CA THR F 58 -66.18 34.59 6.84
C THR F 58 -64.73 34.36 7.25
N ARG F 59 -64.36 33.09 7.37
CA ARG F 59 -62.94 32.74 7.29
C ARG F 59 -62.51 32.98 5.85
N TYR F 60 -61.80 34.08 5.64
CA TYR F 60 -61.77 34.75 4.35
C TYR F 60 -60.32 34.89 3.87
N SER F 61 -60.16 35.02 2.56
CA SER F 61 -58.86 35.19 1.95
C SER F 61 -58.25 36.53 2.36
N PRO F 62 -57.05 36.54 2.96
CA PRO F 62 -56.43 37.82 3.35
C PRO F 62 -55.88 38.61 2.19
N SER F 63 -55.77 38.02 1.00
CA SER F 63 -55.22 38.71 -0.17
C SER F 63 -56.31 39.22 -1.11
N PHE F 64 -57.58 39.11 -0.71
CA PHE F 64 -58.69 39.66 -1.47
C PHE F 64 -59.66 40.36 -0.52
N GLN F 65 -59.11 41.05 0.48
CA GLN F 65 -59.90 41.63 1.57
C GLN F 65 -60.72 42.81 1.05
N GLY F 66 -62.04 42.63 1.00
CA GLY F 66 -62.94 43.66 0.53
C GLY F 66 -63.20 43.67 -0.95
N LEU F 67 -62.55 42.81 -1.72
CA LEU F 67 -62.78 42.75 -3.16
C LEU F 67 -64.16 42.14 -3.45
N VAL F 68 -64.41 40.95 -2.94
CA VAL F 68 -65.68 40.26 -3.09
C VAL F 68 -66.44 40.33 -1.77
N THR F 69 -67.75 40.54 -1.85
CA THR F 69 -68.61 40.68 -0.68
C THR F 69 -69.32 39.36 -0.42
N PHE F 70 -69.23 38.86 0.80
CA PHE F 70 -69.84 37.61 1.20
C PHE F 70 -71.11 37.86 2.01
N SER F 71 -72.12 37.02 1.79
CA SER F 71 -73.34 37.05 2.59
C SER F 71 -74.00 35.67 2.52
N ALA F 72 -74.69 35.32 3.59
CA ALA F 72 -75.36 34.02 3.67
C ALA F 72 -76.44 34.10 4.73
N ASP F 73 -77.69 33.86 4.33
CA ASP F 73 -78.85 34.01 5.21
C ASP F 73 -79.50 32.66 5.46
N LYS F 74 -79.90 32.41 6.71
CA LYS F 74 -80.56 31.16 7.07
C LYS F 74 -82.01 31.14 6.62
N SER F 75 -82.74 32.24 6.82
CA SER F 75 -84.17 32.27 6.48
C SER F 75 -84.42 32.15 4.99
N SER F 76 -83.47 32.61 4.17
CA SER F 76 -83.49 32.34 2.75
C SER F 76 -82.77 31.05 2.39
N SER F 77 -82.00 30.48 3.34
CA SER F 77 -81.20 29.26 3.16
C SER F 77 -80.26 29.38 1.96
N THR F 78 -79.64 30.55 1.81
CA THR F 78 -78.90 30.87 0.61
C THR F 78 -77.62 31.62 0.96
N ALA F 79 -76.50 31.15 0.39
CA ALA F 79 -75.26 31.91 0.39
C ALA F 79 -75.22 32.78 -0.86
N TYR F 80 -74.93 34.07 -0.69
CA TYR F 80 -74.87 35.02 -1.78
C TYR F 80 -73.45 35.53 -1.94
N LEU F 81 -72.95 35.53 -3.17
CA LEU F 81 -71.63 36.06 -3.48
C LEU F 81 -71.80 37.24 -4.43
N GLN F 82 -71.44 38.43 -3.96
CA GLN F 82 -71.63 39.66 -4.73
C GLN F 82 -70.30 40.37 -4.94
N TRP F 83 -70.01 40.71 -6.19
CA TRP F 83 -68.94 41.64 -6.53
C TRP F 83 -69.56 43.01 -6.78
N SER F 84 -69.00 44.04 -6.13
CA SER F 84 -69.40 45.40 -6.47
C SER F 84 -68.92 45.79 -7.86
N SER F 85 -67.83 45.19 -8.32
CA SER F 85 -67.28 45.44 -9.65
C SER F 85 -66.87 44.11 -10.27
N LEU F 86 -67.23 43.93 -11.54
CA LEU F 86 -66.84 42.74 -12.30
C LEU F 86 -65.67 43.09 -13.20
N GLN F 87 -64.86 42.07 -13.49
CA GLN F 87 -63.66 42.27 -14.32
C GLN F 87 -63.50 41.05 -15.23
N ALA F 88 -62.36 40.99 -15.91
CA ALA F 88 -62.07 39.87 -16.81
C ALA F 88 -61.53 38.66 -16.06
N SER F 89 -60.95 38.86 -14.88
CA SER F 89 -60.49 37.74 -14.06
C SER F 89 -61.63 37.02 -13.35
N ASP F 90 -62.82 37.62 -13.30
CA ASP F 90 -63.96 36.96 -12.67
C ASP F 90 -64.54 35.86 -13.54
N THR F 91 -64.25 35.87 -14.85
CA THR F 91 -64.81 34.88 -15.78
C THR F 91 -64.24 33.51 -15.45
N ALA F 92 -65.07 32.67 -14.83
CA ALA F 92 -64.66 31.44 -14.18
C ALA F 92 -65.90 30.64 -13.80
N ILE F 93 -65.72 29.34 -13.65
CA ILE F 93 -66.77 28.46 -13.17
C ILE F 93 -66.61 28.31 -11.66
N TYR F 94 -67.62 28.76 -10.90
CA TYR F 94 -67.55 28.81 -9.45
C TYR F 94 -68.31 27.65 -8.84
N TYR F 95 -67.97 27.31 -7.59
CA TYR F 95 -68.65 26.24 -6.88
C TYR F 95 -68.91 26.65 -5.44
N CYS F 96 -69.87 25.97 -4.83
CA CYS F 96 -70.10 26.02 -3.40
C CYS F 96 -69.55 24.74 -2.76
N ALA F 97 -69.54 24.70 -1.43
CA ALA F 97 -68.98 23.57 -0.71
C ALA F 97 -69.60 23.47 0.67
N ARG F 98 -70.11 22.29 1.02
CA ARG F 98 -70.71 22.03 2.32
C ARG F 98 -69.79 21.12 3.13
N ARG F 99 -69.45 21.57 4.33
CA ARG F 99 -68.53 20.84 5.21
C ARG F 99 -69.26 19.71 5.93
N THR F 100 -68.62 18.54 6.01
CA THR F 100 -69.20 17.39 6.71
C THR F 100 -68.80 17.42 8.20
N ASP F 101 -69.42 18.36 8.91
CA ASP F 101 -69.20 18.50 10.34
C ASP F 101 -69.96 17.46 11.17
N GLN F 102 -70.72 16.56 10.54
CA GLN F 102 -71.57 15.64 11.28
C GLN F 102 -70.70 14.58 11.94
N TYR F 103 -70.28 14.85 13.18
CA TYR F 103 -69.38 14.04 13.99
C TYR F 103 -68.12 13.61 13.26
N GLY F 104 -67.58 14.49 12.42
CA GLY F 104 -66.41 14.17 11.61
C GLY F 104 -65.36 15.25 11.53
N SER F 105 -64.81 15.45 10.33
CA SER F 105 -63.68 16.32 10.06
C SER F 105 -64.16 17.62 9.40
N HIS F 106 -63.22 18.40 8.87
CA HIS F 106 -63.45 19.70 8.26
C HIS F 106 -63.55 19.65 6.74
N GLY F 107 -63.38 18.48 6.12
CA GLY F 107 -63.59 18.27 4.69
C GLY F 107 -64.92 18.76 4.14
N MET F 108 -64.96 19.11 2.86
CA MET F 108 -66.18 19.63 2.22
C MET F 108 -66.78 18.55 1.33
N ASP F 109 -67.78 17.83 1.86
CA ASP F 109 -68.28 16.64 1.17
C ASP F 109 -69.28 16.97 0.07
N VAL F 110 -70.16 17.94 0.28
CA VAL F 110 -71.18 18.31 -0.68
C VAL F 110 -70.74 19.60 -1.36
N TRP F 111 -70.88 19.65 -2.68
CA TRP F 111 -70.33 20.72 -3.49
C TRP F 111 -71.43 21.46 -4.23
N GLY F 112 -71.10 22.65 -4.72
CA GLY F 112 -71.95 23.35 -5.67
C GLY F 112 -71.69 22.82 -7.07
N GLN F 113 -72.77 22.63 -7.83
CA GLN F 113 -72.66 21.99 -9.14
C GLN F 113 -72.04 22.89 -10.20
N GLY F 114 -72.00 24.20 -9.97
CA GLY F 114 -71.27 25.06 -10.87
C GLY F 114 -72.11 26.15 -11.52
N THR F 115 -71.58 27.37 -11.49
CA THR F 115 -72.09 28.50 -12.26
C THR F 115 -70.92 29.26 -12.87
N THR F 116 -70.92 29.36 -14.19
CA THR F 116 -69.87 30.08 -14.90
C THR F 116 -70.38 31.48 -15.24
N VAL F 117 -69.76 32.49 -14.63
CA VAL F 117 -70.03 33.88 -14.99
C VAL F 117 -69.06 34.27 -16.10
N THR F 118 -69.59 34.89 -17.15
CA THR F 118 -68.79 35.25 -18.32
C THR F 118 -69.13 36.66 -18.76
N VAL F 119 -68.25 37.22 -19.59
CA VAL F 119 -68.54 38.38 -20.43
C VAL F 119 -68.20 37.97 -21.87
N SER F 120 -69.14 38.22 -22.79
CA SER F 120 -68.96 37.86 -24.18
C SER F 120 -68.53 39.08 -24.98
N SER F 121 -67.52 38.90 -25.83
CA SER F 121 -67.01 39.98 -26.67
C SER F 121 -66.55 39.45 -28.02
N GLN G 1 -53.62 29.39 -6.02
CA GLN G 1 -52.97 28.10 -5.81
C GLN G 1 -52.21 28.08 -4.48
N SER G 2 -52.25 26.95 -3.79
CA SER G 2 -51.61 26.79 -2.50
C SER G 2 -50.31 26.01 -2.63
N VAL G 3 -49.58 25.94 -1.51
CA VAL G 3 -48.33 25.18 -1.46
C VAL G 3 -48.68 23.77 -0.96
N LEU G 4 -49.03 22.91 -1.93
CA LEU G 4 -49.37 21.51 -1.68
C LEU G 4 -48.91 20.74 -2.92
N THR G 5 -47.70 20.20 -2.84
CA THR G 5 -47.06 19.59 -4.00
C THR G 5 -47.73 18.26 -4.34
N GLN G 6 -48.20 18.13 -5.58
CA GLN G 6 -48.92 16.94 -6.02
C GLN G 6 -48.50 16.61 -7.44
N PRO G 7 -48.36 15.34 -7.78
CA PRO G 7 -48.06 14.95 -9.17
C PRO G 7 -49.22 15.29 -10.09
N PRO G 8 -48.97 16.06 -11.15
CA PRO G 8 -50.08 16.50 -12.01
C PRO G 8 -50.62 15.40 -12.92
N SER G 9 -49.81 14.38 -13.24
CA SER G 9 -50.20 13.38 -14.22
C SER G 9 -49.78 12.00 -13.73
N ALA G 10 -50.74 11.09 -13.64
CA ALA G 10 -50.50 9.67 -13.37
C ALA G 10 -51.08 8.84 -14.51
N SER G 11 -50.74 7.55 -14.51
CA SER G 11 -51.23 6.62 -15.53
C SER G 11 -51.16 5.21 -14.96
N GLY G 12 -51.43 4.24 -15.80
CA GLY G 12 -51.34 2.84 -15.41
C GLY G 12 -52.41 1.99 -16.06
N THR G 13 -52.18 0.69 -16.05
CA THR G 13 -53.15 -0.27 -16.56
C THR G 13 -54.33 -0.39 -15.59
N PRO G 14 -55.49 -0.82 -16.09
CA PRO G 14 -56.62 -1.08 -15.17
C PRO G 14 -56.33 -2.25 -14.24
N GLY G 15 -56.44 -1.99 -12.94
CA GLY G 15 -56.12 -2.96 -11.90
C GLY G 15 -54.87 -2.65 -11.11
N GLN G 16 -54.19 -1.55 -11.41
CA GLN G 16 -52.95 -1.13 -10.78
C GLN G 16 -53.28 -0.29 -9.54
N ARG G 17 -52.28 -0.08 -8.67
CA ARG G 17 -52.44 0.78 -7.50
C ARG G 17 -51.48 1.95 -7.61
N VAL G 18 -52.04 3.17 -7.78
CA VAL G 18 -51.25 4.38 -7.84
C VAL G 18 -51.06 4.93 -6.43
N THR G 19 -49.99 5.70 -6.25
CA THR G 19 -49.69 6.35 -4.96
C THR G 19 -49.44 7.83 -5.21
N ILE G 20 -50.37 8.67 -4.75
CA ILE G 20 -50.27 10.11 -4.91
C ILE G 20 -49.63 10.69 -3.65
N SER G 21 -48.41 11.19 -3.78
CA SER G 21 -47.68 11.77 -2.65
C SER G 21 -47.92 13.26 -2.57
N CYS G 22 -48.14 13.76 -1.36
CA CYS G 22 -48.32 15.18 -1.12
C CYS G 22 -47.50 15.59 0.09
N SER G 23 -46.82 16.74 -0.02
CA SER G 23 -45.93 17.21 1.03
C SER G 23 -45.89 18.72 1.02
N GLY G 24 -45.33 19.29 2.09
CA GLY G 24 -45.23 20.74 2.22
C GLY G 24 -44.87 21.11 3.64
N GLY G 25 -45.26 22.33 4.02
CA GLY G 25 -45.03 22.78 5.37
C GLY G 25 -45.91 22.07 6.37
N SER G 26 -45.43 21.98 7.61
CA SER G 26 -46.17 21.29 8.67
C SER G 26 -47.39 22.09 9.13
N SER G 27 -47.47 23.39 8.80
CA SER G 27 -48.70 24.12 9.04
C SER G 27 -49.80 23.70 8.07
N ASN G 28 -49.43 23.13 6.93
CA ASN G 28 -50.42 22.65 5.97
C ASN G 28 -50.85 21.22 6.26
N ILE G 29 -49.92 20.28 6.23
CA ILE G 29 -50.24 18.86 6.31
C ILE G 29 -49.91 18.30 7.69
N GLY G 30 -48.85 18.78 8.32
CA GLY G 30 -48.48 18.28 9.64
C GLY G 30 -49.47 18.70 10.71
N GLY G 31 -49.93 19.95 10.66
CA GLY G 31 -50.96 20.37 11.59
C GLY G 31 -52.32 19.80 11.30
N ASN G 32 -52.97 20.30 10.24
CA ASN G 32 -54.32 19.80 10.02
C ASN G 32 -54.27 18.52 9.20
N PRO G 33 -55.22 17.60 9.43
CA PRO G 33 -55.20 16.32 8.70
C PRO G 33 -55.44 16.50 7.22
N VAL G 34 -54.69 15.74 6.42
CA VAL G 34 -54.76 15.86 4.98
C VAL G 34 -56.07 15.24 4.49
N ASN G 35 -56.81 16.00 3.69
CA ASN G 35 -58.00 15.51 3.03
C ASN G 35 -57.68 15.35 1.54
N TRP G 36 -58.53 14.61 0.84
CA TRP G 36 -58.30 14.36 -0.58
C TRP G 36 -59.59 14.56 -1.36
N TYR G 37 -59.45 15.01 -2.59
CA TYR G 37 -60.60 15.38 -3.41
C TYR G 37 -60.45 14.78 -4.80
N GLN G 38 -61.53 14.83 -5.57
CA GLN G 38 -61.53 14.36 -6.95
C GLN G 38 -62.58 15.12 -7.73
N GLN G 39 -62.20 15.65 -8.89
CA GLN G 39 -63.10 16.41 -9.76
C GLN G 39 -63.08 15.81 -11.16
N LEU G 40 -64.24 15.34 -11.62
CA LEU G 40 -64.35 14.92 -13.01
C LEU G 40 -64.35 16.15 -13.92
N PRO G 41 -63.83 16.02 -15.15
CA PRO G 41 -63.70 17.21 -16.01
C PRO G 41 -65.04 17.77 -16.45
N ALA G 42 -65.12 19.11 -16.42
CA ALA G 42 -66.32 19.91 -16.69
C ALA G 42 -67.48 19.56 -15.75
N THR G 43 -67.16 19.09 -14.54
CA THR G 43 -68.13 18.81 -13.50
C THR G 43 -67.74 19.57 -12.24
N ALA G 44 -68.40 19.24 -11.14
CA ALA G 44 -68.13 19.72 -9.79
C ALA G 44 -67.18 18.77 -9.07
N PRO G 45 -66.34 19.28 -8.16
CA PRO G 45 -65.47 18.38 -7.38
C PRO G 45 -66.22 17.57 -6.34
N LYS G 46 -65.52 16.68 -5.67
CA LYS G 46 -66.12 15.81 -4.66
C LYS G 46 -65.04 15.40 -3.66
N LEU G 47 -65.42 15.37 -2.39
CA LEU G 47 -64.49 14.96 -1.34
C LEU G 47 -64.25 13.45 -1.40
N LEU G 48 -62.99 13.04 -1.24
CA LEU G 48 -62.63 11.63 -1.33
C LEU G 48 -62.18 11.05 0.00
N ILE G 49 -61.44 11.80 0.81
CA ILE G 49 -60.84 11.35 2.06
C ILE G 49 -60.92 12.52 3.01
N TYR G 50 -61.37 12.29 4.25
CA TYR G 50 -61.18 13.29 5.30
C TYR G 50 -60.68 12.60 6.56
N ASN G 51 -59.93 13.36 7.37
CA ASN G 51 -59.34 12.91 8.64
C ASN G 51 -58.50 11.65 8.46
N ASN G 52 -57.61 11.72 7.47
CA ASN G 52 -56.52 10.82 7.08
C ASN G 52 -56.96 9.52 6.40
N ASN G 53 -58.20 9.06 6.62
CA ASN G 53 -58.76 7.95 5.85
C ASN G 53 -60.26 7.97 5.63
N GLN G 54 -61.04 8.76 6.36
CA GLN G 54 -62.49 8.57 6.36
C GLN G 54 -63.10 9.21 5.12
N ARG G 55 -64.02 8.49 4.50
CA ARG G 55 -64.64 8.84 3.23
C ARG G 55 -66.09 9.28 3.43
N PRO G 56 -66.56 10.25 2.65
CA PRO G 56 -67.97 10.66 2.76
C PRO G 56 -68.90 9.72 2.01
N SER G 57 -70.18 10.09 1.95
CA SER G 57 -71.19 9.22 1.35
C SER G 57 -71.02 9.15 -0.16
N GLY G 58 -70.95 7.92 -0.68
CA GLY G 58 -70.84 7.70 -2.11
C GLY G 58 -69.45 7.44 -2.62
N VAL G 59 -68.48 7.17 -1.75
CA VAL G 59 -67.09 7.01 -2.13
C VAL G 59 -66.71 5.55 -1.91
N SER G 60 -66.08 4.94 -2.93
CA SER G 60 -65.79 3.51 -2.92
C SER G 60 -64.59 3.20 -2.02
N ASP G 61 -64.38 1.91 -1.77
CA ASP G 61 -63.33 1.45 -0.87
C ASP G 61 -61.96 1.35 -1.53
N ARG G 62 -61.86 1.65 -2.84
CA ARG G 62 -60.55 1.67 -3.49
C ARG G 62 -59.70 2.85 -3.02
N PHE G 63 -60.35 3.92 -2.56
CA PHE G 63 -59.69 5.16 -2.21
C PHE G 63 -59.30 5.12 -0.72
N SER G 64 -58.00 5.18 -0.44
CA SER G 64 -57.51 5.17 0.93
C SER G 64 -56.35 6.14 1.06
N GLY G 65 -56.17 6.67 2.27
CA GLY G 65 -55.18 7.70 2.52
C GLY G 65 -54.24 7.34 3.65
N SER G 66 -53.21 8.17 3.81
CA SER G 66 -52.26 8.08 4.91
C SER G 66 -51.66 9.46 5.16
N LYS G 67 -51.35 9.74 6.43
CA LYS G 67 -50.66 10.97 6.81
C LYS G 67 -49.44 10.61 7.65
N SER G 68 -48.27 10.99 7.17
CA SER G 68 -47.01 10.81 7.89
C SER G 68 -46.43 12.18 8.17
N GLY G 69 -46.93 12.83 9.22
CA GLY G 69 -46.50 14.18 9.54
C GLY G 69 -46.99 15.17 8.51
N THR G 70 -46.05 15.92 7.92
CA THR G 70 -46.34 16.85 6.84
C THR G 70 -46.36 16.18 5.47
N SER G 71 -46.25 14.86 5.40
CA SER G 71 -46.33 14.11 4.16
C SER G 71 -47.62 13.32 4.13
N ALA G 72 -48.00 12.88 2.92
CA ALA G 72 -49.28 12.21 2.73
C ALA G 72 -49.19 11.28 1.54
N SER G 73 -50.08 10.28 1.52
CA SER G 73 -50.15 9.31 0.44
C SER G 73 -51.59 8.87 0.21
N LEU G 74 -52.06 9.01 -1.02
CA LEU G 74 -53.34 8.46 -1.45
C LEU G 74 -53.11 7.11 -2.10
N ALA G 75 -53.91 6.12 -1.73
CA ALA G 75 -53.83 4.78 -2.28
C ALA G 75 -55.11 4.48 -3.04
N ILE G 76 -55.00 4.27 -4.36
CA ILE G 76 -56.12 3.98 -5.22
C ILE G 76 -55.82 2.66 -5.93
N SER G 77 -56.48 1.59 -5.50
CA SER G 77 -56.26 0.26 -6.04
C SER G 77 -57.35 -0.12 -7.03
N GLY G 78 -56.99 -0.97 -8.01
CA GLY G 78 -57.95 -1.45 -8.97
C GLY G 78 -58.46 -0.40 -9.92
N LEU G 79 -57.61 0.07 -10.83
CA LEU G 79 -57.92 1.23 -11.66
C LEU G 79 -58.99 0.92 -12.69
N GLN G 80 -59.74 1.96 -13.05
CA GLN G 80 -60.73 1.95 -14.12
C GLN G 80 -60.66 3.35 -14.74
N SER G 81 -61.48 3.62 -15.76
CA SER G 81 -61.55 4.94 -16.38
C SER G 81 -62.36 5.95 -15.57
N VAL G 82 -62.82 5.57 -14.38
CA VAL G 82 -63.44 6.54 -13.47
C VAL G 82 -62.40 7.49 -12.88
N ASP G 83 -61.12 7.12 -12.92
CA ASP G 83 -60.03 8.00 -12.49
C ASP G 83 -59.61 9.00 -13.56
N GLU G 84 -60.38 9.16 -14.63
CA GLU G 84 -60.22 10.27 -15.57
C GLU G 84 -60.79 11.51 -14.87
N ALA G 85 -59.96 12.09 -14.00
CA ALA G 85 -60.31 13.14 -13.04
C ALA G 85 -59.02 13.60 -12.38
N ASP G 86 -58.96 14.87 -12.01
CA ASP G 86 -57.79 15.38 -11.30
C ASP G 86 -58.02 15.33 -9.79
N TYR G 87 -57.09 14.68 -9.08
CA TYR G 87 -57.19 14.47 -7.65
C TYR G 87 -56.42 15.56 -6.91
N PHE G 88 -56.96 15.99 -5.78
CA PHE G 88 -56.41 17.13 -5.05
C PHE G 88 -56.02 16.69 -3.64
N CYS G 89 -54.80 17.00 -3.22
CA CYS G 89 -54.47 16.96 -1.79
C CYS G 89 -54.79 18.34 -1.23
N ALA G 90 -55.78 18.42 -0.36
CA ALA G 90 -56.33 19.69 0.07
C ALA G 90 -56.77 19.58 1.51
N ALA G 91 -56.73 20.70 2.24
CA ALA G 91 -57.18 20.70 3.62
C ALA G 91 -57.63 22.10 4.00
N TRP G 92 -58.58 22.17 4.94
CA TRP G 92 -58.84 23.43 5.61
C TRP G 92 -57.69 23.70 6.59
N ASP G 93 -56.95 24.78 6.34
CA ASP G 93 -55.82 25.13 7.18
C ASP G 93 -55.91 26.61 7.54
N ASP G 94 -55.17 26.98 8.58
CA ASP G 94 -54.98 28.37 8.94
C ASP G 94 -53.57 28.85 8.62
N SER G 95 -52.97 28.28 7.57
CA SER G 95 -51.68 28.76 7.08
C SER G 95 -51.81 30.16 6.49
N LEU G 96 -52.65 30.29 5.46
CA LEU G 96 -53.13 31.58 4.99
C LEU G 96 -54.64 31.70 5.14
N ASN G 97 -55.20 30.93 6.09
CA ASN G 97 -56.62 30.93 6.48
C ASN G 97 -57.51 30.60 5.28
N GLY G 98 -57.36 29.36 4.80
CA GLY G 98 -58.14 28.91 3.67
C GLY G 98 -58.20 27.40 3.60
N VAL G 99 -59.19 26.91 2.86
CA VAL G 99 -59.20 25.51 2.48
C VAL G 99 -58.20 25.39 1.33
N LEU G 100 -56.94 25.16 1.68
CA LEU G 100 -55.85 25.22 0.72
C LEU G 100 -55.89 24.00 -0.18
N PHE G 101 -55.79 24.21 -1.48
CA PHE G 101 -56.05 23.18 -2.48
C PHE G 101 -54.75 22.71 -3.14
N GLY G 102 -54.88 21.66 -3.94
CA GLY G 102 -53.76 21.03 -4.60
C GLY G 102 -53.71 21.35 -6.09
N GLY G 103 -52.69 20.77 -6.72
CA GLY G 103 -52.40 21.01 -8.12
C GLY G 103 -52.96 20.01 -9.10
N GLY G 104 -53.88 19.15 -8.68
CA GLY G 104 -54.49 18.19 -9.58
C GLY G 104 -53.67 16.93 -9.81
N THR G 105 -54.35 15.79 -10.04
CA THR G 105 -53.71 14.53 -10.43
C THR G 105 -54.62 13.86 -11.45
N LYS G 106 -54.42 14.17 -12.72
CA LYS G 106 -55.28 13.68 -13.79
C LYS G 106 -54.67 12.42 -14.41
N LEU G 107 -55.46 11.35 -14.45
CA LEU G 107 -55.00 10.06 -14.93
C LEU G 107 -55.75 9.69 -16.21
N THR G 108 -55.04 9.00 -17.11
CA THR G 108 -55.62 8.45 -18.32
C THR G 108 -55.18 6.99 -18.45
N VAL G 109 -55.86 6.28 -19.34
CA VAL G 109 -55.51 4.89 -19.63
C VAL G 109 -54.87 4.83 -21.00
N LEU G 110 -53.94 3.89 -21.17
CA LEU G 110 -53.20 3.73 -22.41
C LEU G 110 -52.98 2.25 -22.72
N GLN H 1 -65.23 -36.10 -37.69
CA GLN H 1 -64.00 -35.92 -36.94
C GLN H 1 -62.81 -35.89 -37.90
N VAL H 2 -62.03 -34.81 -37.84
CA VAL H 2 -60.87 -34.63 -38.70
C VAL H 2 -59.79 -35.63 -38.32
N GLN H 3 -59.40 -36.46 -39.29
CA GLN H 3 -58.48 -37.57 -39.01
C GLN H 3 -57.79 -38.02 -40.28
N LEU H 4 -56.48 -38.22 -40.20
CA LEU H 4 -55.72 -38.86 -41.26
C LEU H 4 -55.47 -40.31 -40.85
N VAL H 5 -56.13 -41.24 -41.55
CA VAL H 5 -56.18 -42.64 -41.13
C VAL H 5 -55.17 -43.44 -41.93
N GLN H 6 -54.18 -43.98 -41.24
CA GLN H 6 -53.26 -44.96 -41.82
C GLN H 6 -53.74 -46.37 -41.48
N SER H 7 -53.28 -47.33 -42.27
CA SER H 7 -53.80 -48.69 -42.18
C SER H 7 -53.15 -49.44 -41.01
N GLY H 8 -53.40 -50.74 -40.94
CA GLY H 8 -52.86 -51.57 -39.89
C GLY H 8 -51.38 -51.84 -40.06
N ALA H 9 -50.85 -52.69 -39.17
CA ALA H 9 -49.43 -52.99 -39.13
C ALA H 9 -48.99 -53.73 -40.38
N GLU H 10 -48.02 -53.15 -41.09
CA GLU H 10 -47.65 -53.57 -42.43
C GLU H 10 -46.38 -54.40 -42.38
N VAL H 11 -46.37 -55.52 -43.12
CA VAL H 11 -45.20 -56.38 -43.25
C VAL H 11 -44.94 -56.59 -44.74
N LYS H 12 -43.70 -56.32 -45.17
CA LYS H 12 -43.29 -56.58 -46.54
C LYS H 12 -41.85 -57.08 -46.52
N LYS H 13 -41.25 -57.14 -47.71
CA LYS H 13 -39.87 -57.54 -47.94
C LYS H 13 -39.06 -56.36 -48.48
N PRO H 14 -37.78 -56.26 -48.16
CA PRO H 14 -37.00 -55.10 -48.61
C PRO H 14 -36.70 -55.16 -50.10
N GLY H 15 -36.44 -53.98 -50.67
CA GLY H 15 -36.16 -53.84 -52.07
C GLY H 15 -37.38 -53.68 -52.96
N GLU H 16 -38.55 -54.12 -52.51
CA GLU H 16 -39.76 -54.11 -53.33
C GLU H 16 -40.51 -52.78 -53.16
N SER H 17 -41.62 -52.66 -53.87
CA SER H 17 -42.44 -51.46 -53.81
C SER H 17 -43.54 -51.62 -52.76
N LEU H 18 -43.91 -50.49 -52.15
CA LEU H 18 -44.96 -50.45 -51.15
C LEU H 18 -45.51 -49.04 -51.05
N LYS H 19 -46.82 -48.88 -51.19
CA LYS H 19 -47.49 -47.59 -51.19
C LYS H 19 -48.40 -47.51 -49.97
N ILE H 20 -47.92 -46.89 -48.90
CA ILE H 20 -48.71 -46.72 -47.69
C ILE H 20 -49.78 -45.67 -47.92
N SER H 21 -51.01 -45.97 -47.49
CA SER H 21 -52.18 -45.14 -47.71
C SER H 21 -52.50 -44.32 -46.46
N CYS H 22 -53.17 -43.18 -46.67
CA CYS H 22 -53.52 -42.28 -45.58
C CYS H 22 -54.79 -41.52 -45.98
N LYS H 23 -55.94 -42.01 -45.51
CA LYS H 23 -57.21 -41.41 -45.89
C LYS H 23 -57.43 -40.09 -45.15
N GLY H 24 -57.90 -39.08 -45.87
CA GLY H 24 -58.25 -37.82 -45.23
C GLY H 24 -59.75 -37.61 -45.16
N SER H 25 -60.31 -37.63 -43.94
CA SER H 25 -61.76 -37.56 -43.76
C SER H 25 -62.10 -36.66 -42.59
N GLY H 26 -63.34 -36.18 -42.58
CA GLY H 26 -63.83 -35.30 -41.55
C GLY H 26 -63.49 -33.84 -41.75
N TYR H 27 -62.97 -33.47 -42.91
CA TYR H 27 -62.52 -32.10 -43.16
C TYR H 27 -62.44 -31.89 -44.66
N SER H 28 -62.41 -30.62 -45.07
CA SER H 28 -62.16 -30.26 -46.46
C SER H 28 -60.73 -30.65 -46.79
N PHE H 29 -60.57 -31.67 -47.64
CA PHE H 29 -59.32 -32.43 -47.71
C PHE H 29 -58.18 -31.61 -48.30
N THR H 30 -58.41 -30.96 -49.44
CA THR H 30 -57.38 -30.13 -50.05
C THR H 30 -57.58 -28.68 -49.59
N SER H 31 -57.36 -28.49 -48.28
CA SER H 31 -57.32 -27.16 -47.69
C SER H 31 -56.19 -27.05 -46.67
N HIS H 32 -55.38 -28.11 -46.51
CA HIS H 32 -54.28 -28.13 -45.56
C HIS H 32 -53.15 -28.96 -46.12
N TRP H 33 -51.92 -28.58 -45.77
CA TRP H 33 -50.77 -29.40 -46.13
C TRP H 33 -50.76 -30.68 -45.33
N ILE H 34 -50.39 -31.78 -45.98
CA ILE H 34 -50.37 -33.11 -45.36
C ILE H 34 -48.92 -33.53 -45.20
N GLY H 35 -48.50 -33.74 -43.96
CA GLY H 35 -47.11 -34.02 -43.65
C GLY H 35 -46.87 -35.48 -43.33
N TRP H 36 -45.98 -36.10 -44.09
CA TRP H 36 -45.53 -37.46 -43.82
C TRP H 36 -44.29 -37.38 -42.94
N VAL H 37 -44.34 -38.03 -41.78
CA VAL H 37 -43.24 -37.99 -40.82
C VAL H 37 -42.89 -39.41 -40.40
N ARG H 38 -41.61 -39.63 -40.12
CA ARG H 38 -41.09 -40.92 -39.71
C ARG H 38 -40.87 -40.96 -38.20
N GLN H 39 -40.97 -42.17 -37.64
CA GLN H 39 -40.51 -42.44 -36.28
C GLN H 39 -39.89 -43.84 -36.26
N LYS H 40 -38.58 -43.90 -36.46
CA LYS H 40 -37.84 -45.09 -36.08
C LYS H 40 -37.85 -45.17 -34.55
N PRO H 41 -38.15 -46.33 -33.98
CA PRO H 41 -38.34 -46.41 -32.52
C PRO H 41 -37.04 -46.19 -31.75
N GLY H 42 -37.14 -45.35 -30.73
CA GLY H 42 -35.99 -45.00 -29.92
C GLY H 42 -35.23 -43.77 -30.38
N LYS H 43 -35.86 -42.88 -31.14
CA LYS H 43 -35.19 -41.72 -31.69
C LYS H 43 -36.06 -40.48 -31.51
N GLY H 44 -35.41 -39.32 -31.56
CA GLY H 44 -36.16 -38.07 -31.69
C GLY H 44 -36.90 -37.98 -33.00
N LEU H 45 -37.92 -37.11 -33.02
CA LEU H 45 -38.94 -37.13 -34.07
C LEU H 45 -38.35 -36.77 -35.43
N GLU H 46 -38.66 -37.58 -36.43
CA GLU H 46 -38.04 -37.50 -37.75
C GLU H 46 -39.03 -36.94 -38.76
N TRP H 47 -38.49 -36.36 -39.82
CA TRP H 47 -39.28 -35.72 -40.87
C TRP H 47 -38.98 -36.37 -42.22
N VAL H 48 -40.02 -36.57 -43.02
CA VAL H 48 -39.88 -37.07 -44.38
C VAL H 48 -40.29 -36.03 -45.42
N GLY H 49 -41.47 -35.45 -45.26
CA GLY H 49 -41.89 -34.43 -46.20
C GLY H 49 -43.29 -33.94 -45.87
N ILE H 50 -43.76 -33.02 -46.71
CA ILE H 50 -45.10 -32.47 -46.60
C ILE H 50 -45.58 -32.13 -48.01
N ILE H 51 -46.84 -32.44 -48.30
CA ILE H 51 -47.34 -32.44 -49.67
C ILE H 51 -48.73 -31.80 -49.73
N HIS H 52 -48.93 -30.88 -50.69
CA HIS H 52 -50.25 -30.36 -51.07
C HIS H 52 -50.90 -31.27 -52.09
N PRO H 53 -52.13 -31.75 -51.84
CA PRO H 53 -52.72 -32.76 -52.73
C PRO H 53 -53.23 -32.24 -54.07
N TYR H 54 -53.35 -30.93 -54.27
CA TYR H 54 -53.98 -30.42 -55.49
C TYR H 54 -53.10 -30.62 -56.71
N ASP H 55 -51.78 -30.57 -56.56
CA ASP H 55 -50.88 -30.73 -57.69
C ASP H 55 -49.67 -31.59 -57.34
N SER H 56 -49.74 -32.32 -56.23
CA SER H 56 -48.62 -33.08 -55.64
C SER H 56 -47.40 -32.19 -55.41
N ASP H 57 -47.63 -30.95 -55.01
CA ASP H 57 -46.55 -30.04 -54.65
C ASP H 57 -46.02 -30.46 -53.28
N THR H 58 -44.79 -30.96 -53.24
CA THR H 58 -44.19 -31.44 -52.00
C THR H 58 -43.02 -30.55 -51.65
N ARG H 59 -43.08 -29.94 -50.47
CA ARG H 59 -41.88 -29.35 -49.88
C ARG H 59 -41.06 -30.48 -49.30
N TYR H 60 -39.94 -30.81 -49.95
CA TYR H 60 -39.19 -32.03 -49.71
C TYR H 60 -38.27 -31.91 -48.50
N SER H 61 -37.67 -33.06 -48.21
CA SER H 61 -36.52 -33.20 -47.27
C SER H 61 -35.32 -33.23 -48.23
N PRO H 62 -34.54 -32.14 -48.36
CA PRO H 62 -33.50 -32.04 -49.39
C PRO H 62 -32.47 -33.16 -49.36
N SER H 63 -32.47 -33.99 -48.32
CA SER H 63 -31.53 -35.11 -48.20
C SER H 63 -32.19 -36.45 -48.51
N PHE H 64 -33.43 -36.45 -48.99
CA PHE H 64 -34.12 -37.66 -49.41
C PHE H 64 -34.88 -37.43 -50.71
N GLN H 65 -34.42 -36.48 -51.52
CA GLN H 65 -35.07 -36.17 -52.79
C GLN H 65 -34.90 -37.32 -53.78
N GLY H 66 -36.03 -37.84 -54.27
CA GLY H 66 -36.03 -38.93 -55.21
C GLY H 66 -36.05 -40.31 -54.59
N LEU H 67 -35.60 -40.45 -53.33
CA LEU H 67 -35.66 -41.74 -52.66
C LEU H 67 -37.08 -42.08 -52.25
N VAL H 68 -37.73 -41.17 -51.54
CA VAL H 68 -39.12 -41.32 -51.13
C VAL H 68 -40.01 -40.72 -52.22
N THR H 69 -41.07 -41.44 -52.57
CA THR H 69 -41.99 -41.03 -53.62
C THR H 69 -43.28 -40.53 -52.98
N PHE H 70 -43.66 -39.30 -53.28
CA PHE H 70 -44.83 -38.67 -52.70
C PHE H 70 -45.97 -38.60 -53.71
N SER H 71 -47.19 -38.79 -53.22
CA SER H 71 -48.40 -38.59 -54.01
C SER H 71 -49.56 -38.35 -53.06
N ALA H 72 -50.56 -37.60 -53.54
CA ALA H 72 -51.75 -37.33 -52.74
C ALA H 72 -52.88 -37.00 -53.70
N ASP H 73 -53.86 -37.90 -53.79
CA ASP H 73 -54.97 -37.74 -54.71
C ASP H 73 -56.11 -36.98 -54.04
N LYS H 74 -56.68 -36.02 -54.77
CA LYS H 74 -57.71 -35.16 -54.20
C LYS H 74 -59.05 -35.88 -54.10
N SER H 75 -59.51 -36.48 -55.20
CA SER H 75 -60.83 -37.09 -55.24
C SER H 75 -60.91 -38.35 -54.39
N SER H 76 -59.81 -39.09 -54.25
CA SER H 76 -59.76 -40.22 -53.35
C SER H 76 -59.52 -39.80 -51.91
N SER H 77 -59.18 -38.52 -51.68
CA SER H 77 -58.96 -37.93 -50.35
C SER H 77 -57.86 -38.65 -49.59
N THR H 78 -56.79 -39.02 -50.29
CA THR H 78 -55.78 -39.91 -49.75
C THR H 78 -54.38 -39.44 -50.12
N ALA H 79 -53.52 -39.33 -49.10
CA ALA H 79 -52.09 -39.16 -49.31
C ALA H 79 -51.44 -40.54 -49.39
N TYR H 80 -50.61 -40.73 -50.42
CA TYR H 80 -49.93 -42.01 -50.65
C TYR H 80 -48.43 -41.81 -50.55
N LEU H 81 -47.80 -42.53 -49.63
CA LEU H 81 -46.34 -42.50 -49.51
C LEU H 81 -45.80 -43.83 -50.02
N GLN H 82 -44.98 -43.75 -51.07
CA GLN H 82 -44.46 -44.93 -51.74
C GLN H 82 -42.94 -44.93 -51.71
N TRP H 83 -42.35 -46.12 -51.56
CA TRP H 83 -40.94 -46.34 -51.84
C TRP H 83 -40.85 -47.44 -52.88
N SER H 84 -40.14 -47.18 -53.98
CA SER H 84 -39.89 -48.22 -54.97
C SER H 84 -38.93 -49.29 -54.45
N SER H 85 -38.10 -48.94 -53.46
CA SER H 85 -37.20 -49.89 -52.82
C SER H 85 -37.34 -49.75 -51.31
N LEU H 86 -37.50 -50.88 -50.63
CA LEU H 86 -37.57 -50.91 -49.18
C LEU H 86 -36.25 -51.41 -48.62
N GLN H 87 -35.93 -50.97 -47.40
CA GLN H 87 -34.67 -51.31 -46.76
C GLN H 87 -34.93 -51.57 -45.28
N ALA H 88 -33.85 -51.68 -44.51
CA ALA H 88 -33.95 -51.87 -43.07
C ALA H 88 -34.16 -50.55 -42.33
N SER H 89 -33.80 -49.43 -42.93
CA SER H 89 -34.04 -48.13 -42.32
C SER H 89 -35.49 -47.68 -42.47
N ASP H 90 -36.25 -48.32 -43.35
CA ASP H 90 -37.66 -47.99 -43.50
C ASP H 90 -38.50 -48.51 -42.35
N THR H 91 -38.02 -49.52 -41.62
CA THR H 91 -38.76 -50.13 -40.52
C THR H 91 -38.94 -49.12 -39.39
N ALA H 92 -40.15 -48.60 -39.27
CA ALA H 92 -40.44 -47.42 -38.46
C ALA H 92 -41.96 -47.25 -38.39
N ILE H 93 -42.40 -46.49 -37.39
CA ILE H 93 -43.79 -46.07 -37.30
C ILE H 93 -43.93 -44.74 -38.03
N TYR H 94 -44.69 -44.73 -39.12
CA TYR H 94 -44.92 -43.49 -39.85
C TYR H 94 -46.22 -42.86 -39.41
N TYR H 95 -46.27 -41.53 -39.48
CA TYR H 95 -47.48 -40.78 -39.15
C TYR H 95 -47.78 -39.80 -40.28
N CYS H 96 -49.06 -39.50 -40.42
CA CYS H 96 -49.51 -38.35 -41.21
C CYS H 96 -49.72 -37.17 -40.29
N ALA H 97 -49.96 -36.00 -40.87
CA ALA H 97 -50.17 -34.80 -40.09
C ALA H 97 -50.98 -33.79 -40.89
N ARG H 98 -51.97 -33.18 -40.23
CA ARG H 98 -52.80 -32.14 -40.83
C ARG H 98 -52.43 -30.79 -40.21
N ARG H 99 -52.15 -29.81 -41.06
CA ARG H 99 -51.78 -28.48 -40.61
C ARG H 99 -53.02 -27.65 -40.31
N THR H 100 -53.00 -26.92 -39.19
CA THR H 100 -54.11 -26.03 -38.82
C THR H 100 -53.99 -24.68 -39.52
N ASP H 101 -54.31 -24.69 -40.82
CA ASP H 101 -54.34 -23.47 -41.60
C ASP H 101 -55.63 -22.67 -41.45
N GLN H 102 -56.56 -23.10 -40.59
CA GLN H 102 -57.84 -22.43 -40.42
C GLN H 102 -57.64 -21.15 -39.62
N TYR H 103 -57.19 -20.11 -40.33
CA TYR H 103 -56.90 -18.77 -39.79
C TYR H 103 -55.92 -18.84 -38.62
N GLY H 104 -54.82 -19.55 -38.81
CA GLY H 104 -53.87 -19.74 -37.75
C GLY H 104 -52.41 -19.72 -38.18
N SER H 105 -51.68 -20.78 -37.81
CA SER H 105 -50.25 -20.86 -38.07
C SER H 105 -49.90 -22.15 -38.79
N HIS H 106 -48.62 -22.47 -38.84
CA HIS H 106 -48.09 -23.61 -39.57
C HIS H 106 -47.90 -24.85 -38.70
N GLY H 107 -48.54 -24.91 -37.54
CA GLY H 107 -48.47 -26.11 -36.71
C GLY H 107 -49.33 -27.24 -37.24
N MET H 108 -49.05 -28.45 -36.74
CA MET H 108 -49.69 -29.68 -37.19
C MET H 108 -50.64 -30.18 -36.10
N ASP H 109 -51.90 -29.72 -36.15
CA ASP H 109 -52.81 -30.00 -35.04
C ASP H 109 -53.36 -31.42 -35.08
N VAL H 110 -53.70 -31.95 -36.25
CA VAL H 110 -54.21 -33.30 -36.38
C VAL H 110 -53.12 -34.16 -36.99
N TRP H 111 -52.99 -35.39 -36.50
CA TRP H 111 -51.92 -36.29 -36.88
C TRP H 111 -52.49 -37.61 -37.36
N GLY H 112 -51.64 -38.39 -38.02
CA GLY H 112 -51.95 -39.78 -38.25
C GLY H 112 -51.68 -40.61 -37.01
N GLN H 113 -52.44 -41.68 -36.85
CA GLN H 113 -52.39 -42.46 -35.60
C GLN H 113 -51.15 -43.31 -35.50
N GLY H 114 -50.43 -43.53 -36.59
CA GLY H 114 -49.22 -44.34 -36.56
C GLY H 114 -49.39 -45.73 -37.13
N THR H 115 -48.47 -46.13 -38.00
CA THR H 115 -48.47 -47.45 -38.60
C THR H 115 -47.02 -47.90 -38.77
N THR H 116 -46.70 -49.07 -38.23
CA THR H 116 -45.35 -49.63 -38.35
C THR H 116 -45.26 -50.52 -39.59
N VAL H 117 -44.29 -50.23 -40.44
CA VAL H 117 -43.90 -51.13 -41.52
C VAL H 117 -42.69 -51.93 -41.04
N THR H 118 -42.74 -53.25 -41.22
CA THR H 118 -41.69 -54.12 -40.71
C THR H 118 -41.28 -55.13 -41.78
N VAL H 119 -40.12 -55.74 -41.55
CA VAL H 119 -39.72 -57.00 -42.17
C VAL H 119 -39.36 -57.96 -41.05
N SER H 120 -39.91 -59.16 -41.08
CA SER H 120 -39.68 -60.16 -40.05
C SER H 120 -38.61 -61.13 -40.50
N SER H 121 -37.65 -61.41 -39.62
CA SER H 121 -36.56 -62.31 -39.94
C SER H 121 -36.14 -63.12 -38.71
N GLN I 1 -33.22 -35.46 -37.26
CA GLN I 1 -33.21 -34.54 -36.13
C GLN I 1 -32.55 -33.21 -36.51
N SER I 2 -33.17 -32.12 -36.10
CA SER I 2 -32.74 -30.78 -36.45
C SER I 2 -32.03 -30.10 -35.28
N VAL I 3 -31.56 -28.88 -35.51
CA VAL I 3 -30.88 -28.12 -34.45
C VAL I 3 -31.96 -27.36 -33.68
N LEU I 4 -32.52 -28.05 -32.69
CA LEU I 4 -33.55 -27.49 -31.78
C LEU I 4 -33.27 -28.10 -30.42
N THR I 5 -32.46 -27.39 -29.62
CA THR I 5 -32.00 -27.92 -28.34
C THR I 5 -33.14 -27.94 -27.33
N GLN I 6 -33.40 -29.11 -26.74
CA GLN I 6 -34.50 -29.30 -25.81
C GLN I 6 -34.05 -30.23 -24.70
N PRO I 7 -34.42 -29.94 -23.45
CA PRO I 7 -34.08 -30.84 -22.33
C PRO I 7 -34.82 -32.16 -22.46
N PRO I 8 -34.08 -33.28 -22.55
CA PRO I 8 -34.75 -34.57 -22.79
C PRO I 8 -35.44 -35.15 -21.57
N SER I 9 -35.06 -34.74 -20.36
CA SER I 9 -35.59 -35.35 -19.15
C SER I 9 -36.02 -34.26 -18.18
N ALA I 10 -37.30 -34.24 -17.83
CA ALA I 10 -37.85 -33.37 -16.81
C ALA I 10 -38.49 -34.22 -15.71
N SER I 11 -38.76 -33.60 -14.58
CA SER I 11 -39.39 -34.28 -13.44
C SER I 11 -40.07 -33.22 -12.58
N GLY I 12 -40.56 -33.65 -11.43
CA GLY I 12 -41.19 -32.75 -10.47
C GLY I 12 -42.37 -33.39 -9.77
N THR I 13 -42.73 -32.82 -8.62
CA THR I 13 -43.90 -33.25 -7.89
C THR I 13 -45.17 -32.83 -8.63
N PRO I 14 -46.30 -33.51 -8.40
CA PRO I 14 -47.57 -33.06 -8.98
C PRO I 14 -48.00 -31.70 -8.43
N GLY I 15 -48.17 -30.75 -9.35
CA GLY I 15 -48.46 -29.37 -9.00
C GLY I 15 -47.35 -28.39 -9.27
N GLN I 16 -46.26 -28.81 -9.92
CA GLN I 16 -45.09 -27.99 -10.17
C GLN I 16 -45.27 -27.30 -11.53
N ARG I 17 -44.38 -26.37 -11.87
CA ARG I 17 -44.40 -25.70 -13.17
C ARG I 17 -43.06 -25.87 -13.85
N VAL I 18 -43.01 -26.71 -14.90
CA VAL I 18 -41.79 -26.92 -15.66
C VAL I 18 -41.66 -25.85 -16.73
N THR I 19 -40.41 -25.53 -17.08
CA THR I 19 -40.11 -24.55 -18.11
C THR I 19 -39.18 -25.21 -19.12
N ILE I 20 -39.72 -25.59 -20.28
CA ILE I 20 -38.96 -26.23 -21.33
C ILE I 20 -38.37 -25.13 -22.22
N SER I 21 -37.05 -25.00 -22.20
CA SER I 21 -36.37 -24.01 -23.03
C SER I 21 -35.97 -24.63 -24.37
N CYS I 22 -36.01 -23.79 -25.42
CA CYS I 22 -35.65 -24.24 -26.76
C CYS I 22 -34.91 -23.12 -27.48
N SER I 23 -33.83 -23.48 -28.17
CA SER I 23 -33.00 -22.52 -28.87
C SER I 23 -32.33 -23.21 -30.05
N GLY I 24 -31.64 -22.42 -30.87
CA GLY I 24 -30.99 -22.95 -32.06
C GLY I 24 -30.47 -21.84 -32.95
N GLY I 25 -30.60 -22.05 -34.25
CA GLY I 25 -30.33 -20.98 -35.20
C GLY I 25 -31.50 -20.02 -35.30
N SER I 26 -31.19 -18.78 -35.69
CA SER I 26 -32.23 -17.76 -35.79
C SER I 26 -33.14 -17.96 -37.00
N SER I 27 -32.71 -18.77 -37.98
CA SER I 27 -33.60 -19.14 -39.06
C SER I 27 -34.68 -20.12 -38.61
N ASN I 28 -34.46 -20.83 -37.50
CA ASN I 28 -35.48 -21.74 -36.99
C ASN I 28 -36.51 -21.01 -36.14
N ILE I 29 -36.08 -20.44 -35.01
CA ILE I 29 -37.00 -19.92 -34.01
C ILE I 29 -37.17 -18.41 -34.14
N GLY I 30 -36.10 -17.70 -34.50
CA GLY I 30 -36.21 -16.26 -34.70
C GLY I 30 -37.06 -15.91 -35.91
N GLY I 31 -36.89 -16.65 -37.00
CA GLY I 31 -37.77 -16.45 -38.14
C GLY I 31 -39.17 -16.97 -37.92
N ASN I 32 -39.34 -18.29 -37.93
CA ASN I 32 -40.71 -18.76 -37.83
C ASN I 32 -41.13 -18.88 -36.37
N PRO I 33 -42.42 -18.65 -36.07
CA PRO I 33 -42.88 -18.76 -34.69
C PRO I 33 -42.78 -20.19 -34.15
N VAL I 34 -42.35 -20.28 -32.89
CA VAL I 34 -42.11 -21.59 -32.28
C VAL I 34 -43.42 -22.27 -31.96
N ASN I 35 -43.53 -23.54 -32.30
CA ASN I 35 -44.67 -24.37 -31.95
C ASN I 35 -44.22 -25.40 -30.92
N TRP I 36 -45.20 -25.99 -30.23
CA TRP I 36 -44.90 -26.98 -29.20
C TRP I 36 -45.84 -28.16 -29.33
N TYR I 37 -45.29 -29.35 -29.12
CA TYR I 37 -46.00 -30.60 -29.40
C TYR I 37 -45.88 -31.52 -28.19
N GLN I 38 -46.65 -32.61 -28.21
CA GLN I 38 -46.60 -33.62 -27.17
C GLN I 38 -47.07 -34.95 -27.74
N GLN I 39 -46.29 -36.00 -27.52
CA GLN I 39 -46.61 -37.35 -27.97
C GLN I 39 -46.59 -38.30 -26.79
N LEU I 40 -47.73 -38.93 -26.51
CA LEU I 40 -47.75 -39.99 -25.51
C LEU I 40 -47.06 -41.23 -26.07
N PRO I 41 -46.45 -42.06 -25.22
CA PRO I 41 -45.67 -43.21 -25.72
C PRO I 41 -46.54 -44.26 -26.40
N ALA I 42 -46.03 -44.75 -27.55
CA ALA I 42 -46.72 -45.66 -28.47
C ALA I 42 -48.04 -45.09 -28.98
N THR I 43 -48.14 -43.76 -29.06
CA THR I 43 -49.30 -43.08 -29.62
C THR I 43 -48.87 -42.11 -30.72
N ALA I 44 -49.79 -41.27 -31.15
CA ALA I 44 -49.62 -40.20 -32.12
C ALA I 44 -49.28 -38.88 -31.42
N PRO I 45 -48.46 -38.04 -32.04
CA PRO I 45 -48.22 -36.70 -31.48
C PRO I 45 -49.44 -35.80 -31.64
N LYS I 46 -49.41 -34.68 -30.92
CA LYS I 46 -50.46 -33.68 -31.02
C LYS I 46 -49.89 -32.32 -30.72
N LEU I 47 -50.38 -31.31 -31.45
CA LEU I 47 -49.89 -29.95 -31.31
C LEU I 47 -50.48 -29.30 -30.05
N LEU I 48 -49.64 -28.53 -29.35
CA LEU I 48 -50.06 -27.80 -28.16
C LEU I 48 -50.13 -26.30 -28.36
N ILE I 49 -49.14 -25.70 -29.01
CA ILE I 49 -48.99 -24.25 -29.09
C ILE I 49 -48.64 -23.92 -30.54
N TYR I 50 -49.37 -22.99 -31.15
CA TYR I 50 -48.93 -22.38 -32.40
C TYR I 50 -48.95 -20.86 -32.26
N ASN I 51 -48.22 -20.18 -33.14
CA ASN I 51 -48.19 -18.69 -33.08
C ASN I 51 -47.64 -18.25 -31.72
N ASN I 52 -46.65 -18.99 -31.21
CA ASN I 52 -45.95 -18.71 -29.91
C ASN I 52 -46.88 -18.88 -28.70
N ASN I 53 -48.18 -18.63 -28.84
CA ASN I 53 -49.06 -18.75 -27.67
C ASN I 53 -50.34 -19.54 -27.89
N GLN I 54 -50.84 -19.68 -29.12
CA GLN I 54 -52.20 -20.09 -29.37
C GLN I 54 -52.30 -21.61 -29.51
N ARG I 55 -53.36 -22.19 -28.96
CA ARG I 55 -53.53 -23.63 -28.87
C ARG I 55 -54.63 -24.11 -29.81
N PRO I 56 -54.49 -25.32 -30.37
CA PRO I 56 -55.60 -25.90 -31.15
C PRO I 56 -56.62 -26.58 -30.25
N SER I 57 -57.58 -27.26 -30.86
CA SER I 57 -58.65 -27.91 -30.10
C SER I 57 -58.12 -29.12 -29.36
N GLY I 58 -58.47 -29.24 -28.08
CA GLY I 58 -58.06 -30.34 -27.25
C GLY I 58 -56.82 -30.11 -26.42
N VAL I 59 -56.43 -28.86 -26.19
CA VAL I 59 -55.21 -28.52 -25.47
C VAL I 59 -55.60 -27.77 -24.20
N SER I 60 -55.03 -28.18 -23.07
CA SER I 60 -55.38 -27.60 -21.78
C SER I 60 -54.72 -26.23 -21.62
N ASP I 61 -55.20 -25.50 -20.61
CA ASP I 61 -54.69 -24.16 -20.33
C ASP I 61 -53.39 -24.18 -19.53
N ARG I 62 -52.93 -25.35 -19.09
CA ARG I 62 -51.65 -25.43 -18.38
C ARG I 62 -50.49 -25.13 -19.31
N PHE I 63 -50.57 -25.57 -20.56
CA PHE I 63 -49.50 -25.35 -21.53
C PHE I 63 -49.58 -23.93 -22.06
N SER I 64 -48.52 -23.16 -21.85
CA SER I 64 -48.42 -21.80 -22.37
C SER I 64 -47.01 -21.57 -22.90
N GLY I 65 -46.93 -20.83 -24.01
CA GLY I 65 -45.66 -20.62 -24.66
C GLY I 65 -45.21 -19.17 -24.72
N SER I 66 -43.92 -18.95 -24.95
CA SER I 66 -43.37 -17.63 -25.17
C SER I 66 -42.19 -17.76 -26.12
N LYS I 67 -41.98 -16.75 -26.95
CA LYS I 67 -40.85 -16.70 -27.87
C LYS I 67 -40.08 -15.40 -27.64
N SER I 68 -38.80 -15.52 -27.32
CA SER I 68 -37.91 -14.37 -27.20
C SER I 68 -36.87 -14.50 -28.31
N GLY I 69 -37.27 -14.15 -29.53
CA GLY I 69 -36.41 -14.28 -30.69
C GLY I 69 -36.09 -15.73 -31.03
N THR I 70 -34.81 -16.07 -30.91
CA THR I 70 -34.31 -17.43 -31.14
C THR I 70 -34.54 -18.34 -29.94
N SER I 71 -34.85 -17.78 -28.77
CA SER I 71 -35.12 -18.55 -27.58
C SER I 71 -36.62 -18.67 -27.37
N ALA I 72 -37.01 -19.70 -26.62
CA ALA I 72 -38.42 -20.00 -26.43
C ALA I 72 -38.60 -20.74 -25.12
N SER I 73 -39.83 -20.71 -24.61
CA SER I 73 -40.16 -21.33 -23.33
C SER I 73 -41.57 -21.88 -23.35
N LEU I 74 -41.73 -23.13 -22.91
CA LEU I 74 -43.03 -23.73 -22.64
C LEU I 74 -43.22 -23.84 -21.13
N ALA I 75 -44.23 -23.16 -20.61
CA ALA I 75 -44.59 -23.24 -19.20
C ALA I 75 -45.80 -24.16 -19.05
N ILE I 76 -45.65 -25.18 -18.21
CA ILE I 76 -46.72 -26.15 -17.93
C ILE I 76 -46.95 -26.14 -16.43
N SER I 77 -48.01 -25.48 -15.98
CA SER I 77 -48.28 -25.30 -14.56
C SER I 77 -49.24 -26.36 -14.05
N GLY I 78 -49.01 -26.81 -12.81
CA GLY I 78 -49.86 -27.81 -12.20
C GLY I 78 -49.75 -29.19 -12.82
N LEU I 79 -48.62 -29.86 -12.60
CA LEU I 79 -48.38 -31.15 -13.22
C LEU I 79 -49.25 -32.25 -12.61
N GLN I 80 -49.49 -33.28 -13.42
CA GLN I 80 -50.11 -34.52 -12.97
C GLN I 80 -49.38 -35.63 -13.76
N SER I 81 -49.94 -36.85 -13.76
CA SER I 81 -49.34 -37.96 -14.49
C SER I 81 -49.64 -37.93 -15.99
N VAL I 82 -50.31 -36.89 -16.49
CA VAL I 82 -50.59 -36.78 -17.91
C VAL I 82 -49.33 -36.40 -18.68
N ASP I 83 -48.33 -35.83 -18.01
CA ASP I 83 -47.10 -35.38 -18.66
C ASP I 83 -46.08 -36.50 -18.85
N GLU I 84 -46.47 -37.77 -18.72
CA GLU I 84 -45.62 -38.90 -19.09
C GLU I 84 -45.68 -39.04 -20.61
N ALA I 85 -44.92 -38.17 -21.27
CA ALA I 85 -44.93 -37.97 -22.72
C ALA I 85 -43.76 -37.05 -23.06
N ASP I 86 -43.20 -37.23 -24.25
CA ASP I 86 -42.09 -36.37 -24.67
C ASP I 86 -42.61 -35.15 -25.41
N TYR I 87 -42.24 -33.97 -24.93
CA TYR I 87 -42.70 -32.70 -25.47
C TYR I 87 -41.67 -32.16 -26.46
N PHE I 88 -42.15 -31.68 -27.61
CA PHE I 88 -41.29 -31.28 -28.70
C PHE I 88 -41.41 -29.79 -28.96
N CYS I 89 -40.27 -29.09 -29.03
CA CYS I 89 -40.28 -27.76 -29.63
C CYS I 89 -40.02 -27.93 -31.12
N ALA I 90 -40.99 -27.54 -31.93
CA ALA I 90 -40.93 -27.78 -33.36
C ALA I 90 -41.53 -26.58 -34.07
N ALA I 91 -41.33 -26.52 -35.38
CA ALA I 91 -42.03 -25.59 -36.27
C ALA I 91 -41.83 -26.06 -37.69
N TRP I 92 -42.73 -25.65 -38.57
CA TRP I 92 -42.42 -25.65 -39.99
C TRP I 92 -41.46 -24.51 -40.25
N ASP I 93 -40.24 -24.83 -40.68
CA ASP I 93 -39.23 -23.82 -40.90
C ASP I 93 -38.68 -23.95 -42.31
N ASP I 94 -38.06 -22.87 -42.76
CA ASP I 94 -37.41 -22.79 -44.06
C ASP I 94 -35.89 -22.74 -43.90
N SER I 95 -35.40 -23.30 -42.80
CA SER I 95 -33.96 -23.48 -42.62
C SER I 95 -33.42 -24.49 -43.62
N LEU I 96 -33.93 -25.71 -43.56
CA LEU I 96 -33.67 -26.74 -44.56
C LEU I 96 -34.98 -27.25 -45.14
N ASN I 97 -36.01 -26.40 -45.16
CA ASN I 97 -37.33 -26.65 -45.76
C ASN I 97 -37.98 -27.89 -45.13
N GLY I 98 -38.30 -27.75 -43.85
CA GLY I 98 -38.88 -28.87 -43.13
C GLY I 98 -39.63 -28.45 -41.90
N VAL I 99 -40.56 -29.30 -41.48
CA VAL I 99 -41.17 -29.17 -40.15
C VAL I 99 -40.15 -29.77 -39.19
N LEU I 100 -39.26 -28.92 -38.69
CA LEU I 100 -38.11 -29.37 -37.92
C LEU I 100 -38.51 -29.61 -36.48
N PHE I 101 -38.12 -30.76 -35.94
CA PHE I 101 -38.55 -31.20 -34.61
C PHE I 101 -37.41 -31.06 -33.61
N GLY I 102 -37.78 -31.17 -32.33
CA GLY I 102 -36.84 -31.02 -31.24
C GLY I 102 -36.41 -32.34 -30.64
N GLY I 103 -35.68 -32.25 -29.53
CA GLY I 103 -35.12 -33.39 -28.86
C GLY I 103 -36.00 -34.12 -27.87
N GLY I 104 -37.26 -33.72 -27.74
CA GLY I 104 -38.16 -34.35 -26.80
C GLY I 104 -37.98 -33.86 -25.38
N THR I 105 -39.07 -33.96 -24.60
CA THR I 105 -39.04 -33.64 -23.17
C THR I 105 -39.95 -34.66 -22.46
N LYS I 106 -39.38 -35.79 -22.05
CA LYS I 106 -40.14 -36.85 -21.41
C LYS I 106 -40.03 -36.70 -19.91
N LEU I 107 -41.18 -36.76 -19.22
CA LEU I 107 -41.24 -36.51 -17.79
C LEU I 107 -41.80 -37.73 -17.07
N THR I 108 -41.32 -37.95 -15.85
CA THR I 108 -41.83 -38.98 -14.96
C THR I 108 -42.05 -38.37 -13.59
N VAL I 109 -42.90 -39.05 -12.80
CA VAL I 109 -43.18 -38.62 -11.44
C VAL I 109 -42.41 -39.52 -10.48
N LEU I 110 -41.95 -38.94 -9.38
CA LEU I 110 -41.19 -39.68 -8.38
C LEU I 110 -41.64 -39.33 -6.97
#